data_5GMF
#
_entry.id   5GMF
#
_cell.length_a   98.084
_cell.length_b   111.335
_cell.length_c   113.376
_cell.angle_alpha   93.83
_cell.angle_beta   94.34
_cell.angle_gamma   91.48
#
_symmetry.space_group_name_H-M   'P 1'
#
loop_
_entity.id
_entity.type
_entity.pdbx_description
1 polymer 'Toll-like receptor 7'
2 polymer "RNA (5'-R(P*UP*UP*UP*U)-3')"
3 branched 2-acetamido-2-deoxy-beta-D-glucopyranose-(1-4)-2-acetamido-2-deoxy-beta-D-glucopyranose
4 non-polymer 'CALCIUM ION'
5 non-polymer 2-acetamido-2-deoxy-beta-D-glucopyranose
6 non-polymer GUANOSINE
7 water water
#
loop_
_entity_poly.entity_id
_entity_poly.type
_entity_poly.pdbx_seq_one_letter_code
_entity_poly.pdbx_strand_id
1 'polypeptide(L)'
;RSPWARWFPKTLPCDVTLDVSKNHVIVDCTDKHLTEIPGGIPTNTTNLTLTINHIPDISPASFHRLVHLVEIDFRCNCVP
IRLGSKSNMCPRRLQIKPRSFSGLTYLKSLYLDGNQLLEIPQGLPPSLQLLSLEANNIFSIRKEQLTELANIEILYLGQN
CYYRNPCYVSYSIEKDAFLNLTKLKVLSLKDNNVTTVPTVLPSTLTELYLYNNMIAEIQEDDFNNLNQLQILDLSGNCPR
CYNAPFPCTPCKNNSPLQIPVNAFDALTELKVLRLHSNSLQHVPPRWFKNINNLQELDLSQNFLAKEIGDAKFLHFLPNL
IQLDLSFNFELQVYRASMNLSQAFSSLKSLKILRIRGYVFKELKSFQLSPLHNLQNLEVLDLGTNFIKIANLSMFKQFKR
LKVIDLSVNKISPSGDSSEVGFCSNARTSVESYEPQVLEQLYYFRYDKYARSCRFKNKEASFTSVQESCYKYGQTLDLSK
NSIFFIKSSDFQHLSFLKCLNLSGNLISQTLNGSEFQPLAELRYLDFSNNRLDLLHSTAFEELRKLEVLDISSNSHYFQS
EGITHMLNFTKNLKVLQKLMMNDNDISSSTSRTMESESLRTLEFRGNHLDVLWRDGDNRYLQLFKNLLKLEELDISKNSL
SFLPSGVFDGMPPNLKNLSLAKNGLKSFIWEKLRYLKNLETLDLSHNQLTTVPERLSNCSRSLKNLILKNNQIRSLTKYF
LQDAFQLRYLDLSSNKIQMIQKTSFPENVLNNLKMLLLHHNRFLCTCDAVWFVWWVQHTEVTIPYLATDVTCVGPGAHKG
QSVISLDLYTCELDLTN
;
A,B,C,D
2 'polyribonucleotide' UUUU E,F,G,H
#
# COMPACT_ATOMS: atom_id res chain seq x y z
N SER A 2 -56.02 -14.45 -21.45
CA SER A 2 -56.50 -13.43 -22.40
C SER A 2 -58.07 -13.39 -22.50
N PRO A 3 -58.84 -13.46 -21.37
CA PRO A 3 -60.29 -13.27 -21.61
C PRO A 3 -60.69 -11.81 -21.92
N TRP A 4 -60.11 -10.83 -21.22
CA TRP A 4 -60.25 -9.40 -21.53
C TRP A 4 -60.02 -9.05 -23.02
N ALA A 5 -59.19 -9.83 -23.74
CA ALA A 5 -58.84 -9.51 -25.15
C ALA A 5 -59.81 -10.07 -26.22
N ARG A 6 -60.75 -10.92 -25.82
CA ARG A 6 -61.73 -11.51 -26.77
C ARG A 6 -62.66 -10.42 -27.36
N TRP A 7 -62.78 -9.29 -26.66
CA TRP A 7 -63.55 -8.15 -27.17
C TRP A 7 -62.98 -7.43 -28.40
N PHE A 8 -61.68 -7.64 -28.65
CA PHE A 8 -60.97 -6.90 -29.71
C PHE A 8 -60.77 -7.79 -30.93
N PRO A 9 -60.73 -7.17 -32.11
CA PRO A 9 -60.70 -7.97 -33.31
C PRO A 9 -59.33 -8.61 -33.64
N LYS A 10 -59.40 -9.88 -33.98
CA LYS A 10 -58.24 -10.65 -34.36
C LYS A 10 -57.61 -10.15 -35.64
N THR A 11 -58.34 -9.40 -36.46
CA THR A 11 -57.79 -8.83 -37.72
C THR A 11 -56.88 -7.60 -37.54
N LEU A 12 -56.86 -7.05 -36.34
CA LEU A 12 -56.09 -5.84 -36.08
C LEU A 12 -54.60 -6.15 -36.15
N PRO A 13 -53.84 -5.47 -37.03
CA PRO A 13 -52.46 -5.90 -37.21
C PRO A 13 -51.53 -5.32 -36.13
N CYS A 14 -51.94 -5.33 -34.88
CA CYS A 14 -51.26 -4.62 -33.82
C CYS A 14 -51.39 -5.40 -32.54
N ASP A 15 -50.38 -5.34 -31.69
CA ASP A 15 -50.40 -6.07 -30.43
C ASP A 15 -51.11 -5.26 -29.37
N VAL A 16 -52.11 -5.85 -28.73
CA VAL A 16 -52.91 -5.18 -27.73
C VAL A 16 -52.60 -5.76 -26.37
N THR A 17 -52.49 -4.88 -25.39
CA THR A 17 -52.14 -5.25 -24.04
C THR A 17 -52.86 -4.31 -23.11
N LEU A 18 -52.83 -4.67 -21.83
CA LEU A 18 -53.61 -3.99 -20.83
C LEU A 18 -52.79 -3.79 -19.57
N ASP A 19 -52.70 -2.54 -19.11
CA ASP A 19 -52.21 -2.22 -17.75
C ASP A 19 -53.46 -2.05 -16.87
N VAL A 20 -53.86 -3.12 -16.20
CA VAL A 20 -54.98 -3.08 -15.25
C VAL A 20 -54.48 -2.26 -14.07
N SER A 21 -55.37 -1.51 -13.44
CA SER A 21 -55.04 -0.65 -12.28
C SER A 21 -54.49 0.73 -12.69
N LYS A 22 -54.12 0.91 -13.97
CA LYS A 22 -54.05 2.23 -14.60
C LYS A 22 -55.17 2.43 -15.63
N ASN A 23 -55.99 1.40 -15.84
CA ASN A 23 -56.95 1.34 -16.96
C ASN A 23 -56.36 1.91 -18.25
N HIS A 24 -55.28 1.26 -18.69
CA HIS A 24 -54.64 1.60 -19.96
C HIS A 24 -54.82 0.43 -20.89
N VAL A 25 -55.26 0.74 -22.11
CA VAL A 25 -55.32 -0.21 -23.20
C VAL A 25 -54.20 0.24 -24.12
N ILE A 26 -53.19 -0.62 -24.30
CA ILE A 26 -52.03 -0.29 -25.08
C ILE A 26 -52.07 -1.01 -26.39
N VAL A 27 -51.85 -0.28 -27.48
CA VAL A 27 -51.93 -0.85 -28.83
C VAL A 27 -50.67 -0.49 -29.58
N ASP A 28 -49.99 -1.51 -30.10
CA ASP A 28 -48.64 -1.37 -30.64
C ASP A 28 -48.66 -1.82 -32.11
N CYS A 29 -48.57 -0.85 -33.01
CA CYS A 29 -48.54 -1.12 -34.43
C CYS A 29 -47.18 -0.83 -34.97
N THR A 30 -46.15 -1.05 -34.18
CA THR A 30 -44.76 -0.79 -34.60
C THR A 30 -44.41 -1.63 -35.83
N ASP A 31 -43.95 -0.98 -36.89
CA ASP A 31 -43.34 -1.66 -38.02
C ASP A 31 -44.27 -2.71 -38.64
N LYS A 32 -45.45 -2.27 -39.08
CA LYS A 32 -46.43 -3.15 -39.71
C LYS A 32 -46.78 -2.72 -41.13
N HIS A 33 -45.93 -1.90 -41.71
CA HIS A 33 -46.05 -1.41 -43.10
C HIS A 33 -47.36 -0.70 -43.43
N LEU A 34 -47.79 0.16 -42.53
CA LEU A 34 -49.09 0.79 -42.63
C LEU A 34 -48.98 2.06 -43.42
N THR A 35 -49.95 2.27 -44.31
CA THR A 35 -50.14 3.58 -44.98
C THR A 35 -51.33 4.35 -44.41
N GLU A 36 -52.12 3.72 -43.55
CA GLU A 36 -53.25 4.36 -42.88
C GLU A 36 -53.25 3.88 -41.46
N ILE A 37 -53.72 4.70 -40.55
CA ILE A 37 -54.02 4.19 -39.22
C ILE A 37 -55.04 3.06 -39.42
N PRO A 38 -54.84 1.88 -38.79
CA PRO A 38 -55.85 0.84 -39.05
C PRO A 38 -57.21 1.13 -38.37
N GLY A 39 -58.29 0.82 -39.12
CA GLY A 39 -59.64 0.81 -38.57
C GLY A 39 -59.68 -0.47 -37.77
N GLY A 40 -60.25 -0.41 -36.59
CA GLY A 40 -60.22 -1.57 -35.72
C GLY A 40 -59.59 -1.24 -34.40
N ILE A 41 -58.80 -0.18 -34.35
CA ILE A 41 -58.18 0.24 -33.11
C ILE A 41 -59.29 0.51 -32.10
N PRO A 42 -59.28 -0.19 -30.96
CA PRO A 42 -60.34 -0.05 -29.99
C PRO A 42 -60.60 1.36 -29.50
N THR A 43 -61.87 1.65 -29.22
CA THR A 43 -62.27 2.97 -28.76
C THR A 43 -61.59 3.32 -27.45
N ASN A 44 -61.47 2.35 -26.55
CA ASN A 44 -60.83 2.58 -25.26
C ASN A 44 -59.28 2.68 -25.27
N THR A 45 -58.63 2.56 -26.43
CA THR A 45 -57.20 2.69 -26.55
C THR A 45 -56.70 3.98 -25.92
N THR A 46 -55.67 3.83 -25.08
CA THR A 46 -55.03 4.93 -24.31
C THR A 46 -53.62 5.26 -24.78
N ASN A 47 -52.83 4.19 -25.04
CA ASN A 47 -51.45 4.29 -25.55
C ASN A 47 -51.37 3.66 -26.93
N LEU A 48 -51.12 4.47 -27.94
CA LEU A 48 -51.16 4.04 -29.34
C LEU A 48 -49.81 4.29 -29.98
N THR A 49 -49.21 3.24 -30.51
CA THR A 49 -47.87 3.32 -31.08
C THR A 49 -47.86 2.96 -32.57
N LEU A 50 -47.41 3.92 -33.36
CA LEU A 50 -47.41 3.80 -34.80
C LEU A 50 -46.01 3.95 -35.38
N THR A 51 -45.00 3.90 -34.53
CA THR A 51 -43.62 4.12 -35.00
C THR A 51 -43.18 3.13 -36.09
N ILE A 52 -42.37 3.65 -37.02
CA ILE A 52 -41.87 2.89 -38.16
C ILE A 52 -43.05 2.41 -39.00
N ASN A 53 -43.72 3.38 -39.64
CA ASN A 53 -44.74 3.11 -40.67
C ASN A 53 -44.66 4.19 -41.76
N HIS A 54 -45.63 4.20 -42.69
CA HIS A 54 -45.63 5.11 -43.86
C HIS A 54 -46.95 5.83 -44.02
N ILE A 55 -47.45 6.31 -42.91
CA ILE A 55 -48.68 7.07 -42.87
C ILE A 55 -48.33 8.50 -43.25
N PRO A 56 -48.80 8.97 -44.39
CA PRO A 56 -48.30 10.24 -44.96
C PRO A 56 -48.85 11.52 -44.34
N ASP A 57 -49.93 11.41 -43.54
CA ASP A 57 -50.61 12.56 -42.96
C ASP A 57 -51.38 12.21 -41.69
N ILE A 58 -51.71 13.24 -40.94
CA ILE A 58 -52.50 13.14 -39.73
C ILE A 58 -53.57 14.23 -39.81
N SER A 59 -54.80 13.87 -39.48
CA SER A 59 -55.94 14.77 -39.60
C SER A 59 -56.85 14.64 -38.38
N PRO A 60 -57.93 15.43 -38.31
CA PRO A 60 -58.86 15.18 -37.21
C PRO A 60 -59.53 13.79 -37.27
N ALA A 61 -59.59 13.19 -38.45
CA ALA A 61 -60.10 11.83 -38.59
C ALA A 61 -59.18 10.78 -37.95
N SER A 62 -57.88 11.06 -37.91
CA SER A 62 -56.91 10.10 -37.40
C SER A 62 -57.30 9.58 -36.02
N PHE A 63 -57.65 10.49 -35.11
CA PHE A 63 -57.96 10.11 -33.75
C PHE A 63 -59.38 10.48 -33.24
N HIS A 64 -60.33 10.70 -34.15
CA HIS A 64 -61.69 11.17 -33.75
C HIS A 64 -62.36 10.25 -32.70
N ARG A 65 -62.45 8.94 -32.97
CA ARG A 65 -63.06 8.01 -32.00
C ARG A 65 -62.29 7.88 -30.70
N LEU A 66 -60.96 8.09 -30.76
CA LEU A 66 -60.02 7.65 -29.73
C LEU A 66 -59.85 8.74 -28.67
N VAL A 67 -60.90 8.89 -27.86
CA VAL A 67 -61.00 10.06 -26.99
C VAL A 67 -60.23 9.84 -25.70
N HIS A 68 -59.86 8.59 -25.41
CA HIS A 68 -59.19 8.30 -24.18
C HIS A 68 -57.67 8.29 -24.30
N LEU A 69 -57.11 8.70 -25.45
CA LEU A 69 -55.65 8.68 -25.66
C LEU A 69 -54.90 9.54 -24.66
N VAL A 70 -54.02 8.89 -23.89
CA VAL A 70 -53.02 9.57 -23.05
C VAL A 70 -51.68 9.72 -23.77
N GLU A 71 -51.34 8.79 -24.68
CA GLU A 71 -50.06 8.77 -25.36
C GLU A 71 -50.18 8.40 -26.83
N ILE A 72 -49.61 9.23 -27.69
CA ILE A 72 -49.47 8.89 -29.09
C ILE A 72 -47.99 8.88 -29.47
N ASP A 73 -47.54 7.71 -29.90
CA ASP A 73 -46.18 7.51 -30.41
C ASP A 73 -46.27 7.38 -31.91
N PHE A 74 -46.08 8.51 -32.58
CA PHE A 74 -46.13 8.59 -34.02
C PHE A 74 -44.72 8.93 -34.60
N ARG A 75 -43.70 8.22 -34.12
CA ARG A 75 -42.31 8.45 -34.55
C ARG A 75 -42.00 7.82 -35.87
N CYS A 76 -41.04 8.35 -36.58
CA CYS A 76 -40.40 7.64 -37.69
C CYS A 76 -41.34 7.14 -38.82
N ASN A 77 -42.32 7.95 -39.15
CA ASN A 77 -43.11 7.73 -40.36
C ASN A 77 -42.53 8.45 -41.56
N CYS A 78 -41.58 9.36 -41.32
CA CYS A 78 -40.85 9.98 -42.41
C CYS A 78 -39.47 10.41 -41.99
N VAL A 79 -38.55 9.46 -41.85
CA VAL A 79 -37.28 9.80 -41.20
C VAL A 79 -36.42 10.59 -42.23
N PRO A 80 -35.64 11.57 -41.76
CA PRO A 80 -34.68 12.25 -42.61
C PRO A 80 -33.86 11.28 -43.46
N ILE A 81 -33.51 11.71 -44.66
CA ILE A 81 -32.90 10.84 -45.70
C ILE A 81 -31.75 9.96 -45.17
N ARG A 82 -30.81 10.59 -44.46
CA ARG A 82 -29.56 9.92 -44.02
C ARG A 82 -29.73 9.03 -42.81
N LEU A 83 -30.69 9.37 -41.96
CA LEU A 83 -31.09 8.55 -40.83
C LEU A 83 -31.87 7.31 -41.27
N GLY A 84 -32.59 7.41 -42.39
CA GLY A 84 -33.50 6.33 -42.81
C GLY A 84 -32.97 5.28 -43.74
N SER A 85 -33.87 4.37 -44.11
CA SER A 85 -33.62 3.35 -45.12
C SER A 85 -33.44 3.99 -46.50
N LYS A 86 -32.40 3.58 -47.20
CA LYS A 86 -32.14 4.03 -48.57
C LYS A 86 -32.94 3.24 -49.62
N SER A 87 -33.59 2.15 -49.18
CA SER A 87 -34.55 1.38 -50.00
C SER A 87 -35.95 2.00 -49.88
N ASN A 88 -36.35 2.30 -48.65
CA ASN A 88 -37.63 2.92 -48.36
C ASN A 88 -37.51 4.41 -48.03
N MET A 89 -37.05 5.21 -48.98
CA MET A 89 -36.86 6.66 -48.74
C MET A 89 -38.18 7.41 -48.71
N CYS A 90 -38.44 8.13 -47.61
CA CYS A 90 -39.66 8.89 -47.44
C CYS A 90 -39.76 10.04 -48.50
N PRO A 91 -40.80 10.00 -49.36
CA PRO A 91 -40.89 10.99 -50.46
C PRO A 91 -41.12 12.48 -50.07
N ARG A 92 -41.77 12.71 -48.94
CA ARG A 92 -42.41 13.97 -48.68
C ARG A 92 -42.68 14.04 -47.18
N ARG A 93 -42.42 15.17 -46.55
CA ARG A 93 -42.61 15.26 -45.10
C ARG A 93 -44.04 14.92 -44.62
N LEU A 94 -44.17 14.48 -43.38
CA LEU A 94 -45.44 14.23 -42.76
C LEU A 94 -46.27 15.53 -42.70
N GLN A 95 -47.56 15.44 -43.04
CA GLN A 95 -48.47 16.58 -43.10
C GLN A 95 -49.38 16.45 -41.91
N ILE A 96 -49.41 17.47 -41.07
CA ILE A 96 -50.32 17.49 -39.94
C ILE A 96 -51.32 18.60 -40.21
N LYS A 97 -52.54 18.21 -40.59
CA LYS A 97 -53.61 19.18 -40.83
C LYS A 97 -54.04 19.71 -39.46
N PRO A 98 -54.68 20.89 -39.44
CA PRO A 98 -54.96 21.48 -38.13
C PRO A 98 -56.07 20.76 -37.39
N ARG A 99 -56.14 21.00 -36.07
CA ARG A 99 -57.17 20.42 -35.19
C ARG A 99 -57.03 18.88 -35.04
N SER A 100 -55.84 18.37 -35.31
CA SER A 100 -55.60 16.93 -35.31
C SER A 100 -55.45 16.41 -33.89
N PHE A 101 -54.94 17.23 -32.99
CA PHE A 101 -54.77 16.81 -31.59
C PHE A 101 -55.65 17.55 -30.59
N SER A 102 -56.13 18.76 -30.95
CA SER A 102 -56.77 19.70 -29.99
C SER A 102 -57.98 19.11 -29.30
N GLY A 103 -58.66 18.18 -30.00
CA GLY A 103 -59.74 17.37 -29.41
C GLY A 103 -59.41 16.30 -28.37
N LEU A 104 -58.13 16.00 -28.13
CA LEU A 104 -57.73 14.93 -27.16
C LEU A 104 -57.45 15.47 -25.74
N THR A 105 -58.49 15.53 -24.92
CA THR A 105 -58.47 16.22 -23.62
C THR A 105 -57.51 15.58 -22.65
N TYR A 106 -57.27 14.28 -22.84
CA TYR A 106 -56.47 13.48 -21.92
C TYR A 106 -55.00 13.21 -22.36
N LEU A 107 -54.60 13.74 -23.52
CA LEU A 107 -53.27 13.47 -24.09
C LEU A 107 -52.12 14.03 -23.23
N LYS A 108 -51.38 13.13 -22.59
CA LYS A 108 -50.25 13.52 -21.79
C LYS A 108 -48.89 13.45 -22.53
N SER A 109 -48.74 12.58 -23.53
CA SER A 109 -47.43 12.38 -24.19
C SER A 109 -47.56 12.25 -25.69
N LEU A 110 -46.78 13.02 -26.42
CA LEU A 110 -46.86 13.02 -27.87
C LEU A 110 -45.46 12.93 -28.47
N TYR A 111 -45.23 11.88 -29.27
CA TYR A 111 -43.94 11.69 -29.93
C TYR A 111 -44.09 11.82 -31.46
N LEU A 112 -43.42 12.82 -32.01
CA LEU A 112 -43.43 13.08 -33.45
C LEU A 112 -42.03 13.13 -34.03
N ASP A 113 -41.13 12.34 -33.43
CA ASP A 113 -39.71 12.34 -33.83
C ASP A 113 -39.58 11.68 -35.18
N GLY A 114 -38.62 12.09 -35.98
CA GLY A 114 -38.32 11.40 -37.24
C GLY A 114 -39.39 11.47 -38.29
N ASN A 115 -39.93 12.67 -38.51
CA ASN A 115 -40.98 12.90 -39.52
C ASN A 115 -40.73 14.08 -40.44
N GLN A 116 -39.49 14.57 -40.48
CA GLN A 116 -39.12 15.73 -41.31
C GLN A 116 -39.95 17.00 -41.09
N LEU A 117 -40.51 17.18 -39.90
CA LEU A 117 -41.29 18.37 -39.59
C LEU A 117 -40.45 19.62 -39.69
N LEU A 118 -41.09 20.71 -40.18
CA LEU A 118 -40.39 22.00 -40.40
C LEU A 118 -40.60 23.01 -39.29
N GLU A 119 -41.71 22.85 -38.55
CA GLU A 119 -42.08 23.75 -37.47
C GLU A 119 -42.72 22.93 -36.35
N ILE A 120 -42.83 23.54 -35.19
CA ILE A 120 -43.38 22.89 -34.00
C ILE A 120 -44.88 22.72 -34.21
N PRO A 121 -45.40 21.49 -34.06
CA PRO A 121 -46.84 21.33 -34.32
C PRO A 121 -47.72 22.21 -33.41
N GLN A 122 -48.67 22.91 -34.03
CA GLN A 122 -49.63 23.72 -33.31
C GLN A 122 -50.94 22.93 -33.16
N GLY A 123 -51.86 23.48 -32.41
CA GLY A 123 -53.11 22.82 -32.13
C GLY A 123 -53.02 21.77 -31.05
N LEU A 124 -52.08 21.92 -30.12
CA LEU A 124 -51.84 20.87 -29.13
C LEU A 124 -52.65 21.15 -27.88
N PRO A 125 -53.18 20.10 -27.26
CA PRO A 125 -54.00 20.31 -26.07
C PRO A 125 -53.22 20.73 -24.82
N PRO A 126 -53.88 21.50 -23.94
CA PRO A 126 -53.20 21.98 -22.73
C PRO A 126 -52.94 20.92 -21.69
N SER A 127 -53.46 19.70 -21.86
CA SER A 127 -53.13 18.57 -20.94
C SER A 127 -51.73 17.96 -21.20
N LEU A 128 -51.12 18.32 -22.34
CA LEU A 128 -49.84 17.78 -22.77
C LEU A 128 -48.68 18.09 -21.79
N GLN A 129 -48.05 17.02 -21.28
CA GLN A 129 -46.88 17.08 -20.41
C GLN A 129 -45.56 16.81 -21.17
N LEU A 130 -45.58 15.98 -22.21
CA LEU A 130 -44.37 15.53 -22.92
C LEU A 130 -44.51 15.71 -24.41
N LEU A 131 -43.60 16.48 -25.00
CA LEU A 131 -43.56 16.63 -26.45
C LEU A 131 -42.14 16.33 -26.97
N SER A 132 -42.06 15.46 -27.98
CA SER A 132 -40.81 14.99 -28.51
C SER A 132 -40.81 15.24 -30.01
N LEU A 133 -39.77 15.93 -30.48
CA LEU A 133 -39.59 16.34 -31.86
C LEU A 133 -38.14 16.09 -32.32
N GLU A 134 -37.51 15.02 -31.82
CA GLU A 134 -36.13 14.68 -32.23
C GLU A 134 -36.08 14.30 -33.72
N ALA A 135 -34.94 14.51 -34.36
CA ALA A 135 -34.76 14.04 -35.75
C ALA A 135 -35.81 14.58 -36.73
N ASN A 136 -36.22 15.82 -36.52
CA ASN A 136 -37.00 16.58 -37.53
C ASN A 136 -36.10 17.69 -38.08
N ASN A 137 -36.67 18.69 -38.75
CA ASN A 137 -35.90 19.80 -39.32
C ASN A 137 -36.36 21.14 -38.74
N ILE A 138 -36.49 21.17 -37.43
CA ILE A 138 -36.86 22.34 -36.66
C ILE A 138 -35.61 22.87 -36.01
N PHE A 139 -35.11 23.97 -36.56
CA PHE A 139 -33.85 24.58 -36.13
C PHE A 139 -33.94 26.06 -35.73
N SER A 140 -35.15 26.55 -35.49
CA SER A 140 -35.37 27.91 -34.99
C SER A 140 -36.52 27.90 -33.95
N ILE A 141 -36.19 28.14 -32.68
CA ILE A 141 -37.16 28.20 -31.60
C ILE A 141 -37.50 29.66 -31.30
N ARG A 142 -38.81 29.95 -31.34
CA ARG A 142 -39.36 31.30 -31.18
C ARG A 142 -40.50 31.24 -30.19
N LYS A 143 -40.60 32.27 -29.36
CA LYS A 143 -41.63 32.36 -28.31
C LYS A 143 -43.07 32.22 -28.87
N GLU A 144 -43.29 32.75 -30.08
CA GLU A 144 -44.57 32.68 -30.81
C GLU A 144 -45.07 31.22 -31.00
N GLN A 145 -44.14 30.32 -31.32
CA GLN A 145 -44.43 28.89 -31.51
C GLN A 145 -44.68 28.10 -30.21
N LEU A 146 -44.29 28.65 -29.06
CA LEU A 146 -44.39 27.97 -27.76
C LEU A 146 -45.62 28.37 -26.92
N THR A 147 -46.57 29.05 -27.53
CA THR A 147 -47.70 29.65 -26.80
C THR A 147 -48.69 28.65 -26.23
N GLU A 148 -48.82 27.46 -26.81
CA GLU A 148 -49.80 26.45 -26.29
C GLU A 148 -49.22 25.44 -25.27
N LEU A 149 -47.99 25.63 -24.82
CA LEU A 149 -47.24 24.63 -24.08
C LEU A 149 -47.03 25.01 -22.61
N ALA A 150 -47.97 25.76 -22.03
CA ALA A 150 -47.79 26.23 -20.65
C ALA A 150 -47.61 25.07 -19.65
N ASN A 151 -48.35 23.97 -19.85
CA ASN A 151 -48.27 22.78 -18.97
C ASN A 151 -47.11 21.79 -19.28
N ILE A 152 -46.27 22.12 -20.25
CA ILE A 152 -45.23 21.21 -20.72
C ILE A 152 -44.08 21.06 -19.69
N GLU A 153 -43.86 19.80 -19.31
CA GLU A 153 -42.83 19.39 -18.38
C GLU A 153 -41.57 18.87 -19.08
N ILE A 154 -41.74 18.22 -20.23
CA ILE A 154 -40.66 17.46 -20.90
C ILE A 154 -40.65 17.79 -22.40
N LEU A 155 -39.53 18.31 -22.88
CA LEU A 155 -39.35 18.77 -24.25
C LEU A 155 -38.04 18.23 -24.86
N TYR A 156 -38.15 17.48 -25.95
CA TYR A 156 -37.03 16.85 -26.61
C TYR A 156 -36.92 17.45 -27.98
N LEU A 157 -35.90 18.25 -28.21
CA LEU A 157 -35.77 18.96 -29.49
C LEU A 157 -34.48 18.60 -30.23
N GLY A 158 -33.76 17.60 -29.73
CA GLY A 158 -32.47 17.25 -30.31
C GLY A 158 -32.48 16.59 -31.71
N GLN A 159 -31.28 16.52 -32.30
CA GLN A 159 -31.01 15.80 -33.52
C GLN A 159 -31.74 16.42 -34.69
N ASN A 160 -31.91 17.76 -34.64
CA ASN A 160 -32.53 18.52 -35.73
C ASN A 160 -31.51 19.24 -36.60
N CYS A 161 -30.27 19.31 -36.14
CA CYS A 161 -29.17 19.87 -36.97
C CYS A 161 -27.81 19.28 -36.59
N TYR A 162 -27.43 18.18 -37.25
CA TYR A 162 -26.10 17.57 -37.01
C TYR A 162 -25.67 16.83 -38.23
N TYR A 163 -24.50 16.21 -38.17
CA TYR A 163 -23.88 15.69 -39.39
C TYR A 163 -24.78 14.70 -40.19
N ARG A 164 -25.68 13.99 -39.52
CA ARG A 164 -26.61 13.04 -40.17
C ARG A 164 -27.99 13.60 -40.53
N ASN A 165 -28.25 14.85 -40.15
CA ASN A 165 -29.50 15.53 -40.46
C ASN A 165 -29.23 17.02 -40.42
N PRO A 166 -28.48 17.50 -41.42
CA PRO A 166 -27.95 18.85 -41.36
C PRO A 166 -28.98 19.91 -41.72
N CYS A 167 -28.87 21.08 -41.08
CA CYS A 167 -29.73 22.24 -41.38
C CYS A 167 -28.97 23.39 -42.03
N TYR A 168 -27.65 23.28 -42.04
CA TYR A 168 -26.76 24.20 -42.74
C TYR A 168 -26.68 25.62 -42.13
N VAL A 169 -27.21 25.80 -40.92
CA VAL A 169 -27.07 27.07 -40.19
C VAL A 169 -26.89 26.78 -38.68
N SER A 170 -26.52 27.77 -37.90
CA SER A 170 -26.58 27.62 -36.46
C SER A 170 -28.02 27.54 -35.99
N TYR A 171 -28.27 26.81 -34.91
CA TYR A 171 -29.58 26.78 -34.22
C TYR A 171 -29.90 28.20 -33.67
N SER A 172 -31.17 28.59 -33.66
CA SER A 172 -31.60 29.92 -33.19
C SER A 172 -32.62 29.68 -32.12
N ILE A 173 -32.39 30.27 -30.96
CA ILE A 173 -33.36 30.30 -29.88
C ILE A 173 -33.53 31.78 -29.53
N GLU A 174 -34.76 32.30 -29.59
CA GLU A 174 -35.07 33.64 -29.09
C GLU A 174 -34.67 33.77 -27.63
N LYS A 175 -34.10 34.92 -27.28
CA LYS A 175 -33.92 35.31 -25.88
C LYS A 175 -35.24 35.04 -25.12
N ASP A 176 -35.11 34.42 -23.96
CA ASP A 176 -36.22 34.07 -23.07
C ASP A 176 -37.23 33.07 -23.64
N ALA A 177 -36.91 32.39 -24.75
CA ALA A 177 -37.87 31.49 -25.44
C ALA A 177 -38.64 30.51 -24.56
N PHE A 178 -37.92 29.89 -23.63
CA PHE A 178 -38.46 28.87 -22.72
C PHE A 178 -38.91 29.39 -21.38
N LEU A 179 -38.61 30.66 -21.08
CA LEU A 179 -38.82 31.24 -19.71
C LEU A 179 -40.27 31.13 -19.20
N ASN A 180 -41.21 31.29 -20.13
CA ASN A 180 -42.63 31.29 -19.84
C ASN A 180 -43.23 29.87 -19.75
N LEU A 181 -42.42 28.83 -20.00
CA LEU A 181 -42.84 27.45 -19.77
C LEU A 181 -42.53 27.11 -18.31
N THR A 182 -43.44 27.53 -17.44
CA THR A 182 -43.20 27.61 -16.00
C THR A 182 -43.22 26.29 -15.29
N LYS A 183 -43.57 25.23 -16.01
CA LYS A 183 -43.47 23.85 -15.45
C LYS A 183 -42.37 22.97 -16.09
N LEU A 184 -41.57 23.51 -17.01
CA LEU A 184 -40.53 22.78 -17.73
C LEU A 184 -39.45 22.17 -16.81
N LYS A 185 -39.37 20.83 -16.83
CA LYS A 185 -38.47 20.07 -15.99
C LYS A 185 -37.26 19.56 -16.78
N VAL A 186 -37.51 19.07 -17.99
CA VAL A 186 -36.48 18.42 -18.80
C VAL A 186 -36.48 19.10 -20.15
N LEU A 187 -35.31 19.57 -20.55
CA LEU A 187 -35.10 20.16 -21.88
C LEU A 187 -33.83 19.59 -22.53
N SER A 188 -33.98 19.03 -23.73
CA SER A 188 -32.90 18.40 -24.44
C SER A 188 -32.72 19.14 -25.76
N LEU A 189 -31.57 19.82 -25.90
CA LEU A 189 -31.19 20.53 -27.13
C LEU A 189 -29.93 19.96 -27.76
N LYS A 190 -29.74 18.67 -27.58
CA LYS A 190 -28.54 17.98 -28.08
C LYS A 190 -28.48 17.86 -29.58
N ASP A 191 -27.28 17.69 -30.11
CA ASP A 191 -27.09 17.33 -31.51
C ASP A 191 -27.81 18.38 -32.41
N ASN A 192 -27.60 19.68 -32.12
CA ASN A 192 -28.39 20.74 -32.75
C ASN A 192 -27.68 21.97 -33.37
N ASN A 193 -26.36 22.01 -33.35
CA ASN A 193 -25.63 23.18 -33.86
C ASN A 193 -25.94 24.46 -33.04
N VAL A 194 -26.21 24.27 -31.76
CA VAL A 194 -26.39 25.33 -30.82
C VAL A 194 -25.02 25.94 -30.49
N THR A 195 -24.94 27.28 -30.52
CA THR A 195 -23.69 28.05 -30.30
C THR A 195 -23.58 28.73 -28.93
N THR A 196 -24.69 28.92 -28.26
CA THR A 196 -24.66 29.48 -26.90
C THR A 196 -25.75 28.82 -26.08
N VAL A 197 -25.54 28.80 -24.77
CA VAL A 197 -26.51 28.27 -23.85
C VAL A 197 -27.73 29.18 -23.99
N PRO A 198 -28.94 28.63 -24.21
CA PRO A 198 -30.08 29.58 -24.29
C PRO A 198 -30.39 30.13 -22.92
N THR A 199 -30.63 31.44 -22.85
CA THR A 199 -31.07 32.12 -21.61
C THR A 199 -32.29 32.98 -21.90
N VAL A 200 -33.09 33.31 -20.89
CA VAL A 200 -33.01 32.75 -19.54
C VAL A 200 -33.94 31.54 -19.48
N LEU A 201 -33.51 30.50 -18.79
CA LEU A 201 -34.27 29.24 -18.75
C LEU A 201 -35.13 29.19 -17.49
N PRO A 202 -36.25 28.45 -17.54
CA PRO A 202 -37.14 28.37 -16.40
C PRO A 202 -36.46 27.73 -15.23
N SER A 203 -36.62 28.31 -14.04
CA SER A 203 -35.92 27.85 -12.83
C SER A 203 -36.39 26.47 -12.37
N THR A 204 -37.50 26.03 -12.92
CA THR A 204 -38.07 24.76 -12.61
C THR A 204 -37.34 23.51 -13.25
N LEU A 205 -36.41 23.74 -14.18
CA LEU A 205 -35.60 22.69 -14.84
C LEU A 205 -34.80 21.81 -13.89
N THR A 206 -35.00 20.50 -14.06
CA THR A 206 -34.24 19.45 -13.37
C THR A 206 -33.14 18.77 -14.23
N GLU A 207 -33.27 18.82 -15.56
CA GLU A 207 -32.36 18.12 -16.46
C GLU A 207 -32.19 18.94 -17.72
N LEU A 208 -30.94 19.20 -18.11
CA LEU A 208 -30.65 20.02 -19.27
C LEU A 208 -29.55 19.38 -20.06
N TYR A 209 -29.87 19.06 -21.30
CA TYR A 209 -28.97 18.32 -22.16
C TYR A 209 -28.56 19.27 -23.27
N LEU A 210 -27.32 19.75 -23.21
CA LEU A 210 -26.78 20.66 -24.24
C LEU A 210 -25.61 20.06 -24.93
N TYR A 211 -25.53 18.74 -24.94
CA TYR A 211 -24.35 18.05 -25.52
C TYR A 211 -24.30 17.92 -27.05
N ASN A 212 -23.11 17.72 -27.60
CA ASN A 212 -22.86 17.70 -29.04
C ASN A 212 -23.37 18.92 -29.84
N ASN A 213 -22.80 20.08 -29.50
CA ASN A 213 -23.19 21.35 -30.09
C ASN A 213 -21.93 22.16 -30.39
N MET A 214 -22.06 23.43 -30.81
CA MET A 214 -20.93 24.30 -31.15
C MET A 214 -20.76 25.36 -30.06
N ILE A 215 -20.98 25.00 -28.81
CA ILE A 215 -20.87 25.95 -27.71
C ILE A 215 -19.44 26.03 -27.31
N ALA A 216 -18.77 27.15 -27.58
CA ALA A 216 -17.36 27.31 -27.24
C ALA A 216 -17.09 27.89 -25.81
N GLU A 217 -18.05 28.66 -25.28
CA GLU A 217 -17.92 29.39 -23.98
C GLU A 217 -19.17 29.23 -23.16
N ILE A 218 -19.00 29.16 -21.86
CA ILE A 218 -20.10 29.34 -20.90
C ILE A 218 -19.90 30.74 -20.27
N GLN A 219 -20.97 31.54 -20.20
CA GLN A 219 -20.96 32.83 -19.47
C GLN A 219 -21.22 32.56 -18.00
N GLU A 220 -20.64 33.36 -17.10
CA GLU A 220 -20.84 33.12 -15.65
C GLU A 220 -22.32 33.15 -15.22
N ASP A 221 -23.13 33.89 -15.98
CA ASP A 221 -24.58 34.03 -15.82
C ASP A 221 -25.44 32.83 -16.30
N ASP A 222 -24.93 32.01 -17.23
CA ASP A 222 -25.73 31.07 -18.03
C ASP A 222 -26.60 30.10 -17.25
N PHE A 223 -26.16 29.67 -16.06
CA PHE A 223 -26.95 28.78 -15.19
C PHE A 223 -27.36 29.43 -13.84
N ASN A 224 -27.39 30.76 -13.79
CA ASN A 224 -27.74 31.56 -12.58
C ASN A 224 -28.91 31.15 -11.75
N ASN A 225 -30.01 30.85 -12.41
CA ASN A 225 -31.28 30.68 -11.73
C ASN A 225 -31.75 29.22 -11.58
N LEU A 226 -30.92 28.25 -11.96
CA LEU A 226 -31.34 26.87 -12.09
C LEU A 226 -31.05 26.13 -10.82
N ASN A 227 -31.76 26.57 -9.78
CA ASN A 227 -31.49 26.11 -8.42
C ASN A 227 -32.20 24.78 -8.11
N GLN A 228 -32.91 24.22 -9.09
CA GLN A 228 -33.44 22.89 -8.98
C GLN A 228 -32.77 21.86 -9.93
N LEU A 229 -31.82 22.32 -10.74
CA LEU A 229 -31.14 21.44 -11.71
C LEU A 229 -30.35 20.26 -11.08
N GLN A 230 -30.59 19.05 -11.59
CA GLN A 230 -29.97 17.82 -11.10
C GLN A 230 -29.01 17.15 -12.06
N ILE A 231 -29.26 17.32 -13.37
CA ILE A 231 -28.44 16.72 -14.42
C ILE A 231 -28.12 17.78 -15.43
N LEU A 232 -26.82 17.99 -15.68
CA LEU A 232 -26.36 18.89 -16.73
C LEU A 232 -25.32 18.17 -17.62
N ASP A 233 -25.55 18.21 -18.94
CA ASP A 233 -24.68 17.55 -19.91
C ASP A 233 -24.24 18.56 -20.95
N LEU A 234 -22.96 18.92 -20.90
CA LEU A 234 -22.36 19.89 -21.82
C LEU A 234 -21.35 19.18 -22.68
N SER A 235 -21.41 17.85 -22.72
CA SER A 235 -20.41 17.05 -23.41
C SER A 235 -20.33 17.36 -24.89
N GLY A 236 -19.15 17.13 -25.47
CA GLY A 236 -19.02 17.17 -26.91
C GLY A 236 -19.19 18.55 -27.50
N ASN A 237 -18.79 19.57 -26.73
CA ASN A 237 -18.70 20.96 -27.18
C ASN A 237 -17.21 21.29 -27.08
N CYS A 238 -16.56 21.57 -28.21
CA CYS A 238 -15.09 21.50 -28.30
C CYS A 238 -14.57 20.08 -28.13
N PRO A 239 -14.95 19.19 -29.05
CA PRO A 239 -14.65 17.76 -28.87
C PRO A 239 -13.19 17.41 -29.05
N ARG A 240 -12.83 16.28 -28.43
CA ARG A 240 -11.57 15.59 -28.63
C ARG A 240 -11.84 14.66 -29.78
N CYS A 241 -11.11 14.84 -30.86
CA CYS A 241 -11.43 14.20 -32.14
C CYS A 241 -10.58 13.01 -32.50
N TYR A 242 -9.52 12.74 -31.74
CA TYR A 242 -8.61 11.64 -32.09
C TYR A 242 -9.35 10.30 -32.08
N ASN A 243 -9.32 9.61 -33.23
CA ASN A 243 -10.08 8.38 -33.47
C ASN A 243 -11.59 8.50 -33.25
N ALA A 244 -12.18 9.65 -33.51
CA ALA A 244 -13.63 9.73 -33.38
C ALA A 244 -14.19 8.95 -34.57
N PRO A 245 -15.19 8.11 -34.31
CA PRO A 245 -15.86 7.43 -35.42
C PRO A 245 -17.02 8.25 -36.04
N PHE A 246 -16.95 9.57 -35.99
CA PHE A 246 -17.88 10.43 -36.66
C PHE A 246 -17.09 11.65 -37.09
N PRO A 247 -17.56 12.42 -38.13
CA PRO A 247 -16.84 13.65 -38.46
C PRO A 247 -16.87 14.66 -37.31
N CYS A 248 -15.74 15.30 -37.07
CA CYS A 248 -15.48 15.93 -35.79
C CYS A 248 -14.57 17.14 -36.00
N THR A 249 -15.10 18.35 -35.69
CA THR A 249 -14.33 19.57 -35.83
C THR A 249 -14.06 20.13 -34.44
N PRO A 250 -12.79 20.26 -34.08
CA PRO A 250 -12.51 20.76 -32.74
C PRO A 250 -12.61 22.26 -32.75
N CYS A 251 -12.78 22.86 -31.57
CA CYS A 251 -12.60 24.31 -31.38
C CYS A 251 -11.21 24.71 -31.84
N LYS A 252 -11.08 25.91 -32.43
CA LYS A 252 -9.78 26.40 -32.97
C LYS A 252 -8.66 26.29 -31.92
N ASN A 253 -7.43 26.03 -32.36
CA ASN A 253 -6.24 26.03 -31.49
C ASN A 253 -6.31 25.12 -30.26
N ASN A 254 -6.80 23.89 -30.43
CA ASN A 254 -6.88 22.90 -29.33
C ASN A 254 -7.60 23.40 -28.05
N SER A 255 -8.55 24.29 -28.25
CA SER A 255 -9.10 25.04 -27.15
C SER A 255 -10.19 24.19 -26.46
N PRO A 256 -10.22 24.18 -25.12
CA PRO A 256 -11.29 23.56 -24.37
C PRO A 256 -12.56 24.37 -24.37
N LEU A 257 -13.66 23.74 -23.99
CA LEU A 257 -14.84 24.45 -23.62
C LEU A 257 -14.45 25.34 -22.44
N GLN A 258 -14.78 26.63 -22.54
CA GLN A 258 -14.36 27.64 -21.53
C GLN A 258 -15.48 27.82 -20.55
N ILE A 259 -15.25 27.33 -19.34
CA ILE A 259 -16.22 27.39 -18.26
C ILE A 259 -15.63 28.24 -17.14
N PRO A 260 -16.22 29.42 -16.86
CA PRO A 260 -15.76 30.28 -15.78
C PRO A 260 -15.79 29.56 -14.48
N VAL A 261 -14.88 29.90 -13.60
CA VAL A 261 -14.74 29.18 -12.31
C VAL A 261 -16.00 29.17 -11.42
N ASN A 262 -16.86 30.18 -11.59
CA ASN A 262 -18.07 30.37 -10.78
C ASN A 262 -19.32 29.89 -11.48
N ALA A 263 -19.18 29.34 -12.68
CA ALA A 263 -20.33 29.02 -13.53
C ALA A 263 -21.33 28.02 -12.96
N PHE A 264 -20.92 27.18 -12.02
CA PHE A 264 -21.84 26.19 -11.45
C PHE A 264 -22.38 26.55 -10.05
N ASP A 265 -22.12 27.77 -9.58
CA ASP A 265 -22.40 28.16 -8.17
C ASP A 265 -23.86 28.12 -7.81
N ALA A 266 -24.74 28.40 -8.76
CA ALA A 266 -26.18 28.25 -8.51
C ALA A 266 -26.66 26.80 -8.33
N LEU A 267 -25.87 25.81 -8.76
CA LEU A 267 -26.40 24.48 -9.01
C LEU A 267 -26.31 23.62 -7.78
N THR A 268 -26.96 24.05 -6.68
CA THR A 268 -26.79 23.37 -5.38
C THR A 268 -27.40 21.96 -5.33
N GLU A 269 -28.39 21.71 -6.19
CA GLU A 269 -29.05 20.40 -6.23
C GLU A 269 -28.38 19.42 -7.23
N LEU A 270 -27.35 19.86 -7.96
CA LEU A 270 -26.70 19.04 -9.02
C LEU A 270 -26.20 17.66 -8.56
N LYS A 271 -26.74 16.62 -9.18
CA LYS A 271 -26.34 15.27 -8.90
C LYS A 271 -25.39 14.74 -9.95
N VAL A 272 -25.50 15.25 -11.19
CA VAL A 272 -24.88 14.63 -12.36
C VAL A 272 -24.34 15.68 -13.30
N LEU A 273 -23.06 15.59 -13.61
CA LEU A 273 -22.36 16.53 -14.45
C LEU A 273 -21.53 15.79 -15.46
N ARG A 274 -21.84 16.02 -16.72
CA ARG A 274 -21.17 15.32 -17.81
C ARG A 274 -20.42 16.35 -18.63
N LEU A 275 -19.09 16.23 -18.60
CA LEU A 275 -18.19 17.05 -19.36
C LEU A 275 -17.28 16.14 -20.19
N HIS A 276 -17.90 15.22 -20.89
CA HIS A 276 -17.23 14.27 -21.76
C HIS A 276 -16.84 15.04 -23.01
N SER A 277 -15.64 14.77 -23.51
CA SER A 277 -15.23 15.29 -24.79
C SER A 277 -15.42 16.81 -24.88
N ASN A 278 -14.77 17.51 -23.97
CA ASN A 278 -14.71 18.98 -23.99
C ASN A 278 -13.29 19.53 -24.11
N SER A 279 -12.35 18.68 -24.52
CA SER A 279 -10.94 19.06 -24.64
C SER A 279 -10.37 19.78 -23.42
N LEU A 280 -10.83 19.45 -22.23
CA LEU A 280 -10.36 20.06 -20.99
C LEU A 280 -8.90 19.67 -20.64
N GLN A 281 -8.08 20.66 -20.29
CA GLN A 281 -6.72 20.39 -19.73
C GLN A 281 -6.69 20.49 -18.20
N HIS A 282 -7.60 21.28 -17.58
CA HIS A 282 -7.57 21.55 -16.16
C HIS A 282 -8.98 21.36 -15.68
N VAL A 283 -9.13 20.88 -14.45
CA VAL A 283 -10.41 20.87 -13.79
C VAL A 283 -10.24 21.75 -12.54
N PRO A 284 -10.63 23.04 -12.63
CA PRO A 284 -10.43 23.93 -11.49
C PRO A 284 -11.28 23.52 -10.31
N PRO A 285 -10.64 23.31 -9.12
CA PRO A 285 -11.37 22.99 -7.90
C PRO A 285 -12.57 23.90 -7.57
N ARG A 286 -12.44 25.17 -7.95
CA ARG A 286 -13.44 26.18 -7.69
C ARG A 286 -14.83 25.81 -8.26
N TRP A 287 -14.88 25.13 -9.41
CA TRP A 287 -16.16 24.74 -10.03
C TRP A 287 -17.12 24.10 -9.03
N PHE A 288 -16.55 23.27 -8.15
CA PHE A 288 -17.33 22.42 -7.25
C PHE A 288 -17.57 22.96 -5.87
N LYS A 289 -17.24 24.23 -5.62
CA LYS A 289 -17.31 24.82 -4.26
C LYS A 289 -18.72 24.70 -3.64
N ASN A 290 -19.74 25.06 -4.41
CA ASN A 290 -21.14 25.01 -3.97
C ASN A 290 -21.94 23.79 -4.39
N ILE A 291 -21.30 22.80 -5.00
CA ILE A 291 -21.97 21.55 -5.30
C ILE A 291 -21.53 20.48 -4.28
N ASN A 292 -22.33 20.30 -3.23
CA ASN A 292 -21.96 19.35 -2.18
C ASN A 292 -22.51 17.93 -2.40
N ASN A 293 -23.48 17.77 -3.28
CA ASN A 293 -24.17 16.51 -3.44
C ASN A 293 -23.94 15.89 -4.81
N LEU A 294 -22.87 16.28 -5.50
CA LEU A 294 -22.57 15.71 -6.81
C LEU A 294 -22.26 14.21 -6.67
N GLN A 295 -22.99 13.42 -7.45
CA GLN A 295 -22.94 11.97 -7.35
C GLN A 295 -22.24 11.31 -8.53
N GLU A 296 -22.34 11.91 -9.72
CA GLU A 296 -21.80 11.32 -10.92
C GLU A 296 -21.12 12.41 -11.73
N LEU A 297 -19.91 12.11 -12.17
CA LEU A 297 -19.08 13.05 -12.89
C LEU A 297 -18.32 12.35 -14.03
N ASP A 298 -18.53 12.80 -15.27
CA ASP A 298 -17.91 12.25 -16.47
C ASP A 298 -16.96 13.27 -17.08
N LEU A 299 -15.66 12.94 -17.03
CA LEU A 299 -14.57 13.73 -17.55
C LEU A 299 -13.75 12.93 -18.55
N SER A 300 -14.41 11.93 -19.13
CA SER A 300 -13.79 11.12 -20.19
C SER A 300 -13.63 11.92 -21.48
N GLN A 301 -12.71 11.46 -22.32
CA GLN A 301 -12.37 12.12 -23.58
C GLN A 301 -11.99 13.57 -23.44
N ASN A 302 -11.15 13.86 -22.46
CA ASN A 302 -10.48 15.16 -22.39
C ASN A 302 -8.97 14.98 -22.52
N PHE A 303 -8.18 15.96 -22.07
CA PHE A 303 -6.76 15.89 -22.11
C PHE A 303 -6.26 16.19 -20.67
N LEU A 304 -6.71 15.31 -19.78
CA LEU A 304 -6.53 15.41 -18.34
C LEU A 304 -5.51 14.42 -17.78
N ALA A 305 -4.61 13.88 -18.60
CA ALA A 305 -3.60 12.97 -18.08
C ALA A 305 -2.76 13.62 -16.94
N LYS A 306 -2.26 14.84 -17.17
CA LYS A 306 -1.50 15.60 -16.13
C LYS A 306 -2.37 15.81 -14.91
N GLU A 307 -3.60 16.29 -15.12
CA GLU A 307 -4.53 16.56 -14.02
C GLU A 307 -4.81 15.34 -13.15
N ILE A 308 -4.82 14.15 -13.71
CA ILE A 308 -5.10 12.95 -12.91
C ILE A 308 -4.03 12.75 -11.85
N GLY A 309 -2.81 13.21 -12.13
CA GLY A 309 -1.70 13.17 -11.17
C GLY A 309 -1.76 14.24 -10.10
N ASP A 310 -2.59 15.25 -10.31
CA ASP A 310 -2.76 16.42 -9.45
C ASP A 310 -4.18 16.44 -8.80
N ALA A 311 -5.19 16.89 -9.54
CA ALA A 311 -6.61 16.63 -9.21
C ALA A 311 -7.05 17.16 -7.85
N LYS A 312 -6.78 18.43 -7.59
CA LYS A 312 -7.20 19.04 -6.30
C LYS A 312 -8.72 19.14 -6.18
N PHE A 313 -9.41 19.19 -7.33
CA PHE A 313 -10.88 19.20 -7.35
C PHE A 313 -11.55 18.07 -6.59
N LEU A 314 -10.90 16.90 -6.51
CA LEU A 314 -11.50 15.75 -5.87
C LEU A 314 -11.73 15.92 -4.35
N HIS A 315 -10.96 16.79 -3.69
CA HIS A 315 -11.18 17.09 -2.27
C HIS A 315 -12.57 17.69 -2.04
N PHE A 316 -13.15 18.31 -3.07
CA PHE A 316 -14.49 18.88 -3.00
C PHE A 316 -15.63 17.92 -3.40
N LEU A 317 -15.39 16.61 -3.47
CA LEU A 317 -16.42 15.64 -3.93
C LEU A 317 -16.58 14.39 -3.03
N PRO A 318 -16.72 14.62 -1.73
CA PRO A 318 -16.83 13.49 -0.80
C PRO A 318 -18.12 12.67 -0.93
N ASN A 319 -19.13 13.16 -1.65
CA ASN A 319 -20.31 12.34 -1.94
C ASN A 319 -20.39 11.73 -3.35
N LEU A 320 -19.32 11.87 -4.13
CA LEU A 320 -19.27 11.30 -5.46
C LEU A 320 -19.33 9.75 -5.42
N ILE A 321 -20.25 9.19 -6.21
CA ILE A 321 -20.47 7.75 -6.41
C ILE A 321 -19.72 7.23 -7.65
N GLN A 322 -19.74 7.98 -8.75
CA GLN A 322 -19.17 7.57 -10.00
C GLN A 322 -18.29 8.62 -10.57
N LEU A 323 -17.09 8.22 -11.00
CA LEU A 323 -16.14 9.13 -11.59
C LEU A 323 -15.57 8.47 -12.79
N ASP A 324 -15.64 9.15 -13.92
CA ASP A 324 -15.11 8.58 -15.15
C ASP A 324 -14.02 9.50 -15.69
N LEU A 325 -12.82 8.97 -15.85
CA LEU A 325 -11.67 9.72 -16.37
C LEU A 325 -11.06 8.96 -17.55
N SER A 326 -11.89 8.19 -18.24
CA SER A 326 -11.38 7.35 -19.28
C SER A 326 -10.97 8.15 -20.48
N PHE A 327 -9.98 7.65 -21.21
CA PHE A 327 -9.53 8.21 -22.48
C PHE A 327 -9.12 9.65 -22.34
N ASN A 328 -8.17 9.84 -21.44
CA ASN A 328 -7.47 11.12 -21.30
C ASN A 328 -5.99 11.14 -21.71
N PHE A 329 -5.53 10.14 -22.46
CA PHE A 329 -4.11 10.05 -22.75
C PHE A 329 -3.60 11.20 -23.60
N GLU A 330 -2.33 11.56 -23.41
CA GLU A 330 -1.66 12.56 -24.24
C GLU A 330 -1.34 11.84 -25.54
N LEU A 331 -1.70 12.41 -26.66
CA LEU A 331 -1.45 11.77 -27.94
C LEU A 331 0.05 11.54 -28.11
N GLN A 332 0.39 10.39 -28.67
CA GLN A 332 1.76 10.02 -29.01
C GLN A 332 2.65 9.72 -27.78
N VAL A 333 2.08 9.60 -26.58
CA VAL A 333 2.84 9.36 -25.37
C VAL A 333 2.40 8.03 -24.78
N TYR A 334 3.36 7.22 -24.38
CA TYR A 334 3.09 5.94 -23.70
C TYR A 334 3.76 5.99 -22.32
N ARG A 335 3.04 6.48 -21.32
CA ARG A 335 3.61 6.65 -19.98
C ARG A 335 4.22 5.40 -19.41
N ALA A 336 5.24 5.57 -18.59
CA ALA A 336 5.90 4.43 -17.97
C ALA A 336 4.96 3.77 -16.97
N SER A 337 4.16 4.59 -16.30
CA SER A 337 3.34 4.07 -15.22
C SER A 337 2.15 4.98 -14.86
N MET A 338 1.35 4.53 -13.93
CA MET A 338 0.19 5.27 -13.45
C MET A 338 0.54 6.23 -12.31
N ASN A 339 0.24 7.52 -12.50
CA ASN A 339 0.44 8.63 -11.52
C ASN A 339 -0.98 9.01 -11.02
N LEU A 340 -1.51 8.34 -10.00
CA LEU A 340 -2.77 8.78 -9.37
C LEU A 340 -2.54 9.73 -8.19
N SER A 341 -3.17 10.90 -8.21
CA SER A 341 -3.05 11.84 -7.12
C SER A 341 -3.46 11.27 -5.76
N GLN A 342 -2.77 11.76 -4.71
CA GLN A 342 -3.17 11.52 -3.31
C GLN A 342 -4.66 11.87 -3.22
N ALA A 343 -5.11 12.90 -3.95
CA ALA A 343 -6.50 13.42 -3.80
C ALA A 343 -7.63 12.38 -3.96
N PHE A 344 -7.38 11.30 -4.72
CA PHE A 344 -8.35 10.24 -4.89
C PHE A 344 -8.74 9.60 -3.58
N SER A 345 -7.89 9.74 -2.54
CA SER A 345 -8.24 9.22 -1.22
C SER A 345 -9.38 9.97 -0.49
N SER A 346 -9.67 11.20 -0.92
CA SER A 346 -10.87 12.02 -0.49
C SER A 346 -12.23 11.50 -0.95
N LEU A 347 -12.24 10.64 -1.99
CA LEU A 347 -13.49 10.23 -2.62
C LEU A 347 -14.16 9.16 -1.79
N LYS A 348 -14.65 9.60 -0.63
CA LYS A 348 -15.09 8.72 0.43
C LYS A 348 -16.33 7.94 0.03
N SER A 349 -17.22 8.52 -0.79
CA SER A 349 -18.45 7.80 -1.16
C SER A 349 -18.31 6.93 -2.41
N LEU A 350 -17.14 6.99 -3.07
CA LEU A 350 -16.94 6.42 -4.41
C LEU A 350 -17.20 4.91 -4.53
N LYS A 351 -18.04 4.58 -5.50
CA LYS A 351 -18.40 3.21 -5.84
C LYS A 351 -17.78 2.73 -7.15
N ILE A 352 -17.66 3.62 -8.14
CA ILE A 352 -17.26 3.26 -9.49
C ILE A 352 -16.23 4.27 -9.98
N LEU A 353 -15.04 3.77 -10.29
CA LEU A 353 -13.97 4.53 -10.88
C LEU A 353 -13.53 3.87 -12.19
N ARG A 354 -13.52 4.63 -13.27
CA ARG A 354 -13.16 4.12 -14.59
C ARG A 354 -12.04 4.97 -15.09
N ILE A 355 -10.91 4.36 -15.43
CA ILE A 355 -9.78 5.07 -15.98
C ILE A 355 -9.24 4.25 -17.13
N ARG A 356 -10.10 4.00 -18.10
CA ARG A 356 -9.68 3.37 -19.33
C ARG A 356 -8.81 4.36 -20.08
N GLY A 357 -7.94 3.88 -20.96
CA GLY A 357 -7.34 4.78 -21.94
C GLY A 357 -6.48 5.89 -21.38
N TYR A 358 -5.78 5.60 -20.28
CA TYR A 358 -4.73 6.47 -19.71
C TYR A 358 -3.46 6.15 -20.46
N VAL A 359 -3.26 4.87 -20.73
CA VAL A 359 -2.22 4.36 -21.67
C VAL A 359 -0.84 4.35 -20.98
N PHE A 360 -0.53 3.22 -20.34
CA PHE A 360 0.71 3.10 -19.62
C PHE A 360 1.27 1.70 -19.61
N LYS A 361 2.58 1.58 -19.46
CA LYS A 361 3.29 0.28 -19.61
C LYS A 361 3.20 -0.68 -18.42
N GLU A 362 3.40 -0.16 -17.22
CA GLU A 362 3.49 -0.97 -16.00
C GLU A 362 2.58 -0.45 -14.90
N LEU A 363 1.82 -1.34 -14.29
CA LEU A 363 1.04 -1.07 -13.08
C LEU A 363 1.70 -1.70 -11.85
N LYS A 364 2.28 -0.85 -11.03
CA LYS A 364 2.96 -1.28 -9.83
C LYS A 364 1.96 -1.24 -8.69
N SER A 365 2.10 -2.15 -7.72
CA SER A 365 1.09 -2.30 -6.65
C SER A 365 0.69 -1.02 -5.94
N PHE A 366 1.72 -0.27 -5.55
CA PHE A 366 1.54 0.96 -4.80
C PHE A 366 0.91 2.11 -5.57
N GLN A 367 0.79 2.04 -6.91
CA GLN A 367 0.26 3.18 -7.69
C GLN A 367 -1.24 3.40 -7.55
N LEU A 368 -1.94 2.42 -7.00
CA LEU A 368 -3.33 2.53 -6.69
C LEU A 368 -3.58 2.72 -5.19
N SER A 369 -2.52 3.01 -4.44
CA SER A 369 -2.63 3.07 -2.98
C SER A 369 -3.60 4.16 -2.50
N PRO A 370 -3.69 5.33 -3.24
CA PRO A 370 -4.77 6.27 -2.89
C PRO A 370 -6.20 5.73 -2.78
N LEU A 371 -6.46 4.57 -3.37
CA LEU A 371 -7.79 3.95 -3.35
C LEU A 371 -7.93 2.90 -2.28
N HIS A 372 -6.84 2.56 -1.57
CA HIS A 372 -6.88 1.37 -0.71
C HIS A 372 -7.90 1.49 0.40
N ASN A 373 -8.15 2.72 0.88
CA ASN A 373 -9.06 2.95 2.00
C ASN A 373 -10.41 3.54 1.63
N LEU A 374 -10.76 3.51 0.34
CA LEU A 374 -12.10 3.85 -0.09
C LEU A 374 -13.06 2.69 0.21
N GLN A 375 -13.79 2.82 1.32
CA GLN A 375 -14.56 1.73 1.88
C GLN A 375 -15.70 1.20 1.01
N ASN A 376 -16.24 2.06 0.14
CA ASN A 376 -17.40 1.72 -0.69
C ASN A 376 -17.11 1.39 -2.17
N LEU A 377 -15.83 1.34 -2.54
CA LEU A 377 -15.44 1.11 -3.91
C LEU A 377 -15.85 -0.28 -4.37
N GLU A 378 -16.60 -0.33 -5.45
CA GLU A 378 -17.13 -1.56 -5.98
C GLU A 378 -16.54 -1.93 -7.32
N VAL A 379 -16.27 -0.96 -8.17
CA VAL A 379 -15.78 -1.20 -9.52
C VAL A 379 -14.59 -0.32 -9.80
N LEU A 380 -13.53 -0.97 -10.25
CA LEU A 380 -12.31 -0.31 -10.66
C LEU A 380 -12.03 -0.83 -12.07
N ASP A 381 -12.06 0.09 -13.02
CA ASP A 381 -11.96 -0.24 -14.41
C ASP A 381 -10.71 0.41 -14.99
N LEU A 382 -9.76 -0.44 -15.37
CA LEU A 382 -8.47 -0.05 -15.94
C LEU A 382 -8.22 -0.70 -17.31
N GLY A 383 -9.30 -0.91 -18.05
CA GLY A 383 -9.23 -1.51 -19.36
C GLY A 383 -8.71 -0.60 -20.44
N THR A 384 -8.25 -1.19 -21.53
CA THR A 384 -7.72 -0.44 -22.67
C THR A 384 -6.66 0.57 -22.24
N ASN A 385 -5.64 0.07 -21.53
CA ASN A 385 -4.50 0.84 -21.17
C ASN A 385 -3.17 0.37 -21.73
N PHE A 386 -3.18 -0.66 -22.54
CA PHE A 386 -1.92 -1.27 -23.07
C PHE A 386 -0.89 -1.56 -21.99
N ILE A 387 -1.41 -2.02 -20.84
CA ILE A 387 -0.57 -2.36 -19.72
C ILE A 387 0.18 -3.66 -20.05
N LYS A 388 1.50 -3.66 -19.92
CA LYS A 388 2.31 -4.87 -20.23
C LYS A 388 2.65 -5.68 -18.96
N ILE A 389 2.75 -5.01 -17.81
CA ILE A 389 3.18 -5.64 -16.60
C ILE A 389 2.27 -5.29 -15.46
N ALA A 390 1.84 -6.29 -14.73
CA ALA A 390 1.05 -6.04 -13.54
C ALA A 390 1.08 -7.27 -12.67
N ASN A 391 1.52 -7.09 -11.43
CA ASN A 391 1.52 -8.17 -10.49
C ASN A 391 0.12 -8.21 -9.92
N LEU A 392 -0.62 -9.22 -10.36
CA LEU A 392 -2.04 -9.37 -10.04
C LEU A 392 -2.32 -9.51 -8.56
N SER A 393 -1.31 -9.92 -7.79
CA SER A 393 -1.43 -10.05 -6.34
C SER A 393 -1.73 -8.73 -5.64
N MET A 394 -1.47 -7.61 -6.30
CA MET A 394 -1.84 -6.30 -5.79
C MET A 394 -3.33 -6.18 -5.47
N PHE A 395 -4.18 -6.97 -6.12
CA PHE A 395 -5.63 -6.91 -5.87
C PHE A 395 -6.09 -7.61 -4.61
N LYS A 396 -5.16 -8.18 -3.83
CA LYS A 396 -5.47 -8.57 -2.42
C LYS A 396 -5.91 -7.36 -1.59
N GLN A 397 -5.45 -6.16 -1.98
CA GLN A 397 -5.85 -4.89 -1.36
C GLN A 397 -7.20 -4.40 -1.86
N PHE A 398 -7.93 -5.27 -2.57
CA PHE A 398 -9.21 -4.90 -3.15
C PHE A 398 -10.24 -6.07 -3.07
N LYS A 399 -10.12 -6.93 -2.07
CA LYS A 399 -11.10 -7.99 -1.77
C LYS A 399 -12.54 -7.49 -1.74
N ARG A 400 -12.76 -6.26 -1.28
CA ARG A 400 -14.13 -5.74 -1.09
C ARG A 400 -14.82 -5.39 -2.42
N LEU A 401 -14.06 -5.31 -3.50
CA LEU A 401 -14.61 -4.86 -4.78
C LEU A 401 -15.46 -5.95 -5.40
N LYS A 402 -16.47 -5.53 -6.13
CA LYS A 402 -17.29 -6.42 -6.92
C LYS A 402 -16.62 -6.84 -8.24
N VAL A 403 -15.96 -5.89 -8.91
CA VAL A 403 -15.35 -6.07 -10.22
C VAL A 403 -14.04 -5.31 -10.38
N ILE A 404 -12.98 -6.01 -10.79
CA ILE A 404 -11.72 -5.39 -11.14
C ILE A 404 -11.58 -5.74 -12.58
N ASP A 405 -11.57 -4.71 -13.43
CA ASP A 405 -11.61 -4.88 -14.83
C ASP A 405 -10.29 -4.42 -15.46
N LEU A 406 -9.54 -5.40 -15.98
CA LEU A 406 -8.30 -5.18 -16.74
C LEU A 406 -8.40 -5.68 -18.18
N SER A 407 -9.62 -5.74 -18.66
CA SER A 407 -9.93 -6.08 -20.03
C SER A 407 -9.16 -5.25 -21.06
N VAL A 408 -8.77 -5.88 -22.16
CA VAL A 408 -8.09 -5.20 -23.26
C VAL A 408 -6.81 -4.54 -22.82
N ASN A 409 -5.83 -5.30 -22.41
CA ASN A 409 -4.52 -4.77 -22.14
C ASN A 409 -3.52 -5.68 -22.80
N LYS A 410 -2.23 -5.53 -22.48
CA LYS A 410 -1.17 -6.33 -23.10
C LYS A 410 -0.40 -7.12 -22.06
N ILE A 411 -1.11 -7.60 -21.07
CA ILE A 411 -0.49 -8.23 -19.91
C ILE A 411 0.01 -9.61 -20.31
N SER A 412 1.31 -9.88 -20.10
CA SER A 412 1.92 -11.23 -20.31
C SER A 412 2.72 -11.62 -19.00
N PRO A 413 3.17 -12.91 -18.83
CA PRO A 413 4.27 -13.22 -17.81
C PRO A 413 5.66 -12.79 -18.31
N VAL A 437 -22.01 -4.12 -17.03
CA VAL A 437 -21.10 -4.02 -18.18
C VAL A 437 -21.48 -2.86 -19.11
N LEU A 438 -20.47 -2.26 -19.73
CA LEU A 438 -20.66 -1.23 -20.76
C LEU A 438 -20.74 -1.84 -22.15
N GLU A 439 -21.44 -1.14 -23.04
CA GLU A 439 -21.63 -1.59 -24.41
C GLU A 439 -20.28 -1.50 -25.18
N GLN A 440 -20.17 -2.20 -26.32
CA GLN A 440 -18.88 -2.29 -27.05
C GLN A 440 -18.34 -0.94 -27.57
N LEU A 441 -19.17 -0.26 -28.36
CA LEU A 441 -18.94 1.14 -28.66
C LEU A 441 -19.62 1.90 -27.48
N TYR A 442 -18.84 2.71 -26.78
CA TYR A 442 -19.29 3.41 -25.55
C TYR A 442 -18.58 4.75 -25.40
N TYR A 443 -17.28 4.74 -25.11
CA TYR A 443 -16.53 5.99 -25.07
C TYR A 443 -16.31 6.65 -26.43
N PHE A 444 -16.48 5.90 -27.51
CA PHE A 444 -16.38 6.45 -28.86
C PHE A 444 -17.70 6.58 -29.66
N ARG A 445 -18.85 6.23 -29.09
CA ARG A 445 -20.15 6.61 -29.64
C ARG A 445 -20.29 8.13 -29.88
N TYR A 446 -20.98 8.56 -30.94
CA TYR A 446 -21.37 9.98 -31.12
C TYR A 446 -22.38 10.40 -30.05
N ASP A 447 -23.47 9.64 -29.89
CA ASP A 447 -24.51 9.90 -28.87
C ASP A 447 -24.97 8.53 -28.35
N LYS A 448 -24.34 8.09 -27.29
CA LYS A 448 -24.67 6.81 -26.63
C LYS A 448 -26.04 6.80 -25.95
N TYR A 449 -26.70 7.96 -25.81
CA TYR A 449 -28.03 8.01 -25.21
C TYR A 449 -29.11 8.18 -26.26
N ALA A 450 -28.80 8.09 -27.54
CA ALA A 450 -29.79 8.29 -28.59
C ALA A 450 -30.85 7.23 -28.63
N ARG A 451 -32.05 7.65 -29.04
CA ARG A 451 -33.24 6.84 -29.06
C ARG A 451 -33.26 6.19 -30.41
N SER A 452 -33.61 4.90 -30.48
CA SER A 452 -33.92 4.23 -31.76
C SER A 452 -35.37 4.50 -32.15
N CYS A 453 -35.69 4.35 -33.42
CA CYS A 453 -37.08 4.42 -33.90
C CYS A 453 -37.95 3.35 -33.24
N ARG A 454 -37.39 2.16 -33.03
CA ARG A 454 -38.15 1.07 -32.42
C ARG A 454 -38.67 1.30 -30.99
N PHE A 455 -37.85 1.80 -30.08
CA PHE A 455 -38.19 1.84 -28.62
C PHE A 455 -38.04 3.20 -27.93
N LYS A 456 -38.68 3.34 -26.76
CA LYS A 456 -38.48 4.42 -25.77
C LYS A 456 -38.18 3.68 -24.46
N SER A 468 -22.67 -12.60 -18.48
CA SER A 468 -22.02 -11.97 -17.33
C SER A 468 -22.04 -12.74 -15.97
N CYS A 469 -20.89 -12.77 -15.28
CA CYS A 469 -20.62 -13.62 -14.09
C CYS A 469 -20.49 -12.84 -12.78
N TYR A 470 -20.79 -11.54 -12.82
CA TYR A 470 -20.68 -10.63 -11.67
C TYR A 470 -21.53 -11.06 -10.48
N LYS A 471 -22.72 -11.59 -10.73
CA LYS A 471 -23.55 -12.13 -9.69
C LYS A 471 -22.88 -13.21 -8.83
N TYR A 472 -21.84 -13.86 -9.32
CA TYR A 472 -21.16 -14.91 -8.50
C TYR A 472 -20.32 -14.31 -7.32
N GLY A 473 -20.04 -13.02 -7.36
CA GLY A 473 -19.22 -12.37 -6.35
C GLY A 473 -18.02 -11.67 -6.98
N GLN A 474 -16.92 -11.59 -6.24
CA GLN A 474 -15.77 -10.83 -6.71
C GLN A 474 -15.16 -11.35 -8.02
N THR A 475 -14.93 -10.43 -8.94
CA THR A 475 -14.57 -10.72 -10.31
C THR A 475 -13.34 -10.00 -10.76
N LEU A 476 -12.43 -10.78 -11.32
CA LEU A 476 -11.24 -10.28 -11.96
C LEU A 476 -11.33 -10.56 -13.45
N ASP A 477 -11.45 -9.49 -14.21
CA ASP A 477 -11.55 -9.57 -15.65
C ASP A 477 -10.23 -9.26 -16.32
N LEU A 478 -9.59 -10.33 -16.80
CA LEU A 478 -8.32 -10.28 -17.57
C LEU A 478 -8.53 -10.60 -19.05
N SER A 479 -9.77 -10.49 -19.53
CA SER A 479 -10.05 -10.85 -20.89
C SER A 479 -9.31 -9.94 -21.87
N LYS A 480 -9.09 -10.49 -23.06
CA LYS A 480 -8.32 -9.85 -24.11
C LYS A 480 -7.01 -9.30 -23.61
N ASN A 481 -6.20 -10.14 -23.02
CA ASN A 481 -4.82 -9.77 -22.72
C ASN A 481 -3.87 -10.65 -23.52
N SER A 482 -2.57 -10.66 -23.19
CA SER A 482 -1.55 -11.41 -23.90
C SER A 482 -0.96 -12.49 -22.99
N ILE A 483 -1.79 -13.14 -22.20
CA ILE A 483 -1.35 -14.22 -21.30
C ILE A 483 -1.21 -15.54 -22.08
N PHE A 484 0.01 -16.04 -22.24
CA PHE A 484 0.26 -17.29 -22.99
C PHE A 484 0.48 -18.44 -22.03
N PHE A 485 0.91 -18.16 -20.81
CA PHE A 485 1.22 -19.20 -19.83
C PHE A 485 0.78 -18.73 -18.47
N ILE A 486 0.09 -19.59 -17.74
CA ILE A 486 -0.35 -19.31 -16.38
C ILE A 486 0.22 -20.33 -15.42
N LYS A 487 0.48 -19.90 -14.19
CA LYS A 487 0.91 -20.80 -13.12
C LYS A 487 0.37 -20.34 -11.78
N SER A 488 0.35 -21.26 -10.82
CA SER A 488 -0.26 -20.99 -9.52
C SER A 488 0.13 -19.66 -8.93
N SER A 489 1.41 -19.37 -8.96
CA SER A 489 1.93 -18.20 -8.29
C SER A 489 1.32 -16.89 -8.84
N ASP A 490 0.82 -16.92 -10.08
CA ASP A 490 0.14 -15.74 -10.68
C ASP A 490 -1.11 -15.34 -9.90
N PHE A 491 -1.75 -16.28 -9.24
CA PHE A 491 -2.97 -16.05 -8.50
C PHE A 491 -2.76 -16.15 -6.98
N GLN A 492 -1.50 -16.00 -6.53
CA GLN A 492 -1.17 -16.06 -5.12
C GLN A 492 -1.83 -14.80 -4.54
N HIS A 493 -2.50 -14.98 -3.41
CA HIS A 493 -3.21 -13.90 -2.72
C HIS A 493 -4.58 -13.51 -3.30
N LEU A 494 -5.06 -14.26 -4.30
CA LEU A 494 -6.34 -13.98 -4.90
C LEU A 494 -7.34 -15.10 -4.62
N SER A 495 -7.19 -15.76 -3.47
CA SER A 495 -8.07 -16.88 -3.13
C SER A 495 -9.54 -16.46 -2.91
N PHE A 496 -9.77 -15.18 -2.65
CA PHE A 496 -11.13 -14.64 -2.56
C PHE A 496 -11.98 -14.56 -3.85
N LEU A 497 -11.34 -14.63 -5.02
CA LEU A 497 -12.03 -14.47 -6.32
C LEU A 497 -13.14 -15.49 -6.51
N LYS A 498 -14.25 -15.04 -7.05
CA LYS A 498 -15.36 -15.92 -7.33
C LYS A 498 -15.50 -16.16 -8.85
N CYS A 499 -15.19 -15.13 -9.64
CA CYS A 499 -15.21 -15.18 -11.09
C CYS A 499 -13.89 -14.69 -11.68
N LEU A 500 -13.32 -15.45 -12.61
CA LEU A 500 -12.11 -15.08 -13.33
C LEU A 500 -12.38 -15.16 -14.84
N ASN A 501 -12.18 -14.07 -15.56
CA ASN A 501 -12.38 -14.05 -16.97
C ASN A 501 -11.03 -13.95 -17.67
N LEU A 502 -10.65 -15.06 -18.29
CA LEU A 502 -9.45 -15.18 -19.08
C LEU A 502 -9.77 -15.30 -20.55
N SER A 503 -11.00 -14.99 -20.92
CA SER A 503 -11.40 -15.06 -22.28
C SER A 503 -10.48 -14.30 -23.20
N GLY A 504 -10.13 -14.89 -24.33
CA GLY A 504 -9.45 -14.12 -25.34
C GLY A 504 -8.01 -13.85 -24.97
N ASN A 505 -7.33 -14.80 -24.37
CA ASN A 505 -5.90 -14.65 -24.18
C ASN A 505 -5.23 -15.56 -25.17
N LEU A 506 -4.05 -16.07 -24.86
CA LEU A 506 -3.26 -16.85 -25.81
C LEU A 506 -2.88 -18.20 -25.19
N ILE A 507 -3.76 -18.75 -24.35
CA ILE A 507 -3.30 -19.82 -23.47
C ILE A 507 -3.32 -21.15 -24.24
N SER A 508 -2.15 -21.77 -24.41
CA SER A 508 -1.91 -22.90 -25.34
C SER A 508 -1.33 -24.13 -24.62
N GLN A 509 -1.65 -24.19 -23.36
CA GLN A 509 -0.97 -24.95 -22.35
C GLN A 509 -1.77 -26.22 -22.10
N THR A 510 -1.06 -27.29 -21.74
CA THR A 510 -1.67 -28.51 -21.24
C THR A 510 -1.89 -28.39 -19.74
N LEU A 511 -3.02 -27.82 -19.39
CA LEU A 511 -3.44 -27.71 -17.99
C LEU A 511 -3.52 -29.09 -17.33
N ASN A 512 -2.92 -29.22 -16.16
CA ASN A 512 -2.85 -30.49 -15.44
C ASN A 512 -3.38 -30.47 -14.01
N GLY A 513 -4.03 -29.39 -13.60
CA GLY A 513 -4.59 -29.28 -12.24
C GLY A 513 -3.70 -28.57 -11.23
N SER A 514 -2.70 -27.86 -11.69
CA SER A 514 -1.80 -27.15 -10.81
C SER A 514 -1.76 -25.64 -11.07
N GLU A 515 -2.45 -25.17 -12.11
CA GLU A 515 -2.28 -23.81 -12.59
C GLU A 515 -3.09 -22.80 -11.79
N PHE A 516 -4.21 -23.24 -11.24
CA PHE A 516 -5.14 -22.37 -10.49
C PHE A 516 -5.26 -22.70 -8.98
N GLN A 517 -4.25 -23.33 -8.39
CA GLN A 517 -4.37 -23.92 -7.04
C GLN A 517 -4.88 -22.92 -5.96
N PRO A 518 -4.40 -21.66 -5.97
CA PRO A 518 -4.89 -20.69 -5.00
C PRO A 518 -6.36 -20.26 -5.13
N LEU A 519 -7.03 -20.59 -6.24
CA LEU A 519 -8.38 -20.09 -6.44
C LEU A 519 -9.40 -21.05 -5.85
N ALA A 520 -9.31 -21.21 -4.54
CA ALA A 520 -10.12 -22.18 -3.80
C ALA A 520 -11.62 -21.83 -3.75
N GLU A 521 -11.95 -20.55 -3.91
CA GLU A 521 -13.32 -20.05 -3.79
C GLU A 521 -13.98 -19.78 -5.18
N LEU A 522 -13.27 -20.07 -6.27
CA LEU A 522 -13.74 -19.71 -7.62
C LEU A 522 -14.92 -20.50 -8.06
N ARG A 523 -15.93 -19.79 -8.55
CA ARG A 523 -17.20 -20.38 -8.97
C ARG A 523 -17.42 -20.37 -10.49
N TYR A 524 -16.86 -19.38 -11.16
CA TYR A 524 -17.05 -19.19 -12.59
C TYR A 524 -15.70 -18.94 -13.18
N LEU A 525 -15.35 -19.72 -14.18
CA LEU A 525 -14.16 -19.44 -14.96
C LEU A 525 -14.57 -19.36 -16.43
N ASP A 526 -14.22 -18.24 -17.08
CA ASP A 526 -14.37 -18.10 -18.52
C ASP A 526 -12.99 -18.20 -19.18
N PHE A 527 -12.81 -19.28 -19.91
CA PHE A 527 -11.56 -19.61 -20.56
C PHE A 527 -11.82 -19.69 -22.06
N SER A 528 -12.86 -19.02 -22.54
CA SER A 528 -13.20 -19.04 -23.95
C SER A 528 -12.17 -18.26 -24.77
N ASN A 529 -12.11 -18.52 -26.08
CA ASN A 529 -11.14 -17.87 -27.00
C ASN A 529 -9.69 -17.94 -26.54
N ASN A 530 -9.28 -19.12 -26.04
CA ASN A 530 -7.88 -19.47 -25.83
C ASN A 530 -7.54 -20.63 -26.79
N ARG A 531 -6.54 -21.42 -26.46
CA ARG A 531 -6.24 -22.57 -27.25
C ARG A 531 -5.99 -23.74 -26.33
N LEU A 532 -7.01 -24.09 -25.58
CA LEU A 532 -6.92 -25.14 -24.61
C LEU A 532 -6.41 -26.39 -25.30
N ASP A 533 -5.45 -27.02 -24.63
CA ASP A 533 -4.92 -28.30 -25.03
C ASP A 533 -5.26 -29.32 -23.98
N LEU A 534 -6.37 -30.03 -24.17
CA LEU A 534 -6.87 -30.97 -23.20
C LEU A 534 -6.15 -32.31 -23.24
N LEU A 535 -4.84 -32.31 -23.07
CA LEU A 535 -4.08 -33.57 -23.02
C LEU A 535 -4.40 -34.37 -21.77
N HIS A 536 -4.52 -33.67 -20.64
CA HIS A 536 -4.70 -34.30 -19.34
C HIS A 536 -6.14 -34.24 -18.85
N SER A 537 -6.59 -35.30 -18.21
CA SER A 537 -7.94 -35.31 -17.64
C SER A 537 -7.99 -34.73 -16.24
N THR A 538 -6.85 -34.28 -15.73
CA THR A 538 -6.79 -33.54 -14.49
C THR A 538 -6.98 -32.03 -14.65
N ALA A 539 -7.21 -31.55 -15.88
CA ALA A 539 -7.38 -30.10 -16.13
C ALA A 539 -8.54 -29.57 -15.34
N PHE A 540 -8.28 -28.45 -14.69
CA PHE A 540 -9.24 -27.71 -13.87
C PHE A 540 -9.63 -28.36 -12.54
N GLU A 541 -9.09 -29.54 -12.22
CA GLU A 541 -9.54 -30.29 -11.02
C GLU A 541 -9.33 -29.54 -9.69
N GLU A 542 -8.31 -28.67 -9.68
CA GLU A 542 -7.97 -27.85 -8.51
C GLU A 542 -9.00 -26.74 -8.20
N LEU A 543 -9.85 -26.39 -9.16
CA LEU A 543 -10.90 -25.41 -8.90
C LEU A 543 -12.07 -26.12 -8.25
N ARG A 544 -11.92 -26.42 -6.98
CA ARG A 544 -12.84 -27.34 -6.31
C ARG A 544 -14.24 -26.80 -6.06
N LYS A 545 -14.41 -25.48 -6.06
CA LYS A 545 -15.75 -24.91 -5.94
C LYS A 545 -16.35 -24.45 -7.30
N LEU A 546 -15.76 -24.87 -8.41
CA LEU A 546 -16.17 -24.36 -9.71
C LEU A 546 -17.56 -24.84 -10.07
N GLU A 547 -18.43 -23.88 -10.40
CA GLU A 547 -19.81 -24.17 -10.81
C GLU A 547 -20.07 -24.05 -12.30
N VAL A 548 -19.38 -23.11 -12.95
CA VAL A 548 -19.54 -22.84 -14.36
C VAL A 548 -18.18 -22.70 -15.01
N LEU A 549 -17.98 -23.46 -16.07
CA LEU A 549 -16.75 -23.42 -16.85
C LEU A 549 -17.07 -23.22 -18.31
N ASP A 550 -16.47 -22.18 -18.91
CA ASP A 550 -16.59 -21.92 -20.34
C ASP A 550 -15.28 -22.15 -21.05
N ILE A 551 -15.24 -23.18 -21.89
CA ILE A 551 -14.08 -23.46 -22.73
C ILE A 551 -14.51 -23.48 -24.22
N SER A 552 -15.49 -22.66 -24.54
CA SER A 552 -15.90 -22.37 -25.91
C SER A 552 -14.81 -21.64 -26.72
N SER A 553 -14.85 -21.85 -28.02
CA SER A 553 -13.90 -21.24 -28.95
C SER A 553 -12.44 -21.48 -28.60
N ASN A 554 -12.15 -22.72 -28.21
CA ASN A 554 -10.80 -23.21 -28.08
C ASN A 554 -10.63 -24.28 -29.15
N SER A 555 -10.96 -23.97 -30.41
CA SER A 555 -10.88 -25.01 -31.45
C SER A 555 -9.50 -25.40 -31.94
N HIS A 556 -8.49 -24.59 -31.67
CA HIS A 556 -7.18 -24.75 -32.29
C HIS A 556 -6.60 -26.19 -32.29
N TYR A 557 -6.42 -26.84 -31.13
CA TYR A 557 -5.85 -28.19 -31.13
C TYR A 557 -6.77 -29.29 -31.54
N PHE A 558 -8.06 -29.03 -31.51
CA PHE A 558 -9.04 -29.97 -32.05
C PHE A 558 -9.07 -30.07 -33.58
N GLN A 559 -8.45 -29.11 -34.26
CA GLN A 559 -8.42 -29.09 -35.73
C GLN A 559 -7.24 -29.78 -36.39
N SER A 560 -6.32 -30.35 -35.62
CA SER A 560 -5.16 -31.02 -36.21
C SER A 560 -5.22 -32.48 -35.82
N GLU A 561 -5.08 -33.36 -36.77
CA GLU A 561 -5.18 -34.79 -36.53
C GLU A 561 -4.05 -35.37 -35.68
N GLY A 562 -4.36 -36.49 -35.04
CA GLY A 562 -3.41 -37.25 -34.24
C GLY A 562 -3.12 -36.73 -32.84
N ILE A 563 -3.89 -35.74 -32.38
CA ILE A 563 -3.67 -35.12 -31.06
C ILE A 563 -4.61 -35.72 -30.02
N THR A 564 -4.03 -36.16 -28.90
CA THR A 564 -4.78 -36.80 -27.82
C THR A 564 -5.52 -35.71 -27.06
N HIS A 565 -6.82 -35.93 -26.88
CA HIS A 565 -7.74 -35.00 -26.22
C HIS A 565 -8.54 -35.82 -25.21
N MET A 566 -8.66 -35.31 -23.98
CA MET A 566 -9.36 -36.03 -22.93
C MET A 566 -10.62 -35.28 -22.53
N LEU A 567 -11.76 -35.64 -23.14
CA LEU A 567 -13.03 -35.02 -22.78
C LEU A 567 -13.54 -35.49 -21.42
N ASN A 568 -12.87 -36.48 -20.81
CA ASN A 568 -13.33 -37.08 -19.55
C ASN A 568 -12.86 -36.29 -18.30
N PHE A 569 -12.28 -35.11 -18.48
CA PHE A 569 -11.88 -34.21 -17.36
C PHE A 569 -13.00 -33.74 -16.44
N THR A 570 -14.25 -33.92 -16.87
CA THR A 570 -15.43 -33.47 -16.10
C THR A 570 -15.64 -34.21 -14.79
N LYS A 571 -15.20 -35.48 -14.73
CA LYS A 571 -15.34 -36.33 -13.54
C LYS A 571 -14.89 -35.69 -12.21
N ASN A 572 -13.74 -35.03 -12.27
CA ASN A 572 -13.11 -34.41 -11.10
C ASN A 572 -13.78 -33.16 -10.51
N LEU A 573 -14.61 -32.48 -11.28
CA LEU A 573 -15.21 -31.22 -10.86
C LEU A 573 -16.54 -31.49 -10.15
N LYS A 574 -16.48 -31.54 -8.82
CA LYS A 574 -17.54 -32.15 -8.02
C LYS A 574 -18.76 -31.27 -7.79
N VAL A 575 -18.66 -29.96 -8.03
CA VAL A 575 -19.85 -29.08 -7.92
C VAL A 575 -20.18 -28.34 -9.22
N LEU A 576 -19.66 -28.83 -10.34
CA LEU A 576 -19.86 -28.19 -11.63
C LEU A 576 -21.29 -28.34 -12.08
N GLN A 577 -21.94 -27.23 -12.41
CA GLN A 577 -23.33 -27.23 -12.87
C GLN A 577 -23.47 -27.06 -14.37
N LYS A 578 -22.65 -26.18 -14.93
CA LYS A 578 -22.80 -25.81 -16.31
C LYS A 578 -21.45 -25.87 -16.99
N LEU A 579 -21.41 -26.53 -18.15
CA LEU A 579 -20.19 -26.59 -18.92
C LEU A 579 -20.50 -26.13 -20.31
N MET A 580 -19.78 -25.12 -20.79
CA MET A 580 -19.96 -24.66 -22.18
C MET A 580 -18.73 -25.04 -22.97
N MET A 581 -18.93 -25.82 -24.04
CA MET A 581 -17.85 -26.14 -24.94
C MET A 581 -18.25 -26.02 -26.40
N ASN A 582 -18.76 -24.84 -26.73
CA ASN A 582 -19.19 -24.51 -28.05
C ASN A 582 -18.07 -24.12 -29.04
N ASP A 583 -18.29 -24.40 -30.32
CA ASP A 583 -17.45 -23.89 -31.40
C ASP A 583 -15.98 -24.31 -31.25
N ASN A 584 -15.80 -25.53 -30.79
CA ASN A 584 -14.50 -26.17 -30.61
C ASN A 584 -14.13 -27.12 -31.73
N ASP A 585 -15.05 -27.37 -32.67
CA ASP A 585 -14.79 -28.21 -33.82
C ASP A 585 -14.39 -29.61 -33.41
N ILE A 586 -14.90 -30.09 -32.28
CA ILE A 586 -14.47 -31.37 -31.75
C ILE A 586 -14.90 -32.51 -32.68
N SER A 587 -13.93 -33.28 -33.16
CA SER A 587 -14.23 -34.45 -34.01
C SER A 587 -13.52 -35.73 -33.60
N SER A 588 -12.95 -35.73 -32.40
CA SER A 588 -12.18 -36.87 -31.92
C SER A 588 -11.96 -36.73 -30.44
N SER A 589 -11.96 -37.84 -29.75
CA SER A 589 -11.65 -37.85 -28.32
C SER A 589 -10.98 -39.17 -27.96
N THR A 590 -9.96 -39.12 -27.13
CA THR A 590 -9.26 -40.33 -26.73
C THR A 590 -10.13 -41.08 -25.72
N SER A 591 -10.86 -40.36 -24.88
CA SER A 591 -11.88 -40.95 -24.01
C SER A 591 -13.24 -40.94 -24.66
N ARG A 592 -14.05 -41.93 -24.30
CA ARG A 592 -15.33 -42.23 -24.95
C ARG A 592 -16.54 -41.84 -24.12
N THR A 593 -16.29 -41.39 -22.92
CA THR A 593 -17.34 -41.03 -22.01
C THR A 593 -16.99 -39.74 -21.26
N MET A 594 -17.98 -38.88 -21.07
CA MET A 594 -17.90 -37.76 -20.17
C MET A 594 -18.75 -38.19 -18.99
N GLU A 595 -18.25 -37.85 -17.81
CA GLU A 595 -18.78 -38.30 -16.54
C GLU A 595 -18.88 -37.14 -15.56
N SER A 596 -20.03 -37.05 -14.92
CA SER A 596 -20.24 -36.07 -13.84
C SER A 596 -21.40 -36.54 -12.98
N GLU A 597 -21.20 -36.45 -11.67
CA GLU A 597 -22.30 -36.63 -10.71
C GLU A 597 -23.14 -35.31 -10.57
N SER A 598 -22.64 -34.16 -11.02
CA SER A 598 -23.25 -32.83 -10.74
C SER A 598 -23.75 -32.02 -11.93
N LEU A 599 -23.16 -32.22 -13.12
CA LEU A 599 -23.43 -31.33 -14.25
C LEU A 599 -24.89 -31.37 -14.66
N ARG A 600 -25.52 -30.19 -14.78
CA ARG A 600 -26.93 -30.04 -15.24
C ARG A 600 -27.05 -29.53 -16.67
N THR A 601 -26.11 -28.70 -17.12
CA THR A 601 -26.18 -28.13 -18.46
C THR A 601 -24.87 -28.33 -19.21
N LEU A 602 -24.99 -28.81 -20.45
CA LEU A 602 -23.87 -28.96 -21.34
C LEU A 602 -24.18 -28.33 -22.69
N GLU A 603 -23.47 -27.26 -23.03
CA GLU A 603 -23.57 -26.68 -24.34
C GLU A 603 -22.41 -27.27 -25.17
N PHE A 604 -22.76 -27.89 -26.30
CA PHE A 604 -21.83 -28.61 -27.16
C PHE A 604 -22.10 -28.25 -28.62
N ARG A 605 -22.46 -26.98 -28.89
CA ARG A 605 -22.87 -26.61 -30.24
C ARG A 605 -21.63 -26.28 -31.04
N GLY A 606 -21.71 -26.45 -32.35
CA GLY A 606 -20.55 -26.13 -33.18
C GLY A 606 -19.38 -27.07 -33.01
N ASN A 607 -19.67 -28.34 -32.83
CA ASN A 607 -18.67 -29.40 -32.85
C ASN A 607 -18.99 -30.39 -33.97
N HIS A 608 -18.34 -31.55 -33.99
CA HIS A 608 -18.54 -32.52 -35.06
C HIS A 608 -18.94 -33.87 -34.52
N LEU A 609 -20.09 -33.90 -33.87
CA LEU A 609 -20.68 -35.13 -33.41
C LEU A 609 -20.99 -36.01 -34.61
N ASP A 610 -21.17 -35.41 -35.79
CA ASP A 610 -21.41 -36.22 -36.99
C ASP A 610 -20.28 -37.18 -37.31
N VAL A 611 -19.05 -36.77 -37.02
CA VAL A 611 -17.86 -37.59 -37.19
C VAL A 611 -17.72 -38.61 -36.06
N LEU A 612 -17.98 -38.23 -34.82
CA LEU A 612 -17.91 -39.16 -33.66
C LEU A 612 -18.99 -40.22 -33.67
N TRP A 613 -20.13 -39.86 -34.24
CA TRP A 613 -21.25 -40.76 -34.44
C TRP A 613 -21.43 -41.13 -35.94
N ARG A 614 -20.33 -41.26 -36.68
CA ARG A 614 -20.33 -41.81 -38.07
C ARG A 614 -21.09 -43.16 -38.07
N ASP A 615 -21.95 -43.41 -39.04
CA ASP A 615 -22.77 -44.63 -39.01
C ASP A 615 -21.86 -45.85 -39.02
N GLY A 616 -22.13 -46.80 -38.13
CA GLY A 616 -21.30 -47.99 -37.95
C GLY A 616 -20.26 -47.91 -36.86
N ASP A 617 -20.03 -46.73 -36.30
CA ASP A 617 -19.07 -46.54 -35.21
C ASP A 617 -19.84 -46.35 -33.93
N ASN A 618 -19.83 -47.37 -33.08
CA ASN A 618 -20.55 -47.37 -31.78
C ASN A 618 -19.83 -46.68 -30.63
N ARG A 619 -18.58 -46.33 -30.82
CA ARG A 619 -17.70 -46.10 -29.69
C ARG A 619 -18.11 -44.89 -28.88
N TYR A 620 -18.78 -43.91 -29.50
CA TYR A 620 -19.10 -42.65 -28.82
C TYR A 620 -20.59 -42.46 -28.58
N LEU A 621 -21.37 -43.53 -28.73
CA LEU A 621 -22.83 -43.44 -28.52
C LEU A 621 -23.26 -43.23 -27.08
N GLN A 622 -22.34 -43.46 -26.15
CA GLN A 622 -22.56 -43.27 -24.72
C GLN A 622 -21.72 -42.08 -24.22
N LEU A 623 -21.36 -41.15 -25.12
CA LEU A 623 -20.53 -39.99 -24.76
C LEU A 623 -21.11 -39.19 -23.59
N PHE A 624 -22.41 -38.95 -23.62
CA PHE A 624 -23.09 -38.16 -22.59
C PHE A 624 -23.81 -38.96 -21.48
N LYS A 625 -23.80 -40.32 -21.56
CA LYS A 625 -24.62 -41.20 -20.66
C LYS A 625 -24.32 -41.09 -19.18
N ASN A 626 -23.06 -40.85 -18.82
CA ASN A 626 -22.67 -40.78 -17.42
C ASN A 626 -22.61 -39.34 -16.86
N LEU A 627 -23.28 -38.40 -17.54
CA LEU A 627 -23.60 -37.10 -16.98
C LEU A 627 -24.96 -37.24 -16.31
N LEU A 628 -24.95 -37.80 -15.10
CA LEU A 628 -26.16 -38.39 -14.48
C LEU A 628 -27.24 -37.37 -14.21
N LYS A 629 -26.87 -36.17 -13.79
CA LYS A 629 -27.82 -35.08 -13.50
C LYS A 629 -28.10 -34.15 -14.68
N LEU A 630 -27.64 -34.49 -15.87
CA LEU A 630 -27.78 -33.61 -17.01
C LEU A 630 -29.23 -33.46 -17.35
N GLU A 631 -29.69 -32.21 -17.40
CA GLU A 631 -31.06 -31.84 -17.79
C GLU A 631 -31.19 -31.07 -19.08
N GLU A 632 -30.15 -30.33 -19.50
CA GLU A 632 -30.15 -29.51 -20.74
C GLU A 632 -28.94 -29.89 -21.58
N LEU A 633 -29.18 -30.22 -22.85
CA LEU A 633 -28.08 -30.52 -23.78
C LEU A 633 -28.28 -29.82 -25.09
N ASP A 634 -27.30 -29.00 -25.50
CA ASP A 634 -27.34 -28.31 -26.79
C ASP A 634 -26.32 -28.96 -27.73
N ILE A 635 -26.84 -29.77 -28.66
CA ILE A 635 -26.02 -30.32 -29.71
C ILE A 635 -26.50 -29.83 -31.06
N SER A 636 -26.89 -28.56 -31.10
CA SER A 636 -27.17 -27.85 -32.36
C SER A 636 -25.87 -27.58 -33.15
N LYS A 637 -25.97 -27.33 -34.45
CA LYS A 637 -24.80 -26.94 -35.26
C LYS A 637 -23.67 -27.98 -35.16
N ASN A 638 -24.02 -29.25 -35.26
CA ASN A 638 -23.08 -30.35 -35.22
C ASN A 638 -23.08 -31.16 -36.50
N SER A 639 -23.76 -30.67 -37.53
CA SER A 639 -23.67 -31.22 -38.87
C SER A 639 -24.23 -32.64 -39.03
N LEU A 640 -25.28 -32.89 -38.25
CA LEU A 640 -25.99 -34.16 -38.15
C LEU A 640 -27.14 -34.23 -39.16
N SER A 641 -26.87 -34.76 -40.34
CA SER A 641 -27.89 -35.14 -41.35
C SER A 641 -28.84 -36.16 -40.84
N PHE A 642 -28.32 -37.05 -39.99
CA PHE A 642 -29.10 -38.10 -39.38
C PHE A 642 -28.54 -38.41 -37.98
N LEU A 643 -29.34 -39.06 -37.17
CA LEU A 643 -28.91 -39.57 -35.88
C LEU A 643 -28.85 -41.09 -35.99
N PRO A 644 -27.65 -41.69 -35.86
CA PRO A 644 -27.66 -43.15 -35.90
C PRO A 644 -28.40 -43.69 -34.70
N SER A 645 -28.84 -44.95 -34.76
CA SER A 645 -29.52 -45.51 -33.60
C SER A 645 -28.46 -45.83 -32.55
N GLY A 646 -28.90 -45.72 -31.30
CA GLY A 646 -28.04 -45.74 -30.15
C GLY A 646 -27.98 -44.38 -29.46
N VAL A 647 -28.21 -43.30 -30.21
CA VAL A 647 -27.92 -41.95 -29.71
C VAL A 647 -28.84 -41.62 -28.54
N PHE A 648 -30.13 -41.85 -28.72
CA PHE A 648 -31.12 -41.54 -27.68
C PHE A 648 -31.05 -42.51 -26.51
N ASP A 649 -30.81 -43.78 -26.82
CA ASP A 649 -30.59 -44.76 -25.75
C ASP A 649 -29.38 -44.37 -24.88
N GLY A 650 -28.38 -43.79 -25.53
CA GLY A 650 -27.18 -43.30 -24.87
C GLY A 650 -27.25 -41.94 -24.18
N MET A 651 -28.39 -41.26 -24.27
CA MET A 651 -28.59 -40.03 -23.51
C MET A 651 -28.74 -40.30 -22.02
N PRO A 652 -28.34 -39.36 -21.18
CA PRO A 652 -28.48 -39.63 -19.77
C PRO A 652 -29.95 -39.49 -19.35
N PRO A 653 -30.33 -40.20 -18.27
CA PRO A 653 -31.73 -40.45 -17.92
C PRO A 653 -32.60 -39.25 -17.57
N ASN A 654 -32.01 -38.17 -17.06
CA ASN A 654 -32.77 -36.96 -16.67
C ASN A 654 -32.83 -35.84 -17.72
N LEU A 655 -32.46 -36.15 -18.96
CA LEU A 655 -32.44 -35.13 -20.00
C LEU A 655 -33.86 -34.57 -20.22
N LYS A 656 -34.00 -33.24 -20.09
CA LYS A 656 -35.25 -32.51 -20.28
C LYS A 656 -35.28 -31.62 -21.53
N ASN A 657 -34.23 -30.84 -21.74
CA ASN A 657 -34.13 -29.83 -22.78
C ASN A 657 -33.07 -30.33 -23.75
N LEU A 658 -33.48 -30.69 -24.96
CA LEU A 658 -32.55 -31.11 -26.02
C LEU A 658 -32.66 -30.20 -27.25
N SER A 659 -31.57 -29.54 -27.66
CA SER A 659 -31.53 -28.82 -28.92
C SER A 659 -30.76 -29.61 -29.99
N LEU A 660 -31.44 -29.84 -31.12
CA LEU A 660 -30.86 -30.41 -32.30
C LEU A 660 -30.98 -29.45 -33.46
N ALA A 661 -31.00 -28.15 -33.16
CA ALA A 661 -31.29 -27.11 -34.17
C ALA A 661 -30.14 -26.97 -35.16
N LYS A 662 -30.42 -26.54 -36.38
CA LYS A 662 -29.33 -26.13 -37.30
C LYS A 662 -28.30 -27.21 -37.55
N ASN A 663 -28.79 -28.42 -37.80
CA ASN A 663 -27.97 -29.60 -38.05
C ASN A 663 -28.05 -30.13 -39.46
N GLY A 664 -28.92 -29.56 -40.26
CA GLY A 664 -29.25 -30.12 -41.58
C GLY A 664 -29.92 -31.49 -41.50
N LEU A 665 -30.54 -31.84 -40.37
CA LEU A 665 -31.26 -33.11 -40.26
C LEU A 665 -32.31 -33.29 -41.37
N LYS A 666 -32.27 -34.45 -42.03
CA LYS A 666 -33.19 -34.80 -43.12
C LYS A 666 -34.15 -35.94 -42.81
N SER A 667 -33.99 -36.56 -41.65
CA SER A 667 -34.86 -37.62 -41.21
C SER A 667 -34.69 -37.77 -39.73
N PHE A 668 -35.69 -38.34 -39.10
CA PHE A 668 -35.74 -38.36 -37.66
C PHE A 668 -36.74 -39.42 -37.28
N ILE A 669 -36.27 -40.52 -36.71
CA ILE A 669 -37.15 -41.59 -36.24
C ILE A 669 -37.75 -41.15 -34.90
N TRP A 670 -38.94 -40.57 -35.01
CA TRP A 670 -39.68 -40.05 -33.87
C TRP A 670 -39.96 -41.09 -32.76
N GLU A 671 -40.14 -42.34 -33.17
CA GLU A 671 -40.34 -43.47 -32.25
C GLU A 671 -39.22 -43.60 -31.22
N LYS A 672 -38.00 -43.23 -31.62
CA LYS A 672 -36.84 -43.31 -30.71
C LYS A 672 -36.93 -42.34 -29.52
N LEU A 673 -37.78 -41.32 -29.62
CA LEU A 673 -38.05 -40.46 -28.47
C LEU A 673 -38.54 -41.18 -27.20
N ARG A 674 -39.08 -42.39 -27.36
CA ARG A 674 -39.44 -43.26 -26.23
C ARG A 674 -38.29 -43.46 -25.26
N TYR A 675 -37.04 -43.41 -25.74
CA TYR A 675 -35.87 -43.54 -24.83
C TYR A 675 -35.65 -42.35 -23.88
N LEU A 676 -36.11 -41.16 -24.27
CA LEU A 676 -35.93 -39.94 -23.47
C LEU A 676 -37.15 -39.71 -22.57
N LYS A 677 -37.19 -40.50 -21.51
CA LYS A 677 -38.36 -40.59 -20.65
C LYS A 677 -38.68 -39.33 -19.87
N ASN A 678 -37.72 -38.42 -19.72
CA ASN A 678 -38.00 -37.12 -19.08
C ASN A 678 -37.99 -35.87 -20.00
N LEU A 679 -37.95 -36.09 -21.30
CA LEU A 679 -37.85 -34.99 -22.24
C LEU A 679 -39.08 -34.10 -22.16
N GLU A 680 -38.84 -32.79 -22.08
CA GLU A 680 -39.90 -31.78 -22.05
C GLU A 680 -39.82 -30.80 -23.22
N THR A 681 -38.61 -30.41 -23.60
CA THR A 681 -38.38 -29.49 -24.72
C THR A 681 -37.50 -30.18 -25.76
N LEU A 682 -37.97 -30.17 -27.01
CA LEU A 682 -37.20 -30.69 -28.12
C LEU A 682 -37.13 -29.59 -29.16
N ASP A 683 -35.92 -29.05 -29.39
CA ASP A 683 -35.75 -28.01 -30.37
C ASP A 683 -35.19 -28.66 -31.59
N LEU A 684 -36.01 -28.75 -32.62
CA LEU A 684 -35.58 -29.23 -33.94
C LEU A 684 -35.62 -28.16 -35.02
N SER A 685 -35.58 -26.90 -34.62
CA SER A 685 -35.68 -25.82 -35.59
C SER A 685 -34.53 -25.80 -36.61
N HIS A 686 -34.79 -25.28 -37.81
CA HIS A 686 -33.75 -24.99 -38.81
C HIS A 686 -33.08 -26.25 -39.29
N ASN A 687 -33.89 -27.19 -39.71
CA ASN A 687 -33.43 -28.45 -40.23
C ASN A 687 -34.21 -28.71 -41.52
N GLN A 688 -34.18 -29.94 -42.02
CA GLN A 688 -34.86 -30.32 -43.24
C GLN A 688 -35.84 -31.41 -43.01
N LEU A 689 -36.47 -31.44 -41.84
CA LEU A 689 -37.45 -32.49 -41.58
C LEU A 689 -38.64 -32.26 -42.46
N THR A 690 -39.13 -33.33 -43.07
CA THR A 690 -40.28 -33.32 -43.96
C THR A 690 -41.51 -33.94 -43.32
N THR A 691 -41.42 -34.50 -42.11
CA THR A 691 -42.56 -35.18 -41.53
C THR A 691 -42.65 -34.95 -40.05
N VAL A 692 -43.85 -35.13 -39.51
CA VAL A 692 -44.06 -35.16 -38.08
C VAL A 692 -44.40 -36.62 -37.72
N PRO A 693 -44.35 -36.98 -36.44
CA PRO A 693 -44.66 -38.34 -36.07
C PRO A 693 -46.12 -38.64 -36.33
N GLU A 694 -46.42 -39.88 -36.72
CA GLU A 694 -47.81 -40.36 -36.89
C GLU A 694 -48.65 -40.12 -35.63
N ARG A 695 -48.04 -40.32 -34.47
CA ARG A 695 -48.70 -40.18 -33.20
C ARG A 695 -47.68 -39.68 -32.20
N LEU A 696 -47.74 -38.39 -31.89
CA LEU A 696 -46.83 -37.80 -30.93
C LEU A 696 -46.95 -38.40 -29.51
N SER A 697 -48.13 -38.90 -29.16
CA SER A 697 -48.34 -39.44 -27.80
C SER A 697 -47.69 -40.81 -27.64
N ASN A 698 -47.59 -41.56 -28.75
CA ASN A 698 -46.91 -42.88 -28.83
C ASN A 698 -45.35 -42.74 -28.91
N CYS A 699 -44.86 -41.50 -29.02
CA CYS A 699 -43.43 -41.16 -29.11
C CYS A 699 -42.89 -40.53 -27.84
N SER A 700 -43.65 -39.64 -27.24
CA SER A 700 -43.21 -38.99 -26.02
C SER A 700 -44.41 -38.51 -25.20
N ARG A 701 -44.72 -39.24 -24.12
CA ARG A 701 -45.74 -38.82 -23.14
C ARG A 701 -45.36 -37.55 -22.39
N SER A 702 -44.07 -37.35 -22.15
CA SER A 702 -43.57 -36.22 -21.34
C SER A 702 -43.44 -34.87 -22.05
N LEU A 703 -43.47 -34.86 -23.40
CA LEU A 703 -43.10 -33.69 -24.19
C LEU A 703 -44.07 -32.51 -24.07
N LYS A 704 -43.53 -31.37 -23.63
CA LYS A 704 -44.28 -30.12 -23.44
C LYS A 704 -44.07 -29.11 -24.58
N ASN A 705 -42.82 -28.91 -25.02
CA ASN A 705 -42.51 -27.92 -26.06
C ASN A 705 -41.84 -28.52 -27.24
N LEU A 706 -42.46 -28.43 -28.40
CA LEU A 706 -41.91 -29.04 -29.58
C LEU A 706 -41.74 -27.90 -30.57
N ILE A 707 -40.50 -27.71 -31.04
CA ILE A 707 -40.13 -26.60 -31.89
C ILE A 707 -39.66 -27.11 -33.22
N LEU A 708 -40.45 -26.93 -34.26
CA LEU A 708 -40.15 -27.46 -35.59
C LEU A 708 -40.01 -26.38 -36.62
N LYS A 709 -39.83 -25.13 -36.17
CA LYS A 709 -39.80 -24.02 -37.12
C LYS A 709 -38.67 -24.15 -38.09
N ASN A 710 -38.88 -23.69 -39.31
CA ASN A 710 -37.86 -23.68 -40.34
C ASN A 710 -37.41 -25.06 -40.78
N ASN A 711 -38.42 -25.84 -41.14
CA ASN A 711 -38.20 -27.15 -41.65
C ASN A 711 -38.90 -27.25 -42.99
N GLN A 712 -39.06 -28.46 -43.54
CA GLN A 712 -39.65 -28.65 -44.87
C GLN A 712 -40.94 -29.48 -44.80
N ILE A 713 -41.67 -29.34 -43.69
CA ILE A 713 -42.85 -30.12 -43.47
C ILE A 713 -43.95 -29.60 -44.43
N ARG A 714 -44.52 -30.49 -45.25
CA ARG A 714 -45.56 -30.15 -46.26
C ARG A 714 -46.97 -30.50 -45.84
N SER A 715 -47.10 -31.44 -44.92
CA SER A 715 -48.40 -31.86 -44.41
C SER A 715 -48.19 -32.49 -43.06
N LEU A 716 -49.20 -32.41 -42.22
CA LEU A 716 -49.17 -33.15 -40.97
C LEU A 716 -49.64 -34.58 -41.22
N THR A 717 -49.49 -35.41 -40.20
CA THR A 717 -50.01 -36.77 -40.24
C THR A 717 -51.44 -36.75 -39.72
N LYS A 718 -52.22 -37.73 -40.17
CA LYS A 718 -53.65 -37.75 -39.91
C LYS A 718 -54.02 -37.59 -38.42
N TYR A 719 -53.35 -38.28 -37.51
CA TYR A 719 -53.70 -38.20 -36.09
C TYR A 719 -52.60 -37.56 -35.22
N PHE A 720 -51.64 -36.87 -35.88
CA PHE A 720 -50.48 -36.18 -35.24
C PHE A 720 -50.58 -35.91 -33.72
N LEU A 721 -51.38 -34.93 -33.32
CA LEU A 721 -51.45 -34.56 -31.89
C LEU A 721 -52.44 -35.36 -31.01
N GLN A 722 -53.04 -36.42 -31.55
CA GLN A 722 -54.09 -37.13 -30.83
C GLN A 722 -53.61 -37.60 -29.48
N ASP A 723 -54.38 -37.26 -28.45
CA ASP A 723 -54.13 -37.68 -27.07
C ASP A 723 -52.81 -37.16 -26.47
N ALA A 724 -52.28 -36.07 -27.04
CA ALA A 724 -51.01 -35.51 -26.58
C ALA A 724 -51.26 -34.48 -25.50
N PHE A 725 -51.80 -34.91 -24.36
CA PHE A 725 -52.36 -33.99 -23.36
C PHE A 725 -51.29 -33.16 -22.65
N GLN A 726 -50.04 -33.62 -22.69
CA GLN A 726 -48.95 -32.95 -21.99
C GLN A 726 -48.37 -31.73 -22.75
N LEU A 727 -48.65 -31.66 -24.04
CA LEU A 727 -48.18 -30.61 -24.93
C LEU A 727 -48.75 -29.25 -24.60
N ARG A 728 -47.88 -28.25 -24.64
CA ARG A 728 -48.20 -26.87 -24.29
C ARG A 728 -47.78 -25.84 -25.32
N TYR A 729 -46.73 -26.14 -26.08
CA TYR A 729 -46.11 -25.17 -26.98
C TYR A 729 -45.75 -25.93 -28.25
N LEU A 730 -46.08 -25.38 -29.41
CA LEU A 730 -45.82 -26.08 -30.67
C LEU A 730 -45.57 -25.07 -31.77
N ASP A 731 -44.36 -25.08 -32.31
CA ASP A 731 -43.94 -24.13 -33.33
C ASP A 731 -43.86 -24.88 -34.64
N LEU A 732 -44.76 -24.59 -35.55
CA LEU A 732 -44.73 -25.14 -36.91
C LEU A 732 -44.47 -24.04 -37.93
N SER A 733 -44.01 -22.88 -37.46
CA SER A 733 -43.83 -21.73 -38.34
C SER A 733 -42.73 -22.00 -39.37
N SER A 734 -42.80 -21.32 -40.51
CA SER A 734 -41.77 -21.39 -41.54
C SER A 734 -41.55 -22.77 -42.13
N ASN A 735 -42.65 -23.50 -42.29
CA ASN A 735 -42.62 -24.78 -42.97
C ASN A 735 -43.27 -24.62 -44.35
N LYS A 736 -43.78 -25.69 -44.94
CA LYS A 736 -44.40 -25.61 -46.26
C LYS A 736 -45.80 -26.22 -46.21
N ILE A 737 -46.45 -26.07 -45.04
CA ILE A 737 -47.71 -26.76 -44.75
C ILE A 737 -48.83 -26.15 -45.60
N GLN A 738 -49.63 -27.00 -46.25
CA GLN A 738 -50.76 -26.56 -47.10
C GLN A 738 -52.11 -26.61 -46.41
N MET A 739 -52.34 -27.67 -45.63
CA MET A 739 -53.63 -27.99 -45.04
C MET A 739 -53.43 -28.56 -43.67
N ILE A 740 -54.31 -28.21 -42.75
CA ILE A 740 -54.38 -28.86 -41.46
C ILE A 740 -55.83 -29.30 -41.30
N GLN A 741 -56.06 -30.59 -41.04
CA GLN A 741 -57.39 -31.12 -40.74
C GLN A 741 -57.61 -31.35 -39.25
N LYS A 742 -58.89 -31.39 -38.86
CA LYS A 742 -59.28 -31.54 -37.45
C LYS A 742 -58.69 -32.79 -36.70
N THR A 743 -58.49 -33.88 -37.44
CA THR A 743 -57.98 -35.12 -36.86
C THR A 743 -56.54 -35.01 -36.35
N SER A 744 -55.75 -34.24 -37.10
CA SER A 744 -54.40 -33.84 -36.71
C SER A 744 -54.39 -32.91 -35.50
N PHE A 745 -55.42 -32.09 -35.36
CA PHE A 745 -55.43 -30.98 -34.39
C PHE A 745 -56.66 -31.05 -33.46
N PRO A 746 -56.78 -32.10 -32.66
CA PRO A 746 -57.94 -32.18 -31.80
C PRO A 746 -58.03 -31.03 -30.78
N GLU A 747 -59.26 -30.60 -30.51
CA GLU A 747 -59.53 -29.46 -29.65
C GLU A 747 -59.10 -29.71 -28.21
N ASN A 748 -59.30 -30.92 -27.71
CA ASN A 748 -58.89 -31.28 -26.32
C ASN A 748 -57.40 -31.09 -26.00
N VAL A 749 -56.57 -31.10 -27.05
CA VAL A 749 -55.14 -30.76 -26.98
C VAL A 749 -54.92 -29.25 -27.19
N LEU A 750 -55.41 -28.74 -28.31
CA LEU A 750 -55.23 -27.33 -28.69
C LEU A 750 -55.61 -26.37 -27.58
N ASN A 751 -56.70 -26.64 -26.88
CA ASN A 751 -57.17 -25.68 -25.87
C ASN A 751 -56.31 -25.72 -24.61
N ASN A 752 -55.49 -26.74 -24.45
CA ASN A 752 -54.35 -26.73 -23.50
C ASN A 752 -53.11 -25.86 -23.90
N LEU A 753 -52.95 -25.57 -25.20
CA LEU A 753 -51.74 -24.92 -25.70
C LEU A 753 -51.58 -23.47 -25.27
N LYS A 754 -50.47 -23.20 -24.58
CA LYS A 754 -50.07 -21.86 -24.25
C LYS A 754 -49.78 -21.07 -25.50
N MET A 755 -49.26 -21.73 -26.53
CA MET A 755 -48.95 -21.06 -27.79
C MET A 755 -48.84 -22.03 -28.96
N LEU A 756 -49.27 -21.60 -30.14
CA LEU A 756 -49.20 -22.43 -31.35
C LEU A 756 -48.81 -21.55 -32.52
N LEU A 757 -47.67 -21.81 -33.16
CA LEU A 757 -47.14 -20.90 -34.16
C LEU A 757 -47.30 -21.52 -35.55
N LEU A 758 -47.87 -20.77 -36.49
CA LEU A 758 -48.27 -21.31 -37.82
C LEU A 758 -47.91 -20.42 -38.98
N HIS A 759 -47.23 -19.31 -38.72
CA HIS A 759 -46.94 -18.31 -39.74
C HIS A 759 -45.93 -18.78 -40.77
N HIS A 760 -45.89 -18.10 -41.91
CA HIS A 760 -44.99 -18.40 -43.06
C HIS A 760 -45.05 -19.85 -43.52
N ASN A 761 -46.25 -20.34 -43.70
CA ASN A 761 -46.51 -21.67 -44.30
C ASN A 761 -47.07 -21.50 -45.74
N ARG A 762 -47.62 -22.53 -46.37
CA ARG A 762 -48.04 -22.44 -47.78
C ARG A 762 -49.53 -22.78 -47.92
N PHE A 763 -50.35 -22.14 -47.09
CA PHE A 763 -51.72 -22.57 -46.86
C PHE A 763 -52.58 -22.51 -48.13
N LEU A 764 -53.28 -23.60 -48.42
CA LEU A 764 -54.20 -23.64 -49.54
C LEU A 764 -55.63 -23.41 -49.03
N CYS A 765 -56.31 -22.44 -49.64
CA CYS A 765 -57.57 -21.90 -49.13
C CYS A 765 -58.76 -22.30 -50.02
N THR A 766 -59.00 -23.61 -50.08
CA THR A 766 -60.06 -24.23 -50.86
C THR A 766 -61.07 -24.66 -49.83
N CYS A 767 -62.13 -25.32 -50.28
CA CYS A 767 -63.17 -25.77 -49.36
C CYS A 767 -62.69 -26.92 -48.44
N ASP A 768 -61.70 -27.67 -48.89
CA ASP A 768 -61.02 -28.70 -48.04
C ASP A 768 -60.36 -28.11 -46.76
N ALA A 769 -59.97 -26.83 -46.81
CA ALA A 769 -59.38 -26.13 -45.69
C ALA A 769 -60.39 -25.46 -44.78
N VAL A 770 -61.68 -25.70 -44.98
CA VAL A 770 -62.71 -24.98 -44.24
C VAL A 770 -62.63 -25.16 -42.71
N TRP A 771 -62.40 -26.38 -42.22
CA TRP A 771 -62.30 -26.55 -40.77
C TRP A 771 -61.25 -25.59 -40.19
N PHE A 772 -60.07 -25.57 -40.82
CA PHE A 772 -58.93 -24.81 -40.33
C PHE A 772 -59.19 -23.30 -40.40
N VAL A 773 -59.71 -22.85 -41.55
CA VAL A 773 -60.04 -21.45 -41.74
C VAL A 773 -61.02 -20.99 -40.68
N TRP A 774 -62.07 -21.78 -40.45
CA TRP A 774 -63.07 -21.42 -39.44
C TRP A 774 -62.43 -21.43 -38.05
N TRP A 775 -61.70 -22.52 -37.75
CA TRP A 775 -61.11 -22.67 -36.41
C TRP A 775 -60.14 -21.53 -36.07
N VAL A 776 -59.32 -21.18 -37.05
CA VAL A 776 -58.38 -20.07 -36.90
C VAL A 776 -59.12 -18.78 -36.56
N GLN A 777 -60.26 -18.58 -37.22
CA GLN A 777 -61.06 -17.39 -37.03
C GLN A 777 -61.68 -17.29 -35.66
N HIS A 778 -62.03 -18.42 -35.06
CA HIS A 778 -62.78 -18.42 -33.81
C HIS A 778 -62.05 -18.90 -32.55
N THR A 779 -60.92 -19.59 -32.66
CA THR A 779 -60.17 -20.06 -31.46
C THR A 779 -59.61 -18.92 -30.60
N GLU A 780 -59.43 -19.22 -29.32
CA GLU A 780 -58.78 -18.30 -28.41
C GLU A 780 -57.35 -18.74 -28.10
N VAL A 781 -56.86 -19.78 -28.77
CA VAL A 781 -55.47 -20.21 -28.66
C VAL A 781 -54.56 -19.11 -29.18
N THR A 782 -53.47 -18.83 -28.49
CA THR A 782 -52.55 -17.80 -28.95
C THR A 782 -51.79 -18.26 -30.21
N ILE A 783 -51.95 -17.48 -31.27
CA ILE A 783 -51.29 -17.71 -32.54
C ILE A 783 -50.67 -16.37 -32.93
N PRO A 784 -49.34 -16.23 -32.79
CA PRO A 784 -48.75 -14.96 -33.10
C PRO A 784 -48.76 -14.72 -34.59
N TYR A 785 -48.69 -13.43 -34.96
CA TYR A 785 -48.68 -12.97 -36.34
C TYR A 785 -49.91 -13.40 -37.13
N LEU A 786 -51.03 -13.58 -36.43
CA LEU A 786 -52.24 -14.12 -37.06
C LEU A 786 -52.82 -13.18 -38.10
N ALA A 787 -52.82 -11.89 -37.77
CA ALA A 787 -53.34 -10.85 -38.65
C ALA A 787 -52.46 -10.52 -39.84
N THR A 788 -51.18 -10.81 -39.71
CA THR A 788 -50.14 -10.25 -40.56
C THR A 788 -49.50 -11.29 -41.47
N ASP A 789 -49.29 -12.50 -40.96
CA ASP A 789 -48.46 -13.51 -41.63
C ASP A 789 -48.97 -14.94 -41.63
N VAL A 790 -50.28 -15.10 -41.52
CA VAL A 790 -50.93 -16.39 -41.78
C VAL A 790 -51.84 -16.18 -42.96
N THR A 791 -51.34 -16.59 -44.11
CA THR A 791 -51.70 -16.09 -45.43
C THR A 791 -51.86 -17.21 -46.42
N CYS A 792 -52.83 -17.12 -47.32
CA CYS A 792 -53.04 -18.11 -48.36
C CYS A 792 -52.05 -17.88 -49.46
N VAL A 793 -51.60 -18.95 -50.09
CA VAL A 793 -50.82 -18.84 -51.32
C VAL A 793 -51.70 -19.04 -52.55
N GLY A 794 -52.91 -19.55 -52.34
CA GLY A 794 -53.82 -19.85 -53.43
C GLY A 794 -55.16 -20.39 -52.90
N PRO A 795 -56.11 -20.71 -53.78
CA PRO A 795 -55.97 -20.57 -55.25
C PRO A 795 -56.42 -19.22 -55.77
N GLY A 796 -56.13 -18.99 -57.04
CA GLY A 796 -56.53 -17.76 -57.73
C GLY A 796 -56.34 -16.47 -56.94
N ALA A 797 -57.42 -15.72 -56.78
CA ALA A 797 -57.36 -14.38 -56.18
C ALA A 797 -57.30 -14.39 -54.66
N HIS A 798 -57.45 -15.57 -54.05
CA HIS A 798 -57.10 -15.80 -52.62
C HIS A 798 -55.60 -15.60 -52.30
N LYS A 799 -54.73 -15.75 -53.30
CA LYS A 799 -53.29 -15.52 -53.09
C LYS A 799 -53.04 -14.18 -52.35
N GLY A 800 -52.24 -14.24 -51.29
CA GLY A 800 -51.82 -13.06 -50.54
C GLY A 800 -52.81 -12.55 -49.51
N GLN A 801 -53.93 -13.24 -49.35
CA GLN A 801 -55.00 -12.78 -48.51
C GLN A 801 -54.92 -13.50 -47.17
N SER A 802 -55.02 -12.77 -46.07
CA SER A 802 -54.98 -13.40 -44.75
C SER A 802 -56.09 -14.43 -44.56
N VAL A 803 -55.79 -15.56 -43.93
CA VAL A 803 -56.82 -16.60 -43.74
C VAL A 803 -57.86 -16.11 -42.72
N ILE A 804 -57.46 -15.26 -41.79
CA ILE A 804 -58.35 -14.71 -40.75
C ILE A 804 -59.53 -13.89 -41.36
N SER A 805 -59.32 -13.30 -42.54
CA SER A 805 -60.32 -12.45 -43.22
C SER A 805 -61.17 -13.18 -44.29
N LEU A 806 -60.91 -14.47 -44.48
CA LEU A 806 -61.43 -15.24 -45.62
C LEU A 806 -62.91 -15.61 -45.39
N ASP A 807 -63.77 -15.34 -46.38
CA ASP A 807 -65.21 -15.67 -46.29
C ASP A 807 -65.46 -16.88 -47.21
N LEU A 808 -65.56 -18.08 -46.63
CA LEU A 808 -65.76 -19.32 -47.40
C LEU A 808 -67.22 -19.76 -47.32
N TYR A 809 -68.08 -18.89 -47.82
CA TYR A 809 -69.55 -19.04 -47.63
C TYR A 809 -70.15 -20.24 -48.38
N THR A 810 -69.50 -20.72 -49.44
CA THR A 810 -70.01 -21.89 -50.18
C THR A 810 -69.62 -23.28 -49.59
N CYS A 811 -68.96 -23.37 -48.43
CA CYS A 811 -68.42 -24.67 -47.94
C CYS A 811 -69.12 -25.10 -46.62
N SER B 2 49.79 -9.20 34.57
CA SER B 2 50.80 -8.17 34.31
C SER B 2 52.26 -8.64 34.67
N PRO B 3 52.70 -9.88 34.27
CA PRO B 3 54.13 -10.15 34.60
C PRO B 3 55.10 -9.44 33.65
N TRP B 4 54.80 -9.41 32.35
CA TRP B 4 55.51 -8.57 31.37
C TRP B 4 55.76 -7.10 31.81
N ALA B 5 54.88 -6.53 32.65
CA ALA B 5 54.97 -5.11 33.04
C ALA B 5 55.87 -4.80 34.27
N ARG B 6 56.31 -5.84 34.98
CA ARG B 6 57.20 -5.68 36.14
C ARG B 6 58.57 -5.11 35.75
N TRP B 7 58.95 -5.24 34.49
CA TRP B 7 60.18 -4.63 33.94
C TRP B 7 60.19 -3.09 33.87
N PHE B 8 58.99 -2.48 33.90
CA PHE B 8 58.83 -1.04 33.69
C PHE B 8 58.62 -0.33 35.02
N PRO B 9 59.12 0.90 35.14
CA PRO B 9 59.02 1.57 36.42
C PRO B 9 57.60 2.08 36.81
N LYS B 10 57.28 1.80 38.06
CA LYS B 10 56.03 2.25 38.67
C LYS B 10 55.92 3.77 38.76
N THR B 11 57.03 4.49 38.71
CA THR B 11 57.03 5.98 38.80
C THR B 11 56.62 6.68 37.51
N LEU B 12 56.53 5.92 36.42
CA LEU B 12 56.24 6.51 35.10
C LEU B 12 54.82 6.99 35.06
N PRO B 13 54.60 8.28 34.78
CA PRO B 13 53.21 8.77 34.96
C PRO B 13 52.33 8.48 33.74
N CYS B 14 52.44 7.29 33.18
CA CYS B 14 51.83 6.97 31.89
C CYS B 14 51.36 5.52 31.94
N ASP B 15 50.28 5.23 31.23
CA ASP B 15 49.76 3.87 31.19
C ASP B 15 50.48 3.09 30.11
N VAL B 16 51.01 1.93 30.47
CA VAL B 16 51.75 1.07 29.55
C VAL B 16 50.94 -0.18 29.27
N THR B 17 50.94 -0.57 28.00
CA THR B 17 50.19 -1.72 27.54
C THR B 17 50.97 -2.36 26.42
N LEU B 18 50.55 -3.57 26.07
CA LEU B 18 51.28 -4.40 25.15
C LEU B 18 50.35 -5.08 24.15
N ASP B 19 50.61 -4.90 22.85
CA ASP B 19 49.98 -5.69 21.79
C ASP B 19 50.97 -6.80 21.45
N VAL B 20 50.80 -7.96 22.10
CA VAL B 20 51.62 -9.14 21.79
C VAL B 20 51.19 -9.58 20.40
N SER B 21 52.14 -10.12 19.62
CA SER B 21 51.90 -10.58 18.24
C SER B 21 51.97 -9.45 17.20
N LYS B 22 52.00 -8.19 17.64
CA LYS B 22 52.56 -7.09 16.85
C LYS B 22 53.87 -6.56 17.45
N ASN B 23 54.28 -7.13 18.60
CA ASN B 23 55.37 -6.58 19.44
C ASN B 23 55.33 -5.06 19.48
N HIS B 24 54.21 -4.57 20.01
CA HIS B 24 54.01 -3.14 20.25
C HIS B 24 53.98 -2.93 21.75
N VAL B 25 54.77 -1.96 22.21
CA VAL B 25 54.72 -1.48 23.57
C VAL B 25 54.10 -0.10 23.47
N ILE B 26 52.91 0.06 24.07
CA ILE B 26 52.14 1.27 23.93
C ILE B 26 52.21 2.04 25.22
N VAL B 27 52.54 3.32 25.13
CA VAL B 27 52.70 4.18 26.31
C VAL B 27 51.83 5.39 26.11
N ASP B 28 50.95 5.65 27.09
CA ASP B 28 49.91 6.67 27.00
C ASP B 28 50.10 7.70 28.12
N CYS B 29 50.59 8.88 27.76
CA CYS B 29 50.78 9.96 28.71
C CYS B 29 49.77 11.05 28.48
N THR B 30 48.57 10.68 28.05
CA THR B 30 47.51 11.64 27.77
C THR B 30 47.19 12.44 29.04
N ASP B 31 47.28 13.76 28.96
CA ASP B 31 46.69 14.65 29.98
C ASP B 31 47.29 14.35 31.36
N LYS B 32 48.61 14.47 31.46
CA LYS B 32 49.32 14.23 32.73
C LYS B 32 50.11 15.47 33.19
N HIS B 33 49.80 16.62 32.62
CA HIS B 33 50.38 17.92 32.97
C HIS B 33 51.89 18.00 32.82
N LEU B 34 52.38 17.45 31.71
CA LEU B 34 53.80 17.32 31.50
C LEU B 34 54.36 18.54 30.82
N THR B 35 55.52 19.01 31.28
CA THR B 35 56.29 20.05 30.60
C THR B 35 57.51 19.45 29.89
N GLU B 36 57.84 18.19 30.15
CA GLU B 36 58.95 17.48 29.52
C GLU B 36 58.47 16.09 29.19
N ILE B 37 58.98 15.49 28.13
CA ILE B 37 58.76 14.07 27.92
C ILE B 37 59.33 13.36 29.15
N PRO B 38 58.58 12.43 29.77
CA PRO B 38 59.14 11.84 31.00
C PRO B 38 60.32 10.88 30.69
N GLY B 39 61.35 10.93 31.53
CA GLY B 39 62.53 10.07 31.38
C GLY B 39 62.46 8.56 31.42
N GLY B 40 61.61 7.99 32.25
CA GLY B 40 61.40 6.52 32.27
C GLY B 40 60.71 5.78 31.14
N ILE B 41 60.40 6.45 30.04
CA ILE B 41 59.70 5.83 28.92
C ILE B 41 60.55 4.69 28.40
N PRO B 42 60.03 3.47 28.37
CA PRO B 42 60.81 2.30 27.97
C PRO B 42 61.45 2.38 26.58
N THR B 43 62.63 1.80 26.46
CA THR B 43 63.39 1.85 25.22
C THR B 43 62.60 1.18 24.09
N ASN B 44 61.93 0.08 24.42
CA ASN B 44 61.13 -0.65 23.43
C ASN B 44 59.77 -0.04 23.04
N THR B 45 59.41 1.11 23.61
CA THR B 45 58.20 1.82 23.27
C THR B 45 58.08 2.01 21.75
N THR B 46 56.92 1.62 21.23
CA THR B 46 56.56 1.70 19.79
C THR B 46 55.50 2.74 19.46
N ASN B 47 54.47 2.82 20.32
CA ASN B 47 53.39 3.83 20.22
C ASN B 47 53.44 4.71 21.44
N LEU B 48 53.73 5.98 21.23
CA LEU B 48 53.89 6.92 22.32
C LEU B 48 52.87 8.06 22.17
N THR B 49 52.05 8.29 23.20
CA THR B 49 51.00 9.31 23.17
C THR B 49 51.22 10.40 24.23
N LEU B 50 51.35 11.62 23.75
CA LEU B 50 51.61 12.76 24.59
C LEU B 50 50.54 13.84 24.46
N THR B 51 49.40 13.50 23.85
CA THR B 51 48.34 14.49 23.64
C THR B 51 47.82 15.14 24.93
N ILE B 52 47.49 16.41 24.82
CA ILE B 52 47.04 17.22 25.96
C ILE B 52 48.13 17.30 27.04
N ASN B 53 49.21 18.00 26.71
CA ASN B 53 50.25 18.33 27.69
C ASN B 53 50.81 19.72 27.38
N HIS B 54 51.90 20.12 28.03
CA HIS B 54 52.52 21.46 27.88
C HIS B 54 54.02 21.38 27.63
N ILE B 55 54.39 20.49 26.73
CA ILE B 55 55.76 20.31 26.32
C ILE B 55 56.06 21.36 25.26
N PRO B 56 56.93 22.32 25.56
CA PRO B 56 57.05 23.53 24.70
C PRO B 56 57.85 23.34 23.39
N ASP B 57 58.61 22.24 23.30
CA ASP B 57 59.53 21.99 22.19
C ASP B 57 59.81 20.50 21.96
N ILE B 58 60.30 20.19 20.78
CA ILE B 58 60.71 18.86 20.40
C ILE B 58 62.10 19.00 19.79
N SER B 59 63.01 18.11 20.17
CA SER B 59 64.40 18.16 19.72
C SER B 59 64.89 16.75 19.37
N PRO B 60 66.14 16.63 18.89
CA PRO B 60 66.65 15.25 18.71
C PRO B 60 66.76 14.47 20.03
N ALA B 61 66.85 15.16 21.16
CA ALA B 61 66.87 14.50 22.46
C ALA B 61 65.51 13.88 22.82
N SER B 62 64.42 14.46 22.32
CA SER B 62 63.08 14.00 22.67
C SER B 62 62.95 12.51 22.47
N PHE B 63 63.39 12.00 21.31
CA PHE B 63 63.20 10.58 20.95
C PHE B 63 64.50 9.78 20.69
N HIS B 64 65.66 10.26 21.16
CA HIS B 64 66.96 9.63 20.83
C HIS B 64 66.97 8.12 21.17
N ARG B 65 66.65 7.76 22.42
CA ARG B 65 66.66 6.34 22.84
C ARG B 65 65.61 5.51 22.13
N LEU B 66 64.50 6.15 21.73
CA LEU B 66 63.27 5.46 21.36
C LEU B 66 63.27 5.11 19.86
N VAL B 67 64.07 4.12 19.53
CA VAL B 67 64.40 3.83 18.13
C VAL B 67 63.36 2.97 17.49
N HIS B 68 62.52 2.34 18.30
CA HIS B 68 61.51 1.47 17.78
C HIS B 68 60.16 2.16 17.50
N LEU B 69 60.07 3.49 17.63
CA LEU B 69 58.77 4.19 17.48
C LEU B 69 58.18 4.01 16.09
N VAL B 70 56.98 3.44 16.06
CA VAL B 70 56.14 3.41 14.86
C VAL B 70 55.14 4.57 14.83
N GLU B 71 54.68 5.02 16.01
CA GLU B 71 53.64 6.07 16.11
C GLU B 71 53.94 7.10 17.20
N ILE B 72 53.95 8.36 16.82
CA ILE B 72 54.02 9.44 17.81
C ILE B 72 52.75 10.28 17.72
N ASP B 73 51.99 10.30 18.81
CA ASP B 73 50.84 11.16 18.95
C ASP B 73 51.20 12.34 19.87
N PHE B 74 51.58 13.44 19.25
CA PHE B 74 52.02 14.63 19.94
C PHE B 74 51.00 15.78 19.68
N ARG B 75 49.71 15.48 19.81
CA ARG B 75 48.64 16.46 19.55
C ARG B 75 48.45 17.40 20.72
N CYS B 76 47.94 18.59 20.45
CA CYS B 76 47.34 19.42 21.49
C CYS B 76 48.25 19.76 22.69
N ASN B 77 49.51 20.00 22.39
CA ASN B 77 50.41 20.64 23.35
C ASN B 77 50.41 22.15 23.26
N CYS B 78 49.85 22.69 22.17
CA CYS B 78 49.67 24.11 22.05
C CYS B 78 48.47 24.45 21.19
N VAL B 79 47.25 24.30 21.71
CA VAL B 79 46.09 24.41 20.82
C VAL B 79 45.84 25.91 20.54
N PRO B 80 45.39 26.24 19.31
CA PRO B 80 44.93 27.60 19.00
C PRO B 80 44.03 28.21 20.08
N ILE B 81 44.16 29.52 20.28
CA ILE B 81 43.55 30.21 21.41
C ILE B 81 42.06 29.82 21.64
N ARG B 82 41.27 29.86 20.57
CA ARG B 82 39.81 29.70 20.63
C ARG B 82 39.37 28.27 20.79
N LEU B 83 40.19 27.35 20.26
CA LEU B 83 39.98 25.93 20.43
C LEU B 83 40.34 25.46 21.85
N GLY B 84 41.28 26.14 22.49
CA GLY B 84 41.79 25.70 23.78
C GLY B 84 41.14 26.22 25.02
N SER B 85 41.72 25.79 26.15
CA SER B 85 41.37 26.30 27.49
C SER B 85 41.73 27.78 27.61
N LYS B 86 40.80 28.57 28.11
CA LYS B 86 41.03 29.99 28.41
C LYS B 86 41.72 30.21 29.78
N SER B 87 41.81 29.14 30.59
CA SER B 87 42.61 29.14 31.85
C SER B 87 44.06 28.77 31.56
N ASN B 88 44.23 27.72 30.76
CA ASN B 88 45.56 27.26 30.35
C ASN B 88 45.90 27.65 28.89
N MET B 89 45.98 28.95 28.62
CA MET B 89 46.28 29.41 27.25
C MET B 89 47.76 29.19 26.91
N CYS B 90 48.00 28.50 25.80
CA CYS B 90 49.35 28.25 25.33
C CYS B 90 50.11 29.54 24.96
N PRO B 91 51.26 29.80 25.62
CA PRO B 91 51.97 31.11 25.45
C PRO B 91 52.62 31.35 24.07
N ARG B 92 53.03 30.27 23.41
CA ARG B 92 53.99 30.36 22.34
C ARG B 92 53.89 29.08 21.54
N ARG B 93 53.91 29.15 20.23
CA ARG B 93 53.77 27.92 19.45
C ARG B 93 54.84 26.86 19.76
N LEU B 94 54.51 25.60 19.48
CA LEU B 94 55.44 24.49 19.64
C LEU B 94 56.65 24.69 18.70
N GLN B 95 57.84 24.45 19.22
CA GLN B 95 59.11 24.64 18.49
C GLN B 95 59.62 23.27 18.15
N ILE B 96 59.84 23.00 16.87
CA ILE B 96 60.38 21.71 16.47
C ILE B 96 61.74 22.01 15.88
N LYS B 97 62.78 21.69 16.65
CA LYS B 97 64.15 21.89 16.19
C LYS B 97 64.42 20.82 15.14
N PRO B 98 65.43 21.06 14.27
CA PRO B 98 65.58 20.14 13.13
C PRO B 98 66.16 18.83 13.57
N ARG B 99 66.02 17.81 12.71
CA ARG B 99 66.55 16.44 12.96
C ARG B 99 65.82 15.72 14.12
N SER B 100 64.61 16.17 14.44
CA SER B 100 63.88 15.65 15.59
C SER B 100 63.25 14.31 15.27
N PHE B 101 62.87 14.11 14.02
CA PHE B 101 62.25 12.85 13.60
C PHE B 101 63.07 12.00 12.63
N SER B 102 64.03 12.64 11.93
CA SER B 102 64.76 12.00 10.79
C SER B 102 65.51 10.73 11.19
N GLY B 103 65.95 10.65 12.43
CA GLY B 103 66.49 9.42 13.02
C GLY B 103 65.56 8.24 13.31
N LEU B 104 64.23 8.39 13.17
CA LEU B 104 63.28 7.29 13.48
C LEU B 104 62.91 6.46 12.24
N THR B 105 63.69 5.41 11.99
CA THR B 105 63.59 4.62 10.74
C THR B 105 62.26 3.92 10.57
N TYR B 106 61.61 3.63 11.71
CA TYR B 106 60.39 2.83 11.74
C TYR B 106 59.08 3.62 11.88
N LEU B 107 59.17 4.95 11.96
CA LEU B 107 58.00 5.82 12.20
C LEU B 107 56.98 5.78 11.07
N LYS B 108 55.83 5.17 11.33
CA LYS B 108 54.75 5.10 10.35
C LYS B 108 53.66 6.18 10.52
N SER B 109 53.41 6.65 11.74
CA SER B 109 52.33 7.63 11.97
C SER B 109 52.78 8.76 12.87
N LEU B 110 52.53 10.00 12.45
CA LEU B 110 52.91 11.16 13.23
C LEU B 110 51.74 12.14 13.33
N TYR B 111 51.33 12.42 14.56
CA TYR B 111 50.27 13.38 14.82
C TYR B 111 50.79 14.64 15.53
N LEU B 112 50.66 15.79 14.85
CA LEU B 112 51.10 17.07 15.39
C LEU B 112 49.97 18.10 15.41
N ASP B 113 48.73 17.61 15.57
CA ASP B 113 47.53 18.48 15.45
C ASP B 113 47.48 19.37 16.66
N GLY B 114 46.93 20.57 16.51
CA GLY B 114 46.70 21.43 17.68
C GLY B 114 47.95 21.92 18.39
N ASN B 115 48.93 22.38 17.61
CA ASN B 115 50.18 22.93 18.14
C ASN B 115 50.58 24.27 17.59
N GLN B 116 49.66 24.99 16.97
CA GLN B 116 49.93 26.31 16.38
C GLN B 116 51.10 26.36 15.38
N LEU B 117 51.39 25.24 14.74
CA LEU B 117 52.47 25.20 13.74
C LEU B 117 52.19 26.14 12.58
N LEU B 118 53.26 26.75 12.06
CA LEU B 118 53.15 27.72 10.95
C LEU B 118 53.44 27.15 9.59
N GLU B 119 54.23 26.08 9.56
CA GLU B 119 54.66 25.43 8.33
C GLU B 119 54.68 23.91 8.56
N ILE B 120 54.74 23.17 7.48
CA ILE B 120 54.73 21.72 7.52
C ILE B 120 56.07 21.27 8.09
N PRO B 121 56.06 20.43 9.13
CA PRO B 121 57.35 20.00 9.68
C PRO B 121 58.25 19.29 8.65
N GLN B 122 59.50 19.73 8.60
CA GLN B 122 60.51 19.12 7.74
C GLN B 122 61.36 18.14 8.58
N GLY B 123 62.24 17.42 7.90
CA GLY B 123 63.05 16.42 8.55
C GLY B 123 62.36 15.14 8.87
N LEU B 124 61.34 14.79 8.07
CA LEU B 124 60.53 13.62 8.39
C LEU B 124 61.06 12.40 7.66
N PRO B 125 61.06 11.23 8.33
CA PRO B 125 61.59 10.03 7.71
C PRO B 125 60.76 9.48 6.55
N PRO B 126 61.42 8.86 5.58
CA PRO B 126 60.71 8.33 4.42
C PRO B 126 59.82 7.10 4.72
N SER B 127 59.90 6.52 5.92
CA SER B 127 58.98 5.42 6.31
C SER B 127 57.56 5.91 6.68
N LEU B 128 57.40 7.22 6.83
CA LEU B 128 56.15 7.83 7.25
C LEU B 128 54.99 7.60 6.25
N GLN B 129 53.92 6.97 6.75
CA GLN B 129 52.68 6.72 6.01
C GLN B 129 51.56 7.72 6.36
N LEU B 130 51.50 8.21 7.61
CA LEU B 130 50.44 9.08 8.08
C LEU B 130 50.98 10.34 8.72
N LEU B 131 50.58 11.50 8.19
CA LEU B 131 50.90 12.76 8.80
C LEU B 131 49.63 13.59 9.04
N SER B 132 49.49 14.10 10.28
CA SER B 132 48.29 14.82 10.69
C SER B 132 48.74 16.16 11.26
N LEU B 133 48.14 17.22 10.72
CA LEU B 133 48.44 18.61 11.06
C LEU B 133 47.14 19.44 11.20
N GLU B 134 46.07 18.81 11.69
CA GLU B 134 44.80 19.53 11.91
C GLU B 134 44.97 20.63 12.97
N ALA B 135 44.15 21.67 12.90
CA ALA B 135 44.12 22.68 13.98
C ALA B 135 45.47 23.34 14.27
N ASN B 136 46.23 23.55 13.21
CA ASN B 136 47.45 24.38 13.27
C ASN B 136 47.18 25.64 12.47
N ASN B 137 48.21 26.39 12.11
CA ASN B 137 48.07 27.61 11.32
C ASN B 137 48.84 27.52 10.01
N ILE B 138 48.67 26.40 9.34
CA ILE B 138 49.25 26.12 8.04
C ILE B 138 48.18 26.28 6.97
N PHE B 139 48.27 27.40 6.24
CA PHE B 139 47.24 27.78 5.27
C PHE B 139 47.77 28.09 3.85
N SER B 140 48.99 27.65 3.57
CA SER B 140 49.57 27.72 2.22
C SER B 140 50.37 26.43 1.91
N ILE B 141 49.86 25.61 1.01
CA ILE B 141 50.52 24.36 0.61
C ILE B 141 51.30 24.60 -0.67
N ARG B 142 52.59 24.27 -0.64
CA ARG B 142 53.53 24.50 -1.73
C ARG B 142 54.31 23.22 -1.98
N LYS B 143 54.58 22.93 -3.24
CA LYS B 143 55.29 21.71 -3.67
C LYS B 143 56.68 21.55 -2.98
N GLU B 144 57.33 22.69 -2.74
CA GLU B 144 58.63 22.77 -2.02
C GLU B 144 58.60 22.12 -0.62
N GLN B 145 57.52 22.36 0.11
CA GLN B 145 57.29 21.80 1.45
C GLN B 145 56.93 20.29 1.49
N LEU B 146 56.51 19.73 0.36
CA LEU B 146 56.04 18.33 0.27
C LEU B 146 57.11 17.35 -0.27
N THR B 147 58.36 17.79 -0.36
CA THR B 147 59.43 17.01 -0.99
C THR B 147 59.81 15.74 -0.25
N GLU B 148 59.63 15.67 1.07
CA GLU B 148 60.05 14.45 1.86
C GLU B 148 58.94 13.38 2.05
N LEU B 149 57.79 13.58 1.40
CA LEU B 149 56.59 12.81 1.70
C LEU B 149 56.21 11.82 0.59
N ALA B 150 57.19 11.31 -0.15
CA ALA B 150 56.88 10.45 -1.28
C ALA B 150 56.06 9.22 -0.89
N ASN B 151 56.37 8.62 0.27
CA ASN B 151 55.67 7.43 0.78
C ASN B 151 54.33 7.69 1.53
N ILE B 152 53.91 8.97 1.58
CA ILE B 152 52.75 9.36 2.39
C ILE B 152 51.45 8.88 1.76
N GLU B 153 50.71 8.13 2.56
CA GLU B 153 49.40 7.57 2.20
C GLU B 153 48.22 8.38 2.76
N ILE B 154 48.39 9.00 3.93
CA ILE B 154 47.30 9.64 4.67
C ILE B 154 47.75 11.02 5.19
N LEU B 155 47.04 12.07 4.77
CA LEU B 155 47.38 13.45 5.06
C LEU B 155 46.13 14.23 5.55
N TYR B 156 46.20 14.74 6.78
CA TYR B 156 45.10 15.47 7.42
C TYR B 156 45.55 16.90 7.59
N LEU B 157 44.97 17.82 6.83
CA LEU B 157 45.39 19.22 6.87
C LEU B 157 44.28 20.17 7.29
N GLY B 158 43.16 19.61 7.72
CA GLY B 158 41.98 20.42 8.07
C GLY B 158 42.04 21.27 9.33
N GLN B 159 41.08 22.17 9.43
CA GLN B 159 40.87 23.01 10.63
C GLN B 159 42.02 23.96 10.86
N ASN B 160 42.65 24.40 9.78
CA ASN B 160 43.73 25.40 9.82
C ASN B 160 43.28 26.83 9.49
N CYS B 161 42.06 26.98 8.96
CA CYS B 161 41.46 28.28 8.69
C CYS B 161 39.93 28.23 8.69
N TYR B 162 39.31 28.45 9.85
CA TYR B 162 37.85 28.50 9.95
C TYR B 162 37.47 29.35 11.11
N TYR B 163 36.17 29.48 11.36
CA TYR B 163 35.71 30.51 12.28
C TYR B 163 36.35 30.41 13.71
N ARG B 164 36.77 29.21 14.13
CA ARG B 164 37.39 28.99 15.46
C ARG B 164 38.91 29.03 15.45
N ASN B 165 39.50 29.14 14.28
CA ASN B 165 40.94 29.18 14.12
C ASN B 165 41.20 29.88 12.80
N PRO B 166 40.92 31.19 12.74
CA PRO B 166 40.96 31.94 11.49
C PRO B 166 42.36 32.28 11.03
N CYS B 167 42.57 32.27 9.73
CA CYS B 167 43.83 32.68 9.10
C CYS B 167 43.71 34.02 8.35
N TYR B 168 42.49 34.51 8.17
CA TYR B 168 42.16 35.80 7.59
C TYR B 168 42.45 35.91 6.07
N VAL B 169 42.71 34.79 5.40
CA VAL B 169 42.90 34.75 3.94
C VAL B 169 42.29 33.46 3.37
N SER B 170 42.13 33.38 2.05
CA SER B 170 41.81 32.10 1.42
C SER B 170 42.98 31.13 1.54
N TYR B 171 42.70 29.84 1.64
CA TYR B 171 43.71 28.77 1.59
C TYR B 171 44.40 28.80 0.21
N SER B 172 45.69 28.50 0.14
CA SER B 172 46.44 28.50 -1.11
C SER B 172 47.04 27.13 -1.27
N ILE B 173 46.77 26.50 -2.40
CA ILE B 173 47.43 25.26 -2.79
C ILE B 173 48.05 25.53 -4.17
N GLU B 174 49.36 25.32 -4.32
CA GLU B 174 50.00 25.39 -5.63
C GLU B 174 49.35 24.37 -6.58
N LYS B 175 49.16 24.80 -7.83
CA LYS B 175 48.80 23.89 -8.92
C LYS B 175 49.74 22.65 -8.83
N ASP B 176 49.12 21.48 -8.93
CA ASP B 176 49.81 20.18 -8.88
C ASP B 176 50.49 19.83 -7.55
N ALA B 177 50.21 20.57 -6.47
CA ALA B 177 50.93 20.40 -5.18
C ALA B 177 51.06 18.96 -4.70
N PHE B 178 49.97 18.21 -4.83
CA PHE B 178 49.87 16.82 -4.32
C PHE B 178 50.16 15.77 -5.36
N LEU B 179 50.28 16.18 -6.63
CA LEU B 179 50.37 15.23 -7.77
C LEU B 179 51.53 14.20 -7.66
N ASN B 180 52.67 14.68 -7.13
CA ASN B 180 53.88 13.90 -6.97
C ASN B 180 53.86 12.98 -5.72
N LEU B 181 52.83 13.05 -4.88
CA LEU B 181 52.66 12.12 -3.76
C LEU B 181 51.95 10.90 -4.28
N THR B 182 52.73 10.03 -4.91
CA THR B 182 52.20 8.98 -5.78
C THR B 182 51.59 7.80 -5.03
N LYS B 183 51.68 7.81 -3.70
CA LYS B 183 50.96 6.83 -2.89
C LYS B 183 49.78 7.39 -2.05
N LEU B 184 49.45 8.67 -2.20
CA LEU B 184 48.39 9.34 -1.43
C LEU B 184 46.99 8.73 -1.62
N LYS B 185 46.45 8.21 -0.51
CA LYS B 185 45.15 7.53 -0.50
C LYS B 185 44.06 8.43 0.10
N VAL B 186 44.36 9.10 1.20
CA VAL B 186 43.39 9.90 1.96
C VAL B 186 43.94 11.33 2.07
N LEU B 187 43.15 12.31 1.64
CA LEU B 187 43.50 13.71 1.80
C LEU B 187 42.28 14.51 2.34
N SER B 188 42.46 15.19 3.46
CA SER B 188 41.41 15.92 4.16
C SER B 188 41.82 17.39 4.21
N LEU B 189 41.07 18.23 3.47
CA LEU B 189 41.28 19.68 3.42
C LEU B 189 40.07 20.42 3.95
N LYS B 190 39.38 19.79 4.90
CA LYS B 190 38.18 20.36 5.49
C LYS B 190 38.44 21.59 6.36
N ASP B 191 37.40 22.40 6.55
CA ASP B 191 37.43 23.49 7.53
C ASP B 191 38.67 24.39 7.28
N ASN B 192 38.88 24.77 6.02
CA ASN B 192 40.14 25.47 5.61
C ASN B 192 40.08 26.76 4.77
N ASN B 193 38.90 27.27 4.47
CA ASN B 193 38.77 28.45 3.61
C ASN B 193 39.28 28.20 2.16
N VAL B 194 39.14 26.96 1.71
CA VAL B 194 39.50 26.57 0.36
C VAL B 194 38.45 27.09 -0.59
N THR B 195 38.88 27.70 -1.69
CA THR B 195 37.99 28.32 -2.69
C THR B 195 37.83 27.51 -3.99
N THR B 196 38.75 26.62 -4.29
CA THR B 196 38.62 25.73 -5.46
C THR B 196 39.15 24.37 -5.11
N VAL B 197 38.64 23.37 -5.80
CA VAL B 197 39.14 22.02 -5.64
C VAL B 197 40.62 22.10 -6.05
N PRO B 198 41.57 21.63 -5.22
CA PRO B 198 42.92 21.61 -5.73
C PRO B 198 43.08 20.59 -6.87
N THR B 199 43.77 21.00 -7.94
CA THR B 199 44.12 20.09 -9.06
C THR B 199 45.62 20.23 -9.35
N VAL B 200 46.23 19.24 -9.97
CA VAL B 200 45.63 17.93 -10.26
C VAL B 200 46.00 17.03 -9.10
N LEU B 201 45.08 16.17 -8.68
CA LEU B 201 45.30 15.30 -7.53
C LEU B 201 45.78 13.90 -7.97
N PRO B 202 46.55 13.21 -7.12
CA PRO B 202 47.07 11.89 -7.46
C PRO B 202 45.95 10.93 -7.67
N SER B 203 46.05 10.14 -8.74
CA SER B 203 44.97 9.21 -9.14
C SER B 203 44.79 8.06 -8.14
N THR B 204 45.76 7.94 -7.25
CA THR B 204 45.74 6.91 -6.23
C THR B 204 44.78 7.19 -5.02
N LEU B 205 44.23 8.42 -4.92
CA LEU B 205 43.25 8.80 -3.87
C LEU B 205 42.00 7.92 -3.78
N THR B 206 41.74 7.43 -2.56
CA THR B 206 40.53 6.72 -2.21
C THR B 206 39.50 7.56 -1.42
N GLU B 207 39.94 8.63 -0.74
CA GLU B 207 39.05 9.42 0.14
C GLU B 207 39.47 10.87 0.06
N LEU B 208 38.52 11.76 -0.22
CA LEU B 208 38.81 13.17 -0.37
C LEU B 208 37.77 14.03 0.33
N TYR B 209 38.23 14.82 1.29
CA TYR B 209 37.35 15.51 2.19
C TYR B 209 37.58 16.94 1.91
N LEU B 210 36.62 17.58 1.23
CA LEU B 210 36.70 19.01 0.91
C LEU B 210 35.60 19.78 1.54
N TYR B 211 35.04 19.28 2.64
CA TYR B 211 33.84 19.91 3.25
C TYR B 211 34.09 21.14 4.13
N ASN B 212 33.06 21.95 4.32
CA ASN B 212 33.17 23.24 5.05
C ASN B 212 34.25 24.21 4.56
N ASN B 213 34.10 24.63 3.31
CA ASN B 213 35.04 25.49 2.62
C ASN B 213 34.28 26.56 1.85
N MET B 214 34.98 27.37 1.06
CA MET B 214 34.37 28.45 0.27
C MET B 214 34.35 28.08 -1.20
N ILE B 215 34.13 26.82 -1.51
CA ILE B 215 34.12 26.36 -2.90
C ILE B 215 32.72 26.63 -3.47
N ALA B 216 32.60 27.56 -4.41
CA ALA B 216 31.30 27.88 -5.03
C ALA B 216 30.95 27.06 -6.30
N GLU B 217 31.98 26.58 -7.01
CA GLU B 217 31.83 25.86 -8.31
C GLU B 217 32.72 24.65 -8.35
N ILE B 218 32.26 23.61 -9.02
CA ILE B 218 33.07 22.49 -9.42
C ILE B 218 33.25 22.66 -10.94
N GLN B 219 34.50 22.56 -11.43
CA GLN B 219 34.80 22.48 -12.87
C GLN B 219 34.58 21.04 -13.35
N GLU B 220 34.15 20.86 -14.60
CA GLU B 220 33.92 19.48 -15.11
C GLU B 220 35.18 18.59 -15.07
N ASP B 221 36.36 19.22 -15.10
CA ASP B 221 37.70 18.59 -14.99
C ASP B 221 38.16 18.17 -13.59
N ASP B 222 37.60 18.79 -12.55
CA ASP B 222 38.13 18.71 -11.18
C ASP B 222 38.36 17.32 -10.60
N PHE B 223 37.53 16.34 -10.95
CA PHE B 223 37.73 14.94 -10.51
C PHE B 223 38.03 13.95 -11.64
N ASN B 224 38.53 14.46 -12.77
CA ASN B 224 38.86 13.66 -14.00
C ASN B 224 39.58 12.34 -13.87
N ASN B 225 40.62 12.34 -13.03
CA ASN B 225 41.55 11.22 -12.99
C ASN B 225 41.42 10.31 -11.76
N LEU B 226 40.41 10.55 -10.92
CA LEU B 226 40.33 9.90 -9.60
C LEU B 226 39.51 8.64 -9.69
N ASN B 227 40.06 7.72 -10.46
CA ASN B 227 39.34 6.51 -10.84
C ASN B 227 39.42 5.43 -9.75
N GLN B 228 40.08 5.73 -8.63
CA GLN B 228 40.05 4.85 -7.47
C GLN B 228 39.27 5.42 -6.28
N LEU B 229 38.75 6.64 -6.45
CA LEU B 229 38.05 7.34 -5.36
C LEU B 229 36.78 6.63 -4.87
N GLN B 230 36.69 6.44 -3.56
CA GLN B 230 35.56 5.77 -2.91
C GLN B 230 34.66 6.68 -2.06
N ILE B 231 35.22 7.74 -1.49
CA ILE B 231 34.51 8.64 -0.58
C ILE B 231 34.85 10.05 -0.99
N LEU B 232 33.82 10.84 -1.31
CA LEU B 232 33.98 12.26 -1.61
C LEU B 232 32.98 13.06 -0.74
N ASP B 233 33.49 14.09 -0.06
CA ASP B 233 32.70 14.94 0.82
C ASP B 233 32.87 16.40 0.45
N LEU B 234 31.84 16.98 -0.16
CA LEU B 234 31.87 18.35 -0.61
C LEU B 234 30.88 19.14 0.20
N SER B 235 30.48 18.59 1.34
CA SER B 235 29.43 19.21 2.16
C SER B 235 29.79 20.61 2.64
N GLY B 236 28.77 21.43 2.88
CA GLY B 236 29.00 22.69 3.56
C GLY B 236 29.81 23.69 2.77
N ASN B 237 29.65 23.65 1.45
CA ASN B 237 30.17 24.64 0.51
C ASN B 237 28.93 25.24 -0.09
N CYS B 238 28.70 26.54 0.11
CA CYS B 238 27.36 27.13 -0.10
C CYS B 238 26.33 26.58 0.88
N PRO B 239 26.56 26.82 2.18
CA PRO B 239 25.73 26.20 3.19
C PRO B 239 24.31 26.75 3.25
N ARG B 240 23.43 25.93 3.80
CA ARG B 240 22.09 26.28 4.23
C ARG B 240 22.23 26.73 5.65
N CYS B 241 21.89 27.97 5.93
CA CYS B 241 22.25 28.62 7.19
C CYS B 241 21.14 28.76 8.19
N TYR B 242 19.91 28.44 7.80
CA TYR B 242 18.81 28.59 8.70
C TYR B 242 19.01 27.75 9.96
N ASN B 243 18.96 28.42 11.12
CA ASN B 243 19.24 27.81 12.43
C ASN B 243 20.58 27.10 12.52
N ALA B 244 21.59 27.58 11.83
CA ALA B 244 22.91 26.94 12.00
C ALA B 244 23.41 27.38 13.37
N PRO B 245 23.98 26.44 14.13
CA PRO B 245 24.57 26.81 15.43
C PRO B 245 26.03 27.23 15.30
N PHE B 246 26.43 27.76 14.16
CA PHE B 246 27.77 28.33 13.99
C PHE B 246 27.59 29.49 13.03
N PRO B 247 28.54 30.45 13.01
CA PRO B 247 28.42 31.53 12.01
C PRO B 247 28.56 31.00 10.59
N CYS B 248 27.73 31.50 9.69
CA CYS B 248 27.42 30.81 8.46
C CYS B 248 27.08 31.84 7.37
N THR B 249 27.91 31.91 6.34
CA THR B 249 27.67 32.84 5.22
C THR B 249 27.30 32.01 4.01
N PRO B 250 26.10 32.24 3.46
CA PRO B 250 25.72 31.45 2.26
C PRO B 250 26.38 32.08 1.02
N CYS B 251 26.49 31.30 -0.05
CA CYS B 251 26.82 31.82 -1.39
C CYS B 251 25.79 32.87 -1.75
N LYS B 252 26.22 33.93 -2.45
CA LYS B 252 25.34 35.06 -2.81
C LYS B 252 24.05 34.54 -3.48
N ASN B 253 22.94 35.24 -3.26
CA ASN B 253 21.65 34.97 -3.97
C ASN B 253 21.14 33.52 -3.85
N ASN B 254 21.19 32.94 -2.66
CA ASN B 254 20.67 31.59 -2.40
C ASN B 254 21.21 30.52 -3.36
N SER B 255 22.43 30.72 -3.79
CA SER B 255 22.97 29.94 -4.86
C SER B 255 23.50 28.60 -4.31
N PRO B 256 23.21 27.50 -5.00
CA PRO B 256 23.79 26.19 -4.66
C PRO B 256 25.23 26.06 -5.07
N LEU B 257 25.89 25.06 -4.52
CA LEU B 257 27.16 24.62 -5.05
C LEU B 257 26.86 24.16 -6.48
N GLN B 258 27.63 24.69 -7.42
CA GLN B 258 27.40 24.45 -8.84
C GLN B 258 28.26 23.28 -9.27
N ILE B 259 27.60 22.17 -9.55
CA ILE B 259 28.25 20.93 -9.95
C ILE B 259 27.76 20.61 -11.38
N PRO B 260 28.64 20.73 -12.40
CA PRO B 260 28.33 20.30 -13.76
C PRO B 260 27.81 18.88 -13.84
N VAL B 261 26.89 18.62 -14.77
CA VAL B 261 26.23 17.31 -14.86
C VAL B 261 27.16 16.10 -15.06
N ASN B 262 28.35 16.36 -15.61
CA ASN B 262 29.34 15.32 -15.92
C ASN B 262 30.47 15.22 -14.90
N ALA B 263 30.41 16.05 -13.85
CA ALA B 263 31.51 16.18 -12.91
C ALA B 263 31.89 14.91 -12.17
N PHE B 264 31.00 13.93 -12.04
CA PHE B 264 31.34 12.68 -11.32
C PHE B 264 31.66 11.47 -12.22
N ASP B 265 31.78 11.71 -13.53
CA ASP B 265 31.86 10.62 -14.53
C ASP B 265 33.07 9.72 -14.36
N ALA B 266 34.18 10.29 -13.90
CA ALA B 266 35.37 9.51 -13.63
C ALA B 266 35.23 8.55 -12.42
N LEU B 267 34.24 8.78 -11.55
CA LEU B 267 34.29 8.21 -10.22
C LEU B 267 33.61 6.86 -10.17
N THR B 268 34.11 5.90 -10.94
CA THR B 268 33.41 4.61 -11.10
C THR B 268 33.44 3.76 -9.84
N GLU B 269 34.43 3.98 -8.98
CA GLU B 269 34.54 3.21 -7.74
C GLU B 269 33.79 3.84 -6.54
N LEU B 270 33.18 5.03 -6.73
CA LEU B 270 32.57 5.80 -5.63
C LEU B 270 31.52 5.02 -4.84
N LYS B 271 31.77 4.88 -3.55
CA LYS B 271 30.85 4.25 -2.64
C LYS B 271 30.04 5.27 -1.85
N VAL B 272 30.61 6.45 -1.59
CA VAL B 272 30.09 7.38 -0.59
C VAL B 272 30.20 8.82 -1.08
N LEU B 273 29.06 9.50 -1.12
CA LEU B 273 28.99 10.85 -1.64
C LEU B 273 28.20 11.69 -0.63
N ARG B 274 28.85 12.73 -0.11
CA ARG B 274 28.24 13.59 0.87
C ARG B 274 28.11 14.98 0.30
N LEU B 275 26.86 15.42 0.14
CA LEU B 275 26.51 16.74 -0.37
C LEU B 275 25.54 17.36 0.61
N HIS B 276 25.92 17.30 1.89
CA HIS B 276 25.19 17.89 3.01
C HIS B 276 25.42 19.40 2.98
N SER B 277 24.36 20.16 3.20
CA SER B 277 24.44 21.60 3.29
C SER B 277 25.17 22.25 2.11
N ASN B 278 24.63 22.02 0.91
CA ASN B 278 25.11 22.66 -0.31
C ASN B 278 24.05 23.53 -1.01
N SER B 279 22.98 23.87 -0.30
CA SER B 279 21.88 24.67 -0.82
C SER B 279 21.33 24.18 -2.18
N LEU B 280 21.35 22.87 -2.42
CA LEU B 280 20.89 22.27 -3.69
C LEU B 280 19.38 22.33 -3.86
N GLN B 281 18.92 22.77 -5.06
CA GLN B 281 17.47 22.73 -5.40
C GLN B 281 17.11 21.53 -6.26
N HIS B 282 18.08 21.04 -7.05
CA HIS B 282 17.86 19.97 -8.00
C HIS B 282 18.96 18.96 -7.80
N VAL B 283 18.64 17.68 -7.99
CA VAL B 283 19.63 16.63 -8.05
C VAL B 283 19.50 16.05 -9.48
N PRO B 284 20.37 16.53 -10.44
CA PRO B 284 20.27 16.04 -11.82
C PRO B 284 20.61 14.57 -11.92
N PRO B 285 19.73 13.74 -12.51
CA PRO B 285 19.98 12.29 -12.67
C PRO B 285 21.29 11.95 -13.36
N ARG B 286 21.71 12.85 -14.25
CA ARG B 286 22.94 12.71 -15.01
C ARG B 286 24.20 12.51 -14.14
N TRP B 287 24.26 13.16 -12.97
CA TRP B 287 25.40 13.02 -12.03
C TRP B 287 25.82 11.54 -11.82
N PHE B 288 24.81 10.69 -11.68
CA PHE B 288 24.98 9.29 -11.27
C PHE B 288 25.09 8.28 -12.42
N LYS B 289 25.21 8.74 -13.66
CA LYS B 289 25.18 7.85 -14.84
C LYS B 289 26.26 6.76 -14.77
N ASN B 290 27.50 7.16 -14.46
CA ASN B 290 28.63 6.24 -14.36
C ASN B 290 28.98 5.75 -12.96
N ILE B 291 28.16 6.06 -11.94
CA ILE B 291 28.40 5.54 -10.60
C ILE B 291 27.39 4.44 -10.33
N ASN B 292 27.80 3.20 -10.55
CA ASN B 292 26.89 2.07 -10.38
C ASN B 292 26.91 1.45 -9.00
N ASN B 293 27.93 1.75 -8.20
CA ASN B 293 28.12 1.10 -6.91
C ASN B 293 27.97 2.04 -5.74
N LEU B 294 27.31 3.17 -5.94
CA LEU B 294 27.12 4.11 -4.84
C LEU B 294 26.29 3.48 -3.75
N GLN B 295 26.84 3.52 -2.54
CA GLN B 295 26.25 2.87 -1.37
C GLN B 295 25.63 3.84 -0.34
N GLU B 296 26.20 5.03 -0.22
CA GLU B 296 25.80 5.97 0.78
C GLU B 296 25.74 7.36 0.15
N LEU B 297 24.63 8.06 0.38
CA LEU B 297 24.40 9.35 -0.20
C LEU B 297 23.73 10.27 0.83
N ASP B 298 24.35 11.42 1.12
CA ASP B 298 23.87 12.43 2.04
C ASP B 298 23.51 13.73 1.33
N LEU B 299 22.21 14.04 1.32
CA LEU B 299 21.64 15.23 0.70
C LEU B 299 20.86 16.03 1.70
N SER B 300 21.21 15.84 2.96
CA SER B 300 20.57 16.58 4.04
C SER B 300 20.98 18.03 4.00
N GLN B 301 20.17 18.88 4.62
CA GLN B 301 20.40 20.33 4.66
C GLN B 301 20.55 21.00 3.31
N ASN B 302 19.67 20.63 2.39
CA ASN B 302 19.55 21.35 1.14
C ASN B 302 18.16 21.97 1.02
N PHE B 303 17.72 22.28 -0.20
CA PHE B 303 16.38 22.84 -0.44
C PHE B 303 15.71 21.95 -1.51
N LEU B 304 15.58 20.66 -1.13
CA LEU B 304 15.14 19.58 -1.99
C LEU B 304 13.76 19.08 -1.66
N ALA B 305 12.95 19.87 -0.96
CA ALA B 305 11.57 19.45 -0.71
C ALA B 305 10.79 19.09 -2.02
N LYS B 306 10.82 19.97 -3.03
CA LYS B 306 10.17 19.72 -4.34
C LYS B 306 10.77 18.49 -4.97
N GLU B 307 12.10 18.42 -5.02
CA GLU B 307 12.80 17.25 -5.60
C GLU B 307 12.41 15.91 -4.96
N ILE B 308 12.10 15.87 -3.68
CA ILE B 308 11.73 14.61 -3.03
C ILE B 308 10.45 14.03 -3.61
N GLY B 309 9.57 14.91 -4.08
CA GLY B 309 8.34 14.51 -4.80
C GLY B 309 8.56 14.04 -6.24
N ASP B 310 9.72 14.34 -6.80
CA ASP B 310 10.09 14.07 -8.19
C ASP B 310 11.25 13.02 -8.22
N ALA B 311 12.50 13.44 -8.01
CA ALA B 311 13.61 12.53 -7.67
C ALA B 311 13.89 11.45 -8.73
N LYS B 312 14.07 11.86 -9.98
CA LYS B 312 14.38 10.90 -11.03
C LYS B 312 15.76 10.23 -10.85
N PHE B 313 16.68 10.96 -10.18
CA PHE B 313 18.01 10.45 -9.89
C PHE B 313 18.03 9.10 -9.18
N LEU B 314 16.99 8.80 -8.41
CA LEU B 314 16.94 7.54 -7.66
C LEU B 314 16.87 6.28 -8.53
N HIS B 315 16.32 6.39 -9.75
CA HIS B 315 16.33 5.24 -10.70
C HIS B 315 17.76 4.76 -11.05
N PHE B 316 18.75 5.66 -10.93
CA PHE B 316 20.16 5.35 -11.15
C PHE B 316 20.92 4.85 -9.89
N LEU B 317 20.23 4.45 -8.81
CA LEU B 317 20.91 4.03 -7.53
C LEU B 317 20.41 2.71 -6.92
N PRO B 318 20.33 1.66 -7.74
CA PRO B 318 19.81 0.38 -7.25
C PRO B 318 20.69 -0.34 -6.25
N ASN B 319 21.93 0.10 -6.07
CA ASN B 319 22.77 -0.45 -4.99
C ASN B 319 22.91 0.40 -3.73
N LEU B 320 22.16 1.51 -3.68
CA LEU B 320 22.22 2.41 -2.53
C LEU B 320 21.72 1.70 -1.27
N ILE B 321 22.55 1.74 -0.22
CA ILE B 321 22.25 1.25 1.14
C ILE B 321 21.67 2.34 2.09
N GLN B 322 22.21 3.56 2.02
CA GLN B 322 21.81 4.64 2.87
C GLN B 322 21.51 5.86 2.10
N LEU B 323 20.37 6.49 2.41
CA LEU B 323 20.01 7.74 1.77
C LEU B 323 19.52 8.70 2.81
N ASP B 324 20.09 9.88 2.84
CA ASP B 324 19.69 10.87 3.84
C ASP B 324 19.17 12.11 3.13
N LEU B 325 17.93 12.47 3.40
CA LEU B 325 17.31 13.63 2.81
C LEU B 325 16.75 14.54 3.91
N SER B 326 17.37 14.48 5.08
CA SER B 326 16.84 15.16 6.23
C SER B 326 17.04 16.65 6.08
N PHE B 327 16.12 17.40 6.67
CA PHE B 327 16.21 18.87 6.76
C PHE B 327 16.30 19.52 5.40
N ASN B 328 15.29 19.24 4.59
CA ASN B 328 15.10 19.90 3.30
C ASN B 328 13.86 20.78 3.18
N PHE B 329 13.26 21.17 4.30
CA PHE B 329 12.02 21.92 4.25
C PHE B 329 12.17 23.32 3.65
N GLU B 330 11.11 23.78 2.98
CA GLU B 330 11.07 25.13 2.41
C GLU B 330 10.82 26.02 3.59
N LEU B 331 11.63 27.05 3.76
CA LEU B 331 11.44 27.95 4.90
C LEU B 331 10.06 28.56 4.85
N GLN B 332 9.44 28.67 6.02
CA GLN B 332 8.14 29.32 6.22
C GLN B 332 6.96 28.51 5.67
N VAL B 333 7.18 27.26 5.28
CA VAL B 333 6.13 26.42 4.71
C VAL B 333 5.92 25.25 5.63
N TYR B 334 4.66 24.94 5.90
CA TYR B 334 4.28 23.75 6.65
C TYR B 334 3.36 22.87 5.76
N ARG B 335 3.96 21.95 4.99
CA ARG B 335 3.21 21.13 4.01
C ARG B 335 2.06 20.36 4.64
N ALA B 336 1.00 20.17 3.87
CA ALA B 336 -0.16 19.44 4.38
C ALA B 336 0.23 17.98 4.60
N SER B 337 1.08 17.45 3.72
CA SER B 337 1.37 16.04 3.75
C SER B 337 2.70 15.67 3.08
N MET B 338 3.05 14.40 3.16
CA MET B 338 4.28 13.85 2.54
C MET B 338 4.03 13.44 1.06
N ASN B 339 4.83 14.02 0.15
CA ASN B 339 4.84 13.75 -1.29
C ASN B 339 6.16 12.96 -1.54
N LEU B 340 6.16 11.65 -1.39
CA LEU B 340 7.32 10.82 -1.83
C LEU B 340 7.19 10.33 -3.29
N SER B 341 8.18 10.60 -4.13
CA SER B 341 8.15 10.12 -5.53
C SER B 341 8.00 8.62 -5.66
N GLN B 342 7.33 8.22 -6.74
CA GLN B 342 7.29 6.78 -7.17
C GLN B 342 8.76 6.28 -7.23
N ALA B 343 9.71 7.14 -7.62
CA ALA B 343 11.10 6.74 -7.84
C ALA B 343 11.77 6.03 -6.65
N PHE B 344 11.32 6.31 -5.42
CA PHE B 344 11.87 5.63 -4.23
C PHE B 344 11.71 4.11 -4.31
N SER B 345 10.77 3.62 -5.13
CA SER B 345 10.58 2.18 -5.30
C SER B 345 11.72 1.48 -6.04
N SER B 346 12.54 2.24 -6.77
CA SER B 346 13.79 1.77 -7.43
C SER B 346 14.92 1.40 -6.48
N LEU B 347 14.87 1.90 -5.25
CA LEU B 347 16.00 1.79 -4.32
C LEU B 347 16.04 0.41 -3.71
N LYS B 348 16.37 -0.56 -4.56
CA LYS B 348 16.19 -1.96 -4.27
C LYS B 348 17.12 -2.43 -3.16
N SER B 349 18.30 -1.84 -3.03
CA SER B 349 19.24 -2.31 -1.99
C SER B 349 19.08 -1.58 -0.65
N LEU B 350 18.21 -0.56 -0.61
CA LEU B 350 18.13 0.41 0.50
C LEU B 350 17.83 -0.21 1.88
N LYS B 351 18.69 0.14 2.83
CA LYS B 351 18.59 -0.30 4.21
C LYS B 351 18.15 0.82 5.18
N ILE B 352 18.60 2.04 4.91
CA ILE B 352 18.38 3.14 5.79
C ILE B 352 17.96 4.35 4.98
N LEU B 353 16.78 4.85 5.34
CA LEU B 353 16.23 6.08 4.79
C LEU B 353 15.92 7.05 5.93
N ARG B 354 16.40 8.27 5.83
CA ARG B 354 16.20 9.30 6.86
C ARG B 354 15.61 10.45 6.16
N ILE B 355 14.42 10.88 6.60
CA ILE B 355 13.78 12.08 6.08
C ILE B 355 13.23 12.89 7.24
N ARG B 356 14.13 13.29 8.12
CA ARG B 356 13.82 14.23 9.19
C ARG B 356 13.56 15.58 8.56
N GLY B 357 12.79 16.43 9.22
CA GLY B 357 12.81 17.85 8.87
C GLY B 357 12.31 18.17 7.48
N TYR B 358 11.34 17.40 7.00
CA TYR B 358 10.59 17.68 5.76
C TYR B 358 9.49 18.67 6.16
N VAL B 359 8.89 18.45 7.32
CA VAL B 359 7.99 19.37 7.99
C VAL B 359 6.59 19.32 7.36
N PHE B 360 5.74 18.44 7.90
CA PHE B 360 4.43 18.27 7.37
C PHE B 360 3.41 17.88 8.42
N LYS B 361 2.13 18.19 8.16
CA LYS B 361 1.08 18.08 9.18
C LYS B 361 0.54 16.68 9.39
N GLU B 362 0.27 15.98 8.29
CA GLU B 362 -0.42 14.69 8.32
C GLU B 362 0.34 13.61 7.52
N LEU B 363 0.55 12.44 8.13
CA LEU B 363 1.10 11.30 7.45
C LEU B 363 -0.01 10.25 7.19
N LYS B 364 -0.41 10.14 5.93
CA LYS B 364 -1.49 9.21 5.54
C LYS B 364 -0.82 7.89 5.12
N SER B 365 -1.52 6.77 5.34
CA SER B 365 -0.91 5.44 5.14
C SER B 365 -0.23 5.21 3.79
N PHE B 366 -0.98 5.57 2.77
CA PHE B 366 -0.52 5.41 1.40
C PHE B 366 0.66 6.31 0.99
N GLN B 367 1.03 7.33 1.76
CA GLN B 367 2.10 8.25 1.32
C GLN B 367 3.50 7.68 1.39
N LEU B 368 3.65 6.54 2.06
CA LEU B 368 4.90 5.81 2.10
C LEU B 368 4.87 4.58 1.19
N SER B 369 3.85 4.49 0.34
CA SER B 369 3.65 3.25 -0.43
C SER B 369 4.83 2.96 -1.36
N PRO B 370 5.52 3.99 -1.89
CA PRO B 370 6.72 3.70 -2.68
C PRO B 370 7.79 2.83 -1.99
N LEU B 371 7.73 2.73 -0.67
CA LEU B 371 8.70 1.95 0.10
C LEU B 371 8.20 0.56 0.45
N HIS B 372 6.95 0.26 0.17
CA HIS B 372 6.35 -0.97 0.69
C HIS B 372 7.07 -2.22 0.22
N ASN B 373 7.64 -2.19 -0.98
CA ASN B 373 8.28 -3.36 -1.57
C ASN B 373 9.78 -3.30 -1.62
N LEU B 374 10.38 -2.39 -0.87
CA LEU B 374 11.83 -2.41 -0.62
C LEU B 374 12.19 -3.50 0.41
N GLN B 375 12.62 -4.65 -0.11
CA GLN B 375 12.80 -5.87 0.68
C GLN B 375 13.81 -5.78 1.82
N ASN B 376 14.82 -4.90 1.65
CA ASN B 376 15.94 -4.80 2.60
C ASN B 376 15.89 -3.63 3.55
N LEU B 377 14.81 -2.85 3.51
CA LEU B 377 14.69 -1.65 4.32
C LEU B 377 14.64 -2.01 5.81
N GLU B 378 15.56 -1.42 6.57
CA GLU B 378 15.68 -1.69 7.98
C GLU B 378 15.31 -0.51 8.86
N VAL B 379 15.63 0.71 8.43
CA VAL B 379 15.40 1.89 9.22
C VAL B 379 14.72 2.94 8.36
N LEU B 380 13.63 3.45 8.91
CA LEU B 380 12.86 4.53 8.34
C LEU B 380 12.73 5.59 9.43
N ASP B 381 13.33 6.74 9.16
CA ASP B 381 13.43 7.80 10.12
C ASP B 381 12.70 9.03 9.63
N LEU B 382 11.61 9.35 10.33
CA LEU B 382 10.72 10.47 10.01
C LEU B 382 10.58 11.44 11.20
N GLY B 383 11.64 11.57 11.97
CA GLY B 383 11.63 12.41 13.13
C GLY B 383 11.73 13.87 12.80
N THR B 384 11.34 14.69 13.77
CA THR B 384 11.41 16.16 13.65
C THR B 384 10.71 16.65 12.39
N ASN B 385 9.45 16.23 12.22
CA ASN B 385 8.62 16.66 11.12
C ASN B 385 7.36 17.39 11.53
N PHE B 386 7.18 17.68 12.81
CA PHE B 386 5.96 18.35 13.33
C PHE B 386 4.68 17.73 12.82
N ILE B 387 4.69 16.40 12.75
CA ILE B 387 3.56 15.65 12.27
C ILE B 387 2.51 15.71 13.37
N LYS B 388 1.28 16.08 13.02
CA LYS B 388 0.19 16.12 14.00
C LYS B 388 -0.71 14.89 13.94
N ILE B 389 -0.84 14.28 12.75
CA ILE B 389 -1.74 13.15 12.56
C ILE B 389 -1.06 11.97 11.87
N ALA B 390 -1.21 10.78 12.44
CA ALA B 390 -0.65 9.60 11.80
C ALA B 390 -1.31 8.41 12.37
N ASN B 391 -1.91 7.63 11.49
CA ASN B 391 -2.51 6.39 11.89
C ASN B 391 -1.39 5.39 11.94
N LEU B 392 -0.99 5.06 13.16
CA LEU B 392 0.14 4.19 13.42
C LEU B 392 -0.01 2.80 12.83
N SER B 393 -1.24 2.36 12.58
CA SER B 393 -1.52 1.06 11.94
C SER B 393 -0.90 0.91 10.55
N MET B 394 -0.57 2.03 9.90
CA MET B 394 0.12 2.00 8.62
C MET B 394 1.43 1.24 8.64
N PHE B 395 2.05 1.12 9.82
CA PHE B 395 3.31 0.39 9.93
C PHE B 395 3.18 -1.13 9.97
N LYS B 396 1.96 -1.65 9.86
CA LYS B 396 1.76 -3.08 9.51
C LYS B 396 2.41 -3.46 8.17
N GLN B 397 2.51 -2.48 7.28
CA GLN B 397 3.23 -2.62 5.99
C GLN B 397 4.76 -2.53 6.13
N PHE B 398 5.27 -2.57 7.36
CA PHE B 398 6.67 -2.43 7.62
C PHE B 398 7.14 -3.34 8.79
N LYS B 399 6.46 -4.47 8.97
CA LYS B 399 6.89 -5.52 9.91
C LYS B 399 8.38 -5.91 9.76
N ARG B 400 8.91 -5.86 8.54
CA ARG B 400 10.30 -6.33 8.29
C ARG B 400 11.37 -5.33 8.80
N LEU B 401 10.97 -4.11 9.12
CA LEU B 401 11.91 -3.09 9.55
C LEU B 401 12.42 -3.35 10.96
N LYS B 402 13.64 -2.95 11.20
CA LYS B 402 14.23 -3.00 12.53
C LYS B 402 13.80 -1.82 13.42
N VAL B 403 13.71 -0.63 12.83
CA VAL B 403 13.39 0.64 13.53
C VAL B 403 12.51 1.57 12.72
N ILE B 404 11.40 2.00 13.28
CA ILE B 404 10.54 3.05 12.68
C ILE B 404 10.59 4.19 13.67
N ASP B 405 11.16 5.30 13.25
CA ASP B 405 11.47 6.38 14.14
C ASP B 405 10.62 7.60 13.83
N LEU B 406 9.71 7.91 14.75
CA LEU B 406 8.85 9.09 14.69
C LEU B 406 9.09 10.05 15.86
N SER B 407 10.30 9.96 16.40
CA SER B 407 10.75 10.79 17.45
C SER B 407 10.60 12.30 17.12
N VAL B 408 10.26 13.10 18.12
CA VAL B 408 10.17 14.55 17.98
C VAL B 408 9.13 14.96 16.94
N ASN B 409 7.87 14.66 17.17
CA ASN B 409 6.81 15.16 16.32
C ASN B 409 5.72 15.71 17.21
N LYS B 410 4.55 16.00 16.66
CA LYS B 410 3.47 16.58 17.40
C LYS B 410 2.25 15.68 17.37
N ILE B 411 2.47 14.39 17.46
CA ILE B 411 1.41 13.40 17.23
C ILE B 411 0.56 13.36 18.47
N SER B 412 -0.73 13.60 18.31
CA SER B 412 -1.70 13.45 19.41
C SER B 412 -2.78 12.44 18.93
N PRO B 413 -3.46 11.79 19.89
CA PRO B 413 -4.06 10.48 19.66
C PRO B 413 -4.34 10.00 18.25
N VAL B 437 21.64 4.48 16.77
CA VAL B 437 21.13 5.83 17.11
C VAL B 437 22.12 6.94 16.70
N LEU B 438 21.58 8.09 16.31
CA LEU B 438 22.36 9.30 16.02
C LEU B 438 22.51 10.18 17.26
N GLU B 439 23.60 10.94 17.28
CA GLU B 439 23.93 11.80 18.42
C GLU B 439 22.92 12.97 18.47
N GLN B 440 22.83 13.67 19.60
CA GLN B 440 21.81 14.73 19.82
C GLN B 440 21.93 15.94 18.86
N LEU B 441 23.11 16.54 18.86
CA LEU B 441 23.48 17.44 17.80
C LEU B 441 24.10 16.51 16.70
N TYR B 442 23.54 16.57 15.50
CA TYR B 442 23.93 15.70 14.38
C TYR B 442 23.76 16.43 13.05
N TYR B 443 22.53 16.67 12.63
CA TYR B 443 22.30 17.44 11.41
C TYR B 443 22.66 18.91 11.51
N PHE B 444 22.78 19.43 12.73
CA PHE B 444 23.19 20.80 12.93
C PHE B 444 24.60 21.01 13.49
N ARG B 445 25.36 19.96 13.76
CA ARG B 445 26.82 20.07 14.00
C ARG B 445 27.57 20.83 12.91
N TYR B 446 28.57 21.63 13.25
CA TYR B 446 29.46 22.23 12.26
C TYR B 446 30.28 21.13 11.56
N ASP B 447 30.96 20.29 12.32
CA ASP B 447 31.78 19.17 11.79
C ASP B 447 31.60 17.98 12.73
N LYS B 448 30.61 17.16 12.40
CA LYS B 448 30.29 15.97 13.19
C LYS B 448 31.37 14.87 13.16
N TYR B 449 32.35 14.99 12.27
CA TYR B 449 33.43 14.01 12.18
C TYR B 449 34.71 14.53 12.80
N ALA B 450 34.69 15.68 13.47
CA ALA B 450 35.92 16.27 14.04
C ALA B 450 36.49 15.44 15.17
N ARG B 451 37.80 15.46 15.24
CA ARG B 451 38.59 14.68 16.17
C ARG B 451 38.69 15.53 17.44
N SER B 452 38.56 14.90 18.61
CA SER B 452 38.90 15.54 19.90
C SER B 452 40.42 15.44 20.16
N CYS B 453 40.95 16.31 21.02
CA CYS B 453 42.32 16.19 21.51
C CYS B 453 42.56 14.88 22.25
N ARG B 454 41.58 14.41 22.99
CA ARG B 454 41.72 13.13 23.73
C ARG B 454 41.94 11.86 22.90
N PHE B 455 41.18 11.63 21.83
CA PHE B 455 41.16 10.32 21.12
C PHE B 455 41.37 10.39 19.61
N LYS B 456 41.74 9.24 19.02
CA LYS B 456 41.75 8.96 17.56
C LYS B 456 40.92 7.68 17.28
N SER B 468 19.46 1.90 24.73
CA SER B 468 18.86 1.48 23.44
C SER B 468 18.29 0.01 23.38
N CYS B 469 17.06 -0.11 22.82
CA CYS B 469 16.22 -1.34 22.85
C CYS B 469 16.07 -2.03 21.50
N TYR B 470 16.84 -1.59 20.49
CA TYR B 470 16.82 -2.12 19.13
C TYR B 470 17.16 -3.59 19.05
N LYS B 471 18.10 -4.06 19.87
CA LYS B 471 18.40 -5.50 19.96
C LYS B 471 17.19 -6.41 20.30
N TYR B 472 16.11 -5.87 20.85
CA TYR B 472 14.92 -6.70 21.17
C TYR B 472 14.10 -7.09 19.92
N GLY B 473 14.35 -6.42 18.79
CA GLY B 473 13.60 -6.68 17.57
C GLY B 473 12.91 -5.41 17.11
N GLN B 474 11.77 -5.55 16.45
CA GLN B 474 11.15 -4.40 15.77
C GLN B 474 10.75 -3.30 16.75
N THR B 475 11.12 -2.09 16.40
CA THR B 475 10.99 -0.94 17.27
C THR B 475 10.26 0.24 16.66
N LEU B 476 9.26 0.71 17.40
CA LEU B 476 8.50 1.90 17.05
C LEU B 476 8.81 2.99 18.08
N ASP B 477 9.50 4.01 17.63
CA ASP B 477 9.93 5.12 18.46
C ASP B 477 8.99 6.32 18.27
N LEU B 478 8.13 6.53 19.26
CA LEU B 478 7.20 7.66 19.34
C LEU B 478 7.59 8.67 20.45
N SER B 479 8.86 8.64 20.87
CA SER B 479 9.28 9.49 21.91
C SER B 479 9.16 10.93 21.50
N LYS B 480 9.04 11.77 22.53
CA LYS B 480 8.84 13.20 22.38
C LYS B 480 7.75 13.53 21.37
N ASN B 481 6.57 12.99 21.58
CA ASN B 481 5.41 13.43 20.83
C ASN B 481 4.41 14.11 21.81
N SER B 482 3.17 14.32 21.38
CA SER B 482 2.14 14.98 22.18
C SER B 482 1.00 14.05 22.52
N ILE B 483 1.33 12.80 22.83
CA ILE B 483 0.33 11.79 23.12
C ILE B 483 -0.10 11.96 24.58
N PHE B 484 -1.35 12.35 24.84
CA PHE B 484 -1.86 12.52 26.21
C PHE B 484 -2.72 11.34 26.63
N PHE B 485 -3.28 10.61 25.65
CA PHE B 485 -4.19 9.48 25.95
C PHE B 485 -3.92 8.36 24.93
N ILE B 486 -3.79 7.13 25.41
CA ILE B 486 -3.61 5.97 24.57
C ILE B 486 -4.75 4.98 24.79
N LYS B 487 -5.10 4.24 23.75
CA LYS B 487 -6.07 3.14 23.84
C LYS B 487 -5.71 2.01 22.89
N SER B 488 -6.24 0.84 23.16
CA SER B 488 -5.88 -0.35 22.39
C SER B 488 -5.87 -0.18 20.91
N SER B 489 -6.92 0.46 20.41
CA SER B 489 -7.11 0.63 18.98
C SER B 489 -5.97 1.44 18.30
N ASP B 490 -5.27 2.27 19.06
CA ASP B 490 -4.08 2.95 18.55
C ASP B 490 -2.98 1.99 18.06
N PHE B 491 -2.91 0.79 18.64
CA PHE B 491 -1.89 -0.20 18.33
C PHE B 491 -2.45 -1.40 17.61
N GLN B 492 -3.62 -1.22 16.99
CA GLN B 492 -4.27 -2.28 16.23
C GLN B 492 -3.32 -2.51 15.03
N HIS B 493 -3.05 -3.78 14.75
CA HIS B 493 -2.18 -4.19 13.64
C HIS B 493 -0.68 -4.08 13.90
N LEU B 494 -0.30 -3.74 15.15
CA LEU B 494 1.11 -3.60 15.48
C LEU B 494 1.54 -4.68 16.47
N SER B 495 0.92 -5.85 16.39
CA SER B 495 1.21 -6.93 17.34
C SER B 495 2.62 -7.49 17.20
N PHE B 496 3.24 -7.26 16.06
CA PHE B 496 4.64 -7.65 15.84
C PHE B 496 5.72 -6.89 16.63
N LEU B 497 5.39 -5.70 17.15
CA LEU B 497 6.37 -4.83 17.81
C LEU B 497 7.03 -5.51 18.98
N LYS B 498 8.33 -5.30 19.10
CA LYS B 498 9.09 -5.84 20.20
C LYS B 498 9.51 -4.76 21.21
N CYS B 499 9.79 -3.55 20.69
CA CYS B 499 10.09 -2.40 21.51
C CYS B 499 9.20 -1.18 21.13
N LEU B 500 8.65 -0.49 22.13
CA LEU B 500 7.87 0.72 21.92
C LEU B 500 8.44 1.80 22.83
N ASN B 501 8.83 2.91 22.24
CA ASN B 501 9.30 4.03 23.00
C ASN B 501 8.29 5.15 23.01
N LEU B 502 7.67 5.33 24.17
CA LEU B 502 6.73 6.38 24.45
C LEU B 502 7.33 7.42 25.40
N SER B 503 8.64 7.40 25.54
CA SER B 503 9.27 8.37 26.39
C SER B 503 8.88 9.77 26.03
N GLY B 504 8.61 10.59 27.04
CA GLY B 504 8.55 12.03 26.80
C GLY B 504 7.29 12.41 26.07
N ASN B 505 6.18 11.77 26.40
CA ASN B 505 4.90 12.21 25.89
C ASN B 505 4.20 12.91 27.03
N LEU B 506 2.87 12.89 27.04
CA LEU B 506 2.11 13.67 28.02
C LEU B 506 1.13 12.73 28.74
N ILE B 507 1.52 11.46 28.94
CA ILE B 507 0.52 10.48 29.30
C ILE B 507 0.24 10.54 30.81
N SER B 508 -1.00 10.85 31.15
CA SER B 508 -1.42 11.24 32.53
C SER B 508 -2.56 10.38 33.03
N GLN B 509 -2.59 9.19 32.50
CA GLN B 509 -3.71 8.31 32.48
C GLN B 509 -3.53 7.27 33.57
N THR B 510 -4.66 6.79 34.12
CA THR B 510 -4.66 5.64 34.99
C THR B 510 -4.75 4.36 34.19
N LEU B 511 -3.60 3.87 33.77
CA LEU B 511 -3.50 2.60 33.04
C LEU B 511 -4.08 1.45 33.85
N ASN B 512 -4.97 0.67 33.22
CA ASN B 512 -5.67 -0.41 33.91
C ASN B 512 -5.51 -1.80 33.27
N GLY B 513 -4.64 -1.93 32.28
CA GLY B 513 -4.42 -3.20 31.60
C GLY B 513 -5.20 -3.41 30.32
N SER B 514 -5.74 -2.34 29.74
CA SER B 514 -6.49 -2.42 28.51
C SER B 514 -5.92 -1.56 27.41
N GLU B 515 -4.90 -0.76 27.69
CA GLU B 515 -4.41 0.25 26.77
C GLU B 515 -3.46 -0.31 25.69
N PHE B 516 -2.74 -1.38 26.01
CA PHE B 516 -1.78 -1.99 25.07
C PHE B 516 -2.16 -3.41 24.59
N GLN B 517 -3.45 -3.76 24.60
CA GLN B 517 -3.87 -5.16 24.41
C GLN B 517 -3.29 -5.86 23.14
N PRO B 518 -3.27 -5.16 22.00
CA PRO B 518 -2.69 -5.74 20.80
C PRO B 518 -1.17 -6.01 20.83
N LEU B 519 -0.42 -5.48 21.80
CA LEU B 519 1.04 -5.63 21.77
C LEU B 519 1.47 -6.90 22.50
N ALA B 520 1.02 -8.02 21.94
CA ALA B 520 1.23 -9.36 22.51
C ALA B 520 2.68 -9.84 22.49
N GLU B 521 3.47 -9.31 21.57
CA GLU B 521 4.87 -9.72 21.39
C GLU B 521 5.88 -8.71 22.01
N LEU B 522 5.38 -7.67 22.67
CA LEU B 522 6.26 -6.57 23.16
C LEU B 522 7.15 -6.99 24.30
N ARG B 523 8.43 -6.68 24.17
CA ARG B 523 9.46 -7.06 25.14
C ARG B 523 10.04 -5.89 25.95
N TYR B 524 10.06 -4.71 25.35
CA TYR B 524 10.62 -3.52 25.97
C TYR B 524 9.60 -2.40 25.78
N LEU B 525 9.21 -1.76 26.85
CA LEU B 525 8.43 -0.54 26.79
C LEU B 525 9.17 0.56 27.58
N ASP B 526 9.44 1.68 26.93
CA ASP B 526 9.99 2.87 27.57
C ASP B 526 8.88 3.91 27.72
N PHE B 527 8.46 4.12 28.96
CA PHE B 527 7.37 4.98 29.32
C PHE B 527 7.91 6.09 30.24
N SER B 528 9.20 6.38 30.11
CA SER B 528 9.81 7.39 30.94
C SER B 528 9.33 8.78 30.51
N ASN B 529 9.47 9.76 31.41
CA ASN B 529 9.07 11.15 31.12
C ASN B 529 7.63 11.30 30.63
N ASN B 530 6.74 10.56 31.26
CA ASN B 530 5.32 10.79 31.17
C ASN B 530 4.81 11.19 32.55
N ARG B 531 3.54 11.01 32.83
CA ARG B 531 3.03 11.29 34.14
C ARG B 531 2.15 10.17 34.56
N LEU B 532 2.77 9.02 34.69
CA LEU B 532 2.07 7.83 35.04
C LEU B 532 1.32 8.05 36.32
N ASP B 533 0.08 7.59 36.32
CA ASP B 533 -0.77 7.57 37.46
C ASP B 533 -1.08 6.15 37.81
N LEU B 534 -0.30 5.60 38.73
CA LEU B 534 -0.42 4.20 39.13
C LEU B 534 -1.55 3.96 40.12
N LEU B 535 -2.77 4.33 39.76
CA LEU B 535 -3.90 4.05 40.64
C LEU B 535 -4.18 2.57 40.73
N HIS B 536 -4.11 1.89 39.59
CA HIS B 536 -4.52 0.48 39.46
C HIS B 536 -3.32 -0.45 39.43
N SER B 537 -3.45 -1.60 40.09
CA SER B 537 -2.36 -2.59 40.10
C SER B 537 -2.41 -3.51 38.90
N THR B 538 -3.39 -3.29 38.02
CA THR B 538 -3.48 -3.98 36.76
C THR B 538 -2.71 -3.28 35.62
N ALA B 539 -2.04 -2.16 35.91
CA ALA B 539 -1.30 -1.42 34.86
C ALA B 539 -0.23 -2.31 34.25
N PHE B 540 -0.19 -2.26 32.93
CA PHE B 540 0.76 -2.99 32.10
C PHE B 540 0.54 -4.51 32.03
N GLU B 541 -0.48 -5.07 32.70
CA GLU B 541 -0.64 -6.55 32.82
C GLU B 541 -0.89 -7.25 31.49
N GLU B 542 -1.46 -6.50 30.54
CA GLU B 542 -1.72 -6.98 29.18
C GLU B 542 -0.46 -7.17 28.32
N LEU B 543 0.65 -6.56 28.69
CA LEU B 543 1.91 -6.77 27.98
C LEU B 543 2.55 -8.06 28.46
N ARG B 544 2.00 -9.17 28.04
CA ARG B 544 2.34 -10.46 28.65
C ARG B 544 3.74 -10.98 28.37
N LYS B 545 4.39 -10.51 27.31
CA LYS B 545 5.78 -10.91 27.04
C LYS B 545 6.82 -9.84 27.48
N LEU B 546 6.39 -8.85 28.27
CA LEU B 546 7.23 -7.71 28.59
C LEU B 546 8.40 -8.12 29.47
N GLU B 547 9.61 -7.79 29.03
CA GLU B 547 10.84 -8.10 29.74
C GLU B 547 11.46 -6.92 30.47
N VAL B 548 11.34 -5.74 29.87
CA VAL B 548 11.90 -4.52 30.41
C VAL B 548 10.85 -3.41 30.34
N LEU B 549 10.64 -2.77 31.48
CA LEU B 549 9.74 -1.65 31.62
C LEU B 549 10.46 -0.48 32.27
N ASP B 550 10.45 0.67 31.59
CA ASP B 550 10.98 1.91 32.13
C ASP B 550 9.86 2.92 32.42
N ILE B 551 9.65 3.19 33.70
CA ILE B 551 8.72 4.22 34.15
C ILE B 551 9.43 5.26 35.02
N SER B 552 10.71 5.49 34.70
CA SER B 552 11.48 6.58 35.26
C SER B 552 10.96 7.96 34.86
N SER B 553 11.26 8.94 35.70
CA SER B 553 10.85 10.31 35.48
C SER B 553 9.33 10.48 35.18
N ASN B 554 8.51 9.77 35.95
CA ASN B 554 7.08 9.98 36.01
C ASN B 554 6.78 10.50 37.42
N SER B 555 7.53 11.49 37.90
CA SER B 555 7.32 11.93 39.29
C SER B 555 5.99 12.70 39.59
N HIS B 556 5.29 13.19 38.58
CA HIS B 556 4.23 14.16 38.76
C HIS B 556 3.20 13.80 39.82
N TYR B 557 2.52 12.67 39.71
CA TYR B 557 1.49 12.31 40.72
C TYR B 557 2.06 11.83 42.05
N PHE B 558 3.31 11.42 42.08
CA PHE B 558 3.95 11.07 43.33
C PHE B 558 4.27 12.28 44.22
N GLN B 559 4.23 13.48 43.66
CA GLN B 559 4.58 14.71 44.40
C GLN B 559 3.45 15.41 45.07
N SER B 560 2.22 14.89 44.96
CA SER B 560 1.06 15.54 45.57
C SER B 560 0.48 14.58 46.60
N GLU B 561 0.27 15.05 47.81
CA GLU B 561 -0.18 14.18 48.88
C GLU B 561 -1.61 13.64 48.69
N GLY B 562 -1.88 12.52 49.33
CA GLY B 562 -3.21 11.93 49.38
C GLY B 562 -3.62 11.12 48.15
N ILE B 563 -2.70 10.88 47.22
CA ILE B 563 -2.98 10.16 45.99
C ILE B 563 -2.60 8.69 46.14
N THR B 564 -3.55 7.82 45.84
CA THR B 564 -3.35 6.39 45.96
C THR B 564 -2.45 5.96 44.80
N HIS B 565 -1.39 5.21 45.16
CA HIS B 565 -0.38 4.68 44.24
C HIS B 565 -0.24 3.20 44.56
N MET B 566 -0.26 2.35 43.53
CA MET B 566 -0.12 0.92 43.74
C MET B 566 1.20 0.40 43.17
N LEU B 567 2.23 0.30 44.01
CA LEU B 567 3.54 -0.22 43.55
C LEU B 567 3.52 -1.72 43.35
N ASN B 568 2.41 -2.38 43.68
CA ASN B 568 2.31 -3.83 43.63
C ASN B 568 1.88 -4.34 42.24
N PHE B 569 1.81 -3.46 41.25
CA PHE B 569 1.53 -3.85 39.83
C PHE B 569 2.51 -4.83 39.18
N THR B 570 3.68 -5.01 39.79
CA THR B 570 4.72 -5.93 39.29
C THR B 570 4.30 -7.40 39.27
N LYS B 571 3.42 -7.81 40.19
CA LYS B 571 2.95 -9.21 40.33
C LYS B 571 2.47 -9.88 39.02
N ASN B 572 1.71 -9.12 38.25
CA ASN B 572 1.09 -9.58 37.00
C ASN B 572 2.02 -9.81 35.81
N LEU B 573 3.21 -9.21 35.82
CA LEU B 573 4.12 -9.26 34.67
C LEU B 573 5.04 -10.46 34.81
N LYS B 574 4.67 -11.55 34.16
CA LYS B 574 5.23 -12.88 34.49
C LYS B 574 6.57 -13.18 33.89
N VAL B 575 7.03 -12.39 32.91
CA VAL B 575 8.40 -12.55 32.36
C VAL B 575 9.28 -11.29 32.48
N LEU B 576 8.91 -10.38 33.37
CA LEU B 576 9.60 -9.12 33.52
C LEU B 576 10.94 -9.36 34.18
N GLN B 577 12.02 -8.84 33.59
CA GLN B 577 13.38 -9.01 34.09
C GLN B 577 13.92 -7.78 34.75
N LYS B 578 13.64 -6.64 34.14
CA LYS B 578 14.23 -5.39 34.54
C LYS B 578 13.16 -4.30 34.65
N LEU B 579 13.12 -3.61 35.80
CA LEU B 579 12.17 -2.57 36.02
C LEU B 579 12.92 -1.34 36.44
N MET B 580 12.76 -0.25 35.71
CA MET B 580 13.42 1.00 36.05
C MET B 580 12.37 1.96 36.52
N MET B 581 12.50 2.43 37.74
CA MET B 581 11.62 3.47 38.25
C MET B 581 12.37 4.56 39.00
N ASN B 582 13.35 5.12 38.29
CA ASN B 582 14.19 6.19 38.80
C ASN B 582 13.55 7.58 38.77
N ASP B 583 13.95 8.44 39.71
CA ASP B 583 13.63 9.87 39.67
C ASP B 583 12.12 10.14 39.63
N ASN B 584 11.39 9.30 40.38
CA ASN B 584 9.95 9.39 40.55
C ASN B 584 9.53 10.04 41.84
N ASP B 585 10.49 10.36 42.72
CA ASP B 585 10.22 11.07 43.97
C ASP B 585 9.23 10.30 44.83
N ILE B 586 9.22 8.98 44.73
CA ILE B 586 8.26 8.16 45.46
C ILE B 586 8.45 8.25 46.98
N SER B 587 7.41 8.69 47.68
CA SER B 587 7.46 8.79 49.13
C SER B 587 6.26 8.18 49.84
N SER B 588 5.47 7.40 49.12
CA SER B 588 4.24 6.86 49.67
C SER B 588 3.72 5.80 48.72
N SER B 589 3.12 4.78 49.29
CA SER B 589 2.54 3.73 48.50
C SER B 589 1.37 3.13 49.27
N THR B 590 0.27 2.86 48.59
CA THR B 590 -0.88 2.28 49.24
C THR B 590 -0.60 0.81 49.52
N SER B 591 0.13 0.15 48.63
CA SER B 591 0.63 -1.21 48.89
C SER B 591 2.01 -1.20 49.51
N ARG B 592 2.29 -2.23 50.30
CA ARG B 592 3.48 -2.32 51.13
C ARG B 592 4.52 -3.27 50.59
N THR B 593 4.19 -3.96 49.52
CA THR B 593 5.05 -4.99 48.97
C THR B 593 5.02 -4.93 47.45
N MET B 594 6.19 -5.07 46.85
CA MET B 594 6.33 -5.34 45.44
C MET B 594 6.67 -6.82 45.35
N GLU B 595 6.05 -7.47 44.35
CA GLU B 595 6.05 -8.91 44.18
C GLU B 595 6.37 -9.24 42.73
N SER B 596 7.30 -10.18 42.54
CA SER B 596 7.58 -10.72 41.21
C SER B 596 8.26 -12.08 41.38
N GLU B 597 7.81 -13.06 40.60
CA GLU B 597 8.51 -14.34 40.50
C GLU B 597 9.73 -14.24 39.55
N SER B 598 9.80 -13.19 38.72
CA SER B 598 10.78 -13.12 37.63
C SER B 598 11.81 -11.98 37.68
N LEU B 599 11.49 -10.86 38.33
CA LEU B 599 12.29 -9.65 38.21
C LEU B 599 13.70 -9.91 38.73
N ARG B 600 14.72 -9.55 37.96
CA ARG B 600 16.13 -9.64 38.36
C ARG B 600 16.76 -8.29 38.71
N THR B 601 16.34 -7.20 38.04
CA THR B 601 16.92 -5.88 38.26
C THR B 601 15.84 -4.86 38.54
N LEU B 602 16.07 -4.09 39.60
CA LEU B 602 15.20 -3.00 39.96
C LEU B 602 16.03 -1.76 40.19
N GLU B 603 15.85 -0.75 39.34
CA GLU B 603 16.46 0.55 39.55
C GLU B 603 15.40 1.43 40.22
N PHE B 604 15.76 1.98 41.40
CA PHE B 604 14.83 2.73 42.26
C PHE B 604 15.55 3.98 42.80
N ARG B 605 16.40 4.60 41.99
CA ARG B 605 17.23 5.70 42.44
C ARG B 605 16.41 6.96 42.33
N GLY B 606 16.72 7.96 43.16
CA GLY B 606 16.01 9.22 43.10
C GLY B 606 14.57 9.15 43.56
N ASN B 607 14.32 8.34 44.59
CA ASN B 607 13.01 8.29 45.26
C ASN B 607 13.20 8.68 46.70
N HIS B 608 12.21 8.46 47.54
CA HIS B 608 12.30 8.86 48.96
C HIS B 608 12.06 7.70 49.92
N LEU B 609 12.91 6.69 49.81
CA LEU B 609 12.84 5.57 50.71
C LEU B 609 13.09 6.07 52.12
N ASP B 610 13.76 7.19 52.27
CA ASP B 610 13.95 7.76 53.60
C ASP B 610 12.64 8.02 54.33
N VAL B 611 11.62 8.43 53.58
CA VAL B 611 10.30 8.69 54.10
C VAL B 611 9.52 7.40 54.36
N LEU B 612 9.61 6.44 53.44
CA LEU B 612 8.94 5.13 53.61
C LEU B 612 9.54 4.28 54.72
N TRP B 613 10.83 4.48 54.96
CA TRP B 613 11.56 3.85 56.03
C TRP B 613 11.93 4.84 57.17
N ARG B 614 11.06 5.80 57.44
CA ARG B 614 11.19 6.72 58.61
C ARG B 614 11.42 5.86 59.85
N ASP B 615 12.32 6.25 60.73
CA ASP B 615 12.58 5.41 61.92
C ASP B 615 11.33 5.22 62.76
N GLY B 616 11.04 3.98 63.15
CA GLY B 616 9.80 3.65 63.87
C GLY B 616 8.61 3.21 63.02
N ASP B 617 8.69 3.33 61.69
CA ASP B 617 7.66 2.89 60.79
C ASP B 617 8.14 1.60 60.13
N ASN B 618 7.56 0.48 60.54
CA ASN B 618 7.88 -0.86 60.01
C ASN B 618 7.21 -1.25 58.71
N ARG B 619 6.27 -0.47 58.27
CA ARG B 619 5.32 -0.95 57.29
C ARG B 619 5.93 -1.24 55.92
N TYR B 620 7.04 -0.59 55.56
CA TYR B 620 7.64 -0.76 54.24
C TYR B 620 8.99 -1.44 54.28
N LEU B 621 9.34 -2.06 55.42
CA LEU B 621 10.64 -2.76 55.51
C LEU B 621 10.76 -4.05 54.70
N GLN B 622 9.63 -4.56 54.21
CA GLN B 622 9.56 -5.72 53.34
C GLN B 622 9.14 -5.30 51.89
N LEU B 623 9.37 -4.05 51.52
CA LEU B 623 8.94 -3.55 50.22
C LEU B 623 9.47 -4.41 49.10
N PHE B 624 10.74 -4.76 49.17
CA PHE B 624 11.40 -5.53 48.12
C PHE B 624 11.50 -7.06 48.36
N LYS B 625 11.01 -7.57 49.51
CA LYS B 625 11.21 -8.98 49.92
C LYS B 625 10.66 -10.04 48.98
N ASN B 626 9.54 -9.73 48.32
CA ASN B 626 8.89 -10.71 47.48
C ASN B 626 9.22 -10.56 46.01
N LEU B 627 10.33 -9.88 45.72
CA LEU B 627 10.96 -9.89 44.41
C LEU B 627 11.96 -11.01 44.45
N LEU B 628 11.44 -12.23 44.30
CA LEU B 628 12.19 -13.44 44.69
C LEU B 628 13.50 -13.63 43.93
N LYS B 629 13.49 -13.33 42.64
CA LYS B 629 14.68 -13.52 41.80
C LYS B 629 15.54 -12.25 41.68
N LEU B 630 15.27 -11.25 42.51
CA LEU B 630 16.00 -10.00 42.41
C LEU B 630 17.46 -10.21 42.76
N GLU B 631 18.33 -9.83 41.84
CA GLU B 631 19.80 -9.88 42.03
C GLU B 631 20.50 -8.53 42.09
N GLU B 632 19.93 -7.47 41.48
CA GLU B 632 20.51 -6.11 41.40
C GLU B 632 19.50 -5.07 41.86
N LEU B 633 19.88 -4.24 42.84
CA LEU B 633 18.98 -3.24 43.40
C LEU B 633 19.71 -1.94 43.56
N ASP B 634 19.22 -0.89 42.89
CA ASP B 634 19.82 0.44 42.97
C ASP B 634 18.90 1.34 43.75
N ILE B 635 19.27 1.57 45.00
CA ILE B 635 18.58 2.51 45.86
C ILE B 635 19.53 3.63 46.26
N SER B 636 20.35 4.06 45.31
CA SER B 636 21.13 5.27 45.44
C SER B 636 20.25 6.53 45.36
N LYS B 637 20.72 7.67 45.85
CA LYS B 637 20.02 8.95 45.71
C LYS B 637 18.60 8.86 46.25
N ASN B 638 18.48 8.27 47.44
CA ASN B 638 17.20 8.16 48.16
C ASN B 638 17.20 8.86 49.50
N SER B 639 18.21 9.64 49.77
CA SER B 639 18.24 10.56 50.91
C SER B 639 18.28 9.88 52.28
N LEU B 640 18.98 8.75 52.29
CA LEU B 640 19.11 7.86 53.44
C LEU B 640 20.37 8.22 54.23
N SER B 641 20.20 9.08 55.22
CA SER B 641 21.21 9.37 56.23
C SER B 641 21.57 8.15 57.03
N PHE B 642 20.58 7.28 57.24
CA PHE B 642 20.75 6.04 57.96
C PHE B 642 19.81 4.98 57.39
N LEU B 643 20.11 3.72 57.66
CA LEU B 643 19.25 2.62 57.34
C LEU B 643 18.66 2.11 58.65
N PRO B 644 17.33 2.21 58.83
CA PRO B 644 16.80 1.61 60.07
C PRO B 644 16.97 0.11 60.05
N SER B 645 16.90 -0.52 61.21
CA SER B 645 17.06 -1.99 61.23
C SER B 645 15.77 -2.60 60.74
N GLY B 646 15.93 -3.74 60.09
CA GLY B 646 14.89 -4.38 59.30
C GLY B 646 15.15 -4.35 57.80
N VAL B 647 15.92 -3.38 57.32
CA VAL B 647 16.03 -3.11 55.90
C VAL B 647 16.71 -4.25 55.20
N PHE B 648 17.84 -4.69 55.75
CA PHE B 648 18.58 -5.80 55.15
C PHE B 648 17.89 -7.15 55.35
N ASP B 649 17.28 -7.35 56.50
CA ASP B 649 16.49 -8.55 56.73
C ASP B 649 15.33 -8.65 55.71
N GLY B 650 14.80 -7.49 55.35
CA GLY B 650 13.74 -7.38 54.37
C GLY B 650 14.14 -7.45 52.91
N MET B 651 15.42 -7.51 52.61
CA MET B 651 15.86 -7.68 51.23
C MET B 651 15.55 -9.07 50.74
N PRO B 652 15.31 -9.22 49.45
CA PRO B 652 15.07 -10.55 48.94
C PRO B 652 16.35 -11.39 48.89
N PRO B 653 16.20 -12.72 48.98
CA PRO B 653 17.29 -13.64 49.31
C PRO B 653 18.43 -13.75 48.31
N ASN B 654 18.19 -13.45 47.05
CA ASN B 654 19.23 -13.58 46.02
C ASN B 654 19.92 -12.29 45.65
N LEU B 655 19.74 -11.25 46.44
CA LEU B 655 20.37 -9.98 46.13
C LEU B 655 21.90 -10.10 46.08
N LYS B 656 22.50 -9.70 44.94
CA LYS B 656 23.94 -9.73 44.69
C LYS B 656 24.58 -8.37 44.60
N ASN B 657 23.96 -7.47 43.83
CA ASN B 657 24.48 -6.13 43.52
C ASN B 657 23.55 -5.12 44.25
N LEU B 658 24.06 -4.43 45.27
CA LEU B 658 23.31 -3.38 45.95
C LEU B 658 24.05 -2.04 45.86
N SER B 659 23.41 -0.99 45.32
CA SER B 659 23.94 0.37 45.36
C SER B 659 23.20 1.21 46.38
N LEU B 660 23.99 1.78 47.29
CA LEU B 660 23.51 2.74 48.28
C LEU B 660 24.26 4.05 48.10
N ALA B 661 24.70 4.33 46.87
CA ALA B 661 25.55 5.50 46.57
C ALA B 661 24.79 6.82 46.71
N LYS B 662 25.49 7.90 47.05
CA LYS B 662 24.92 9.24 46.98
C LYS B 662 23.66 9.40 47.82
N ASN B 663 23.71 8.89 49.04
CA ASN B 663 22.57 8.94 49.97
C ASN B 663 22.78 9.82 51.17
N GLY B 664 23.97 10.38 51.28
CA GLY B 664 24.35 11.10 52.48
C GLY B 664 24.43 10.23 53.72
N LEU B 665 24.61 8.90 53.57
CA LEU B 665 24.75 8.00 54.71
C LEU B 665 25.90 8.41 55.66
N LYS B 666 25.57 8.50 56.95
CA LYS B 666 26.52 8.92 58.00
C LYS B 666 26.86 7.83 59.00
N SER B 667 26.22 6.68 58.89
CA SER B 667 26.55 5.55 59.70
C SER B 667 26.00 4.35 59.00
N PHE B 668 26.55 3.19 59.35
CA PHE B 668 26.23 1.97 58.64
C PHE B 668 26.67 0.83 59.54
N ILE B 669 25.70 0.09 60.08
CA ILE B 669 25.99 -1.07 60.90
C ILE B 669 26.37 -2.21 59.95
N TRP B 670 27.67 -2.36 59.77
CA TRP B 670 28.25 -3.36 58.88
C TRP B 670 27.82 -4.77 59.23
N GLU B 671 27.63 -5.03 60.52
CA GLU B 671 27.21 -6.35 61.05
C GLU B 671 25.92 -6.82 60.41
N LYS B 672 25.05 -5.88 60.05
CA LYS B 672 23.79 -6.21 59.39
C LYS B 672 23.96 -6.84 57.97
N LEU B 673 25.14 -6.69 57.37
CA LEU B 673 25.43 -7.38 56.11
C LEU B 673 25.33 -8.91 56.16
N ARG B 674 25.37 -9.47 57.36
CA ARG B 674 25.08 -10.90 57.58
C ARG B 674 23.76 -11.35 57.03
N TYR B 675 22.76 -10.44 56.96
CA TYR B 675 21.47 -10.78 56.36
C TYR B 675 21.49 -10.99 54.82
N LEU B 676 22.44 -10.37 54.14
CA LEU B 676 22.55 -10.47 52.69
C LEU B 676 23.52 -11.57 52.31
N LYS B 677 23.03 -12.78 52.42
CA LYS B 677 23.86 -13.98 52.28
C LYS B 677 24.42 -14.22 50.89
N ASN B 678 23.85 -13.60 49.86
CA ASN B 678 24.44 -13.69 48.50
C ASN B 678 25.12 -12.41 47.92
N LEU B 679 25.28 -11.39 48.77
CA LEU B 679 25.82 -10.13 48.33
C LEU B 679 27.24 -10.28 47.79
N GLU B 680 27.48 -9.72 46.62
CA GLU B 680 28.81 -9.74 45.96
C GLU B 680 29.36 -8.34 45.74
N THR B 681 28.49 -7.40 45.36
CA THR B 681 28.87 -6.00 45.13
C THR B 681 28.06 -5.08 46.05
N LEU B 682 28.76 -4.23 46.77
CA LEU B 682 28.14 -3.24 47.62
C LEU B 682 28.74 -1.89 47.24
N ASP B 683 27.92 -1.01 46.66
CA ASP B 683 28.37 0.30 46.26
C ASP B 683 27.91 1.28 47.30
N LEU B 684 28.85 1.77 48.08
CA LEU B 684 28.57 2.79 49.11
C LEU B 684 29.24 4.13 48.78
N SER B 685 29.56 4.35 47.51
CA SER B 685 30.31 5.54 47.14
C SER B 685 29.51 6.82 47.36
N HIS B 686 30.20 7.90 47.63
CA HIS B 686 29.62 9.26 47.71
C HIS B 686 28.69 9.39 48.86
N ASN B 687 29.18 9.02 50.03
CA ASN B 687 28.42 9.10 51.26
C ASN B 687 29.31 9.76 52.30
N GLN B 688 28.96 9.66 53.57
CA GLN B 688 29.71 10.25 54.67
C GLN B 688 30.11 9.22 55.69
N LEU B 689 30.36 7.99 55.24
CA LEU B 689 30.80 6.99 56.18
C LEU B 689 32.17 7.38 56.70
N THR B 690 32.35 7.24 58.01
CA THR B 690 33.63 7.51 58.69
C THR B 690 34.36 6.23 59.12
N THR B 691 33.79 5.05 58.94
CA THR B 691 34.45 3.83 59.43
C THR B 691 34.26 2.69 58.46
N VAL B 692 35.15 1.71 58.57
CA VAL B 692 34.98 0.43 57.89
C VAL B 692 34.65 -0.60 59.00
N PRO B 693 34.16 -1.78 58.61
CA PRO B 693 33.88 -2.78 59.63
C PRO B 693 35.15 -3.24 60.32
N GLU B 694 35.07 -3.56 61.63
CA GLU B 694 36.16 -4.19 62.39
C GLU B 694 36.70 -5.46 61.73
N ARG B 695 35.81 -6.26 61.17
CA ARG B 695 36.17 -7.49 60.50
C ARG B 695 35.20 -7.74 59.35
N LEU B 696 35.65 -7.47 58.13
CA LEU B 696 34.83 -7.63 56.96
C LEU B 696 34.41 -9.06 56.75
N SER B 697 35.20 -10.03 57.23
CA SER B 697 34.86 -11.45 57.01
C SER B 697 33.72 -11.91 57.94
N ASN B 698 33.62 -11.29 59.12
CA ASN B 698 32.54 -11.53 60.10
C ASN B 698 31.22 -10.78 59.71
N CYS B 699 31.26 -10.01 58.62
CA CYS B 699 30.13 -9.22 58.09
C CYS B 699 29.58 -9.78 56.81
N SER B 700 30.45 -10.19 55.91
CA SER B 700 30.03 -10.75 54.66
C SER B 700 31.10 -11.69 54.07
N ARG B 701 30.89 -13.00 54.19
CA ARG B 701 31.76 -14.01 53.56
C ARG B 701 31.71 -13.95 52.03
N SER B 702 30.57 -13.59 51.48
CA SER B 702 30.36 -13.60 50.03
C SER B 702 30.93 -12.41 49.25
N LEU B 703 31.25 -11.30 49.94
CA LEU B 703 31.49 -10.00 49.27
C LEU B 703 32.75 -9.93 48.43
N LYS B 704 32.58 -9.60 47.15
CA LYS B 704 33.66 -9.56 46.15
C LYS B 704 34.11 -8.15 45.80
N ASN B 705 33.18 -7.23 45.61
CA ASN B 705 33.50 -5.82 45.30
C ASN B 705 32.95 -4.87 46.32
N LEU B 706 33.80 -4.13 46.97
CA LEU B 706 33.34 -3.18 47.97
C LEU B 706 33.83 -1.83 47.49
N ILE B 707 32.90 -0.89 47.31
CA ILE B 707 33.18 0.43 46.76
C ILE B 707 32.87 1.47 47.79
N LEU B 708 33.91 2.09 48.35
CA LEU B 708 33.77 3.09 49.44
C LEU B 708 34.29 4.46 49.03
N LYS B 709 34.45 4.70 47.73
CA LYS B 709 35.04 5.93 47.30
C LYS B 709 34.21 7.10 47.71
N ASN B 710 34.85 8.23 47.99
CA ASN B 710 34.17 9.49 48.28
C ASN B 710 33.38 9.44 49.54
N ASN B 711 34.07 9.02 50.59
CA ASN B 711 33.49 8.98 51.93
C ASN B 711 34.38 9.78 52.84
N GLN B 712 34.21 9.64 54.15
CA GLN B 712 35.00 10.43 55.13
C GLN B 712 35.80 9.53 56.05
N ILE B 713 36.27 8.40 55.50
CA ILE B 713 37.01 7.42 56.28
C ILE B 713 38.40 7.99 56.57
N ARG B 714 38.77 8.07 57.85
CA ARG B 714 40.05 8.66 58.32
C ARG B 714 41.09 7.63 58.66
N SER B 715 40.65 6.42 58.98
CA SER B 715 41.54 5.34 59.35
C SER B 715 40.82 4.04 59.13
N LEU B 716 41.57 2.99 58.82
CA LEU B 716 40.99 1.67 58.81
C LEU B 716 40.95 1.08 60.21
N THR B 717 40.27 -0.04 60.35
CA THR B 717 40.23 -0.79 61.60
C THR B 717 41.39 -1.77 61.63
N LYS B 718 41.81 -2.14 62.84
CA LYS B 718 43.05 -2.90 63.01
C LYS B 718 43.12 -4.18 62.19
N TYR B 719 42.04 -4.96 62.15
CA TYR B 719 42.06 -6.24 61.38
C TYR B 719 41.11 -6.25 60.17
N PHE B 720 40.66 -5.05 59.73
CA PHE B 720 39.72 -4.83 58.61
C PHE B 720 39.57 -6.02 57.64
N LEU B 721 40.55 -6.23 56.76
CA LEU B 721 40.44 -7.26 55.74
C LEU B 721 40.84 -8.70 56.14
N GLN B 722 41.10 -8.93 57.42
CA GLN B 722 41.62 -10.25 57.84
C GLN B 722 40.67 -11.37 57.43
N ASP B 723 41.24 -12.36 56.76
CA ASP B 723 40.54 -13.57 56.32
C ASP B 723 39.41 -13.34 55.31
N ALA B 724 39.46 -12.22 54.60
CA ALA B 724 38.43 -11.86 53.64
C ALA B 724 38.80 -12.42 52.27
N PHE B 725 38.87 -13.75 52.15
CA PHE B 725 39.49 -14.39 50.98
C PHE B 725 38.69 -14.23 49.70
N GLN B 726 37.40 -13.91 49.85
CA GLN B 726 36.50 -13.77 48.70
C GLN B 726 36.58 -12.39 47.96
N LEU B 727 37.17 -11.39 48.64
CA LEU B 727 37.33 -10.06 48.13
C LEU B 727 38.28 -9.99 46.95
N ARG B 728 37.88 -9.20 45.97
CA ARG B 728 38.58 -9.04 44.71
C ARG B 728 38.81 -7.58 44.30
N TYR B 729 37.94 -6.67 44.74
CA TYR B 729 37.94 -5.29 44.29
C TYR B 729 37.64 -4.43 45.49
N LEU B 730 38.43 -3.39 45.72
CA LEU B 730 38.23 -2.55 46.89
C LEU B 730 38.60 -1.13 46.54
N ASP B 731 37.61 -0.23 46.55
CA ASP B 731 37.84 1.17 46.24
C ASP B 731 37.80 1.98 47.53
N LEU B 732 38.95 2.52 47.96
CA LEU B 732 39.03 3.41 49.11
C LEU B 732 39.45 4.80 48.69
N SER B 733 39.36 5.06 47.39
CA SER B 733 39.80 6.36 46.84
C SER B 733 38.95 7.52 47.37
N SER B 734 39.52 8.71 47.42
CA SER B 734 38.80 9.91 47.82
C SER B 734 38.23 9.92 49.24
N ASN B 735 38.99 9.36 50.15
CA ASN B 735 38.63 9.38 51.56
C ASN B 735 39.60 10.34 52.29
N LYS B 736 39.80 10.18 53.59
CA LYS B 736 40.67 11.05 54.35
C LYS B 736 41.69 10.19 55.12
N ILE B 737 42.05 9.04 54.52
CA ILE B 737 42.88 8.02 55.22
C ILE B 737 44.32 8.53 55.39
N GLN B 738 44.86 8.42 56.59
CA GLN B 738 46.22 8.88 56.91
C GLN B 738 47.27 7.79 56.88
N MET B 739 46.92 6.61 57.40
CA MET B 739 47.82 5.49 57.60
C MET B 739 47.11 4.21 57.28
N ILE B 740 47.82 3.27 56.70
CA ILE B 740 47.35 1.89 56.60
C ILE B 740 48.46 1.03 57.21
N GLN B 741 48.12 0.19 58.20
CA GLN B 741 49.04 -0.81 58.77
C GLN B 741 48.82 -2.23 58.22
N LYS B 742 49.85 -3.08 58.32
CA LYS B 742 49.86 -4.46 57.77
C LYS B 742 48.71 -5.37 58.29
N THR B 743 48.29 -5.16 59.53
CA THR B 743 47.23 -5.94 60.14
C THR B 743 45.86 -5.74 59.48
N SER B 744 45.60 -4.49 59.08
CA SER B 744 44.44 -4.12 58.25
C SER B 744 44.50 -4.72 56.86
N PHE B 745 45.70 -4.90 56.32
CA PHE B 745 45.90 -5.24 54.89
C PHE B 745 46.77 -6.50 54.72
N PRO B 746 46.29 -7.65 55.16
CA PRO B 746 47.13 -8.83 55.05
C PRO B 746 47.39 -9.21 53.61
N GLU B 747 48.60 -9.72 53.37
CA GLU B 747 49.07 -10.07 52.04
C GLU B 747 48.26 -11.19 51.38
N ASN B 748 47.88 -12.21 52.17
CA ASN B 748 47.04 -13.35 51.66
C ASN B 748 45.68 -12.96 51.04
N VAL B 749 45.19 -11.76 51.40
CA VAL B 749 44.01 -11.13 50.78
C VAL B 749 44.42 -10.23 49.61
N LEU B 750 45.33 -9.30 49.87
CA LEU B 750 45.78 -8.32 48.86
C LEU B 750 46.21 -8.97 47.57
N ASN B 751 46.93 -10.08 47.65
CA ASN B 751 47.46 -10.69 46.45
C ASN B 751 46.39 -11.41 45.63
N ASN B 752 45.21 -11.65 46.23
CA ASN B 752 43.98 -11.98 45.46
C ASN B 752 43.30 -10.81 44.69
N LEU B 753 43.56 -9.54 45.08
CA LEU B 753 42.82 -8.38 44.57
C LEU B 753 43.13 -8.06 43.14
N LYS B 754 42.07 -8.08 42.34
CA LYS B 754 42.14 -7.65 40.95
C LYS B 754 42.46 -6.17 40.88
N MET B 755 41.98 -5.40 41.85
CA MET B 755 42.22 -3.96 41.88
C MET B 755 42.02 -3.38 43.27
N LEU B 756 42.87 -2.42 43.64
CA LEU B 756 42.77 -1.73 44.92
C LEU B 756 43.02 -0.25 44.71
N LEU B 757 42.04 0.60 45.03
CA LEU B 757 42.13 2.02 44.71
C LEU B 757 42.37 2.81 45.97
N LEU B 758 43.39 3.66 45.96
CA LEU B 758 43.84 4.40 47.16
C LEU B 758 44.11 5.88 46.95
N HIS B 759 43.83 6.39 45.75
CA HIS B 759 44.18 7.76 45.40
C HIS B 759 43.32 8.80 46.10
N HIS B 760 43.80 10.06 46.13
CA HIS B 760 43.15 11.21 46.80
C HIS B 760 42.79 10.94 48.25
N ASN B 761 43.74 10.44 49.02
CA ASN B 761 43.61 10.28 50.48
C ASN B 761 44.49 11.30 51.22
N ARG B 762 44.72 11.19 52.53
CA ARG B 762 45.45 12.23 53.28
C ARG B 762 46.69 11.64 53.96
N PHE B 763 47.48 10.90 53.18
CA PHE B 763 48.52 10.01 53.71
C PHE B 763 49.60 10.75 54.51
N LEU B 764 49.88 10.28 55.72
CA LEU B 764 50.93 10.81 56.52
C LEU B 764 52.17 9.93 56.34
N CYS B 765 53.28 10.57 55.99
CA CYS B 765 54.50 9.90 55.57
C CYS B 765 55.60 9.99 56.62
N THR B 766 55.33 9.40 57.78
CA THR B 766 56.24 9.36 58.93
C THR B 766 56.73 7.93 59.00
N CYS B 767 57.53 7.61 60.01
CA CYS B 767 58.11 6.26 60.13
C CYS B 767 57.06 5.21 60.48
N ASP B 768 55.98 5.63 61.14
CA ASP B 768 54.81 4.78 61.36
C ASP B 768 54.15 4.25 60.06
N ALA B 769 54.31 4.98 58.95
CA ALA B 769 53.79 4.57 57.65
C ALA B 769 54.74 3.72 56.83
N VAL B 770 55.83 3.25 57.42
CA VAL B 770 56.87 2.60 56.64
C VAL B 770 56.42 1.31 55.98
N TRP B 771 55.66 0.47 56.68
CA TRP B 771 55.14 -0.76 56.02
C TRP B 771 54.41 -0.43 54.68
N PHE B 772 53.50 0.54 54.76
CA PHE B 772 52.66 0.92 53.62
C PHE B 772 53.47 1.53 52.48
N VAL B 773 54.37 2.46 52.83
CA VAL B 773 55.23 3.08 51.83
C VAL B 773 56.07 2.03 51.11
N TRP B 774 56.67 1.12 51.85
CA TRP B 774 57.47 0.05 51.24
C TRP B 774 56.58 -0.87 50.39
N TRP B 775 55.45 -1.29 50.97
CA TRP B 775 54.55 -2.22 50.27
C TRP B 775 54.04 -1.64 48.96
N VAL B 776 53.65 -0.38 49.00
CA VAL B 776 53.17 0.32 47.79
C VAL B 776 54.24 0.33 46.70
N GLN B 777 55.48 0.51 47.12
CA GLN B 777 56.61 0.54 46.21
C GLN B 777 56.91 -0.76 45.54
N HIS B 778 56.68 -1.88 46.24
CA HIS B 778 57.05 -3.20 45.73
C HIS B 778 55.94 -4.15 45.28
N THR B 779 54.68 -3.94 45.69
CA THR B 779 53.56 -4.85 45.32
C THR B 779 53.30 -4.86 43.84
N GLU B 780 52.74 -5.98 43.37
CA GLU B 780 52.28 -6.07 41.98
C GLU B 780 50.74 -5.97 41.87
N VAL B 781 50.06 -5.70 42.99
CA VAL B 781 48.62 -5.41 42.99
C VAL B 781 48.32 -4.16 42.20
N THR B 782 47.29 -4.18 41.38
CA THR B 782 46.95 -3.01 40.54
C THR B 782 46.38 -1.88 41.39
N ILE B 783 47.05 -0.74 41.34
CA ILE B 783 46.68 0.44 42.08
C ILE B 783 46.70 1.57 41.07
N PRO B 784 45.52 1.98 40.56
CA PRO B 784 45.54 3.01 39.54
C PRO B 784 46.01 4.33 40.11
N TYR B 785 46.51 5.18 39.23
CA TYR B 785 46.98 6.53 39.58
C TYR B 785 48.10 6.55 40.62
N LEU B 786 48.88 5.48 40.66
CA LEU B 786 49.91 5.32 41.68
C LEU B 786 51.02 6.34 41.56
N ALA B 787 51.44 6.59 40.33
CA ALA B 787 52.49 7.56 40.04
C ALA B 787 52.08 9.00 40.19
N THR B 788 50.80 9.25 40.06
CA THR B 788 50.25 10.57 39.83
C THR B 788 49.51 11.15 41.04
N ASP B 789 48.76 10.30 41.76
CA ASP B 789 47.78 10.76 42.74
C ASP B 789 47.72 9.98 44.03
N VAL B 790 48.81 9.32 44.40
CA VAL B 790 48.96 8.74 45.74
C VAL B 790 50.13 9.45 46.37
N THR B 791 49.79 10.43 47.21
CA THR B 791 50.60 11.59 47.57
C THR B 791 50.54 11.87 49.04
N CYS B 792 51.65 12.25 49.64
CA CYS B 792 51.70 12.61 51.07
C CYS B 792 51.13 14.00 51.24
N VAL B 793 50.47 14.24 52.36
CA VAL B 793 50.10 15.59 52.77
C VAL B 793 51.08 16.18 53.77
N GLY B 794 51.92 15.33 54.35
CA GLY B 794 52.88 15.74 55.36
C GLY B 794 53.72 14.55 55.83
N PRO B 795 54.62 14.76 56.79
CA PRO B 795 54.94 16.08 57.38
C PRO B 795 55.97 16.94 56.58
N GLY B 796 56.10 18.20 56.98
CA GLY B 796 57.09 19.10 56.45
C GLY B 796 57.22 19.06 54.95
N ALA B 797 58.44 18.83 54.47
CA ALA B 797 58.76 18.94 53.05
C ALA B 797 58.34 17.70 52.23
N HIS B 798 57.88 16.64 52.93
CA HIS B 798 57.16 15.51 52.29
C HIS B 798 55.83 15.91 51.63
N LYS B 799 55.21 17.01 52.09
CA LYS B 799 53.98 17.49 51.47
C LYS B 799 54.08 17.55 49.95
N GLY B 800 53.10 16.96 49.26
CA GLY B 800 53.01 17.01 47.81
C GLY B 800 53.89 16.01 47.05
N GLN B 801 54.65 15.17 47.76
CA GLN B 801 55.53 14.21 47.08
C GLN B 801 54.84 12.85 47.01
N SER B 802 54.91 12.22 45.85
CA SER B 802 54.35 10.89 45.69
C SER B 802 54.95 9.88 46.68
N VAL B 803 54.11 9.00 47.23
CA VAL B 803 54.60 7.99 48.20
C VAL B 803 55.49 6.94 47.49
N ILE B 804 55.23 6.72 46.21
CA ILE B 804 56.02 5.78 45.40
C ILE B 804 57.52 6.17 45.31
N SER B 805 57.81 7.48 45.40
CA SER B 805 59.16 8.04 45.25
C SER B 805 59.87 8.34 46.60
N LEU B 806 59.19 8.04 47.69
CA LEU B 806 59.65 8.39 49.04
C LEU B 806 60.79 7.49 49.55
N ASP B 807 61.89 8.09 50.03
CA ASP B 807 63.03 7.33 50.58
C ASP B 807 62.99 7.48 52.11
N LEU B 808 62.51 6.46 52.82
CA LEU B 808 62.42 6.46 54.29
C LEU B 808 63.55 5.67 54.94
N TYR B 809 64.76 6.12 54.67
CA TYR B 809 65.98 5.36 55.01
C TYR B 809 66.24 5.23 56.51
N THR B 810 65.69 6.13 57.32
CA THR B 810 65.87 6.06 58.76
C THR B 810 64.89 5.11 59.51
N CYS B 811 64.00 4.34 58.84
CA CYS B 811 62.88 3.64 59.57
C CYS B 811 62.76 2.15 59.63
N SER C 2 -20.34 -25.12 -79.60
CA SER C 2 -21.25 -26.27 -79.49
C SER C 2 -22.07 -26.54 -80.81
N PRO C 3 -21.45 -26.52 -82.03
CA PRO C 3 -22.33 -26.89 -83.17
C PRO C 3 -22.61 -28.40 -83.26
N TRP C 4 -21.59 -29.24 -83.04
CA TRP C 4 -21.75 -30.69 -82.86
C TRP C 4 -22.89 -31.12 -81.89
N ALA C 5 -23.23 -30.30 -80.90
CA ALA C 5 -24.25 -30.67 -79.89
C ALA C 5 -25.72 -30.35 -80.26
N ARG C 6 -25.92 -29.60 -81.35
CA ARG C 6 -27.29 -29.22 -81.78
C ARG C 6 -28.09 -30.45 -82.25
N TRP C 7 -27.39 -31.52 -82.60
CA TRP C 7 -28.05 -32.80 -82.92
C TRP C 7 -28.76 -33.51 -81.74
N PHE C 8 -28.39 -33.16 -80.51
CA PHE C 8 -28.87 -33.84 -79.31
C PHE C 8 -29.94 -33.04 -78.62
N PRO C 9 -30.88 -33.72 -77.97
CA PRO C 9 -32.04 -33.01 -77.44
C PRO C 9 -31.76 -32.23 -76.15
N LYS C 10 -32.25 -31.01 -76.14
CA LYS C 10 -32.14 -30.12 -74.99
C LYS C 10 -32.90 -30.61 -73.78
N THR C 11 -33.87 -31.50 -73.97
CA THR C 11 -34.63 -32.10 -72.86
C THR C 11 -33.89 -33.17 -72.06
N LEU C 12 -32.77 -33.63 -72.57
CA LEU C 12 -32.03 -34.70 -71.92
C LEU C 12 -31.45 -34.20 -70.62
N PRO C 13 -31.77 -34.84 -69.50
CA PRO C 13 -31.33 -34.25 -68.24
C PRO C 13 -29.89 -34.56 -67.88
N CYS C 14 -28.98 -34.52 -68.84
CA CYS C 14 -27.66 -35.08 -68.69
C CYS C 14 -26.70 -34.24 -69.49
N ASP C 15 -25.48 -34.12 -69.01
CA ASP C 15 -24.50 -33.29 -69.68
C ASP C 15 -23.80 -34.12 -70.73
N VAL C 16 -23.78 -33.61 -71.96
CA VAL C 16 -23.17 -34.31 -73.09
C VAL C 16 -21.91 -33.59 -73.52
N THR C 17 -20.88 -34.37 -73.81
CA THR C 17 -19.58 -33.85 -74.18
C THR C 17 -18.99 -34.80 -75.17
N LEU C 18 -17.90 -34.35 -75.80
CA LEU C 18 -17.32 -35.06 -76.91
C LEU C 18 -15.80 -35.04 -76.80
N ASP C 19 -15.19 -36.23 -76.82
CA ASP C 19 -13.75 -36.38 -77.03
C ASP C 19 -13.56 -36.67 -78.53
N VAL C 20 -13.31 -35.60 -79.31
CA VAL C 20 -13.01 -35.75 -80.74
C VAL C 20 -11.64 -36.40 -80.81
N SER C 21 -11.42 -37.23 -81.82
CA SER C 21 -10.14 -37.95 -82.03
C SER C 21 -10.05 -39.25 -81.24
N LYS C 22 -10.95 -39.46 -80.27
CA LYS C 22 -11.28 -40.80 -79.78
C LYS C 22 -12.67 -41.24 -80.24
N ASN C 23 -13.39 -40.36 -80.94
CA ASN C 23 -14.83 -40.52 -81.23
C ASN C 23 -15.57 -41.10 -80.03
N HIS C 24 -15.54 -40.34 -78.93
CA HIS C 24 -16.29 -40.66 -77.73
C HIS C 24 -17.35 -39.60 -77.54
N VAL C 25 -18.57 -40.05 -77.31
CA VAL C 25 -19.66 -39.19 -76.93
C VAL C 25 -19.91 -39.54 -75.49
N ILE C 26 -19.70 -38.57 -74.61
CA ILE C 26 -19.80 -38.80 -73.17
C ILE C 26 -21.07 -38.20 -72.63
N VAL C 27 -21.81 -38.98 -71.86
CA VAL C 27 -23.11 -38.54 -71.33
C VAL C 27 -23.11 -38.77 -69.83
N ASP C 28 -23.40 -37.72 -69.08
CA ASP C 28 -23.25 -37.70 -67.64
C ASP C 28 -24.60 -37.37 -67.00
N CYS C 29 -25.22 -38.38 -66.41
CA CYS C 29 -26.49 -38.22 -65.71
C CYS C 29 -26.31 -38.35 -64.23
N THR C 30 -25.14 -37.91 -63.73
CA THR C 30 -24.84 -38.00 -62.30
C THR C 30 -25.86 -37.22 -61.48
N ASP C 31 -26.51 -37.88 -60.53
CA ASP C 31 -27.31 -37.19 -59.51
C ASP C 31 -28.43 -36.34 -60.11
N LYS C 32 -29.31 -36.98 -60.88
CA LYS C 32 -30.42 -36.29 -61.53
C LYS C 32 -31.77 -36.86 -61.13
N HIS C 33 -31.80 -37.61 -60.02
CA HIS C 33 -33.01 -38.21 -59.43
C HIS C 33 -33.79 -39.12 -60.34
N LEU C 34 -33.08 -39.95 -61.08
CA LEU C 34 -33.69 -40.77 -62.12
C LEU C 34 -34.16 -42.07 -61.56
N THR C 35 -35.35 -42.49 -61.96
CA THR C 35 -35.85 -43.85 -61.67
C THR C 35 -35.78 -44.75 -62.91
N GLU C 36 -35.52 -44.18 -64.09
CA GLU C 36 -35.38 -44.91 -65.34
C GLU C 36 -34.19 -44.33 -66.07
N ILE C 37 -33.50 -45.14 -66.85
CA ILE C 37 -32.52 -44.57 -67.79
C ILE C 37 -33.31 -43.63 -68.69
N PRO C 38 -32.84 -42.39 -68.92
CA PRO C 38 -33.66 -41.51 -69.73
C PRO C 38 -33.68 -41.95 -71.19
N GLY C 39 -34.86 -41.84 -71.81
CA GLY C 39 -35.01 -41.97 -73.25
C GLY C 39 -34.47 -40.66 -73.79
N GLY C 40 -33.71 -40.71 -74.85
CA GLY C 40 -33.09 -39.48 -75.34
C GLY C 40 -31.61 -39.62 -75.39
N ILE C 41 -31.06 -40.56 -74.62
CA ILE C 41 -29.62 -40.80 -74.64
C ILE C 41 -29.20 -41.16 -76.06
N PRO C 42 -28.29 -40.39 -76.65
CA PRO C 42 -27.91 -40.59 -78.04
C PRO C 42 -27.40 -41.98 -78.40
N THR C 43 -27.72 -42.43 -79.61
CA THR C 43 -27.35 -43.76 -80.04
C THR C 43 -25.85 -43.93 -80.04
N ASN C 44 -25.14 -42.88 -80.45
CA ASN C 44 -23.67 -42.93 -80.47
C ASN C 44 -22.94 -42.81 -79.12
N THR C 45 -23.68 -42.70 -78.02
CA THR C 45 -23.10 -42.61 -76.70
C THR C 45 -22.13 -43.76 -76.46
N THR C 46 -20.92 -43.39 -76.00
CA THR C 46 -19.81 -44.32 -75.71
C THR C 46 -19.52 -44.48 -74.22
N ASN C 47 -19.52 -43.35 -73.49
CA ASN C 47 -19.31 -43.31 -72.03
C ASN C 47 -20.61 -42.79 -71.39
N LEU C 48 -21.27 -43.64 -70.60
CA LEU C 48 -22.54 -43.30 -69.99
C LEU C 48 -22.44 -43.39 -68.49
N THR C 49 -22.77 -42.30 -67.81
CA THR C 49 -22.66 -42.24 -66.35
C THR C 49 -24.02 -42.00 -65.67
N LEU C 50 -24.37 -42.95 -64.83
CA LEU C 50 -25.64 -42.93 -64.13
C LEU C 50 -25.49 -42.93 -62.59
N THR C 51 -24.27 -42.65 -62.11
CA THR C 51 -24.03 -42.72 -60.67
C THR C 51 -24.91 -41.78 -59.85
N ILE C 52 -25.28 -42.24 -58.66
CA ILE C 52 -26.15 -41.51 -57.74
C ILE C 52 -27.51 -41.28 -58.38
N ASN C 53 -28.25 -42.36 -58.56
CA ASN C 53 -29.65 -42.30 -59.01
C ASN C 53 -30.44 -43.41 -58.32
N HIS C 54 -31.70 -43.63 -58.74
CA HIS C 54 -32.60 -44.64 -58.13
C HIS C 54 -33.26 -45.52 -59.16
N ILE C 55 -32.44 -46.00 -60.08
CA ILE C 55 -32.86 -46.93 -61.10
C ILE C 55 -32.84 -48.31 -60.48
N PRO C 56 -34.01 -48.94 -60.34
CA PRO C 56 -34.11 -50.17 -59.50
C PRO C 56 -33.65 -51.48 -60.16
N ASP C 57 -33.48 -51.44 -61.48
CA ASP C 57 -33.13 -52.65 -62.28
C ASP C 57 -32.41 -52.33 -63.58
N ILE C 58 -31.76 -53.32 -64.12
CA ILE C 58 -31.07 -53.26 -65.40
C ILE C 58 -31.52 -54.48 -66.20
N SER C 59 -31.86 -54.28 -67.45
CA SER C 59 -32.36 -55.34 -68.32
C SER C 59 -31.71 -55.23 -69.71
N PRO C 60 -32.04 -56.17 -70.60
CA PRO C 60 -31.54 -55.97 -71.97
C PRO C 60 -32.10 -54.69 -72.65
N ALA C 61 -33.23 -54.19 -72.18
CA ALA C 61 -33.78 -52.93 -72.70
C ALA C 61 -32.93 -51.72 -72.29
N SER C 62 -32.27 -51.80 -71.14
CA SER C 62 -31.51 -50.69 -70.61
C SER C 62 -30.55 -50.14 -71.66
N PHE C 63 -29.79 -51.02 -72.33
CA PHE C 63 -28.76 -50.58 -73.27
C PHE C 63 -28.93 -51.11 -74.74
N HIS C 64 -30.13 -51.53 -75.13
CA HIS C 64 -30.36 -52.15 -76.45
C HIS C 64 -29.86 -51.27 -77.62
N ARG C 65 -30.31 -50.01 -77.68
CA ARG C 65 -29.88 -49.09 -78.76
C ARG C 65 -28.40 -48.75 -78.71
N LEU C 66 -27.82 -48.77 -77.50
CA LEU C 66 -26.53 -48.13 -77.21
C LEU C 66 -25.39 -49.11 -77.47
N VAL C 67 -25.14 -49.34 -78.75
CA VAL C 67 -24.27 -50.44 -79.18
C VAL C 67 -22.81 -50.04 -79.14
N HIS C 68 -22.55 -48.74 -79.06
CA HIS C 68 -21.19 -48.24 -79.08
C HIS C 68 -20.59 -48.05 -77.70
N LEU C 69 -21.28 -48.49 -76.64
CA LEU C 69 -20.79 -48.23 -75.26
C LEU C 69 -19.45 -48.89 -75.01
N VAL C 70 -18.45 -48.06 -74.67
CA VAL C 70 -17.16 -48.52 -74.13
C VAL C 70 -17.13 -48.50 -72.58
N GLU C 71 -17.87 -47.60 -71.95
CA GLU C 71 -17.89 -47.47 -70.48
C GLU C 71 -19.29 -47.26 -69.90
N ILE C 72 -19.68 -48.09 -68.93
CA ILE C 72 -20.90 -47.84 -68.17
C ILE C 72 -20.51 -47.61 -66.71
N ASP C 73 -20.82 -46.42 -66.20
CA ASP C 73 -20.71 -46.09 -64.81
C ASP C 73 -22.11 -46.09 -64.19
N PHE C 74 -22.47 -47.23 -63.60
CA PHE C 74 -23.74 -47.43 -62.95
C PHE C 74 -23.55 -47.61 -61.41
N ARG C 75 -22.75 -46.73 -60.80
CA ARG C 75 -22.47 -46.80 -59.34
C ARG C 75 -23.57 -46.24 -58.51
N CYS C 76 -23.69 -46.69 -57.28
CA CYS C 76 -24.46 -45.97 -56.27
C CYS C 76 -25.94 -45.70 -56.57
N ASN C 77 -26.58 -46.65 -57.20
CA ASN C 77 -28.01 -46.61 -57.34
C ASN C 77 -28.69 -47.31 -56.18
N CYS C 78 -27.93 -48.06 -55.39
CA CYS C 78 -28.47 -48.69 -54.21
C CYS C 78 -27.41 -48.89 -53.16
N VAL C 79 -26.98 -47.81 -52.51
CA VAL C 79 -25.80 -47.94 -51.66
C VAL C 79 -26.19 -48.66 -50.35
N PRO C 80 -25.28 -49.49 -49.81
CA PRO C 80 -25.49 -50.10 -48.49
C PRO C 80 -25.98 -49.10 -47.44
N ILE C 81 -26.82 -49.57 -46.54
CA ILE C 81 -27.56 -48.72 -45.62
C ILE C 81 -26.67 -47.64 -44.95
N ARG C 82 -25.54 -48.06 -44.39
CA ARG C 82 -24.68 -47.21 -43.56
C ARG C 82 -23.83 -46.25 -44.37
N LEU C 83 -23.52 -46.66 -45.59
CA LEU C 83 -22.80 -45.82 -46.53
C LEU C 83 -23.70 -44.74 -47.12
N GLY C 84 -25.00 -45.02 -47.21
CA GLY C 84 -25.93 -44.12 -47.89
C GLY C 84 -26.65 -43.08 -47.07
N SER C 85 -27.52 -42.33 -47.77
CA SER C 85 -28.43 -41.38 -47.17
C SER C 85 -29.44 -42.11 -46.29
N LYS C 86 -29.61 -41.62 -45.06
CA LYS C 86 -30.63 -42.12 -44.15
C LYS C 86 -32.06 -41.53 -44.44
N SER C 87 -32.14 -40.52 -45.32
CA SER C 87 -33.42 -39.98 -45.81
C SER C 87 -33.85 -40.76 -47.04
N ASN C 88 -32.92 -40.98 -47.97
CA ASN C 88 -33.18 -41.74 -49.18
C ASN C 88 -32.61 -43.18 -49.09
N MET C 89 -33.10 -43.98 -48.16
CA MET C 89 -32.60 -45.37 -47.99
C MET C 89 -33.12 -46.27 -49.11
N CYS C 90 -32.17 -46.93 -49.80
CA CYS C 90 -32.50 -47.86 -50.87
C CYS C 90 -33.32 -49.06 -50.36
N PRO C 91 -34.56 -49.23 -50.87
CA PRO C 91 -35.45 -50.31 -50.35
C PRO C 91 -35.01 -51.78 -50.60
N ARG C 92 -34.26 -52.02 -51.67
CA ARG C 92 -34.16 -53.35 -52.26
C ARG C 92 -32.95 -53.35 -53.20
N ARG C 93 -32.14 -54.38 -53.16
CA ARG C 93 -30.94 -54.37 -54.01
C ARG C 93 -31.22 -54.22 -55.51
N LEU C 94 -30.25 -53.71 -56.24
CA LEU C 94 -30.34 -53.56 -57.68
C LEU C 94 -30.51 -54.96 -58.32
N GLN C 95 -31.41 -55.08 -59.28
CA GLN C 95 -31.73 -56.33 -59.96
C GLN C 95 -31.11 -56.26 -61.34
N ILE C 96 -30.25 -57.21 -61.67
CA ILE C 96 -29.67 -57.26 -62.99
C ILE C 96 -30.22 -58.51 -63.64
N LYS C 97 -31.15 -58.33 -64.56
CA LYS C 97 -31.72 -59.44 -65.29
C LYS C 97 -30.66 -59.92 -66.26
N PRO C 98 -30.77 -61.19 -66.71
CA PRO C 98 -29.67 -61.72 -67.53
C PRO C 98 -29.64 -61.10 -68.93
N ARG C 99 -28.50 -61.26 -69.61
CA ARG C 99 -28.29 -60.75 -70.99
C ARG C 99 -28.30 -59.21 -71.06
N SER C 100 -28.04 -58.55 -69.93
CA SER C 100 -28.11 -57.10 -69.87
C SER C 100 -26.87 -56.44 -70.45
N PHE C 101 -25.74 -57.11 -70.35
CA PHE C 101 -24.50 -56.59 -70.92
C PHE C 101 -23.91 -57.37 -72.09
N SER C 102 -24.29 -58.65 -72.23
CA SER C 102 -23.63 -59.59 -73.16
C SER C 102 -23.69 -59.12 -74.60
N GLY C 103 -24.73 -58.36 -74.96
CA GLY C 103 -24.81 -57.68 -76.26
C GLY C 103 -23.87 -56.52 -76.58
N LEU C 104 -23.09 -56.02 -75.60
CA LEU C 104 -22.22 -54.85 -75.81
C LEU C 104 -20.80 -55.22 -76.19
N THR C 105 -20.56 -55.36 -77.49
CA THR C 105 -19.31 -55.91 -78.02
C THR C 105 -18.09 -55.08 -77.70
N TYR C 106 -18.33 -53.77 -77.52
CA TYR C 106 -17.26 -52.79 -77.33
C TYR C 106 -16.99 -52.36 -75.85
N LEU C 107 -17.74 -52.92 -74.89
CA LEU C 107 -17.67 -52.51 -73.48
C LEU C 107 -16.34 -52.82 -72.82
N LYS C 108 -15.55 -51.78 -72.55
CA LYS C 108 -14.24 -51.95 -71.91
C LYS C 108 -14.25 -51.70 -70.38
N SER C 109 -15.16 -50.87 -69.86
CA SER C 109 -15.19 -50.58 -68.42
C SER C 109 -16.59 -50.62 -67.84
N LEU C 110 -16.77 -51.33 -66.74
CA LEU C 110 -18.09 -51.45 -66.13
C LEU C 110 -17.99 -51.20 -64.62
N TYR C 111 -18.72 -50.18 -64.12
CA TYR C 111 -18.75 -49.86 -62.70
C TYR C 111 -20.11 -50.14 -62.10
N LEU C 112 -20.16 -51.07 -61.15
CA LEU C 112 -21.40 -51.44 -60.47
C LEU C 112 -21.27 -51.32 -58.95
N ASP C 113 -20.43 -50.37 -58.50
CA ASP C 113 -20.12 -50.21 -57.08
C ASP C 113 -21.36 -49.64 -56.39
N GLY C 114 -21.56 -49.99 -55.13
CA GLY C 114 -22.59 -49.37 -54.33
C GLY C 114 -23.98 -49.66 -54.82
N ASN C 115 -24.25 -50.93 -55.08
CA ASN C 115 -25.60 -51.40 -55.47
C ASN C 115 -26.09 -52.60 -54.71
N GLN C 116 -25.49 -52.91 -53.56
CA GLN C 116 -25.93 -54.05 -52.71
C GLN C 116 -25.97 -55.43 -53.43
N LEU C 117 -25.17 -55.57 -54.48
CA LEU C 117 -25.10 -56.83 -55.21
C LEU C 117 -24.65 -57.96 -54.33
N LEU C 118 -25.23 -59.15 -54.56
CA LEU C 118 -24.92 -60.35 -53.75
C LEU C 118 -23.90 -61.30 -54.37
N GLU C 119 -23.78 -61.27 -55.70
CA GLU C 119 -22.88 -62.12 -56.46
C GLU C 119 -22.30 -61.30 -57.62
N ILE C 120 -21.24 -61.81 -58.20
CA ILE C 120 -20.54 -61.16 -59.30
C ILE C 120 -21.45 -61.21 -60.52
N PRO C 121 -21.70 -60.06 -61.18
CA PRO C 121 -22.61 -60.12 -62.32
C PRO C 121 -22.10 -61.03 -63.43
N GLN C 122 -22.98 -61.91 -63.90
CA GLN C 122 -22.67 -62.79 -65.04
C GLN C 122 -23.25 -62.18 -66.32
N GLY C 123 -22.96 -62.82 -67.43
CA GLY C 123 -23.37 -62.32 -68.72
C GLY C 123 -22.53 -61.18 -69.24
N LEU C 124 -21.27 -61.11 -68.84
CA LEU C 124 -20.43 -59.97 -69.19
C LEU C 124 -19.64 -60.25 -70.46
N PRO C 125 -19.48 -59.24 -71.32
CA PRO C 125 -18.82 -59.47 -72.60
C PRO C 125 -17.32 -59.66 -72.50
N PRO C 126 -16.75 -60.45 -73.41
CA PRO C 126 -15.33 -60.76 -73.35
C PRO C 126 -14.40 -59.58 -73.70
N SER C 127 -14.94 -58.47 -74.19
CA SER C 127 -14.14 -57.25 -74.41
C SER C 127 -13.80 -56.49 -73.10
N LEU C 128 -14.45 -56.86 -72.00
CA LEU C 128 -14.33 -56.15 -70.73
C LEU C 128 -12.93 -56.22 -70.15
N GLN C 129 -12.35 -55.03 -69.93
CA GLN C 129 -11.03 -54.84 -69.30
C GLN C 129 -11.11 -54.43 -67.82
N LEU C 130 -12.15 -53.69 -67.43
CA LEU C 130 -12.28 -53.16 -66.04
C LEU C 130 -13.63 -53.46 -65.44
N LEU C 131 -13.61 -54.12 -64.30
CA LEU C 131 -14.82 -54.38 -63.56
C LEU C 131 -14.67 -53.93 -62.13
N SER C 132 -15.65 -53.14 -61.65
CA SER C 132 -15.63 -52.55 -60.34
C SER C 132 -16.90 -52.91 -59.61
N LEU C 133 -16.73 -53.48 -58.41
CA LEU C 133 -17.81 -53.97 -57.55
C LEU C 133 -17.58 -53.57 -56.07
N GLU C 134 -17.01 -52.38 -55.84
CA GLU C 134 -16.76 -51.89 -54.50
C GLU C 134 -18.09 -51.62 -53.78
N ALA C 135 -18.09 -51.73 -52.46
CA ALA C 135 -19.29 -51.35 -51.68
C ALA C 135 -20.56 -52.11 -52.05
N ASN C 136 -20.41 -53.39 -52.38
CA ASN C 136 -21.54 -54.32 -52.55
C ASN C 136 -21.48 -55.31 -51.41
N ASN C 137 -22.18 -56.44 -51.51
CA ASN C 137 -22.18 -57.47 -50.48
C ASN C 137 -21.71 -58.82 -51.06
N ILE C 138 -20.62 -58.74 -51.80
CA ILE C 138 -19.97 -59.89 -52.39
C ILE C 138 -18.74 -60.23 -51.56
N PHE C 139 -18.86 -61.28 -50.76
CA PHE C 139 -17.81 -61.66 -49.82
C PHE C 139 -17.31 -63.10 -49.94
N SER C 140 -17.59 -63.73 -51.09
CA SER C 140 -17.09 -65.07 -51.41
C SER C 140 -16.71 -65.14 -52.90
N ILE C 141 -15.41 -65.23 -53.17
CA ILE C 141 -14.89 -65.35 -54.54
C ILE C 141 -14.59 -66.81 -54.86
N ARG C 142 -15.19 -67.28 -55.95
CA ARG C 142 -15.10 -68.69 -56.39
C ARG C 142 -14.73 -68.70 -57.86
N LYS C 143 -13.91 -69.67 -58.26
CA LYS C 143 -13.45 -69.82 -59.65
C LYS C 143 -14.63 -69.93 -60.67
N GLU C 144 -15.72 -70.57 -60.24
CA GLU C 144 -16.96 -70.73 -61.00
C GLU C 144 -17.53 -69.37 -61.51
N GLN C 145 -17.51 -68.38 -60.61
CA GLN C 145 -18.02 -67.03 -60.88
C GLN C 145 -17.10 -66.16 -61.79
N LEU C 146 -15.83 -66.57 -61.93
CA LEU C 146 -14.82 -65.80 -62.69
C LEU C 146 -14.60 -66.30 -64.13
N THR C 147 -15.47 -67.19 -64.61
CA THR C 147 -15.25 -67.87 -65.91
C THR C 147 -15.30 -66.96 -67.13
N GLU C 148 -16.05 -65.85 -67.08
CA GLU C 148 -16.22 -64.96 -68.27
C GLU C 148 -15.22 -63.79 -68.33
N LEU C 149 -14.24 -63.78 -67.43
CA LEU C 149 -13.37 -62.64 -67.23
C LEU C 149 -11.94 -62.85 -67.73
N ALA C 150 -11.75 -63.67 -68.76
CA ALA C 150 -10.39 -64.01 -69.22
C ALA C 150 -9.60 -62.76 -69.62
N ASN C 151 -10.25 -61.81 -70.28
CA ASN C 151 -9.61 -60.56 -70.72
C ASN C 151 -9.48 -59.44 -69.65
N ILE C 152 -9.90 -59.73 -68.42
CA ILE C 152 -9.97 -58.72 -67.35
C ILE C 152 -8.57 -58.34 -66.86
N GLU C 153 -8.31 -57.03 -66.96
CA GLU C 153 -7.06 -56.40 -66.54
C GLU C 153 -7.16 -55.74 -65.15
N ILE C 154 -8.33 -55.20 -64.81
CA ILE C 154 -8.53 -54.37 -63.61
C ILE C 154 -9.78 -54.82 -62.85
N LEU C 155 -9.60 -55.23 -61.61
CA LEU C 155 -10.68 -55.75 -60.77
C LEU C 155 -10.69 -55.07 -59.38
N TYR C 156 -11.79 -54.41 -59.03
CA TYR C 156 -11.96 -53.70 -57.76
C TYR C 156 -13.04 -54.41 -56.98
N LEU C 157 -12.67 -55.09 -55.90
CA LEU C 157 -13.62 -55.87 -55.10
C LEU C 157 -13.71 -55.40 -53.65
N GLY C 158 -13.08 -54.27 -53.35
CA GLY C 158 -13.05 -53.76 -51.98
C GLY C 158 -14.34 -53.21 -51.38
N GLN C 159 -14.30 -53.02 -50.06
CA GLN C 159 -15.38 -52.38 -49.30
C GLN C 159 -16.65 -53.19 -49.36
N ASN C 160 -16.51 -54.52 -49.40
CA ASN C 160 -17.66 -55.44 -49.34
C ASN C 160 -17.88 -56.08 -47.95
N CYS C 161 -16.90 -55.95 -47.06
CA CYS C 161 -17.04 -56.41 -45.69
C CYS C 161 -16.14 -55.61 -44.75
N TYR C 162 -16.66 -54.53 -44.21
CA TYR C 162 -15.93 -53.73 -43.21
C TYR C 162 -16.92 -53.04 -42.30
N TYR C 163 -16.41 -52.25 -41.35
CA TYR C 163 -17.24 -51.75 -40.27
C TYR C 163 -18.49 -50.96 -40.77
N ARG C 164 -18.41 -50.34 -41.95
CA ARG C 164 -19.53 -49.57 -42.54
C ARG C 164 -20.39 -50.33 -43.52
N ASN C 165 -20.02 -51.58 -43.82
CA ASN C 165 -20.77 -52.44 -44.70
C ASN C 165 -20.39 -53.86 -44.32
N PRO C 166 -20.83 -54.32 -43.13
CA PRO C 166 -20.40 -55.60 -42.61
C PRO C 166 -21.08 -56.81 -43.27
N CYS C 167 -20.33 -57.90 -43.37
CA CYS C 167 -20.85 -59.18 -43.90
C CYS C 167 -20.93 -60.26 -42.81
N TYR C 168 -20.33 -59.97 -41.66
CA TYR C 168 -20.38 -60.80 -40.47
C TYR C 168 -19.59 -62.14 -40.55
N VAL C 169 -18.75 -62.29 -41.57
CA VAL C 169 -17.88 -63.48 -41.72
C VAL C 169 -16.53 -63.04 -42.30
N SER C 170 -15.54 -63.93 -42.24
CA SER C 170 -14.31 -63.68 -43.00
C SER C 170 -14.58 -63.77 -44.49
N TYR C 171 -13.86 -63.00 -45.28
CA TYR C 171 -13.89 -63.09 -46.75
C TYR C 171 -13.40 -64.50 -47.16
N SER C 172 -13.90 -65.04 -48.26
CA SER C 172 -13.49 -66.36 -48.75
C SER C 172 -13.06 -66.20 -50.18
N ILE C 173 -11.85 -66.66 -50.49
CA ILE C 173 -11.34 -66.75 -51.85
C ILE C 173 -10.91 -68.20 -52.03
N GLU C 174 -11.44 -68.87 -53.05
CA GLU C 174 -10.97 -70.21 -53.41
C GLU C 174 -9.48 -70.16 -53.73
N LYS C 175 -8.74 -71.18 -53.26
CA LYS C 175 -7.37 -71.41 -53.73
C LYS C 175 -7.36 -71.28 -55.28
N ASP C 176 -6.39 -70.54 -55.77
CA ASP C 176 -6.16 -70.31 -57.20
C ASP C 176 -7.25 -69.52 -57.92
N ALA C 177 -8.16 -68.89 -57.17
CA ALA C 177 -9.34 -68.20 -57.78
C ALA C 177 -9.02 -67.28 -58.95
N PHE C 178 -7.94 -66.50 -58.81
CA PHE C 178 -7.53 -65.48 -59.79
C PHE C 178 -6.44 -65.93 -60.74
N LEU C 179 -5.88 -67.12 -60.51
CA LEU C 179 -4.75 -67.63 -61.32
C LEU C 179 -4.98 -67.69 -62.84
N ASN C 180 -6.20 -68.08 -63.23
CA ASN C 180 -6.61 -68.25 -64.62
C ASN C 180 -6.99 -66.92 -65.33
N LEU C 181 -7.00 -65.80 -64.59
CA LEU C 181 -7.19 -64.48 -65.19
C LEU C 181 -5.83 -63.99 -65.63
N THR C 182 -5.42 -64.48 -66.80
CA THR C 182 -4.03 -64.39 -67.26
C THR C 182 -3.60 -63.02 -67.72
N LYS C 183 -4.55 -62.07 -67.79
CA LYS C 183 -4.21 -60.67 -68.09
C LYS C 183 -4.40 -59.67 -66.91
N LEU C 184 -4.74 -60.18 -65.74
CA LEU C 184 -4.97 -59.37 -64.53
C LEU C 184 -3.75 -58.53 -64.08
N LYS C 185 -3.91 -57.22 -64.12
CA LYS C 185 -2.86 -56.26 -63.79
C LYS C 185 -3.07 -55.64 -62.41
N VAL C 186 -4.31 -55.27 -62.10
CA VAL C 186 -4.63 -54.57 -60.87
C VAL C 186 -5.72 -55.38 -60.16
N LEU C 187 -5.47 -55.72 -58.90
CA LEU C 187 -6.48 -56.36 -58.04
C LEU C 187 -6.53 -55.67 -56.66
N SER C 188 -7.71 -55.21 -56.28
CA SER C 188 -7.93 -54.49 -55.03
C SER C 188 -8.92 -55.32 -54.18
N LEU C 189 -8.43 -55.85 -53.05
CA LEU C 189 -9.24 -56.59 -52.08
C LEU C 189 -9.30 -55.89 -50.74
N LYS C 190 -9.21 -54.58 -50.75
CA LYS C 190 -9.17 -53.78 -49.54
C LYS C 190 -10.48 -53.78 -48.77
N ASP C 191 -10.41 -53.47 -47.48
CA ASP C 191 -11.60 -53.22 -46.69
C ASP C 191 -12.60 -54.41 -46.80
N ASN C 192 -12.08 -55.64 -46.65
CA ASN C 192 -12.87 -56.86 -46.94
C ASN C 192 -12.92 -58.00 -45.92
N ASN C 193 -12.29 -57.86 -44.77
CA ASN C 193 -12.24 -58.97 -43.80
C ASN C 193 -11.47 -60.21 -44.35
N VAL C 194 -10.46 -59.95 -45.18
CA VAL C 194 -9.58 -60.97 -45.72
C VAL C 194 -8.58 -61.36 -44.63
N THR C 195 -8.42 -62.67 -44.44
CA THR C 195 -7.55 -63.24 -43.37
C THR C 195 -6.20 -63.79 -43.88
N THR C 196 -6.10 -64.10 -45.16
CA THR C 196 -4.84 -64.55 -45.74
C THR C 196 -4.71 -63.99 -47.15
N VAL C 197 -3.47 -63.82 -47.57
CA VAL C 197 -3.18 -63.35 -48.91
C VAL C 197 -3.77 -64.42 -49.81
N PRO C 198 -4.62 -64.07 -50.80
CA PRO C 198 -5.07 -65.13 -51.69
C PRO C 198 -3.95 -65.63 -52.58
N THR C 199 -3.79 -66.95 -52.68
CA THR C 199 -2.78 -67.56 -53.55
C THR C 199 -3.47 -68.61 -54.40
N VAL C 200 -2.88 -68.96 -55.55
CA VAL C 200 -1.75 -68.29 -56.17
C VAL C 200 -2.29 -67.23 -57.10
N LEU C 201 -1.61 -66.09 -57.14
CA LEU C 201 -2.07 -64.94 -57.97
C LEU C 201 -1.39 -64.92 -59.33
N PRO C 202 -2.08 -64.38 -60.35
CA PRO C 202 -1.48 -64.33 -61.68
C PRO C 202 -0.22 -63.52 -61.68
N SER C 203 0.81 -64.03 -62.35
CA SER C 203 2.14 -63.38 -62.38
C SER C 203 2.14 -62.02 -63.15
N THR C 204 1.06 -61.78 -63.87
CA THR C 204 0.90 -60.56 -64.63
C THR C 204 0.52 -59.29 -63.79
N LEU C 205 0.16 -59.46 -62.51
CA LEU C 205 -0.17 -58.36 -61.57
C LEU C 205 0.90 -57.30 -61.42
N THR C 206 0.48 -56.05 -61.65
CA THR C 206 1.28 -54.85 -61.40
C THR C 206 0.93 -54.11 -60.10
N GLU C 207 -0.29 -54.27 -59.59
CA GLU C 207 -0.73 -53.53 -58.40
C GLU C 207 -1.63 -54.44 -57.58
N LEU C 208 -1.36 -54.55 -56.29
CA LEU C 208 -2.13 -55.39 -55.40
C LEU C 208 -2.42 -54.67 -54.08
N TYR C 209 -3.70 -54.51 -53.79
CA TYR C 209 -4.14 -53.73 -52.67
C TYR C 209 -4.80 -54.69 -51.73
N LEU C 210 -4.12 -55.01 -50.64
CA LEU C 210 -4.66 -55.90 -49.61
C LEU C 210 -4.81 -55.19 -48.30
N TYR C 211 -4.95 -53.86 -48.32
CA TYR C 211 -4.97 -53.07 -47.05
C TYR C 211 -6.31 -53.06 -46.31
N ASN C 212 -6.25 -52.76 -45.02
CA ASN C 212 -7.43 -52.83 -44.12
C ASN C 212 -8.20 -54.15 -44.08
N ASN C 213 -7.49 -55.19 -43.65
CA ASN C 213 -8.00 -56.56 -43.60
C ASN C 213 -7.58 -57.21 -42.30
N MET C 214 -7.86 -58.49 -42.13
CA MET C 214 -7.51 -59.24 -40.91
C MET C 214 -6.33 -60.18 -41.15
N ILE C 215 -5.37 -59.75 -41.97
CA ILE C 215 -4.24 -60.59 -42.33
C ILE C 215 -3.23 -60.44 -41.22
N ALA C 216 -3.00 -61.50 -40.43
CA ALA C 216 -2.00 -61.46 -39.35
C ALA C 216 -0.55 -61.87 -39.75
N GLU C 217 -0.43 -62.71 -40.79
CA GLU C 217 0.87 -63.29 -41.22
C GLU C 217 0.96 -63.23 -42.73
N ILE C 218 2.18 -63.06 -43.22
CA ILE C 218 2.54 -63.33 -44.61
C ILE C 218 3.37 -64.65 -44.61
N GLN C 219 3.03 -65.58 -45.49
CA GLN C 219 3.85 -66.79 -45.74
C GLN C 219 4.98 -66.45 -46.69
N GLU C 220 6.14 -67.10 -46.55
CA GLU C 220 7.30 -66.78 -47.43
C GLU C 220 7.02 -67.00 -48.92
N ASP C 221 6.06 -67.88 -49.21
CA ASP C 221 5.54 -68.18 -50.57
C ASP C 221 4.55 -67.17 -51.18
N ASP C 222 3.88 -66.37 -50.35
CA ASP C 222 2.71 -65.58 -50.76
C ASP C 222 2.88 -64.65 -51.97
N PHE C 223 4.06 -64.07 -52.15
CA PHE C 223 4.33 -63.22 -53.34
C PHE C 223 5.41 -63.81 -54.28
N ASN C 224 5.62 -65.14 -54.22
CA ASN C 224 6.62 -65.90 -55.04
C ASN C 224 6.75 -65.61 -56.52
N ASN C 225 5.63 -65.48 -57.19
CA ASN C 225 5.64 -65.43 -58.64
C ASN C 225 5.36 -64.04 -59.25
N LEU C 226 5.28 -63.00 -58.41
CA LEU C 226 4.76 -61.69 -58.84
C LEU C 226 5.90 -60.81 -59.25
N ASN C 227 6.55 -61.25 -60.31
CA ASN C 227 7.79 -60.65 -60.76
C ASN C 227 7.55 -59.39 -61.63
N GLN C 228 6.29 -59.03 -61.84
CA GLN C 228 5.96 -57.76 -62.49
C GLN C 228 5.33 -56.72 -61.54
N LEU C 229 5.15 -57.09 -60.28
CA LEU C 229 4.47 -56.25 -59.31
C LEU C 229 5.22 -54.94 -59.03
N GLN C 230 4.48 -53.84 -59.11
CA GLN C 230 5.01 -52.50 -58.88
C GLN C 230 4.53 -51.77 -57.61
N ILE C 231 3.30 -52.05 -57.20
CA ILE C 231 2.69 -51.44 -56.05
C ILE C 231 2.08 -52.53 -55.19
N LEU C 232 2.48 -52.57 -53.91
CA LEU C 232 1.89 -53.47 -52.94
C LEU C 232 1.50 -52.70 -51.67
N ASP C 233 0.25 -52.89 -51.25
CA ASP C 233 -0.28 -52.22 -50.09
C ASP C 233 -0.83 -53.27 -49.12
N LEU C 234 -0.16 -53.44 -47.99
CA LEU C 234 -0.57 -54.35 -46.95
C LEU C 234 -0.93 -53.58 -45.72
N SER C 235 -1.20 -52.29 -45.87
CA SER C 235 -1.44 -51.40 -44.71
C SER C 235 -2.65 -51.80 -43.90
N GLY C 236 -2.64 -51.46 -42.61
CA GLY C 236 -3.82 -51.63 -41.80
C GLY C 236 -4.23 -53.06 -41.56
N ASN C 237 -3.24 -53.95 -41.50
CA ASN C 237 -3.41 -55.34 -41.10
C ASN C 237 -2.60 -55.46 -39.81
N CYS C 238 -3.24 -55.75 -38.69
CA CYS C 238 -2.64 -55.48 -37.37
C CYS C 238 -2.44 -53.98 -37.12
N PRO C 239 -3.55 -53.23 -37.11
CA PRO C 239 -3.44 -51.78 -37.01
C PRO C 239 -2.95 -51.25 -35.68
N ARG C 240 -2.41 -50.05 -35.75
CA ARG C 240 -2.10 -49.21 -34.60
C ARG C 240 -3.35 -48.41 -34.35
N CYS C 241 -3.94 -48.55 -33.18
CA CYS C 241 -5.28 -48.07 -32.92
C CYS C 241 -5.37 -46.82 -32.09
N TYR C 242 -4.25 -46.38 -31.53
CA TYR C 242 -4.29 -45.19 -30.70
C TYR C 242 -4.81 -43.98 -31.48
N ASN C 243 -5.88 -43.37 -30.95
CA ASN C 243 -6.58 -42.25 -31.61
C ASN C 243 -7.05 -42.54 -33.03
N ALA C 244 -7.41 -43.78 -33.33
CA ALA C 244 -7.98 -44.05 -34.64
C ALA C 244 -9.36 -43.45 -34.63
N PRO C 245 -9.73 -42.76 -35.71
CA PRO C 245 -11.12 -42.24 -35.82
C PRO C 245 -12.08 -43.26 -36.46
N PHE C 246 -11.82 -44.54 -36.33
CA PHE C 246 -12.76 -45.60 -36.76
C PHE C 246 -12.59 -46.73 -35.77
N PRO C 247 -13.59 -47.63 -35.63
CA PRO C 247 -13.41 -48.78 -34.74
C PRO C 247 -12.29 -49.71 -35.26
N CYS C 248 -11.49 -50.20 -34.35
CA CYS C 248 -10.14 -50.67 -34.67
C CYS C 248 -9.74 -51.74 -33.66
N THR C 249 -9.55 -52.96 -34.15
CA THR C 249 -9.14 -54.07 -33.29
C THR C 249 -7.72 -54.43 -33.66
N PRO C 250 -6.79 -54.33 -32.71
CA PRO C 250 -5.40 -54.73 -33.05
C PRO C 250 -5.26 -56.25 -32.97
N CYS C 251 -4.23 -56.78 -33.64
CA CYS C 251 -3.80 -58.19 -33.48
C CYS C 251 -3.47 -58.43 -32.02
N LYS C 252 -3.76 -59.65 -31.53
CA LYS C 252 -3.60 -59.98 -30.08
C LYS C 252 -2.18 -59.62 -29.61
N ASN C 253 -2.04 -59.22 -28.35
CA ASN C 253 -0.72 -58.97 -27.72
C ASN C 253 0.21 -57.98 -28.46
N ASN C 254 -0.33 -56.86 -28.91
CA ASN C 254 0.45 -55.80 -29.60
C ASN C 254 1.30 -56.29 -30.77
N SER C 255 0.79 -57.32 -31.43
CA SER C 255 1.58 -58.07 -32.36
C SER C 255 1.58 -57.35 -33.73
N PRO C 256 2.76 -57.28 -34.39
CA PRO C 256 2.82 -56.71 -35.73
C PRO C 256 2.31 -57.67 -36.76
N LEU C 257 2.07 -57.16 -37.95
CA LEU C 257 1.97 -57.98 -39.13
C LEU C 257 3.29 -58.72 -39.28
N GLN C 258 3.22 -60.05 -39.39
CA GLN C 258 4.43 -60.90 -39.41
C GLN C 258 4.78 -61.15 -40.85
N ILE C 259 5.88 -60.54 -41.28
CA ILE C 259 6.38 -60.67 -42.63
C ILE C 259 7.75 -61.37 -42.56
N PRO C 260 7.87 -62.61 -43.08
CA PRO C 260 9.16 -63.32 -43.16
C PRO C 260 10.22 -62.51 -43.90
N VAL C 261 11.47 -62.63 -43.47
CA VAL C 261 12.57 -61.81 -44.02
C VAL C 261 12.79 -61.92 -45.56
N ASN C 262 12.37 -63.04 -46.13
CA ASN C 262 12.48 -63.32 -47.58
C ASN C 262 11.20 -63.09 -48.37
N ALA C 263 10.14 -62.62 -47.70
CA ALA C 263 8.83 -62.49 -48.34
C ALA C 263 8.75 -61.59 -49.56
N PHE C 264 9.66 -60.63 -49.73
CA PHE C 264 9.60 -59.71 -50.90
C PHE C 264 10.62 -60.02 -52.00
N ASP C 265 11.30 -61.17 -51.90
CA ASP C 265 12.43 -61.49 -52.80
C ASP C 265 12.08 -61.57 -54.25
N ALA C 266 10.86 -61.99 -54.55
CA ALA C 266 10.41 -62.07 -55.93
C ALA C 266 10.17 -60.70 -56.55
N LEU C 267 10.04 -59.66 -55.73
CA LEU C 267 9.40 -58.44 -56.19
C LEU C 267 10.40 -57.46 -56.78
N THR C 268 11.11 -57.88 -57.83
CA THR C 268 12.24 -57.10 -58.37
C THR C 268 11.83 -55.79 -59.04
N GLU C 269 10.59 -55.73 -59.50
CA GLU C 269 10.08 -54.51 -60.14
C GLU C 269 9.42 -53.49 -59.18
N LEU C 270 9.31 -53.84 -57.89
CA LEU C 270 8.52 -53.06 -56.90
C LEU C 270 8.96 -51.61 -56.79
N LYS C 271 8.03 -50.71 -57.06
CA LYS C 271 8.27 -49.27 -56.97
C LYS C 271 7.70 -48.70 -55.69
N VAL C 272 6.63 -49.30 -55.15
CA VAL C 272 5.83 -48.72 -54.09
C VAL C 272 5.40 -49.76 -53.09
N LEU C 273 5.74 -49.52 -51.82
CA LEU C 273 5.45 -50.44 -50.74
C LEU C 273 4.81 -49.65 -49.60
N ARG C 274 3.59 -50.01 -49.23
CA ARG C 274 2.87 -49.37 -48.20
C ARG C 274 2.66 -50.33 -47.06
N LEU C 275 3.26 -50.01 -45.90
CA LEU C 275 3.14 -50.77 -44.68
C LEU C 275 2.71 -49.83 -43.57
N HIS C 276 1.68 -49.05 -43.86
CA HIS C 276 1.08 -48.09 -42.93
C HIS C 276 0.23 -48.87 -41.95
N SER C 277 0.33 -48.50 -40.69
CA SER C 277 -0.51 -49.09 -39.66
C SER C 277 -0.46 -50.62 -39.64
N ASN C 278 0.75 -51.15 -39.47
CA ASN C 278 0.97 -52.59 -39.29
C ASN C 278 1.61 -52.94 -37.94
N SER C 279 1.56 -52.02 -37.00
CA SER C 279 2.15 -52.22 -35.66
C SER C 279 3.60 -52.78 -35.66
N LEU C 280 4.40 -52.41 -36.68
CA LEU C 280 5.79 -52.87 -36.81
C LEU C 280 6.71 -52.28 -35.75
N GLN C 281 7.52 -53.13 -35.11
CA GLN C 281 8.63 -52.66 -34.20
C GLN C 281 10.02 -52.64 -34.85
N HIS C 282 10.23 -53.49 -35.86
CA HIS C 282 11.50 -53.61 -36.53
C HIS C 282 11.23 -53.58 -38.03
N VAL C 283 12.15 -53.00 -38.79
CA VAL C 283 12.14 -53.11 -40.24
C VAL C 283 13.43 -53.86 -40.61
N PRO C 284 13.33 -55.20 -40.84
CA PRO C 284 14.54 -55.96 -41.11
C PRO C 284 15.14 -55.58 -42.44
N PRO C 285 16.45 -55.26 -42.47
CA PRO C 285 17.13 -54.89 -43.73
C PRO C 285 17.00 -55.92 -44.84
N ARG C 286 16.90 -57.18 -44.43
CA ARG C 286 16.77 -58.29 -45.35
C ARG C 286 15.58 -58.16 -46.33
N TRP C 287 14.46 -57.58 -45.89
CA TRP C 287 13.25 -57.40 -46.75
C TRP C 287 13.61 -56.83 -48.11
N PHE C 288 14.51 -55.84 -48.11
CA PHE C 288 14.83 -55.04 -49.29
C PHE C 288 16.02 -55.52 -50.13
N LYS C 289 16.55 -56.71 -49.87
CA LYS C 289 17.79 -57.20 -50.52
C LYS C 289 17.66 -57.21 -52.05
N ASN C 290 16.56 -57.76 -52.54
CA ASN C 290 16.30 -57.86 -53.98
C ASN C 290 15.40 -56.78 -54.57
N ILE C 291 15.05 -55.77 -53.81
CA ILE C 291 14.30 -54.64 -54.37
C ILE C 291 15.22 -53.44 -54.56
N ASN C 292 15.75 -53.29 -55.77
CA ASN C 292 16.73 -52.22 -56.04
C ASN C 292 16.10 -50.94 -56.53
N ASN C 293 14.85 -50.97 -56.96
CA ASN C 293 14.21 -49.80 -57.57
C ASN C 293 13.04 -49.27 -56.77
N LEU C 294 12.99 -49.59 -55.48
CA LEU C 294 11.93 -49.07 -54.63
C LEU C 294 12.01 -47.55 -54.58
N GLN C 295 10.88 -46.92 -54.91
CA GLN C 295 10.77 -45.45 -55.01
C GLN C 295 9.98 -44.80 -53.86
N GLU C 296 8.97 -45.49 -53.34
CA GLU C 296 8.07 -44.94 -52.36
C GLU C 296 7.83 -45.97 -51.27
N LEU C 297 7.96 -45.55 -50.01
CA LEU C 297 7.85 -46.44 -48.88
C LEU C 297 7.12 -45.73 -47.74
N ASP C 298 6.01 -46.33 -47.27
CA ASP C 298 5.16 -45.82 -46.20
C ASP C 298 5.20 -46.73 -45.00
N LEU C 299 5.81 -46.22 -43.92
CA LEU C 299 5.95 -46.90 -42.65
C LEU C 299 5.36 -46.08 -41.52
N SER C 300 4.42 -45.23 -41.89
CA SER C 300 3.67 -44.42 -40.92
C SER C 300 2.72 -45.28 -40.10
N GLN C 301 2.36 -44.79 -38.92
CA GLN C 301 1.50 -45.48 -37.98
C GLN C 301 2.00 -46.85 -37.59
N ASN C 302 3.29 -46.95 -37.28
CA ASN C 302 3.83 -48.15 -36.64
C ASN C 302 4.38 -47.82 -35.26
N PHE C 303 5.27 -48.65 -34.71
CA PHE C 303 5.92 -48.39 -33.45
C PHE C 303 7.44 -48.46 -33.66
N LEU C 304 7.89 -47.57 -34.53
CA LEU C 304 9.24 -47.54 -35.06
C LEU C 304 10.11 -46.44 -34.52
N ALA C 305 9.74 -45.88 -33.38
CA ALA C 305 10.54 -44.77 -32.83
C ALA C 305 11.99 -45.19 -32.60
N LYS C 306 12.19 -46.35 -31.96
CA LYS C 306 13.53 -46.90 -31.73
C LYS C 306 14.22 -47.14 -33.06
N GLU C 307 13.54 -47.81 -33.98
CA GLU C 307 14.10 -48.10 -35.32
C GLU C 307 14.57 -46.86 -36.10
N ILE C 308 13.91 -45.72 -35.95
CA ILE C 308 14.32 -44.52 -36.64
C ILE C 308 15.73 -44.09 -36.21
N GLY C 309 16.10 -44.39 -34.96
CA GLY C 309 17.46 -44.14 -34.45
C GLY C 309 18.51 -45.14 -34.90
N ASP C 310 18.07 -46.28 -35.43
CA ASP C 310 18.89 -47.37 -35.93
C ASP C 310 18.79 -47.52 -37.49
N ALA C 311 17.73 -48.16 -37.99
CA ALA C 311 17.34 -48.06 -39.41
C ALA C 311 18.41 -48.55 -40.41
N LYS C 312 18.93 -49.75 -40.21
CA LYS C 312 19.93 -50.29 -41.13
C LYS C 312 19.35 -50.57 -42.53
N PHE C 313 18.03 -50.82 -42.59
CA PHE C 313 17.33 -51.03 -43.87
C PHE C 313 17.52 -49.94 -44.90
N LEU C 314 17.73 -48.70 -44.45
CA LEU C 314 17.89 -47.58 -45.38
C LEU C 314 19.13 -47.66 -46.29
N HIS C 315 20.19 -48.35 -45.85
CA HIS C 315 21.38 -48.57 -46.71
C HIS C 315 21.01 -49.32 -48.00
N PHE C 316 19.92 -50.10 -47.98
CA PHE C 316 19.43 -50.85 -49.12
C PHE C 316 18.44 -50.08 -50.01
N LEU C 317 18.33 -48.75 -49.87
CA LEU C 317 17.31 -47.97 -50.62
C LEU C 317 17.83 -46.69 -51.29
N PRO C 318 18.93 -46.82 -52.04
CA PRO C 318 19.52 -45.64 -52.67
C PRO C 318 18.70 -45.02 -53.79
N ASN C 319 17.67 -45.70 -54.27
CA ASN C 319 16.76 -45.06 -55.26
C ASN C 319 15.44 -44.56 -54.69
N LEU C 320 15.29 -44.60 -53.36
CA LEU C 320 14.05 -44.14 -52.71
C LEU C 320 13.85 -42.62 -52.93
N ILE C 321 12.66 -42.26 -53.45
CA ILE C 321 12.20 -40.88 -53.64
C ILE C 321 11.37 -40.36 -52.42
N GLN C 322 10.50 -41.18 -51.86
CA GLN C 322 9.64 -40.82 -50.78
C GLN C 322 9.73 -41.79 -49.65
N LEU C 323 9.86 -41.27 -48.41
CA LEU C 323 9.86 -42.09 -47.22
C LEU C 323 8.97 -41.45 -46.21
N ASP C 324 8.05 -42.21 -45.68
CA ASP C 324 7.16 -41.68 -44.68
C ASP C 324 7.31 -42.49 -43.39
N LEU C 325 7.68 -41.83 -42.32
CA LEU C 325 7.83 -42.47 -41.01
C LEU C 325 6.96 -41.75 -39.95
N SER C 326 5.85 -41.17 -40.40
CA SER C 326 5.07 -40.33 -39.55
C SER C 326 4.32 -41.16 -38.56
N PHE C 327 4.08 -40.59 -37.39
CA PHE C 327 3.26 -41.18 -36.36
C PHE C 327 3.78 -42.53 -35.93
N ASN C 328 5.03 -42.50 -35.47
CA ASN C 328 5.65 -43.67 -34.82
C ASN C 328 5.98 -43.54 -33.36
N PHE C 329 5.41 -42.56 -32.68
CA PHE C 329 5.78 -42.30 -31.29
C PHE C 329 5.42 -43.42 -30.35
N GLU C 330 6.23 -43.60 -29.31
CA GLU C 330 5.96 -44.59 -28.26
C GLU C 330 4.86 -43.95 -27.42
N LEU C 331 3.78 -44.67 -27.16
CA LEU C 331 2.70 -44.09 -26.37
C LEU C 331 3.21 -43.67 -25.00
N GLN C 332 2.74 -42.53 -24.51
CA GLN C 332 3.03 -42.02 -23.18
C GLN C 332 4.46 -41.52 -23.02
N VAL C 333 5.23 -41.39 -24.09
CA VAL C 333 6.63 -40.94 -24.04
C VAL C 333 6.75 -39.64 -24.81
N TYR C 334 7.44 -38.67 -24.23
CA TYR C 334 7.74 -37.42 -24.87
C TYR C 334 9.27 -37.26 -24.94
N ARG C 335 9.89 -37.73 -26.02
CA ARG C 335 11.36 -37.74 -26.12
C ARG C 335 11.96 -36.39 -25.94
N ALA C 336 13.16 -36.36 -25.42
CA ALA C 336 13.87 -35.08 -25.23
C ALA C 336 14.20 -34.49 -26.58
N SER C 337 14.55 -35.35 -27.54
CA SER C 337 15.07 -34.86 -28.82
C SER C 337 14.93 -35.88 -29.97
N MET C 338 15.33 -35.46 -31.15
CA MET C 338 15.31 -36.30 -32.34
C MET C 338 16.63 -37.12 -32.49
N ASN C 339 16.48 -38.45 -32.55
CA ASN C 339 17.56 -39.42 -32.76
C ASN C 339 17.37 -39.95 -34.23
N LEU C 340 17.94 -39.28 -35.23
CA LEU C 340 17.97 -39.82 -36.59
C LEU C 340 19.24 -40.64 -36.86
N SER C 341 19.08 -41.88 -37.31
CA SER C 341 20.20 -42.71 -37.67
C SER C 341 21.14 -42.10 -38.72
N GLN C 342 22.43 -42.43 -38.59
CA GLN C 342 23.45 -42.14 -39.62
C GLN C 342 22.90 -42.68 -40.96
N ALA C 343 22.19 -43.80 -40.92
CA ALA C 343 21.72 -44.47 -42.15
C ALA C 343 20.93 -43.60 -43.15
N PHE C 344 20.24 -42.56 -42.64
CA PHE C 344 19.49 -41.65 -43.50
C PHE C 344 20.38 -40.98 -44.54
N SER C 345 21.70 -40.95 -44.30
CA SER C 345 22.63 -40.36 -45.27
C SER C 345 22.82 -41.18 -46.54
N SER C 346 22.44 -42.45 -46.50
CA SER C 346 22.38 -43.37 -47.68
C SER C 346 21.28 -43.09 -48.70
N LEU C 347 20.26 -42.33 -48.29
CA LEU C 347 19.06 -42.15 -49.11
C LEU C 347 19.32 -41.12 -50.20
N LYS C 348 20.17 -41.52 -51.14
CA LYS C 348 20.80 -40.61 -52.10
C LYS C 348 19.77 -40.04 -53.07
N SER C 349 18.72 -40.78 -53.40
CA SER C 349 17.75 -40.25 -54.34
C SER C 349 16.58 -39.46 -53.68
N LEU C 350 16.55 -39.43 -52.34
CA LEU C 350 15.40 -38.96 -51.55
C LEU C 350 14.97 -37.51 -51.82
N LYS C 351 13.69 -37.36 -52.13
CA LYS C 351 13.05 -36.07 -52.42
C LYS C 351 12.13 -35.63 -51.29
N ILE C 352 11.44 -36.58 -50.65
CA ILE C 352 10.41 -36.29 -49.68
C ILE C 352 10.61 -37.20 -48.46
N LEU C 353 10.81 -36.55 -47.30
CA LEU C 353 10.89 -37.21 -46.02
C LEU C 353 9.85 -36.60 -45.05
N ARG C 354 9.02 -37.45 -44.45
CA ARG C 354 7.96 -37.02 -43.57
C ARG C 354 8.15 -37.74 -42.33
N ILE C 355 8.30 -37.00 -41.22
CA ILE C 355 8.44 -37.60 -39.89
C ILE C 355 7.58 -36.81 -38.92
N ARG C 356 6.30 -36.76 -39.23
CA ARG C 356 5.33 -36.18 -38.32
C ARG C 356 5.20 -37.10 -37.12
N GLY C 357 4.77 -36.58 -35.98
CA GLY C 357 4.29 -37.46 -34.92
C GLY C 357 5.34 -38.40 -34.37
N TYR C 358 6.59 -37.95 -34.32
CA TYR C 358 7.68 -38.63 -33.59
C TYR C 358 7.55 -38.21 -32.13
N VAL C 359 7.22 -36.94 -31.91
CA VAL C 359 6.85 -36.37 -30.60
C VAL C 359 8.11 -36.14 -29.73
N PHE C 360 8.68 -34.93 -29.85
CA PHE C 360 9.88 -34.59 -29.13
C PHE C 360 9.95 -33.14 -28.77
N LYS C 361 10.68 -32.82 -27.69
CA LYS C 361 10.68 -31.49 -27.10
C LYS C 361 11.56 -30.48 -27.79
N GLU C 362 12.78 -30.88 -28.15
CA GLU C 362 13.78 -29.96 -28.69
C GLU C 362 14.43 -30.47 -29.96
N LEU C 363 14.52 -29.61 -30.97
CA LEU C 363 15.21 -29.91 -32.20
C LEU C 363 16.49 -29.11 -32.26
N LYS C 364 17.60 -29.82 -32.09
CA LYS C 364 18.94 -29.20 -32.11
C LYS C 364 19.48 -29.28 -33.53
N SER C 365 20.27 -28.29 -33.93
CA SER C 365 20.72 -28.18 -35.34
C SER C 365 21.34 -29.43 -35.95
N PHE C 366 22.27 -30.00 -35.19
CA PHE C 366 22.98 -31.20 -35.58
C PHE C 366 22.16 -32.49 -35.67
N GLN C 367 20.94 -32.54 -35.12
CA GLN C 367 20.15 -33.79 -35.15
C GLN C 367 19.60 -34.17 -36.51
N LEU C 368 19.62 -33.24 -37.46
CA LEU C 368 19.24 -33.49 -38.84
C LEU C 368 20.46 -33.61 -39.76
N SER C 369 21.66 -33.69 -39.17
CA SER C 369 22.90 -33.67 -39.96
C SER C 369 22.99 -34.85 -40.95
N PRO C 370 22.44 -36.05 -40.62
CA PRO C 370 22.39 -37.11 -41.63
C PRO C 370 21.74 -36.75 -42.97
N LEU C 371 20.96 -35.68 -43.02
CA LEU C 371 20.27 -35.23 -44.25
C LEU C 371 20.99 -34.13 -44.95
N HIS C 372 22.05 -33.58 -44.35
CA HIS C 372 22.66 -32.37 -44.90
C HIS C 372 23.17 -32.56 -46.34
N ASN C 373 23.63 -33.77 -46.68
CA ASN C 373 24.22 -34.04 -47.98
C ASN C 373 23.37 -34.86 -48.92
N LEU C 374 22.09 -34.96 -48.62
CA LEU C 374 21.10 -35.47 -49.59
C LEU C 374 20.77 -34.42 -50.65
N GLN C 375 21.42 -34.55 -51.80
CA GLN C 375 21.41 -33.51 -52.83
C GLN C 375 20.05 -33.20 -53.44
N ASN C 376 19.16 -34.19 -53.44
CA ASN C 376 17.84 -34.07 -54.07
C ASN C 376 16.65 -33.83 -53.16
N LEU C 377 16.92 -33.66 -51.86
CA LEU C 377 15.87 -33.48 -50.89
C LEU C 377 15.09 -32.20 -51.13
N GLU C 378 13.78 -32.33 -51.28
CA GLU C 378 12.91 -31.23 -51.58
C GLU C 378 11.97 -30.88 -50.44
N VAL C 379 11.46 -31.88 -49.73
CA VAL C 379 10.47 -31.66 -48.68
C VAL C 379 10.89 -32.42 -47.43
N LEU C 380 10.93 -31.68 -46.33
CA LEU C 380 11.23 -32.20 -45.03
C LEU C 380 10.08 -31.75 -44.12
N ASP C 381 9.34 -32.75 -43.63
CA ASP C 381 8.12 -32.52 -42.93
C ASP C 381 8.25 -33.04 -41.52
N LEU C 382 8.26 -32.11 -40.58
CA LEU C 382 8.41 -32.38 -39.16
C LEU C 382 7.23 -31.77 -38.36
N GLY C 383 6.06 -31.79 -38.96
CA GLY C 383 4.87 -31.32 -38.31
C GLY C 383 4.29 -32.23 -37.27
N THR C 384 3.48 -31.66 -36.40
CA THR C 384 2.81 -32.42 -35.34
C THR C 384 3.81 -33.24 -34.53
N ASN C 385 4.82 -32.55 -34.01
CA ASN C 385 5.80 -33.16 -33.11
C ASN C 385 5.88 -32.55 -31.71
N PHE C 386 4.99 -31.60 -31.39
CA PHE C 386 5.03 -30.88 -30.10
C PHE C 386 6.40 -30.37 -29.74
N ILE C 387 7.10 -29.88 -30.76
CA ILE C 387 8.44 -29.37 -30.58
C ILE C 387 8.31 -28.03 -29.85
N LYS C 388 9.05 -27.82 -28.77
CA LYS C 388 9.02 -26.55 -28.01
C LYS C 388 10.18 -25.62 -28.33
N ILE C 389 11.33 -26.19 -28.73
CA ILE C 389 12.52 -25.40 -28.99
C ILE C 389 13.14 -25.77 -30.33
N ALA C 390 13.44 -24.76 -31.13
CA ALA C 390 14.13 -25.02 -32.38
C ALA C 390 14.74 -23.75 -32.86
N ASN C 391 16.05 -23.79 -33.06
CA ASN C 391 16.73 -22.64 -33.59
C ASN C 391 16.55 -22.73 -35.08
N LEU C 392 15.70 -21.86 -35.60
CA LEU C 392 15.32 -21.85 -36.99
C LEU C 392 16.47 -21.65 -37.95
N SER C 393 17.56 -21.06 -37.46
CA SER C 393 18.76 -20.82 -38.27
C SER C 393 19.41 -22.11 -38.78
N MET C 394 19.09 -23.25 -38.15
CA MET C 394 19.57 -24.57 -38.62
C MET C 394 19.17 -24.86 -40.07
N PHE C 395 18.11 -24.23 -40.57
CA PHE C 395 17.68 -24.45 -41.94
C PHE C 395 18.47 -23.73 -43.01
N LYS C 396 19.51 -22.99 -42.60
CA LYS C 396 20.54 -22.50 -43.56
C LYS C 396 21.26 -23.68 -44.26
N GLN C 397 21.29 -24.84 -43.59
CA GLN C 397 21.78 -26.10 -44.18
C GLN C 397 20.78 -26.80 -45.09
N PHE C 398 19.70 -26.10 -45.45
CA PHE C 398 18.65 -26.66 -46.25
C PHE C 398 18.08 -25.64 -47.26
N LYS C 399 18.90 -24.69 -47.69
CA LYS C 399 18.55 -23.75 -48.77
C LYS C 399 17.99 -24.43 -50.02
N ARG C 400 18.46 -25.64 -50.34
CA ARG C 400 18.05 -26.32 -51.59
C ARG C 400 16.62 -26.89 -51.53
N LEU C 401 16.04 -26.97 -50.34
CA LEU C 401 14.73 -27.54 -50.18
C LEU C 401 13.63 -26.60 -50.71
N LYS C 402 12.57 -27.20 -51.21
CA LYS C 402 11.39 -26.48 -51.64
C LYS C 402 10.47 -26.11 -50.49
N VAL C 403 10.32 -27.03 -49.52
CA VAL C 403 9.44 -26.88 -48.36
C VAL C 403 10.02 -27.46 -47.08
N ILE C 404 10.07 -26.65 -46.02
CA ILE C 404 10.42 -27.13 -44.69
C ILE C 404 9.18 -26.88 -43.86
N ASP C 405 8.58 -27.96 -43.37
CA ASP C 405 7.27 -27.90 -42.77
C ASP C 405 7.37 -28.24 -41.29
N LEU C 406 7.13 -27.22 -40.46
CA LEU C 406 7.09 -27.33 -39.01
C LEU C 406 5.71 -26.97 -38.46
N SER C 407 4.71 -27.15 -39.30
CA SER C 407 3.34 -26.94 -38.96
C SER C 407 2.90 -27.75 -37.72
N VAL C 408 2.03 -27.15 -36.91
CA VAL C 408 1.48 -27.82 -35.74
C VAL C 408 2.57 -28.28 -34.75
N ASN C 409 3.29 -27.36 -34.16
CA ASN C 409 4.20 -27.71 -33.09
C ASN C 409 3.96 -26.71 -31.97
N LYS C 410 4.85 -26.66 -31.00
CA LYS C 410 4.66 -25.78 -29.84
C LYS C 410 5.81 -24.79 -29.71
N ILE C 411 6.29 -24.32 -30.84
CA ILE C 411 7.54 -23.56 -30.89
C ILE C 411 7.24 -22.15 -30.40
N SER C 412 7.98 -21.73 -29.38
CA SER C 412 7.88 -20.35 -28.85
C SER C 412 9.30 -19.74 -28.89
N PRO C 413 9.40 -18.41 -28.91
CA PRO C 413 10.52 -17.71 -29.52
C PRO C 413 11.86 -18.42 -29.70
N VAL C 437 0.91 -30.55 -50.73
CA VAL C 437 -0.02 -30.26 -49.62
C VAL C 437 -0.83 -31.53 -49.32
N LEU C 438 -0.79 -32.02 -48.07
CA LEU C 438 -1.62 -33.17 -47.66
C LEU C 438 -2.95 -32.69 -47.10
N GLU C 439 -3.97 -33.53 -47.23
CA GLU C 439 -5.33 -33.20 -46.78
C GLU C 439 -5.36 -33.18 -45.24
N GLN C 440 -6.39 -32.58 -44.65
CA GLN C 440 -6.47 -32.38 -43.18
C GLN C 440 -6.47 -33.70 -42.39
N LEU C 441 -7.45 -34.55 -42.69
CA LEU C 441 -7.44 -35.91 -42.22
C LEU C 441 -6.62 -36.64 -43.31
N TYR C 442 -5.55 -37.30 -42.90
CA TYR C 442 -4.57 -37.96 -43.82
C TYR C 442 -3.95 -39.19 -43.18
N TYR C 443 -3.10 -38.99 -42.19
CA TYR C 443 -2.56 -40.11 -41.43
C TYR C 443 -3.56 -40.84 -40.53
N PHE C 444 -4.68 -40.20 -40.20
CA PHE C 444 -5.74 -40.84 -39.43
C PHE C 444 -7.02 -41.21 -40.21
N ARG C 445 -7.11 -40.94 -41.49
CA ARG C 445 -8.15 -41.55 -42.37
C ARG C 445 -8.23 -43.08 -42.29
N TYR C 446 -9.42 -43.67 -42.36
CA TYR C 446 -9.58 -45.12 -42.47
C TYR C 446 -9.05 -45.59 -43.83
N ASP C 447 -9.52 -45.00 -44.92
CA ASP C 447 -9.08 -45.31 -46.29
C ASP C 447 -9.01 -43.98 -47.06
N LYS C 448 -7.83 -43.37 -47.06
CA LYS C 448 -7.60 -42.11 -47.76
C LYS C 448 -7.68 -42.22 -49.28
N TYR C 449 -7.72 -43.43 -49.83
CA TYR C 449 -7.77 -43.61 -51.30
C TYR C 449 -9.15 -44.00 -51.74
N ALA C 450 -10.13 -43.99 -50.86
CA ALA C 450 -11.47 -44.44 -51.20
C ALA C 450 -12.12 -43.54 -52.22
N ARG C 451 -12.95 -44.16 -53.06
CA ARG C 451 -13.64 -43.52 -54.15
C ARG C 451 -14.94 -42.96 -53.59
N SER C 452 -15.34 -41.76 -54.00
CA SER C 452 -16.69 -41.23 -53.71
C SER C 452 -17.66 -41.73 -54.76
N CYS C 453 -18.95 -41.72 -54.44
CA CYS C 453 -19.99 -42.02 -55.44
C CYS C 453 -19.97 -41.04 -56.60
N ARG C 454 -19.68 -39.77 -56.32
CA ARG C 454 -19.63 -38.76 -57.39
C ARG C 454 -18.58 -38.95 -58.49
N PHE C 455 -17.33 -39.27 -58.16
CA PHE C 455 -16.19 -39.24 -59.15
C PHE C 455 -15.35 -40.53 -59.22
N LYS C 456 -14.62 -40.72 -60.34
CA LYS C 456 -13.60 -41.82 -60.50
C LYS C 456 -12.34 -41.35 -61.28
N SER C 468 -2.04 -22.08 -51.66
CA SER C 468 -0.63 -22.49 -51.41
C SER C 468 0.46 -21.60 -52.10
N CYS C 469 1.57 -21.37 -51.40
CA CYS C 469 2.66 -20.41 -51.78
C CYS C 469 3.96 -21.05 -52.24
N TYR C 470 3.96 -22.37 -52.38
CA TYR C 470 5.16 -23.17 -52.74
C TYR C 470 5.75 -22.76 -54.04
N LYS C 471 4.91 -22.41 -55.02
CA LYS C 471 5.39 -21.89 -56.31
C LYS C 471 6.29 -20.65 -56.22
N TYR C 472 6.26 -19.90 -55.13
CA TYR C 472 7.15 -18.74 -55.00
C TYR C 472 8.64 -19.10 -54.73
N GLY C 473 8.91 -20.36 -54.34
CA GLY C 473 10.26 -20.81 -54.05
C GLY C 473 10.32 -21.37 -52.64
N GLN C 474 11.48 -21.24 -52.00
CA GLN C 474 11.70 -21.91 -50.73
C GLN C 474 10.77 -21.43 -49.63
N THR C 475 10.19 -22.40 -48.91
CA THR C 475 9.11 -22.17 -47.98
C THR C 475 9.35 -22.78 -46.65
N LEU C 476 9.17 -21.94 -45.63
CA LEU C 476 9.25 -22.32 -44.25
C LEU C 476 7.88 -22.16 -43.63
N ASP C 477 7.28 -23.29 -43.30
CA ASP C 477 5.96 -23.34 -42.72
C ASP C 477 6.03 -23.53 -41.20
N LEU C 478 5.76 -22.44 -40.50
CA LEU C 478 5.68 -22.39 -39.05
C LEU C 478 4.24 -22.17 -38.55
N SER C 479 3.25 -22.47 -39.39
CA SER C 479 1.89 -22.29 -39.00
C SER C 479 1.53 -23.15 -37.83
N LYS C 480 0.51 -22.68 -37.11
CA LYS C 480 0.02 -23.29 -35.89
C LYS C 480 1.14 -23.65 -34.95
N ASN C 481 1.94 -22.67 -34.60
CA ASN C 481 2.88 -22.83 -33.49
C ASN C 481 2.48 -21.91 -32.35
N SER C 482 3.36 -21.71 -31.36
CA SER C 482 3.08 -20.86 -30.19
C SER C 482 3.99 -19.64 -30.19
N ILE C 483 4.22 -19.05 -31.35
CA ILE C 483 5.09 -17.89 -31.46
C ILE C 483 4.30 -16.62 -31.07
N PHE C 484 4.67 -15.96 -29.97
CA PHE C 484 3.95 -14.75 -29.50
C PHE C 484 4.72 -13.50 -29.84
N PHE C 485 6.03 -13.65 -30.04
CA PHE C 485 6.88 -12.50 -30.31
C PHE C 485 7.92 -12.93 -31.30
N ILE C 486 8.14 -12.10 -32.32
CA ILE C 486 9.19 -12.31 -33.31
C ILE C 486 10.19 -11.15 -33.31
N LYS C 487 11.44 -11.44 -33.64
CA LYS C 487 12.45 -10.41 -33.86
C LYS C 487 13.41 -10.81 -34.94
N SER C 488 14.11 -9.83 -35.49
CA SER C 488 15.03 -10.07 -36.62
C SER C 488 15.92 -11.29 -36.47
N SER C 489 16.54 -11.41 -35.31
CA SER C 489 17.51 -12.44 -35.06
C SER C 489 16.92 -13.85 -35.20
N ASP C 490 15.60 -14.00 -35.04
CA ASP C 490 14.93 -15.27 -35.26
C ASP C 490 15.12 -15.80 -36.70
N PHE C 491 15.30 -14.89 -37.65
CA PHE C 491 15.39 -15.24 -39.08
C PHE C 491 16.79 -15.01 -39.64
N GLN C 492 17.78 -14.98 -38.76
CA GLN C 492 19.16 -14.64 -39.15
C GLN C 492 19.87 -15.16 -40.39
N HIS C 493 19.84 -16.46 -40.62
CA HIS C 493 20.52 -17.05 -41.77
C HIS C 493 19.48 -17.61 -42.71
N LEU C 494 18.30 -16.97 -42.74
CA LEU C 494 17.21 -17.46 -43.58
C LEU C 494 16.86 -16.47 -44.68
N SER C 495 17.84 -15.72 -45.15
CA SER C 495 17.57 -14.67 -46.16
C SER C 495 17.14 -15.25 -47.49
N PHE C 496 17.44 -16.52 -47.71
CA PHE C 496 16.98 -17.23 -48.93
C PHE C 496 15.47 -17.49 -49.06
N LEU C 497 14.73 -17.44 -47.96
CA LEU C 497 13.30 -17.80 -47.94
C LEU C 497 12.52 -16.97 -48.90
N LYS C 498 11.60 -17.61 -49.60
CA LYS C 498 10.70 -16.90 -50.51
C LYS C 498 9.27 -16.82 -49.95
N CYS C 499 8.86 -17.85 -49.22
CA CYS C 499 7.57 -17.91 -48.55
C CYS C 499 7.71 -18.28 -47.07
N LEU C 500 7.03 -17.53 -46.19
CA LEU C 500 7.01 -17.82 -44.75
C LEU C 500 5.56 -17.90 -44.35
N ASN C 501 5.18 -19.01 -43.76
CA ASN C 501 3.87 -19.15 -43.21
C ASN C 501 3.90 -19.10 -41.67
N LEU C 502 3.39 -17.99 -41.13
CA LEU C 502 3.22 -17.78 -39.71
C LEU C 502 1.75 -17.86 -39.30
N SER C 503 0.92 -18.38 -40.18
CA SER C 503 -0.51 -18.43 -39.89
C SER C 503 -0.79 -19.13 -38.60
N GLY C 504 -1.67 -18.58 -37.79
CA GLY C 504 -2.15 -19.31 -36.64
C GLY C 504 -1.14 -19.38 -35.54
N ASN C 505 -0.41 -18.32 -35.32
CA ASN C 505 0.43 -18.27 -34.13
C ASN C 505 -0.27 -17.36 -33.13
N LEU C 506 0.49 -16.67 -32.28
CA LEU C 506 -0.08 -15.87 -31.21
C LEU C 506 0.46 -14.46 -31.27
N ILE C 507 0.73 -13.96 -32.47
CA ILE C 507 1.54 -12.76 -32.58
C ILE C 507 0.65 -11.51 -32.34
N SER C 508 0.98 -10.76 -31.27
CA SER C 508 0.14 -9.67 -30.73
C SER C 508 0.87 -8.34 -30.67
N GLN C 509 1.82 -8.22 -31.56
CA GLN C 509 2.89 -7.29 -31.49
C GLN C 509 2.59 -6.11 -32.40
N THR C 510 3.11 -4.94 -32.04
CA THR C 510 3.11 -3.78 -32.92
C THR C 510 4.33 -3.80 -33.81
N LEU C 511 4.18 -4.49 -34.93
CA LEU C 511 5.22 -4.54 -35.95
C LEU C 511 5.59 -3.13 -36.46
N ASN C 512 6.90 -2.83 -36.49
CA ASN C 512 7.38 -1.50 -36.87
C ASN C 512 8.40 -1.48 -38.00
N GLY C 513 8.59 -2.61 -38.67
CA GLY C 513 9.54 -2.69 -39.78
C GLY C 513 10.92 -3.19 -39.42
N SER C 514 11.08 -3.81 -38.26
CA SER C 514 12.36 -4.31 -37.81
C SER C 514 12.35 -5.80 -37.52
N GLU C 515 11.19 -6.44 -37.60
CA GLU C 515 11.02 -7.80 -37.13
C GLU C 515 11.46 -8.85 -38.17
N PHE C 516 11.36 -8.51 -39.45
CA PHE C 516 11.72 -9.41 -40.53
C PHE C 516 12.94 -8.94 -41.39
N GLN C 517 13.84 -8.13 -40.82
CA GLN C 517 14.91 -7.49 -41.61
C GLN C 517 15.78 -8.47 -42.49
N PRO C 518 16.19 -9.64 -41.95
CA PRO C 518 16.92 -10.60 -42.78
C PRO C 518 16.17 -11.23 -43.98
N LEU C 519 14.85 -11.09 -44.07
CA LEU C 519 14.12 -11.79 -45.11
C LEU C 519 14.04 -10.90 -46.34
N ALA C 520 15.22 -10.64 -46.89
CA ALA C 520 15.37 -9.74 -48.04
C ALA C 520 14.77 -10.27 -49.35
N GLU C 521 14.64 -11.59 -49.47
CA GLU C 521 14.18 -12.24 -50.71
C GLU C 521 12.71 -12.70 -50.61
N LEU C 522 12.04 -12.42 -49.49
CA LEU C 522 10.71 -12.95 -49.25
C LEU C 522 9.68 -12.35 -50.16
N ARG C 523 8.87 -13.23 -50.76
CA ARG C 523 7.83 -12.83 -51.70
C ARG C 523 6.40 -13.03 -51.20
N TYR C 524 6.19 -14.02 -50.32
CA TYR C 524 4.88 -14.34 -49.78
C TYR C 524 5.01 -14.44 -48.29
N LEU C 525 4.19 -13.70 -47.55
CA LEU C 525 4.08 -13.89 -46.12
C LEU C 525 2.60 -14.14 -45.79
N ASP C 526 2.35 -15.24 -45.11
CA ASP C 526 1.03 -15.54 -44.53
C ASP C 526 1.07 -15.30 -43.01
N PHE C 527 0.36 -14.27 -42.58
CA PHE C 527 0.34 -13.82 -41.22
C PHE C 527 -1.12 -13.89 -40.76
N SER C 528 -1.91 -14.75 -41.38
CA SER C 528 -3.31 -14.87 -41.02
C SER C 528 -3.45 -15.57 -39.64
N ASN C 529 -4.61 -15.39 -38.99
CA ASN C 529 -4.88 -15.97 -37.67
C ASN C 529 -3.82 -15.68 -36.62
N ASN C 530 -3.37 -14.45 -36.59
CA ASN C 530 -2.60 -13.90 -35.48
C ASN C 530 -3.42 -12.79 -34.82
N ARG C 531 -2.77 -11.87 -34.13
CA ARG C 531 -3.47 -10.72 -33.61
C ARG C 531 -2.69 -9.47 -33.92
N LEU C 532 -2.55 -9.21 -35.20
CA LEU C 532 -1.82 -8.07 -35.65
C LEU C 532 -2.35 -6.83 -35.00
N ASP C 533 -1.41 -6.03 -34.53
CA ASP C 533 -1.68 -4.72 -33.99
C ASP C 533 -1.04 -3.69 -34.89
N LEU C 534 -1.81 -3.16 -35.82
CA LEU C 534 -1.33 -2.18 -36.76
C LEU C 534 -1.26 -0.75 -36.19
N LEU C 535 -0.52 -0.57 -35.11
CA LEU C 535 -0.25 0.78 -34.60
C LEU C 535 0.59 1.62 -35.55
N HIS C 536 1.63 1.01 -36.14
CA HIS C 536 2.62 1.72 -36.95
C HIS C 536 2.40 1.48 -38.44
N SER C 537 2.58 2.52 -39.23
CA SER C 537 2.46 2.40 -40.69
C SER C 537 3.75 1.94 -41.34
N THR C 538 4.78 1.72 -40.54
CA THR C 538 6.00 1.08 -41.00
C THR C 538 5.97 -0.47 -40.97
N ALA C 539 4.85 -1.07 -40.54
CA ALA C 539 4.75 -2.54 -40.46
C ALA C 539 4.99 -3.16 -41.83
N PHE C 540 5.82 -4.20 -41.80
CA PHE C 540 6.18 -4.99 -42.97
C PHE C 540 7.09 -4.28 -44.00
N GLU C 541 7.48 -3.01 -43.77
CA GLU C 541 8.22 -2.23 -44.79
C GLU C 541 9.57 -2.83 -45.16
N GLU C 542 10.16 -3.57 -44.20
CA GLU C 542 11.45 -4.25 -44.39
C GLU C 542 11.41 -5.45 -45.34
N LEU C 543 10.23 -5.98 -45.61
CA LEU C 543 10.09 -7.06 -46.58
C LEU C 543 10.03 -6.45 -47.96
N ARG C 544 11.17 -6.02 -48.46
CA ARG C 544 11.21 -5.19 -49.65
C ARG C 544 10.83 -5.87 -50.94
N LYS C 545 10.94 -7.19 -51.00
CA LYS C 545 10.53 -7.92 -52.20
C LYS C 545 9.14 -8.57 -52.07
N LEU C 546 8.39 -8.17 -51.04
CA LEU C 546 7.12 -8.83 -50.75
C LEU C 546 6.10 -8.60 -51.85
N GLU C 547 5.55 -9.68 -52.38
CA GLU C 547 4.51 -9.62 -53.42
C GLU C 547 3.08 -9.91 -52.92
N VAL C 548 2.96 -10.81 -51.95
CA VAL C 548 1.68 -11.21 -51.40
C VAL C 548 1.78 -11.21 -49.87
N LEU C 549 0.81 -10.55 -49.24
CA LEU C 549 0.69 -10.45 -47.79
C LEU C 549 -0.69 -10.81 -47.38
N ASP C 550 -0.79 -11.79 -46.50
CA ASP C 550 -2.07 -12.18 -45.91
C ASP C 550 -2.12 -11.82 -44.44
N ILE C 551 -2.97 -10.87 -44.10
CA ILE C 551 -3.24 -10.52 -42.69
C ILE C 551 -4.72 -10.70 -42.36
N SER C 552 -5.35 -11.68 -43.01
CA SER C 552 -6.71 -12.09 -42.69
C SER C 552 -6.82 -12.71 -41.30
N SER C 553 -8.02 -12.62 -40.74
CA SER C 553 -8.32 -13.20 -39.45
C SER C 553 -7.35 -12.75 -38.35
N ASN C 554 -7.05 -11.45 -38.36
CA ASN C 554 -6.39 -10.78 -37.27
C ASN C 554 -7.39 -9.77 -36.70
N SER C 555 -8.61 -10.22 -36.37
CA SER C 555 -9.62 -9.27 -35.94
C SER C 555 -9.41 -8.69 -34.52
N HIS C 556 -8.59 -9.32 -33.70
CA HIS C 556 -8.59 -9.07 -32.26
C HIS C 556 -8.53 -7.61 -31.83
N TYR C 557 -7.52 -6.86 -32.26
CA TYR C 557 -7.45 -5.42 -31.89
C TYR C 557 -8.41 -4.49 -32.61
N PHE C 558 -8.93 -4.92 -33.74
CA PHE C 558 -9.97 -4.16 -34.44
C PHE C 558 -11.33 -4.18 -33.74
N GLN C 559 -11.51 -5.08 -32.79
CA GLN C 559 -12.80 -5.22 -32.09
C GLN C 559 -12.95 -4.40 -30.84
N SER C 560 -11.93 -3.67 -30.42
CA SER C 560 -11.97 -2.92 -29.19
C SER C 560 -11.84 -1.44 -29.52
N GLU C 561 -12.74 -0.63 -28.99
CA GLU C 561 -12.77 0.79 -29.35
C GLU C 561 -11.56 1.57 -28.84
N GLY C 562 -11.27 2.68 -29.53
CA GLY C 562 -10.25 3.62 -29.11
C GLY C 562 -8.81 3.24 -29.44
N ILE C 563 -8.60 2.20 -30.25
CA ILE C 563 -7.29 1.72 -30.61
C ILE C 563 -6.89 2.29 -31.96
N THR C 564 -5.72 2.90 -32.02
CA THR C 564 -5.21 3.51 -33.22
C THR C 564 -4.74 2.37 -34.14
N HIS C 565 -5.20 2.43 -35.40
CA HIS C 565 -4.92 1.46 -36.43
C HIS C 565 -4.50 2.24 -37.66
N MET C 566 -3.42 1.82 -38.32
CA MET C 566 -2.91 2.53 -39.49
C MET C 566 -3.04 1.65 -40.72
N LEU C 567 -4.14 1.81 -41.47
CA LEU C 567 -4.33 1.05 -42.72
C LEU C 567 -3.47 1.55 -43.83
N ASN C 568 -2.74 2.66 -43.61
CA ASN C 568 -1.92 3.26 -44.66
C ASN C 568 -0.50 2.67 -44.76
N PHE C 569 -0.24 1.58 -44.06
CA PHE C 569 1.03 0.84 -44.17
C PHE C 569 1.39 0.31 -45.58
N THR C 570 0.42 0.27 -46.47
CA THR C 570 0.60 -0.26 -47.85
C THR C 570 1.54 0.54 -48.72
N LYS C 571 1.64 1.85 -48.47
CA LYS C 571 2.52 2.79 -49.21
C LYS C 571 3.98 2.32 -49.38
N ASN C 572 4.54 1.81 -48.30
CA ASN C 572 5.96 1.38 -48.22
C ASN C 572 6.33 0.12 -48.99
N LEU C 573 5.36 -0.73 -49.29
CA LEU C 573 5.62 -2.02 -49.92
C LEU C 573 5.59 -1.84 -51.44
N LYS C 574 6.77 -1.67 -52.01
CA LYS C 574 6.90 -1.18 -53.39
C LYS C 574 6.67 -2.20 -54.49
N VAL C 575 6.67 -3.51 -54.18
CA VAL C 575 6.34 -4.54 -55.20
C VAL C 575 5.14 -5.42 -54.82
N LEU C 576 4.33 -4.96 -53.87
CA LEU C 576 3.19 -5.73 -53.37
C LEU C 576 2.10 -5.81 -54.41
N GLN C 577 1.64 -7.02 -54.71
CA GLN C 577 0.64 -7.24 -55.76
C GLN C 577 -0.70 -7.54 -55.19
N LYS C 578 -0.69 -8.35 -54.14
CA LYS C 578 -1.92 -8.87 -53.57
C LYS C 578 -1.91 -8.70 -52.06
N LEU C 579 -2.98 -8.13 -51.53
CA LEU C 579 -3.12 -7.94 -50.11
C LEU C 579 -4.44 -8.52 -49.66
N MET C 580 -4.41 -9.47 -48.72
CA MET C 580 -5.63 -10.07 -48.22
C MET C 580 -5.81 -9.61 -46.80
N MET C 581 -6.94 -8.96 -46.53
CA MET C 581 -7.26 -8.56 -45.17
C MET C 581 -8.72 -8.84 -44.82
N ASN C 582 -9.07 -10.11 -45.01
CA ASN C 582 -10.41 -10.60 -44.76
C ASN C 582 -10.70 -10.88 -43.28
N ASP C 583 -11.97 -10.75 -42.88
CA ASP C 583 -12.47 -11.24 -41.61
C ASP C 583 -11.74 -10.63 -40.43
N ASN C 584 -11.42 -9.35 -40.60
CA ASN C 584 -10.74 -8.54 -39.59
C ASN C 584 -11.66 -7.65 -38.82
N ASP C 585 -12.94 -7.61 -39.21
CA ASP C 585 -13.94 -6.82 -38.50
C ASP C 585 -13.55 -5.34 -38.44
N ILE C 586 -12.83 -4.85 -39.43
CA ILE C 586 -12.36 -3.47 -39.44
C ILE C 586 -13.53 -2.46 -39.50
N SER C 587 -13.62 -1.61 -38.48
CA SER C 587 -14.65 -0.58 -38.43
C SER C 587 -14.13 0.80 -38.11
N SER C 588 -12.83 0.98 -38.19
CA SER C 588 -12.20 2.23 -37.81
C SER C 588 -10.78 2.24 -38.28
N SER C 589 -10.31 3.42 -38.67
CA SER C 589 -8.95 3.59 -39.08
C SER C 589 -8.50 5.01 -38.79
N THR C 590 -7.28 5.17 -38.30
CA THR C 590 -6.77 6.48 -37.99
C THR C 590 -6.40 7.16 -39.28
N SER C 591 -5.91 6.42 -40.25
CA SER C 591 -5.70 6.97 -41.58
C SER C 591 -6.93 6.75 -42.43
N ARG C 592 -7.10 7.65 -43.41
CA ARG C 592 -8.28 7.70 -44.29
C ARG C 592 -8.05 7.19 -45.70
N THR C 593 -6.82 6.84 -46.01
CA THR C 593 -6.47 6.43 -47.35
C THR C 593 -5.47 5.28 -47.29
N MET C 594 -5.66 4.32 -48.17
CA MET C 594 -4.67 3.29 -48.44
C MET C 594 -4.08 3.69 -49.76
N GLU C 595 -2.76 3.52 -49.86
CA GLU C 595 -1.94 4.02 -50.97
C GLU C 595 -0.99 2.93 -51.43
N SER C 596 -0.94 2.73 -52.75
CA SER C 596 0.03 1.82 -53.35
C SER C 596 0.20 2.18 -54.80
N GLU C 597 1.45 2.21 -55.25
CA GLU C 597 1.76 2.32 -56.69
C GLU C 597 1.67 0.94 -57.37
N SER C 598 1.65 -0.16 -56.61
CA SER C 598 1.78 -1.51 -57.18
C SER C 598 0.63 -2.48 -56.99
N LEU C 599 -0.16 -2.31 -55.93
CA LEU C 599 -1.16 -3.32 -55.56
C LEU C 599 -2.20 -3.53 -56.66
N ARG C 600 -2.46 -4.78 -57.04
CA ARG C 600 -3.47 -5.14 -58.05
C ARG C 600 -4.68 -5.80 -57.46
N THR C 601 -4.53 -6.54 -56.37
CA THR C 601 -5.67 -7.22 -55.73
C THR C 601 -5.75 -6.91 -54.23
N LEU C 602 -6.95 -6.55 -53.79
CA LEU C 602 -7.23 -6.30 -52.40
C LEU C 602 -8.49 -7.07 -52.00
N GLU C 603 -8.31 -8.05 -51.11
CA GLU C 603 -9.43 -8.74 -50.54
C GLU C 603 -9.70 -8.06 -49.17
N PHE C 604 -10.95 -7.59 -48.99
CA PHE C 604 -11.36 -6.82 -47.83
C PHE C 604 -12.73 -7.32 -47.35
N ARG C 605 -12.97 -8.64 -47.45
CA ARG C 605 -14.29 -9.18 -47.14
C ARG C 605 -14.39 -9.42 -45.64
N GLY C 606 -15.59 -9.41 -45.09
CA GLY C 606 -15.75 -9.61 -43.68
C GLY C 606 -15.23 -8.50 -42.79
N ASN C 607 -15.37 -7.25 -43.24
CA ASN C 607 -15.03 -6.07 -42.44
C ASN C 607 -16.29 -5.22 -42.27
N HIS C 608 -16.17 -4.01 -41.76
CA HIS C 608 -17.33 -3.15 -41.54
C HIS C 608 -17.24 -1.80 -42.26
N LEU C 609 -17.18 -1.87 -43.59
CA LEU C 609 -17.21 -0.70 -44.40
C LEU C 609 -18.52 0.03 -44.17
N ASP C 610 -19.55 -0.67 -43.72
CA ASP C 610 -20.83 0.00 -43.43
C ASP C 610 -20.69 1.08 -42.38
N VAL C 611 -19.80 0.87 -41.42
CA VAL C 611 -19.51 1.81 -40.36
C VAL C 611 -18.58 2.92 -40.83
N LEU C 612 -17.57 2.61 -41.62
CA LEU C 612 -16.66 3.63 -42.19
C LEU C 612 -17.33 4.52 -43.22
N TRP C 613 -18.31 3.97 -43.90
CA TRP C 613 -19.13 4.69 -44.87
C TRP C 613 -20.56 4.93 -44.36
N ARG C 614 -20.71 5.14 -43.06
CA ARG C 614 -21.97 5.60 -42.45
C ARG C 614 -22.53 6.79 -43.22
N ASP C 615 -23.82 6.81 -43.51
CA ASP C 615 -24.34 7.93 -44.33
C ASP C 615 -24.09 9.26 -43.64
N GLY C 616 -23.57 10.24 -44.39
CA GLY C 616 -23.20 11.54 -43.83
C GLY C 616 -21.75 11.69 -43.39
N ASP C 617 -20.98 10.60 -43.38
CA ASP C 617 -19.57 10.64 -43.05
C ASP C 617 -18.80 10.45 -44.33
N ASN C 618 -18.18 11.52 -44.81
CA ASN C 618 -17.35 11.53 -46.05
C ASN C 618 -15.92 11.04 -45.91
N ARG C 619 -15.46 10.85 -44.69
CA ARG C 619 -14.05 10.81 -44.44
C ARG C 619 -13.36 9.61 -45.08
N TYR C 620 -14.07 8.51 -45.29
CA TYR C 620 -13.45 7.30 -45.81
C TYR C 620 -13.92 6.92 -47.21
N LEU C 621 -14.57 7.85 -47.92
CA LEU C 621 -15.04 7.57 -49.29
C LEU C 621 -13.96 7.43 -50.33
N GLN C 622 -12.74 7.86 -49.98
CA GLN C 622 -11.56 7.73 -50.82
C GLN C 622 -10.57 6.68 -50.25
N LEU C 623 -11.06 5.75 -49.45
CA LEU C 623 -10.19 4.79 -48.78
C LEU C 623 -9.33 4.04 -49.76
N PHE C 624 -9.92 3.60 -50.87
CA PHE C 624 -9.23 2.82 -51.88
C PHE C 624 -8.70 3.60 -53.11
N LYS C 625 -8.94 4.93 -53.17
CA LYS C 625 -8.64 5.75 -54.38
C LYS C 625 -7.19 5.77 -54.83
N ASN C 626 -6.26 5.71 -53.88
CA ASN C 626 -4.85 5.85 -54.19
C ASN C 626 -4.13 4.49 -54.30
N LEU C 627 -4.91 3.43 -54.49
CA LEU C 627 -4.39 2.14 -54.91
C LEU C 627 -4.46 2.16 -56.41
N LEU C 628 -3.48 2.82 -57.00
CA LEU C 628 -3.57 3.27 -58.42
C LEU C 628 -3.69 2.11 -59.41
N LYS C 629 -2.96 1.02 -59.18
CA LYS C 629 -3.00 -0.16 -60.08
C LYS C 629 -4.04 -1.23 -59.66
N LEU C 630 -4.93 -0.91 -58.74
CA LEU C 630 -5.89 -1.88 -58.27
C LEU C 630 -6.84 -2.25 -59.36
N GLU C 631 -6.93 -3.55 -59.63
CA GLU C 631 -7.85 -4.10 -60.62
C GLU C 631 -8.95 -4.99 -60.05
N GLU C 632 -8.72 -5.63 -58.90
CA GLU C 632 -9.69 -6.55 -58.25
C GLU C 632 -9.92 -6.08 -56.80
N LEU C 633 -11.19 -5.90 -56.44
CA LEU C 633 -11.53 -5.51 -55.08
C LEU C 633 -12.69 -6.34 -54.56
N ASP C 634 -12.50 -7.04 -53.45
CA ASP C 634 -13.56 -7.82 -52.83
C ASP C 634 -13.99 -7.14 -51.54
N ILE C 635 -15.13 -6.50 -51.60
CA ILE C 635 -15.75 -5.91 -50.44
C ILE C 635 -17.08 -6.56 -50.18
N SER C 636 -17.13 -7.88 -50.40
CA SER C 636 -18.29 -8.72 -50.02
C SER C 636 -18.35 -8.89 -48.49
N LYS C 637 -19.51 -9.23 -47.93
CA LYS C 637 -19.63 -9.51 -46.50
C LYS C 637 -19.16 -8.33 -45.62
N ASN C 638 -19.58 -7.14 -45.97
CA ASN C 638 -19.25 -5.91 -45.26
C ASN C 638 -20.50 -5.19 -44.75
N SER C 639 -21.64 -5.84 -44.84
CA SER C 639 -22.83 -5.41 -44.15
C SER C 639 -23.44 -4.09 -44.69
N LEU C 640 -23.30 -3.94 -46.00
CA LEU C 640 -23.69 -2.77 -46.75
C LEU C 640 -25.10 -2.94 -47.29
N SER C 641 -26.09 -2.46 -46.54
CA SER C 641 -27.47 -2.34 -46.97
C SER C 641 -27.60 -1.42 -48.13
N PHE C 642 -26.73 -0.42 -48.16
CA PHE C 642 -26.71 0.58 -49.20
C PHE C 642 -25.26 1.09 -49.39
N LEU C 643 -25.00 1.68 -50.52
CA LEU C 643 -23.77 2.33 -50.80
C LEU C 643 -24.07 3.84 -50.79
N PRO C 644 -23.49 4.62 -49.84
CA PRO C 644 -23.70 6.07 -49.97
C PRO C 644 -23.06 6.59 -51.24
N SER C 645 -23.48 7.75 -51.69
CA SER C 645 -22.86 8.30 -52.89
C SER C 645 -21.48 8.83 -52.51
N GLY C 646 -20.58 8.76 -53.48
CA GLY C 646 -19.17 9.00 -53.28
C GLY C 646 -18.35 7.73 -53.42
N VAL C 647 -18.96 6.57 -53.18
CA VAL C 647 -18.21 5.33 -53.09
C VAL C 647 -17.56 4.99 -54.40
N PHE C 648 -18.35 5.03 -55.47
CA PHE C 648 -17.85 4.66 -56.79
C PHE C 648 -16.94 5.70 -57.40
N ASP C 649 -17.26 6.96 -57.16
CA ASP C 649 -16.35 8.05 -57.55
C ASP C 649 -14.97 7.88 -56.85
N GLY C 650 -15.00 7.41 -55.60
CA GLY C 650 -13.80 7.14 -54.82
C GLY C 650 -13.04 5.86 -55.11
N MET C 651 -13.54 5.02 -56.01
CA MET C 651 -12.81 3.82 -56.42
C MET C 651 -11.64 4.20 -57.28
N PRO C 652 -10.57 3.38 -57.24
CA PRO C 652 -9.43 3.74 -58.06
C PRO C 652 -9.71 3.44 -59.53
N PRO C 653 -9.05 4.21 -60.43
CA PRO C 653 -9.43 4.29 -61.85
C PRO C 653 -9.32 2.99 -62.69
N ASN C 654 -8.46 2.04 -62.33
CA ASN C 654 -8.33 0.79 -63.09
C ASN C 654 -9.13 -0.40 -62.55
N LEU C 655 -10.09 -0.16 -61.66
CA LEU C 655 -10.86 -1.26 -61.09
C LEU C 655 -11.63 -2.02 -62.18
N LYS C 656 -11.41 -3.34 -62.26
CA LYS C 656 -12.05 -4.22 -63.21
C LYS C 656 -13.04 -5.20 -62.60
N ASN C 657 -12.61 -5.85 -61.52
CA ASN C 657 -13.34 -6.92 -60.83
C ASN C 657 -13.78 -6.34 -59.46
N LEU C 658 -15.08 -6.11 -59.28
CA LEU C 658 -15.63 -5.69 -58.00
C LEU C 658 -16.65 -6.72 -57.46
N SER C 659 -16.43 -7.25 -56.27
CA SER C 659 -17.44 -8.05 -55.57
C SER C 659 -18.11 -7.25 -54.46
N LEU C 660 -19.45 -7.19 -54.53
CA LEU C 660 -20.27 -6.64 -53.49
C LEU C 660 -21.22 -7.72 -52.98
N ALA C 661 -20.79 -8.97 -53.03
CA ALA C 661 -21.66 -10.11 -52.70
C ALA C 661 -21.99 -10.17 -51.23
N LYS C 662 -23.14 -10.73 -50.85
CA LYS C 662 -23.41 -11.10 -49.46
C LYS C 662 -23.30 -9.91 -48.53
N ASN C 663 -23.89 -8.80 -48.95
CA ASN C 663 -23.89 -7.54 -48.18
C ASN C 663 -25.23 -7.15 -47.65
N GLY C 664 -26.25 -7.90 -48.01
CA GLY C 664 -27.63 -7.50 -47.69
C GLY C 664 -28.08 -6.23 -48.41
N LEU C 665 -27.42 -5.86 -49.52
CA LEU C 665 -27.82 -4.68 -50.31
C LEU C 665 -29.29 -4.73 -50.75
N LYS C 666 -30.01 -3.64 -50.48
CA LYS C 666 -31.45 -3.52 -50.78
C LYS C 666 -31.75 -2.49 -51.83
N SER C 667 -30.74 -1.76 -52.29
CA SER C 667 -30.91 -0.81 -53.37
C SER C 667 -29.56 -0.54 -53.92
N PHE C 668 -29.54 -0.04 -55.13
CA PHE C 668 -28.30 0.11 -55.86
C PHE C 668 -28.60 1.03 -57.01
N ILE C 669 -28.04 2.23 -56.94
CA ILE C 669 -28.17 3.19 -58.03
C ILE C 669 -27.19 2.77 -59.16
N TRP C 670 -27.75 2.05 -60.12
CA TRP C 670 -27.02 1.52 -61.27
C TRP C 670 -26.30 2.60 -62.10
N GLU C 671 -26.91 3.77 -62.18
CA GLU C 671 -26.37 4.94 -62.89
C GLU C 671 -24.97 5.28 -62.41
N LYS C 672 -24.69 5.06 -61.13
CA LYS C 672 -23.39 5.36 -60.54
C LYS C 672 -22.25 4.50 -61.11
N LEU C 673 -22.60 3.39 -61.75
CA LEU C 673 -21.59 2.58 -62.44
C LEU C 673 -20.79 3.31 -63.52
N ARG C 674 -21.35 4.41 -64.03
CA ARG C 674 -20.64 5.31 -64.93
C ARG C 674 -19.26 5.72 -64.40
N TYR C 675 -19.10 5.81 -63.08
CA TYR C 675 -17.79 6.20 -62.48
C TYR C 675 -16.71 5.14 -62.66
N LEU C 676 -17.10 3.87 -62.76
CA LEU C 676 -16.16 2.76 -62.90
C LEU C 676 -15.88 2.44 -64.37
N LYS C 677 -15.08 3.30 -64.97
CA LYS C 677 -14.88 3.29 -66.42
C LYS C 677 -14.15 2.08 -66.97
N ASN C 678 -13.46 1.31 -66.11
CA ASN C 678 -12.88 0.04 -66.55
C ASN C 678 -13.51 -1.25 -66.00
N LEU C 679 -14.66 -1.13 -65.38
CA LEU C 679 -15.30 -2.27 -64.77
C LEU C 679 -15.65 -3.32 -65.84
N GLU C 680 -15.29 -4.57 -65.57
CA GLU C 680 -15.64 -5.72 -66.41
C GLU C 680 -16.50 -6.76 -65.71
N THR C 681 -16.23 -7.02 -64.42
CA THR C 681 -16.97 -7.97 -63.61
C THR C 681 -17.58 -7.26 -62.39
N LEU C 682 -18.89 -7.43 -62.20
CA LEU C 682 -19.58 -6.90 -61.04
C LEU C 682 -20.33 -8.05 -60.40
N ASP C 683 -19.92 -8.45 -59.19
CA ASP C 683 -20.55 -9.55 -58.50
C ASP C 683 -21.44 -8.96 -57.46
N LEU C 684 -22.74 -9.07 -57.70
CA LEU C 684 -23.73 -8.61 -56.76
C LEU C 684 -24.55 -9.77 -56.21
N SER C 685 -24.00 -10.98 -56.26
CA SER C 685 -24.76 -12.14 -55.79
C SER C 685 -25.10 -12.10 -54.29
N HIS C 686 -26.21 -12.73 -53.91
CA HIS C 686 -26.58 -12.97 -52.51
C HIS C 686 -26.87 -11.67 -51.79
N ASN C 687 -27.74 -10.88 -52.40
CA ASN C 687 -28.16 -9.61 -51.83
C ASN C 687 -29.69 -9.58 -51.92
N GLN C 688 -30.28 -8.40 -51.74
CA GLN C 688 -31.72 -8.22 -51.81
C GLN C 688 -32.13 -7.23 -52.88
N LEU C 689 -31.41 -7.19 -53.99
CA LEU C 689 -31.75 -6.25 -55.03
C LEU C 689 -33.06 -6.73 -55.64
N THR C 690 -33.97 -5.80 -55.85
CA THR C 690 -35.27 -6.04 -56.45
C THR C 690 -35.36 -5.52 -57.92
N THR C 691 -34.34 -4.85 -58.44
CA THR C 691 -34.44 -4.32 -59.80
C THR C 691 -33.13 -4.44 -60.54
N VAL C 692 -33.24 -4.40 -61.86
CA VAL C 692 -32.08 -4.25 -62.73
C VAL C 692 -32.14 -2.82 -63.30
N PRO C 693 -31.02 -2.34 -63.86
CA PRO C 693 -31.06 -1.03 -64.43
C PRO C 693 -32.03 -0.97 -65.62
N GLU C 694 -32.68 0.19 -65.82
CA GLU C 694 -33.51 0.46 -67.01
C GLU C 694 -32.76 0.23 -68.31
N ARG C 695 -31.48 0.61 -68.34
CA ARG C 695 -30.64 0.47 -69.52
C ARG C 695 -29.22 0.21 -69.08
N LEU C 696 -28.80 -1.05 -69.17
CA LEU C 696 -27.45 -1.44 -68.75
C LEU C 696 -26.37 -0.74 -69.57
N SER C 697 -26.68 -0.38 -70.82
CA SER C 697 -25.65 0.24 -71.69
C SER C 697 -25.39 1.69 -71.31
N ASN C 698 -26.42 2.37 -70.78
CA ASN C 698 -26.34 3.75 -70.26
C ASN C 698 -25.68 3.82 -68.84
N CYS C 699 -25.38 2.64 -68.24
CA CYS C 699 -24.75 2.48 -66.93
C CYS C 699 -23.29 2.05 -67.01
N SER C 700 -22.98 1.11 -67.88
CA SER C 700 -21.64 0.63 -68.02
C SER C 700 -21.43 0.07 -69.41
N ARG C 701 -20.75 0.82 -70.27
CA ARG C 701 -20.31 0.33 -71.60
C ARG C 701 -19.29 -0.81 -71.50
N SER C 702 -18.45 -0.82 -70.46
CA SER C 702 -17.35 -1.79 -70.32
C SER C 702 -17.73 -3.15 -69.76
N LEU C 703 -18.91 -3.27 -69.15
CA LEU C 703 -19.29 -4.45 -68.34
C LEU C 703 -19.49 -5.74 -69.12
N LYS C 704 -18.68 -6.75 -68.76
CA LYS C 704 -18.67 -8.07 -69.43
C LYS C 704 -19.41 -9.14 -68.64
N ASN C 705 -19.17 -9.20 -67.32
CA ASN C 705 -19.84 -10.21 -66.47
C ASN C 705 -20.66 -9.59 -65.39
N LEU C 706 -21.95 -9.85 -65.39
CA LEU C 706 -22.81 -9.30 -64.39
C LEU C 706 -23.45 -10.48 -63.67
N ILE C 707 -23.25 -10.54 -62.35
CA ILE C 707 -23.67 -11.67 -61.53
C ILE C 707 -24.69 -11.22 -60.51
N LEU C 708 -25.94 -11.62 -60.69
CA LEU C 708 -27.06 -11.14 -59.86
C LEU C 708 -27.75 -12.28 -59.18
N LYS C 709 -27.09 -13.44 -59.11
CA LYS C 709 -27.75 -14.60 -58.54
C LYS C 709 -28.12 -14.38 -57.10
N ASN C 710 -29.22 -14.97 -56.67
CA ASN C 710 -29.64 -14.95 -55.27
C ASN C 710 -30.02 -13.57 -54.80
N ASN C 711 -30.89 -12.96 -55.57
CA ASN C 711 -31.43 -11.66 -55.25
C ASN C 711 -32.93 -11.76 -55.23
N GLN C 712 -33.65 -10.64 -55.24
CA GLN C 712 -35.10 -10.65 -55.13
C GLN C 712 -35.73 -9.98 -56.35
N ILE C 713 -35.08 -10.14 -57.50
CA ILE C 713 -35.56 -9.51 -58.72
C ILE C 713 -36.82 -10.26 -59.18
N ARG C 714 -37.92 -9.51 -59.36
CA ARG C 714 -39.25 -10.08 -59.74
C ARG C 714 -39.58 -9.90 -61.21
N SER C 715 -38.97 -8.91 -61.86
CA SER C 715 -39.18 -8.64 -63.27
C SER C 715 -38.01 -7.87 -63.79
N LEU C 716 -37.70 -8.03 -65.06
CA LEU C 716 -36.70 -7.20 -65.68
C LEU C 716 -37.33 -5.87 -66.10
N THR C 717 -36.49 -4.94 -66.51
CA THR C 717 -36.94 -3.66 -67.06
C THR C 717 -37.15 -3.81 -68.56
N LYS C 718 -38.02 -2.98 -69.12
CA LYS C 718 -38.46 -3.16 -70.49
C LYS C 718 -37.32 -3.26 -71.53
N TYR C 719 -36.31 -2.40 -71.42
CA TYR C 719 -35.21 -2.41 -72.40
C TYR C 719 -33.85 -2.82 -71.76
N PHE C 720 -33.89 -3.44 -70.55
CA PHE C 720 -32.71 -3.91 -69.78
C PHE C 720 -31.40 -4.05 -70.60
N LEU C 721 -31.27 -5.10 -71.41
CA LEU C 721 -30.00 -5.37 -72.11
C LEU C 721 -29.80 -4.67 -73.46
N GLN C 722 -30.70 -3.75 -73.81
CA GLN C 722 -30.62 -3.12 -75.12
C GLN C 722 -29.27 -2.47 -75.36
N ASP C 723 -28.67 -2.82 -76.49
CA ASP C 723 -27.41 -2.26 -76.98
C ASP C 723 -26.22 -2.54 -76.06
N ALA C 724 -26.31 -3.58 -75.24
CA ALA C 724 -25.25 -3.91 -74.30
C ALA C 724 -24.28 -4.88 -74.95
N PHE C 725 -23.59 -4.42 -75.98
CA PHE C 725 -22.85 -5.34 -76.88
C PHE C 725 -21.62 -5.95 -76.22
N GLN C 726 -21.14 -5.31 -75.15
CA GLN C 726 -19.94 -5.76 -74.45
C GLN C 726 -20.16 -6.95 -73.46
N LEU C 727 -21.42 -7.17 -73.09
CA LEU C 727 -21.84 -8.23 -72.18
C LEU C 727 -21.62 -9.64 -72.73
N ARG C 728 -21.12 -10.50 -71.87
CA ARG C 728 -20.76 -11.88 -72.20
C ARG C 728 -21.31 -12.92 -71.26
N TYR C 729 -21.53 -12.54 -70.00
CA TYR C 729 -21.92 -13.49 -68.94
C TYR C 729 -22.97 -12.81 -68.08
N LEU C 730 -24.08 -13.48 -67.81
CA LEU C 730 -25.16 -12.86 -67.05
C LEU C 730 -25.85 -13.92 -66.22
N ASP C 731 -25.77 -13.78 -64.90
CA ASP C 731 -26.35 -14.76 -63.97
C ASP C 731 -27.57 -14.12 -63.33
N LEU C 732 -28.75 -14.62 -63.65
CA LEU C 732 -29.99 -14.16 -63.04
C LEU C 732 -30.64 -15.31 -62.27
N SER C 733 -29.85 -16.35 -61.99
CA SER C 733 -30.36 -17.53 -61.30
C SER C 733 -30.79 -17.20 -59.86
N SER C 734 -31.71 -17.98 -59.34
CA SER C 734 -32.16 -17.83 -57.94
C SER C 734 -32.76 -16.48 -57.60
N ASN C 735 -33.52 -15.93 -58.54
CA ASN C 735 -34.28 -14.72 -58.29
C ASN C 735 -35.77 -15.07 -58.20
N LYS C 736 -36.67 -14.13 -58.44
CA LYS C 736 -38.10 -14.38 -58.34
C LYS C 736 -38.78 -13.97 -59.65
N ILE C 737 -38.04 -14.13 -60.77
CA ILE C 737 -38.46 -13.59 -62.08
C ILE C 737 -39.64 -14.41 -62.60
N GLN C 738 -40.70 -13.74 -63.06
CA GLN C 738 -41.91 -14.41 -63.59
C GLN C 738 -41.96 -14.51 -65.12
N MET C 739 -41.52 -13.44 -65.78
CA MET C 739 -41.62 -13.24 -67.21
C MET C 739 -40.40 -12.56 -67.72
N ILE C 740 -39.95 -12.94 -68.89
CA ILE C 740 -38.95 -12.19 -69.62
C ILE C 740 -39.55 -11.94 -71.02
N GLN C 741 -39.60 -10.67 -71.44
CA GLN C 741 -40.02 -10.30 -72.80
C GLN C 741 -38.83 -10.00 -73.72
N LYS C 742 -39.08 -10.10 -75.03
CA LYS C 742 -38.05 -9.89 -76.07
C LYS C 742 -37.31 -8.52 -76.02
N THR C 743 -38.00 -7.47 -75.58
CA THR C 743 -37.43 -6.12 -75.52
C THR C 743 -36.33 -5.99 -74.46
N SER C 744 -36.52 -6.70 -73.34
CA SER C 744 -35.48 -6.88 -72.31
C SER C 744 -34.29 -7.70 -72.81
N PHE C 745 -34.52 -8.63 -73.73
CA PHE C 745 -33.53 -9.65 -74.09
C PHE C 745 -33.28 -9.68 -75.61
N PRO C 746 -32.78 -8.60 -76.18
CA PRO C 746 -32.57 -8.60 -77.63
C PRO C 746 -31.57 -9.65 -78.09
N GLU C 747 -31.85 -10.24 -79.25
CA GLU C 747 -31.07 -11.33 -79.80
C GLU C 747 -29.63 -10.90 -80.14
N ASN C 748 -29.45 -9.69 -80.66
CA ASN C 748 -28.09 -9.14 -80.98
C ASN C 748 -27.10 -9.09 -79.81
N VAL C 749 -27.65 -9.06 -78.59
CA VAL C 749 -26.86 -9.21 -77.33
C VAL C 749 -26.75 -10.68 -76.89
N LEU C 750 -27.90 -11.34 -76.76
CA LEU C 750 -27.94 -12.75 -76.32
C LEU C 750 -27.03 -13.67 -77.11
N ASN C 751 -26.95 -13.49 -78.42
CA ASN C 751 -26.13 -14.40 -79.23
C ASN C 751 -24.62 -14.16 -79.06
N ASN C 752 -24.24 -13.02 -78.48
CA ASN C 752 -22.87 -12.80 -77.94
C ASN C 752 -22.55 -13.51 -76.60
N LEU C 753 -23.58 -13.88 -75.82
CA LEU C 753 -23.37 -14.41 -74.47
C LEU C 753 -22.73 -15.78 -74.45
N LYS C 754 -21.57 -15.84 -73.80
CA LYS C 754 -20.91 -17.09 -73.49
C LYS C 754 -21.78 -17.94 -72.56
N MET C 755 -22.52 -17.29 -71.66
CA MET C 755 -23.39 -18.02 -70.72
C MET C 755 -24.48 -17.13 -70.13
N LEU C 756 -25.66 -17.71 -69.92
CA LEU C 756 -26.81 -17.01 -69.37
C LEU C 756 -27.53 -17.92 -68.41
N LEU C 757 -27.61 -17.54 -67.12
CA LEU C 757 -28.13 -18.44 -66.11
C LEU C 757 -29.50 -17.98 -65.64
N LEU C 758 -30.48 -18.88 -65.63
CA LEU C 758 -31.89 -18.51 -65.39
C LEU C 758 -32.62 -19.43 -64.44
N HIS C 759 -31.91 -20.41 -63.87
CA HIS C 759 -32.55 -21.45 -63.08
C HIS C 759 -33.06 -20.92 -61.75
N HIS C 760 -33.95 -21.69 -61.11
CA HIS C 760 -34.59 -21.36 -59.79
C HIS C 760 -35.22 -19.99 -59.75
N ASN C 761 -36.00 -19.68 -60.76
CA ASN C 761 -36.82 -18.45 -60.80
C ASN C 761 -38.32 -18.78 -60.58
N ARG C 762 -39.26 -17.88 -60.84
CA ARG C 762 -40.67 -18.15 -60.53
C ARG C 762 -41.52 -18.04 -61.78
N PHE C 763 -41.08 -18.71 -62.85
CA PHE C 763 -41.59 -18.46 -64.20
C PHE C 763 -43.10 -18.74 -64.32
N LEU C 764 -43.84 -17.77 -64.87
CA LEU C 764 -45.23 -17.95 -65.15
C LEU C 764 -45.39 -18.36 -66.63
N CYS C 765 -46.10 -19.45 -66.85
CA CYS C 765 -46.19 -20.09 -68.16
C CYS C 765 -47.59 -19.93 -68.80
N THR C 766 -47.91 -18.67 -69.09
CA THR C 766 -49.17 -18.27 -69.71
C THR C 766 -48.82 -17.88 -71.13
N CYS C 767 -49.80 -17.41 -71.89
CA CYS C 767 -49.53 -17.02 -73.28
C CYS C 767 -48.66 -15.76 -73.42
N ASP C 768 -48.69 -14.91 -72.39
CA ASP C 768 -47.75 -13.75 -72.30
C ASP C 768 -46.26 -14.15 -72.28
N ALA C 769 -45.96 -15.35 -71.79
CA ALA C 769 -44.59 -15.89 -71.77
C ALA C 769 -44.16 -16.62 -73.03
N VAL C 770 -44.95 -16.55 -74.09
CA VAL C 770 -44.70 -17.39 -75.27
C VAL C 770 -43.37 -17.06 -75.94
N TRP C 771 -43.00 -15.78 -76.09
CA TRP C 771 -41.70 -15.48 -76.69
C TRP C 771 -40.56 -16.24 -75.98
N PHE C 772 -40.55 -16.12 -74.66
CA PHE C 772 -39.50 -16.71 -73.81
C PHE C 772 -39.49 -18.24 -73.88
N VAL C 773 -40.68 -18.83 -73.75
CA VAL C 773 -40.80 -20.29 -73.84
C VAL C 773 -40.27 -20.79 -75.17
N TRP C 774 -40.67 -20.15 -76.26
CA TRP C 774 -40.20 -20.56 -77.57
C TRP C 774 -38.70 -20.34 -77.68
N TRP C 775 -38.24 -19.16 -77.27
CA TRP C 775 -36.81 -18.82 -77.41
C TRP C 775 -35.93 -19.79 -76.63
N VAL C 776 -36.35 -20.10 -75.42
CA VAL C 776 -35.62 -21.04 -74.58
C VAL C 776 -35.49 -22.38 -75.28
N GLN C 777 -36.56 -22.78 -75.96
CA GLN C 777 -36.61 -24.06 -76.66
C GLN C 777 -35.70 -24.14 -77.85
N HIS C 778 -35.48 -23.01 -78.54
CA HIS C 778 -34.73 -23.01 -79.79
C HIS C 778 -33.35 -22.35 -79.80
N THR C 779 -33.02 -21.51 -78.80
CA THR C 779 -31.69 -20.84 -78.76
C THR C 779 -30.52 -21.82 -78.58
N GLU C 780 -29.35 -21.40 -79.07
CA GLU C 780 -28.13 -22.16 -78.85
C GLU C 780 -27.26 -21.51 -77.78
N VAL C 781 -27.76 -20.46 -77.12
CA VAL C 781 -27.07 -19.83 -75.98
C VAL C 781 -26.97 -20.81 -74.84
N THR C 782 -25.82 -20.87 -74.17
CA THR C 782 -25.64 -21.81 -73.08
C THR C 782 -26.45 -21.37 -71.86
N ILE C 783 -27.34 -22.26 -71.42
CA ILE C 783 -28.19 -22.05 -70.27
C ILE C 783 -28.07 -23.30 -69.42
N PRO C 784 -27.29 -23.23 -68.33
CA PRO C 784 -27.12 -24.46 -67.56
C PRO C 784 -28.40 -24.83 -66.87
N TYR C 785 -28.52 -26.11 -66.56
CA TYR C 785 -29.66 -26.69 -65.84
C TYR C 785 -30.99 -26.51 -66.56
N LEU C 786 -30.93 -26.41 -67.87
CA LEU C 786 -32.12 -26.09 -68.65
C LEU C 786 -33.16 -27.18 -68.60
N ALA C 787 -32.70 -28.43 -68.69
CA ALA C 787 -33.59 -29.58 -68.66
C ALA C 787 -34.15 -29.90 -67.28
N THR C 788 -33.45 -29.47 -66.25
CA THR C 788 -33.63 -29.97 -64.87
C THR C 788 -34.25 -28.91 -63.94
N ASP C 789 -33.90 -27.63 -64.11
CA ASP C 789 -34.23 -26.60 -63.11
C ASP C 789 -34.69 -25.24 -63.69
N VAL C 790 -35.24 -25.23 -64.90
CA VAL C 790 -35.93 -24.07 -65.43
C VAL C 790 -37.36 -24.52 -65.65
N THR C 791 -38.20 -24.14 -64.69
CA THR C 791 -39.45 -24.78 -64.33
C THR C 791 -40.54 -23.77 -64.07
N CYS C 792 -41.77 -24.07 -64.50
CA CYS C 792 -42.90 -23.18 -64.27
C CYS C 792 -43.35 -23.36 -62.85
N VAL C 793 -43.84 -22.29 -62.24
CA VAL C 793 -44.55 -22.40 -60.97
C VAL C 793 -46.05 -22.46 -61.17
N GLY C 794 -46.51 -22.10 -62.37
CA GLY C 794 -47.94 -21.98 -62.68
C GLY C 794 -48.16 -21.57 -64.14
N PRO C 795 -49.43 -21.43 -64.59
CA PRO C 795 -50.62 -21.68 -63.75
C PRO C 795 -51.10 -23.13 -63.78
N GLY C 796 -52.06 -23.43 -62.90
CA GLY C 796 -52.70 -24.75 -62.83
C GLY C 796 -51.74 -25.92 -62.91
N ALA C 797 -51.99 -26.80 -63.88
CA ALA C 797 -51.25 -28.07 -64.00
C ALA C 797 -49.88 -27.92 -64.68
N HIS C 798 -49.57 -26.71 -65.20
CA HIS C 798 -48.20 -26.33 -65.59
C HIS C 798 -47.21 -26.31 -64.41
N LYS C 799 -47.68 -26.13 -63.18
CA LYS C 799 -46.80 -26.17 -61.99
C LYS C 799 -45.86 -27.38 -62.01
N GLY C 800 -44.56 -27.14 -61.84
CA GLY C 800 -43.56 -28.18 -61.75
C GLY C 800 -43.06 -28.73 -63.06
N GLN C 801 -43.53 -28.19 -64.16
CA GLN C 801 -43.21 -28.72 -65.47
C GLN C 801 -42.10 -27.89 -66.10
N SER C 802 -41.08 -28.55 -66.65
CA SER C 802 -39.99 -27.81 -67.31
C SER C 802 -40.48 -26.95 -68.48
N VAL C 803 -39.96 -25.72 -68.60
CA VAL C 803 -40.40 -24.82 -69.67
C VAL C 803 -39.93 -25.34 -71.04
N ILE C 804 -38.82 -26.06 -71.05
CA ILE C 804 -38.27 -26.65 -72.29
C ILE C 804 -39.24 -27.65 -72.95
N SER C 805 -40.11 -28.29 -72.16
CA SER C 805 -41.05 -29.33 -72.62
C SER C 805 -42.48 -28.82 -72.89
N LEU C 806 -42.68 -27.53 -72.68
CA LEU C 806 -44.02 -26.92 -72.68
C LEU C 806 -44.56 -26.73 -74.11
N ASP C 807 -45.79 -27.19 -74.36
CA ASP C 807 -46.43 -27.05 -75.67
C ASP C 807 -47.50 -25.98 -75.54
N LEU C 808 -47.21 -24.76 -76.00
CA LEU C 808 -48.16 -23.63 -75.92
C LEU C 808 -48.85 -23.37 -77.27
N TYR C 809 -49.58 -24.39 -77.72
CA TYR C 809 -50.10 -24.44 -79.10
C TYR C 809 -51.19 -23.41 -79.38
N THR C 810 -51.88 -22.91 -78.35
CA THR C 810 -52.90 -21.88 -78.57
C THR C 810 -52.38 -20.42 -78.64
N CYS C 811 -51.07 -20.15 -78.62
CA CYS C 811 -50.55 -18.75 -78.48
C CYS C 811 -49.74 -18.32 -79.74
N SER D 2 29.19 45.77 67.72
CA SER D 2 29.20 47.19 67.27
C SER D 2 27.90 47.91 67.48
N PRO D 3 27.83 48.93 68.36
CA PRO D 3 28.83 49.38 69.34
C PRO D 3 28.56 48.77 70.72
N TRP D 4 27.29 48.61 71.08
CA TRP D 4 26.88 47.85 72.29
C TRP D 4 27.55 46.46 72.43
N ALA D 5 27.93 45.84 71.31
CA ALA D 5 28.50 44.48 71.34
C ALA D 5 30.05 44.38 71.57
N ARG D 6 30.74 45.52 71.53
CA ARG D 6 32.19 45.54 71.74
C ARG D 6 32.58 45.13 73.16
N TRP D 7 31.63 45.23 74.10
CA TRP D 7 31.82 44.75 75.48
C TRP D 7 31.95 43.21 75.65
N PHE D 8 31.49 42.46 74.65
CA PHE D 8 31.42 41.00 74.74
C PHE D 8 32.55 40.36 73.94
N PRO D 9 32.97 39.16 74.35
CA PRO D 9 34.17 38.58 73.75
C PRO D 9 33.94 37.93 72.37
N LYS D 10 34.85 38.26 71.45
CA LYS D 10 34.86 37.72 70.12
C LYS D 10 35.08 36.22 70.09
N THR D 11 35.64 35.64 71.16
CA THR D 11 35.88 34.18 71.24
C THR D 11 34.63 33.34 71.56
N LEU D 12 33.54 34.00 71.95
CA LEU D 12 32.31 33.29 72.36
C LEU D 12 31.67 32.64 71.17
N PRO D 13 31.45 31.31 71.20
CA PRO D 13 31.00 30.67 69.96
C PRO D 13 29.48 30.77 69.77
N CYS D 14 28.88 31.93 70.05
CA CYS D 14 27.44 32.08 70.13
C CYS D 14 27.07 33.45 69.63
N ASP D 15 25.89 33.57 69.01
CA ASP D 15 25.45 34.84 68.45
C ASP D 15 24.75 35.65 69.53
N VAL D 16 25.21 36.88 69.74
CA VAL D 16 24.69 37.76 70.78
C VAL D 16 23.90 38.88 70.13
N THR D 17 22.75 39.17 70.70
CA THR D 17 21.83 40.17 70.20
C THR D 17 21.16 40.82 71.37
N LEU D 18 20.50 41.93 71.09
CA LEU D 18 19.97 42.80 72.11
C LEU D 18 18.58 43.27 71.73
N ASP D 19 17.60 43.05 72.62
CA ASP D 19 16.26 43.69 72.54
C ASP D 19 16.30 44.88 73.48
N VAL D 20 16.64 46.06 72.93
CA VAL D 20 16.64 47.32 73.69
C VAL D 20 15.18 47.62 73.97
N SER D 21 14.90 48.20 75.13
CA SER D 21 13.53 48.53 75.56
C SER D 21 12.79 47.35 76.22
N LYS D 22 13.33 46.13 76.10
CA LYS D 22 13.05 45.05 77.05
C LYS D 22 14.27 44.71 77.94
N ASN D 23 15.39 45.41 77.72
CA ASN D 23 16.70 45.09 78.32
C ASN D 23 16.91 43.58 78.37
N HIS D 24 16.90 42.98 77.18
CA HIS D 24 17.19 41.55 77.01
C HIS D 24 18.50 41.45 76.25
N VAL D 25 19.39 40.61 76.77
CA VAL D 25 20.61 40.23 76.09
C VAL D 25 20.38 38.78 75.71
N ILE D 26 20.34 38.51 74.40
CA ILE D 26 20.01 37.20 73.88
C ILE D 26 21.24 36.53 73.38
N VAL D 27 21.47 35.30 73.79
CA VAL D 27 22.68 34.57 73.42
C VAL D 27 22.27 33.22 72.85
N ASP D 28 22.73 32.94 71.62
CA ASP D 28 22.25 31.80 70.84
C ASP D 28 23.44 30.90 70.52
N CYS D 29 23.48 29.75 71.20
CA CYS D 29 24.52 28.78 70.98
C CYS D 29 23.94 27.55 70.31
N THR D 30 22.96 27.74 69.43
CA THR D 30 22.34 26.63 68.72
C THR D 30 23.37 25.90 67.85
N ASP D 31 23.51 24.59 68.06
CA ASP D 31 24.22 23.72 67.14
C ASP D 31 25.65 24.15 66.95
N LYS D 32 26.39 24.21 68.06
CA LYS D 32 27.81 24.62 68.03
C LYS D 32 28.73 23.53 68.59
N HIS D 33 28.22 22.30 68.66
CA HIS D 33 28.94 21.10 69.09
C HIS D 33 29.56 21.18 70.49
N LEU D 34 28.79 21.73 71.42
CA LEU D 34 29.29 22.01 72.74
C LEU D 34 29.11 20.82 73.63
N THR D 35 30.12 20.54 74.44
CA THR D 35 30.02 19.56 75.53
C THR D 35 29.92 20.24 76.91
N GLU D 36 30.14 21.55 76.95
CA GLU D 36 30.04 22.34 78.17
C GLU D 36 29.36 23.63 77.81
N ILE D 37 28.63 24.22 78.75
CA ILE D 37 28.18 25.58 78.55
C ILE D 37 29.44 26.42 78.38
N PRO D 38 29.51 27.29 77.37
CA PRO D 38 30.74 28.05 77.25
C PRO D 38 30.94 29.10 78.35
N GLY D 39 32.19 29.22 78.82
CA GLY D 39 32.61 30.30 79.70
C GLY D 39 32.72 31.48 78.75
N GLY D 40 32.27 32.63 79.18
CA GLY D 40 32.28 33.79 78.30
C GLY D 40 30.90 34.33 78.14
N ILE D 41 29.88 33.52 78.43
CA ILE D 41 28.50 33.97 78.32
C ILE D 41 28.33 35.17 79.25
N PRO D 42 27.93 36.31 78.70
CA PRO D 42 27.82 37.53 79.50
C PRO D 42 26.93 37.44 80.73
N THR D 43 27.33 38.15 81.78
CA THR D 43 26.63 38.09 83.06
C THR D 43 25.20 38.59 82.88
N ASN D 44 25.03 39.64 82.07
CA ASN D 44 23.69 40.18 81.80
C ASN D 44 22.76 39.38 80.85
N THR D 45 23.22 38.24 80.34
CA THR D 45 22.43 37.37 79.50
C THR D 45 21.08 37.05 80.16
N THR D 46 20.01 37.26 79.38
CA THR D 46 18.60 37.04 79.78
C THR D 46 17.95 35.85 79.10
N ASN D 47 18.19 35.71 77.78
CA ASN D 47 17.67 34.57 76.95
C ASN D 47 18.85 33.76 76.42
N LEU D 48 18.95 32.52 76.86
CA LEU D 48 20.11 31.71 76.57
C LEU D 48 19.64 30.46 75.86
N THR D 49 20.17 30.21 74.67
CA THR D 49 19.76 29.07 73.84
C THR D 49 20.90 28.09 73.57
N LEU D 50 20.70 26.86 74.02
CA LEU D 50 21.71 25.82 73.93
C LEU D 50 21.21 24.61 73.12
N THR D 51 20.09 24.77 72.38
CA THR D 51 19.52 23.65 71.67
C THR D 51 20.45 23.02 70.63
N ILE D 52 20.35 21.70 70.49
CA ILE D 52 21.18 20.91 69.58
C ILE D 52 22.66 21.05 70.01
N ASN D 53 22.97 20.49 71.17
CA ASN D 53 24.35 20.36 71.62
C ASN D 53 24.50 19.02 72.37
N HIS D 54 25.67 18.79 73.01
CA HIS D 54 25.98 17.52 73.70
C HIS D 54 26.46 17.73 75.12
N ILE D 55 25.76 18.62 75.82
CA ILE D 55 26.07 18.94 77.20
C ILE D 55 25.40 17.85 78.05
N PRO D 56 26.19 17.01 78.73
CA PRO D 56 25.65 15.77 79.34
C PRO D 56 24.92 15.94 80.68
N ASP D 57 25.10 17.12 81.30
CA ASP D 57 24.54 17.42 82.62
C ASP D 57 24.32 18.92 82.89
N ILE D 58 23.49 19.20 83.88
CA ILE D 58 23.18 20.55 84.31
C ILE D 58 23.33 20.54 85.82
N SER D 59 23.99 21.57 86.35
CA SER D 59 24.29 21.65 87.78
C SER D 59 24.07 23.09 88.27
N PRO D 60 24.26 23.33 89.58
CA PRO D 60 24.18 24.73 90.02
C PRO D 60 25.28 25.63 89.41
N ALA D 61 26.39 25.03 88.97
CA ALA D 61 27.44 25.77 88.29
C ALA D 61 27.03 26.22 86.89
N SER D 62 26.14 25.48 86.24
CA SER D 62 25.70 25.81 84.89
C SER D 62 25.25 27.26 84.76
N PHE D 63 24.42 27.74 85.67
CA PHE D 63 23.88 29.10 85.60
C PHE D 63 24.17 30.01 86.81
N HIS D 64 25.20 29.71 87.61
CA HIS D 64 25.48 30.48 88.85
C HIS D 64 25.61 32.02 88.60
N ARG D 65 26.50 32.42 87.68
CA ARG D 65 26.67 33.85 87.38
C ARG D 65 25.44 34.52 86.79
N LEU D 66 24.63 33.72 86.09
CA LEU D 66 23.64 34.23 85.13
C LEU D 66 22.31 34.47 85.84
N VAL D 67 22.31 35.52 86.62
CA VAL D 67 21.22 35.75 87.57
C VAL D 67 20.05 36.45 86.91
N HIS D 68 20.28 37.02 85.73
CA HIS D 68 19.23 37.74 85.04
C HIS D 68 18.43 36.88 84.05
N LEU D 69 18.66 35.57 84.01
CA LEU D 69 17.99 34.72 83.03
C LEU D 69 16.48 34.72 83.19
N VAL D 70 15.79 35.14 82.12
CA VAL D 70 14.35 34.97 81.97
C VAL D 70 13.97 33.69 81.21
N GLU D 71 14.83 33.25 80.29
CA GLU D 71 14.54 32.10 79.41
C GLU D 71 15.76 31.20 79.21
N ILE D 72 15.59 29.91 79.48
CA ILE D 72 16.61 28.94 79.13
C ILE D 72 16.04 27.93 78.16
N ASP D 73 16.65 27.87 76.97
CA ASP D 73 16.27 26.91 75.92
C ASP D 73 17.36 25.87 75.86
N PHE D 74 17.13 24.79 76.59
CA PHE D 74 18.06 23.70 76.69
C PHE D 74 17.46 22.43 76.02
N ARG D 75 16.91 22.58 74.83
CA ARG D 75 16.29 21.46 74.08
C ARG D 75 17.32 20.58 73.41
N CYS D 76 16.97 19.33 73.19
CA CYS D 76 17.69 18.49 72.20
C CYS D 76 19.20 18.30 72.43
N ASN D 77 19.58 18.19 73.69
CA ASN D 77 20.94 17.78 74.05
C ASN D 77 21.05 16.27 74.21
N CYS D 78 19.89 15.60 74.29
CA CYS D 78 19.88 14.15 74.27
C CYS D 78 18.57 13.61 73.67
N VAL D 79 18.42 13.68 72.35
CA VAL D 79 17.10 13.38 71.79
C VAL D 79 16.89 11.85 71.80
N PRO D 80 15.64 11.39 72.02
CA PRO D 80 15.31 9.97 71.89
C PRO D 80 15.88 9.33 70.62
N ILE D 81 16.26 8.07 70.72
CA ILE D 81 17.03 7.37 69.68
C ILE D 81 16.46 7.60 68.26
N ARG D 82 15.16 7.40 68.10
CA ARG D 82 14.48 7.41 66.78
C ARG D 82 14.26 8.81 66.22
N LEU D 83 14.10 9.76 67.12
CA LEU D 83 13.97 11.17 66.77
C LEU D 83 15.31 11.76 66.37
N GLY D 84 16.40 11.22 66.92
CA GLY D 84 17.73 11.77 66.70
C GLY D 84 18.56 11.26 65.57
N SER D 85 19.77 11.82 65.50
CA SER D 85 20.77 11.38 64.56
C SER D 85 21.22 9.97 64.91
N LYS D 86 21.30 9.11 63.89
CA LYS D 86 21.85 7.76 64.05
C LYS D 86 23.39 7.73 64.01
N SER D 87 24.01 8.85 63.61
CA SER D 87 25.49 9.01 63.65
C SER D 87 25.92 9.54 65.01
N ASN D 88 25.20 10.55 65.50
CA ASN D 88 25.44 11.10 66.83
C ASN D 88 24.40 10.65 67.90
N MET D 89 24.36 9.35 68.19
CA MET D 89 23.35 8.83 69.12
C MET D 89 23.73 9.18 70.56
N CYS D 90 22.80 9.81 71.27
CA CYS D 90 23.02 10.20 72.66
C CYS D 90 23.21 8.97 73.58
N PRO D 91 24.40 8.85 74.23
CA PRO D 91 24.70 7.65 75.04
C PRO D 91 23.84 7.42 76.32
N ARG D 92 23.33 8.49 76.92
CA ARG D 92 22.89 8.46 78.30
C ARG D 92 22.03 9.70 78.52
N ARG D 93 20.90 9.55 79.20
CA ARG D 93 20.00 10.70 79.37
C ARG D 93 20.68 11.89 80.07
N LEU D 94 20.13 13.08 79.83
CA LEU D 94 20.59 14.31 80.49
C LEU D 94 20.39 14.19 82.02
N GLN D 95 21.41 14.59 82.79
CA GLN D 95 21.42 14.52 84.27
C GLN D 95 21.22 15.92 84.78
N ILE D 96 20.17 16.13 85.55
CA ILE D 96 19.93 17.42 86.15
C ILE D 96 20.13 17.24 87.64
N LYS D 97 21.26 17.73 88.14
CA LYS D 97 21.55 17.67 89.56
C LYS D 97 20.65 18.69 90.24
N PRO D 98 20.41 18.50 91.56
CA PRO D 98 19.41 19.38 92.21
C PRO D 98 19.93 20.80 92.40
N ARG D 99 19.00 21.72 92.65
CA ARG D 99 19.29 23.16 92.87
C ARG D 99 19.85 23.87 91.61
N SER D 100 19.59 23.31 90.43
CA SER D 100 20.17 23.81 89.18
C SER D 100 19.43 25.03 88.69
N PHE D 101 18.14 25.10 88.99
CA PHE D 101 17.34 26.26 88.56
C PHE D 101 16.81 27.12 89.71
N SER D 102 16.72 26.56 90.92
CA SER D 102 16.00 27.19 92.07
C SER D 102 16.55 28.57 92.44
N GLY D 103 17.84 28.79 92.21
CA GLY D 103 18.45 30.12 92.30
C GLY D 103 18.07 31.20 91.28
N LEU D 104 17.34 30.91 90.20
CA LEU D 104 17.03 31.90 89.14
C LEU D 104 15.69 32.60 89.34
N THR D 105 15.71 33.71 90.07
CA THR D 105 14.51 34.39 90.56
C THR D 105 13.65 34.92 89.44
N TYR D 106 14.28 35.22 88.30
CA TYR D 106 13.61 35.87 87.17
C TYR D 106 13.18 34.92 86.02
N LEU D 107 13.46 33.62 86.16
CA LEU D 107 13.23 32.65 85.09
C LEU D 107 11.75 32.47 84.75
N LYS D 108 11.34 32.96 83.58
CA LYS D 108 9.97 32.84 83.14
C LYS D 108 9.71 31.65 82.19
N SER D 109 10.70 31.24 81.39
CA SER D 109 10.49 30.15 80.41
C SER D 109 11.62 29.13 80.44
N LEU D 110 11.28 27.87 80.52
CA LEU D 110 12.28 26.81 80.55
C LEU D 110 11.94 25.70 79.56
N TYR D 111 12.83 25.42 78.61
CA TYR D 111 12.63 24.36 77.59
C TYR D 111 13.63 23.24 77.77
N LEU D 112 13.12 22.06 78.10
CA LEU D 112 13.95 20.87 78.31
C LEU D 112 13.52 19.72 77.40
N ASP D 113 13.02 20.06 76.21
CA ASP D 113 12.46 19.07 75.29
C ASP D 113 13.58 18.27 74.70
N GLY D 114 13.34 17.01 74.39
CA GLY D 114 14.32 16.20 73.68
C GLY D 114 15.61 15.91 74.43
N ASN D 115 15.46 15.51 75.69
CA ASN D 115 16.59 15.15 76.55
C ASN D 115 16.45 13.83 77.26
N GLN D 116 15.55 12.98 76.81
CA GLN D 116 15.32 11.67 77.43
C GLN D 116 15.03 11.68 78.95
N LEU D 117 14.50 12.78 79.46
CA LEU D 117 14.14 12.87 80.85
C LEU D 117 13.11 11.81 81.24
N LEU D 118 13.24 11.30 82.48
CA LEU D 118 12.33 10.26 83.00
C LEU D 118 11.21 10.77 83.88
N GLU D 119 11.44 11.93 84.51
CA GLU D 119 10.51 12.54 85.47
C GLU D 119 10.57 14.05 85.30
N ILE D 120 9.57 14.72 85.83
CA ILE D 120 9.43 16.15 85.68
C ILE D 120 10.53 16.80 86.51
N PRO D 121 11.36 17.69 85.93
CA PRO D 121 12.37 18.33 86.76
C PRO D 121 11.84 19.10 87.99
N GLN D 122 12.44 18.80 89.14
CA GLN D 122 12.11 19.46 90.40
C GLN D 122 13.14 20.55 90.67
N GLY D 123 12.91 21.32 91.70
CA GLY D 123 13.76 22.46 92.03
C GLY D 123 13.53 23.69 91.18
N LEU D 124 12.32 23.87 90.67
CA LEU D 124 12.05 24.95 89.71
C LEU D 124 11.53 26.16 90.43
N PRO D 125 11.95 27.35 89.99
CA PRO D 125 11.56 28.58 90.70
C PRO D 125 10.11 28.97 90.52
N PRO D 126 9.53 29.63 91.52
CA PRO D 126 8.11 29.97 91.47
C PRO D 126 7.79 31.10 90.46
N SER D 127 8.80 31.75 89.90
CA SER D 127 8.56 32.76 88.84
C SER D 127 8.22 32.12 87.46
N LEU D 128 8.43 30.80 87.34
CA LEU D 128 8.27 30.09 86.08
C LEU D 128 6.82 30.12 85.56
N GLN D 129 6.67 30.66 84.34
CA GLN D 129 5.39 30.71 83.60
C GLN D 129 5.29 29.62 82.52
N LEU D 130 6.40 29.22 81.90
CA LEU D 130 6.39 28.25 80.79
C LEU D 130 7.35 27.11 81.02
N LEU D 131 6.83 25.88 81.00
CA LEU D 131 7.66 24.70 81.09
C LEU D 131 7.34 23.73 79.93
N SER D 132 8.39 23.29 79.22
CA SER D 132 8.27 22.47 78.01
C SER D 132 9.11 21.24 78.20
N LEU D 133 8.48 20.08 78.03
CA LEU D 133 9.09 18.77 78.21
C LEU D 133 8.69 17.80 77.09
N GLU D 134 8.53 18.32 75.87
CA GLU D 134 8.18 17.49 74.74
C GLU D 134 9.31 16.51 74.41
N ALA D 135 8.98 15.38 73.80
CA ALA D 135 10.01 14.45 73.31
C ALA D 135 10.99 13.97 74.39
N ASN D 136 10.46 13.77 75.61
CA ASN D 136 11.20 13.09 76.69
C ASN D 136 10.52 11.74 76.92
N ASN D 137 10.80 11.09 78.04
CA ASN D 137 10.17 9.81 78.39
C ASN D 137 9.37 9.91 79.71
N ILE D 138 8.58 10.96 79.80
CA ILE D 138 7.72 11.21 80.93
C ILE D 138 6.29 10.86 80.54
N PHE D 139 5.84 9.71 81.03
CA PHE D 139 4.53 9.16 80.67
C PHE D 139 3.60 8.83 81.83
N SER D 140 3.90 9.40 83.01
CA SER D 140 3.02 9.30 84.18
C SER D 140 3.00 10.64 84.93
N ILE D 141 1.86 11.34 84.88
CA ILE D 141 1.68 12.62 85.57
C ILE D 141 0.98 12.37 86.89
N ARG D 142 1.61 12.85 87.97
CA ARG D 142 1.14 12.66 89.34
C ARG D 142 1.14 14.02 90.06
N LYS D 143 0.14 14.26 90.90
CA LYS D 143 -0.02 15.51 91.65
C LYS D 143 1.23 15.86 92.51
N GLU D 144 1.89 14.83 93.03
CA GLU D 144 3.16 14.94 93.81
C GLU D 144 4.28 15.67 93.04
N GLN D 145 4.42 15.36 91.75
CA GLN D 145 5.41 15.97 90.85
C GLN D 145 5.08 17.42 90.40
N LEU D 146 3.83 17.86 90.56
CA LEU D 146 3.38 19.19 90.13
C LEU D 146 3.32 20.25 91.24
N THR D 147 3.92 19.95 92.40
CA THR D 147 3.79 20.81 93.60
C THR D 147 4.46 22.19 93.47
N GLU D 148 5.51 22.34 92.65
CA GLU D 148 6.24 23.63 92.57
C GLU D 148 5.76 24.57 91.44
N LEU D 149 4.66 24.19 90.78
CA LEU D 149 4.25 24.83 89.54
C LEU D 149 2.99 25.70 89.68
N ALA D 150 2.78 26.28 90.86
CA ALA D 150 1.54 27.02 91.11
C ALA D 150 1.34 28.17 90.12
N ASN D 151 2.44 28.88 89.78
CA ASN D 151 2.40 30.01 88.82
C ASN D 151 2.45 29.64 87.32
N ILE D 152 2.42 28.34 87.02
CA ILE D 152 2.60 27.86 85.65
C ILE D 152 1.37 28.15 84.79
N GLU D 153 1.62 28.88 83.72
CA GLU D 153 0.62 29.25 82.72
C GLU D 153 0.62 28.32 81.48
N ILE D 154 1.79 27.80 81.09
CA ILE D 154 1.99 27.10 79.80
C ILE D 154 2.79 25.82 80.03
N LEU D 155 2.19 24.68 79.69
CA LEU D 155 2.77 23.37 79.94
C LEU D 155 2.69 22.48 78.69
N TYR D 156 3.85 22.05 78.18
CA TYR D 156 3.94 21.25 76.95
C TYR D 156 4.48 19.91 77.36
N LEU D 157 3.63 18.88 77.29
CA LEU D 157 4.04 17.54 77.71
C LEU D 157 3.98 16.49 76.59
N GLY D 158 3.76 16.95 75.36
CA GLY D 158 3.58 16.04 74.23
C GLY D 158 4.79 15.29 73.71
N GLN D 159 4.52 14.31 72.87
CA GLN D 159 5.53 13.52 72.15
C GLN D 159 6.41 12.72 73.11
N ASN D 160 5.83 12.28 74.25
CA ASN D 160 6.52 11.42 75.22
C ASN D 160 6.16 9.93 75.07
N CYS D 161 5.13 9.62 74.30
CA CYS D 161 4.76 8.24 73.99
C CYS D 161 4.03 8.13 72.66
N TYR D 162 4.77 7.94 71.57
CA TYR D 162 4.15 7.73 70.24
C TYR D 162 5.06 6.91 69.39
N TYR D 163 4.66 6.65 68.17
CA TYR D 163 5.33 5.64 67.38
C TYR D 163 6.87 5.90 67.23
N ARG D 164 7.31 7.16 67.31
CA ARG D 164 8.74 7.54 67.18
C ARG D 164 9.47 7.70 68.49
N ASN D 165 8.76 7.56 69.59
CA ASN D 165 9.34 7.65 70.93
C ASN D 165 8.40 6.88 71.86
N PRO D 166 8.37 5.54 71.72
CA PRO D 166 7.37 4.73 72.42
C PRO D 166 7.69 4.51 73.89
N CYS D 167 6.64 4.44 74.72
CA CYS D 167 6.76 4.16 76.14
C CYS D 167 6.19 2.78 76.51
N TYR D 168 5.50 2.17 75.56
CA TYR D 168 4.97 0.79 75.67
C TYR D 168 3.81 0.61 76.67
N VAL D 169 3.24 1.72 77.15
CA VAL D 169 2.06 1.68 78.04
C VAL D 169 1.14 2.88 77.73
N SER D 170 -0.08 2.85 78.23
CA SER D 170 -0.94 4.03 78.14
C SER D 170 -0.38 5.12 79.02
N TYR D 171 -0.60 6.36 78.64
CA TYR D 171 -0.26 7.51 79.48
C TYR D 171 -1.09 7.44 80.77
N SER D 172 -0.56 7.90 81.89
CA SER D 172 -1.28 7.93 83.18
C SER D 172 -1.29 9.35 83.67
N ILE D 173 -2.49 9.87 83.96
CA ILE D 173 -2.66 11.15 84.64
C ILE D 173 -3.52 10.84 85.88
N GLU D 174 -3.03 11.17 87.07
CA GLU D 174 -3.85 11.10 88.28
C GLU D 174 -5.11 11.96 88.12
N LYS D 175 -6.23 11.44 88.59
CA LYS D 175 -7.45 12.24 88.78
C LYS D 175 -7.07 13.58 89.47
N ASP D 176 -7.59 14.67 88.92
CA ASP D 176 -7.36 16.05 89.39
C ASP D 176 -5.92 16.56 89.30
N ALA D 177 -5.04 15.86 88.56
CA ALA D 177 -3.59 16.19 88.53
C ALA D 177 -3.27 17.68 88.31
N PHE D 178 -3.99 18.30 87.38
CA PHE D 178 -3.75 19.69 86.96
C PHE D 178 -4.64 20.70 87.65
N LEU D 179 -5.64 20.22 88.41
CA LEU D 179 -6.69 21.09 88.99
C LEU D 179 -6.15 22.23 89.88
N ASN D 180 -5.09 21.92 90.63
CA ASN D 180 -4.44 22.85 91.55
C ASN D 180 -3.44 23.83 90.87
N LEU D 181 -3.22 23.70 89.56
CA LEU D 181 -2.44 24.70 88.79
C LEU D 181 -3.39 25.78 88.35
N THR D 182 -3.65 26.70 89.29
CA THR D 182 -4.79 27.63 89.18
C THR D 182 -4.59 28.77 88.19
N LYS D 183 -3.38 28.88 87.62
CA LYS D 183 -3.14 29.83 86.53
C LYS D 183 -2.90 29.18 85.13
N LEU D 184 -3.05 27.86 85.03
CA LEU D 184 -2.82 27.12 83.76
C LEU D 184 -3.72 27.55 82.59
N LYS D 185 -3.09 28.10 81.56
CA LYS D 185 -3.76 28.62 80.38
C LYS D 185 -3.68 27.65 79.18
N VAL D 186 -2.50 27.09 78.94
CA VAL D 186 -2.24 26.23 77.79
C VAL D 186 -1.72 24.90 78.31
N LEU D 187 -2.37 23.81 77.92
CA LEU D 187 -1.90 22.46 78.22
C LEU D 187 -1.93 21.56 76.93
N SER D 188 -0.78 20.97 76.58
CA SER D 188 -0.60 20.19 75.38
C SER D 188 -0.21 18.79 75.79
N LEU D 189 -1.11 17.83 75.57
CA LEU D 189 -0.88 16.41 75.88
C LEU D 189 -0.89 15.56 74.63
N LYS D 190 -0.46 16.17 73.52
CA LYS D 190 -0.50 15.49 72.20
C LYS D 190 0.50 14.36 72.08
N ASP D 191 0.24 13.44 71.15
CA ASP D 191 1.22 12.44 70.76
C ASP D 191 1.71 11.67 72.00
N ASN D 192 0.77 11.24 72.84
CA ASN D 192 1.09 10.67 74.17
C ASN D 192 0.49 9.33 74.62
N ASN D 193 -0.30 8.67 73.79
CA ASN D 193 -0.97 7.42 74.19
C ASN D 193 -1.97 7.64 75.34
N VAL D 194 -2.56 8.82 75.38
CA VAL D 194 -3.60 9.17 76.30
C VAL D 194 -4.89 8.46 75.86
N THR D 195 -5.58 7.82 76.82
CA THR D 195 -6.80 7.05 76.59
C THR D 195 -8.11 7.73 77.04
N THR D 196 -8.01 8.71 77.94
CA THR D 196 -9.19 9.49 78.35
C THR D 196 -8.79 10.93 78.56
N VAL D 197 -9.75 11.82 78.40
CA VAL D 197 -9.51 13.23 78.65
C VAL D 197 -9.15 13.29 80.12
N PRO D 198 -8.02 13.91 80.50
CA PRO D 198 -7.81 14.06 81.95
C PRO D 198 -8.81 15.02 82.59
N THR D 199 -9.36 14.61 83.74
CA THR D 199 -10.26 15.48 84.52
C THR D 199 -9.78 15.51 85.96
N VAL D 200 -10.13 16.53 86.73
CA VAL D 200 -10.83 17.74 86.28
C VAL D 200 -9.75 18.75 85.99
N LEU D 201 -9.93 19.52 84.92
CA LEU D 201 -8.93 20.47 84.47
C LEU D 201 -9.23 21.87 85.01
N PRO D 202 -8.18 22.68 85.22
CA PRO D 202 -8.40 24.03 85.73
C PRO D 202 -9.25 24.84 84.80
N SER D 203 -10.22 25.57 85.36
CA SER D 203 -11.17 26.35 84.57
C SER D 203 -10.51 27.53 83.84
N THR D 204 -9.29 27.83 84.24
CA THR D 204 -8.55 28.92 83.65
C THR D 204 -7.91 28.62 82.25
N LEU D 205 -7.94 27.35 81.81
CA LEU D 205 -7.47 26.92 80.47
C LEU D 205 -8.12 27.65 79.28
N THR D 206 -7.24 28.20 78.42
CA THR D 206 -7.60 28.80 77.13
C THR D 206 -7.33 27.90 75.92
N GLU D 207 -6.41 26.94 76.03
CA GLU D 207 -6.00 26.12 74.89
C GLU D 207 -5.71 24.72 75.41
N LEU D 208 -6.32 23.72 74.78
CA LEU D 208 -6.12 22.33 75.18
C LEU D 208 -5.90 21.43 73.96
N TYR D 209 -4.74 20.78 73.93
CA TYR D 209 -4.31 20.03 72.79
C TYR D 209 -4.29 18.60 73.23
N LEU D 210 -5.28 17.82 72.78
CA LEU D 210 -5.35 16.40 73.10
C LEU D 210 -5.25 15.55 71.86
N TYR D 211 -4.63 16.05 70.80
CA TYR D 211 -4.61 15.33 69.51
C TYR D 211 -3.59 14.21 69.39
N ASN D 212 -3.83 13.31 68.46
CA ASN D 212 -3.01 12.09 68.26
C ASN D 212 -2.79 11.22 69.52
N ASN D 213 -3.91 10.70 70.02
CA ASN D 213 -3.95 9.90 71.23
C ASN D 213 -4.86 8.69 71.01
N MET D 214 -5.11 7.90 72.06
CA MET D 214 -5.98 6.72 71.99
C MET D 214 -7.32 7.00 72.67
N ILE D 215 -7.83 8.21 72.56
CA ILE D 215 -9.07 8.56 73.19
C ILE D 215 -10.22 8.10 72.28
N ALA D 216 -10.98 7.10 72.69
CA ALA D 216 -12.13 6.60 71.89
C ALA D 216 -13.50 7.30 72.17
N GLU D 217 -13.68 7.85 73.37
CA GLU D 217 -14.94 8.46 73.83
C GLU D 217 -14.67 9.78 74.54
N ILE D 218 -15.58 10.71 74.39
CA ILE D 218 -15.66 11.88 75.25
C ILE D 218 -16.88 11.63 76.17
N GLN D 219 -16.72 11.84 77.48
CA GLN D 219 -17.83 11.86 78.44
C GLN D 219 -18.52 13.22 78.40
N GLU D 220 -19.84 13.27 78.61
CA GLU D 220 -20.55 14.59 78.59
C GLU D 220 -20.02 15.61 79.61
N ASP D 221 -19.41 15.11 80.70
CA ASP D 221 -18.74 15.87 81.77
C ASP D 221 -17.32 16.43 81.45
N ASP D 222 -16.61 15.84 80.48
CA ASP D 222 -15.17 16.05 80.27
C ASP D 222 -14.71 17.50 80.10
N PHE D 223 -15.53 18.35 79.48
CA PHE D 223 -15.21 19.79 79.33
C PHE D 223 -16.17 20.74 80.10
N ASN D 224 -16.84 20.21 81.13
CA ASN D 224 -17.83 20.94 81.98
C ASN D 224 -17.51 22.34 82.44
N ASN D 225 -16.29 22.52 82.92
CA ASN D 225 -15.94 23.72 83.65
C ASN D 225 -15.04 24.69 82.86
N LEU D 226 -14.77 24.41 81.59
CA LEU D 226 -13.75 25.13 80.82
C LEU D 226 -14.39 26.28 80.08
N ASN D 227 -14.88 27.21 80.87
CA ASN D 227 -15.69 28.30 80.35
C ASN D 227 -14.84 29.45 79.81
N GLN D 228 -13.51 29.30 79.85
CA GLN D 228 -12.62 30.25 79.20
C GLN D 228 -11.91 29.68 77.96
N LEU D 229 -12.15 28.39 77.67
CA LEU D 229 -11.45 27.67 76.58
C LEU D 229 -11.72 28.28 75.20
N GLN D 230 -10.65 28.54 74.47
CA GLN D 230 -10.71 29.13 73.13
C GLN D 230 -10.32 28.19 71.97
N ILE D 231 -9.43 27.24 72.25
CA ILE D 231 -8.90 26.35 71.26
C ILE D 231 -8.96 24.97 71.85
N LEU D 232 -9.62 24.06 71.13
CA LEU D 232 -9.62 22.65 71.51
C LEU D 232 -9.26 21.78 70.27
N ASP D 233 -8.32 20.85 70.47
CA ASP D 233 -7.85 19.97 69.40
C ASP D 233 -7.92 18.53 69.85
N LEU D 234 -8.87 17.81 69.29
CA LEU D 234 -9.09 16.42 69.61
C LEU D 234 -8.76 15.57 68.39
N SER D 235 -8.03 16.14 67.44
CA SER D 235 -7.77 15.48 66.16
C SER D 235 -7.01 14.17 66.32
N GLY D 236 -7.17 13.26 65.37
CA GLY D 236 -6.34 12.08 65.33
C GLY D 236 -6.54 11.10 66.49
N ASN D 237 -7.77 11.05 66.98
CA ASN D 237 -8.23 10.06 67.98
C ASN D 237 -9.29 9.28 67.23
N CYS D 238 -9.06 7.99 67.00
CA CYS D 238 -9.83 7.24 65.98
C CYS D 238 -9.55 7.74 64.58
N PRO D 239 -8.28 7.63 64.17
CA PRO D 239 -7.86 8.22 62.88
C PRO D 239 -8.40 7.51 61.65
N ARG D 240 -8.45 8.29 60.58
CA ARG D 240 -8.70 7.82 59.22
C ARG D 240 -7.35 7.50 58.69
N CYS D 241 -7.14 6.24 58.35
CA CYS D 241 -5.80 5.71 58.09
C CYS D 241 -5.48 5.53 56.62
N TYR D 242 -6.45 5.68 55.72
CA TYR D 242 -6.22 5.46 54.30
C TYR D 242 -5.13 6.39 53.80
N ASN D 243 -4.05 5.80 53.25
CA ASN D 243 -2.85 6.54 52.82
C ASN D 243 -2.19 7.38 53.90
N ALA D 244 -2.25 6.98 55.16
CA ALA D 244 -1.53 7.73 56.17
C ALA D 244 -0.04 7.44 55.94
N PRO D 245 0.81 8.47 56.03
CA PRO D 245 2.26 8.26 55.90
C PRO D 245 2.92 7.99 57.27
N PHE D 246 2.16 7.44 58.22
CA PHE D 246 2.69 7.01 59.50
C PHE D 246 1.91 5.76 59.88
N PRO D 247 2.46 4.90 60.77
CA PRO D 247 1.67 3.76 61.23
C PRO D 247 0.44 4.22 62.04
N CYS D 248 -0.69 3.56 61.80
CA CYS D 248 -1.98 4.13 62.09
C CYS D 248 -2.98 3.00 62.38
N THR D 249 -3.47 2.96 63.62
CA THR D 249 -4.46 1.95 64.02
C THR D 249 -5.79 2.65 64.25
N PRO D 250 -6.82 2.24 63.50
CA PRO D 250 -8.12 2.92 63.70
C PRO D 250 -8.81 2.31 64.89
N CYS D 251 -9.77 3.03 65.48
CA CYS D 251 -10.70 2.46 66.45
C CYS D 251 -11.44 1.27 65.82
N LYS D 252 -11.73 0.24 66.61
CA LYS D 252 -12.35 -1.02 66.10
C LYS D 252 -13.63 -0.71 65.30
N ASN D 253 -13.93 -1.51 64.28
CA ASN D 253 -15.19 -1.41 63.50
C ASN D 253 -15.50 -0.03 62.91
N ASN D 254 -14.49 0.62 62.32
CA ASN D 254 -14.65 1.91 61.63
C ASN D 254 -15.28 3.00 62.48
N SER D 255 -15.04 2.91 63.78
CA SER D 255 -15.81 3.69 64.73
C SER D 255 -15.21 5.10 64.82
N PRO D 256 -16.08 6.13 64.87
CA PRO D 256 -15.63 7.50 65.08
C PRO D 256 -15.31 7.75 66.52
N LEU D 257 -14.61 8.86 66.76
CA LEU D 257 -14.51 9.41 68.09
C LEU D 257 -15.96 9.72 68.51
N GLN D 258 -16.35 9.21 69.67
CA GLN D 258 -17.73 9.33 70.18
C GLN D 258 -17.82 10.55 71.07
N ILE D 259 -18.50 11.57 70.56
CA ILE D 259 -18.65 12.83 71.24
C ILE D 259 -20.15 13.01 71.49
N PRO D 260 -20.58 12.95 72.77
CA PRO D 260 -21.98 13.23 73.13
C PRO D 260 -22.46 14.58 72.61
N VAL D 261 -23.74 14.65 72.24
CA VAL D 261 -24.31 15.87 71.63
C VAL D 261 -24.18 17.17 72.48
N ASN D 262 -24.07 17.01 73.79
CA ASN D 262 -23.96 18.12 74.74
C ASN D 262 -22.53 18.40 75.21
N ALA D 263 -21.56 17.66 74.69
CA ALA D 263 -20.18 17.72 75.18
C ALA D 263 -19.47 19.06 75.06
N PHE D 264 -19.90 19.95 74.16
CA PHE D 264 -19.27 21.27 74.03
C PHE D 264 -20.05 22.43 74.67
N ASP D 265 -21.11 22.13 75.44
CA ASP D 265 -22.06 23.17 75.93
C ASP D 265 -21.43 24.19 76.86
N ALA D 266 -20.43 23.78 77.64
CA ALA D 266 -19.71 24.70 78.49
C ALA D 266 -18.82 25.71 77.71
N LEU D 267 -18.52 25.43 76.44
CA LEU D 267 -17.42 26.09 75.79
C LEU D 267 -17.88 27.35 75.08
N THR D 268 -18.42 28.30 75.82
CA THR D 268 -19.02 29.51 75.22
C THR D 268 -18.00 30.45 74.57
N GLU D 269 -16.74 30.39 75.02
CA GLU D 269 -15.70 31.25 74.46
C GLU D 269 -14.96 30.62 73.26
N LEU D 270 -15.28 29.38 72.90
CA LEU D 270 -14.52 28.60 71.86
C LEU D 270 -14.43 29.29 70.50
N LYS D 271 -13.19 29.53 70.08
CA LYS D 271 -12.91 30.16 68.82
C LYS D 271 -12.50 29.11 67.79
N VAL D 272 -11.90 28.02 68.23
CA VAL D 272 -11.18 27.10 67.36
C VAL D 272 -11.41 25.66 67.78
N LEU D 273 -11.92 24.85 66.86
CA LEU D 273 -12.25 23.48 67.11
C LEU D 273 -11.68 22.61 66.00
N ARG D 274 -10.80 21.66 66.37
CA ARG D 274 -10.12 20.83 65.40
C ARG D 274 -10.51 19.41 65.65
N LEU D 275 -11.22 18.82 64.67
CA LEU D 275 -11.67 17.45 64.72
C LEU D 275 -11.21 16.78 63.45
N HIS D 276 -9.93 16.97 63.16
CA HIS D 276 -9.26 16.37 62.01
C HIS D 276 -9.03 14.92 62.31
N SER D 277 -9.25 14.06 61.32
CA SER D 277 -8.94 12.65 61.44
C SER D 277 -9.54 12.03 62.68
N ASN D 278 -10.86 12.13 62.79
CA ASN D 278 -11.63 11.45 63.84
C ASN D 278 -12.66 10.44 63.32
N SER D 279 -12.51 10.03 62.06
CA SER D 279 -13.41 9.08 61.42
C SER D 279 -14.92 9.41 61.61
N LEU D 280 -15.26 10.69 61.68
CA LEU D 280 -16.65 11.14 61.85
C LEU D 280 -17.51 10.89 60.61
N GLN D 281 -18.70 10.32 60.82
CA GLN D 281 -19.70 10.19 59.73
C GLN D 281 -20.76 11.29 59.76
N HIS D 282 -21.02 11.85 60.94
CA HIS D 282 -22.09 12.82 61.15
C HIS D 282 -21.51 13.94 61.94
N VAL D 283 -21.95 15.16 61.67
CA VAL D 283 -21.65 16.30 62.52
C VAL D 283 -23.01 16.79 63.06
N PRO D 284 -23.36 16.35 64.31
CA PRO D 284 -24.67 16.72 64.86
C PRO D 284 -24.77 18.21 65.13
N PRO D 285 -25.81 18.88 64.59
CA PRO D 285 -25.99 20.33 64.79
C PRO D 285 -26.00 20.75 66.26
N ARG D 286 -26.46 19.85 67.11
CA ARG D 286 -26.54 20.09 68.54
C ARG D 286 -25.19 20.50 69.19
N TRP D 287 -24.07 19.95 68.70
CA TRP D 287 -22.72 20.26 69.25
C TRP D 287 -22.49 21.76 69.39
N PHE D 288 -22.95 22.51 68.41
CA PHE D 288 -22.69 23.94 68.27
C PHE D 288 -23.74 24.87 68.88
N LYS D 289 -24.70 24.34 69.63
CA LYS D 289 -25.86 25.14 70.12
C LYS D 289 -25.40 26.35 70.95
N ASN D 290 -24.48 26.11 71.89
CA ASN D 290 -23.97 27.15 72.78
C ASN D 290 -22.63 27.77 72.35
N ILE D 291 -22.12 27.43 71.18
CA ILE D 291 -20.90 28.07 70.68
C ILE D 291 -21.27 29.08 69.60
N ASN D 292 -21.41 30.34 69.99
CA ASN D 292 -21.82 31.38 69.04
C ASN D 292 -20.67 32.09 68.35
N ASN D 293 -19.45 31.94 68.86
CA ASN D 293 -18.31 32.70 68.35
C ASN D 293 -17.26 31.83 67.73
N LEU D 294 -17.62 30.63 67.31
CA LEU D 294 -16.66 29.75 66.67
C LEU D 294 -16.19 30.37 65.36
N GLN D 295 -14.87 30.47 65.24
CA GLN D 295 -14.21 31.13 64.11
C GLN D 295 -13.51 30.17 63.15
N GLU D 296 -13.00 29.06 63.66
CA GLU D 296 -12.21 28.15 62.86
C GLU D 296 -12.61 26.71 63.21
N LEU D 297 -12.84 25.91 62.18
CA LEU D 297 -13.35 24.56 62.34
C LEU D 297 -12.70 23.62 61.29
N ASP D 298 -12.05 22.56 61.78
CA ASP D 298 -11.35 21.60 60.95
C ASP D 298 -12.00 20.24 61.09
N LEU D 299 -12.61 19.79 59.99
CA LEU D 299 -13.29 18.51 59.87
C LEU D 299 -12.69 17.72 58.71
N SER D 300 -11.45 18.01 58.38
CA SER D 300 -10.71 17.26 57.38
C SER D 300 -10.38 15.87 57.85
N GLN D 301 -10.14 14.98 56.91
CA GLN D 301 -9.82 13.57 57.16
C GLN D 301 -10.86 12.84 58.01
N ASN D 302 -12.13 13.07 57.70
CA ASN D 302 -13.20 12.24 58.22
C ASN D 302 -13.90 11.45 57.11
N PHE D 303 -15.14 11.02 57.33
CA PHE D 303 -15.92 10.31 56.35
C PHE D 303 -17.27 11.06 56.24
N LEU D 304 -17.15 12.33 55.86
CA LEU D 304 -18.24 13.29 55.82
C LEU D 304 -18.71 13.66 54.42
N ALA D 305 -18.42 12.82 53.43
CA ALA D 305 -18.89 13.13 52.07
C ALA D 305 -20.43 13.31 52.00
N LYS D 306 -21.17 12.36 52.58
CA LYS D 306 -22.65 12.46 52.65
C LYS D 306 -23.05 13.72 53.42
N GLU D 307 -22.46 13.92 54.61
CA GLU D 307 -22.76 15.11 55.40
C GLU D 307 -22.55 16.45 54.66
N ILE D 308 -21.59 16.53 53.76
CA ILE D 308 -21.34 17.79 53.03
C ILE D 308 -22.53 18.18 52.16
N GLY D 309 -23.25 17.17 51.67
CA GLY D 309 -24.50 17.39 50.94
C GLY D 309 -25.71 17.77 51.81
N ASP D 310 -25.60 17.58 53.13
CA ASP D 310 -26.65 17.82 54.12
C ASP D 310 -26.24 18.99 55.06
N ALA D 311 -25.42 18.72 56.09
CA ALA D 311 -24.70 19.75 56.82
C ALA D 311 -25.60 20.79 57.51
N LYS D 312 -26.55 20.31 58.29
CA LYS D 312 -27.42 21.24 59.03
C LYS D 312 -26.67 22.04 60.10
N PHE D 313 -25.57 21.48 60.62
CA PHE D 313 -24.75 22.14 61.59
C PHE D 313 -24.29 23.53 61.17
N LEU D 314 -24.14 23.77 59.88
CA LEU D 314 -23.64 25.06 59.41
C LEU D 314 -24.56 26.26 59.71
N HIS D 315 -25.86 26.01 59.84
CA HIS D 315 -26.81 27.06 60.22
C HIS D 315 -26.48 27.68 61.60
N PHE D 316 -25.81 26.90 62.46
CA PHE D 316 -25.36 27.33 63.78
C PHE D 316 -23.96 28.00 63.79
N LEU D 317 -23.40 28.40 62.63
CA LEU D 317 -22.00 28.97 62.57
C LEU D 317 -21.86 30.28 61.74
N PRO D 318 -22.75 31.25 62.02
CA PRO D 318 -22.73 32.48 61.23
C PRO D 318 -21.49 33.37 61.46
N ASN D 319 -20.67 33.07 62.48
CA ASN D 319 -19.41 33.79 62.66
C ASN D 319 -18.15 33.04 62.24
N LEU D 320 -18.33 31.87 61.62
CA LEU D 320 -17.19 31.06 61.15
C LEU D 320 -16.42 31.78 60.04
N ILE D 321 -15.10 31.87 60.24
CA ILE D 321 -14.13 32.45 59.28
C ILE D 321 -13.50 31.36 58.39
N GLN D 322 -13.18 30.21 58.96
CA GLN D 322 -12.48 29.16 58.27
C GLN D 322 -13.13 27.86 58.48
N LEU D 323 -13.33 27.12 57.39
CA LEU D 323 -13.95 25.81 57.46
C LEU D 323 -13.17 24.88 56.57
N ASP D 324 -12.74 23.76 57.13
CA ASP D 324 -11.96 22.84 56.36
C ASP D 324 -12.69 21.49 56.32
N LEU D 325 -13.03 21.02 55.13
CA LEU D 325 -13.72 19.73 54.95
C LEU D 325 -12.93 18.83 53.98
N SER D 326 -11.61 19.03 53.95
CA SER D 326 -10.79 18.38 52.96
C SER D 326 -10.67 16.92 53.30
N PHE D 327 -10.50 16.10 52.27
CA PHE D 327 -10.22 14.68 52.39
C PHE D 327 -11.27 13.94 53.18
N ASN D 328 -12.49 14.07 52.67
CA ASN D 328 -13.64 13.31 53.20
C ASN D 328 -14.25 12.31 52.25
N PHE D 329 -13.54 11.96 51.18
CA PHE D 329 -14.10 11.06 50.19
C PHE D 329 -14.42 9.67 50.74
N GLU D 330 -15.46 9.06 50.18
CA GLU D 330 -15.82 7.68 50.48
C GLU D 330 -14.79 6.84 49.73
N LEU D 331 -14.14 5.90 50.42
CA LEU D 331 -13.13 5.06 49.74
C LEU D 331 -13.78 4.31 48.58
N GLN D 332 -13.06 4.21 47.47
CA GLN D 332 -13.46 3.43 46.29
C GLN D 332 -14.61 4.06 45.50
N VAL D 333 -14.98 5.31 45.80
CA VAL D 333 -16.05 5.99 45.11
C VAL D 333 -15.49 7.20 44.39
N TYR D 334 -15.90 7.39 43.15
CA TYR D 334 -15.57 8.58 42.38
C TYR D 334 -16.88 9.29 41.99
N ARG D 335 -17.36 10.21 42.82
CA ARG D 335 -18.65 10.88 42.58
C ARG D 335 -18.75 11.56 41.23
N ALA D 336 -19.96 11.61 40.68
CA ALA D 336 -20.16 12.26 39.39
C ALA D 336 -19.93 13.74 39.52
N SER D 337 -20.32 14.31 40.66
CA SER D 337 -20.29 15.74 40.82
C SER D 337 -20.26 16.21 42.29
N MET D 338 -20.16 17.51 42.47
CA MET D 338 -20.17 18.14 43.78
C MET D 338 -21.61 18.45 44.28
N ASN D 339 -21.93 17.90 45.45
CA ASN D 339 -23.17 18.10 46.17
C ASN D 339 -22.87 18.96 47.39
N LEU D 340 -22.90 20.27 47.22
CA LEU D 340 -22.85 21.18 48.39
C LEU D 340 -24.24 21.53 48.95
N SER D 341 -24.46 21.29 50.24
CA SER D 341 -25.72 21.68 50.88
C SER D 341 -26.09 23.18 50.72
N GLN D 342 -27.40 23.44 50.64
CA GLN D 342 -27.96 24.81 50.73
C GLN D 342 -27.37 25.45 52.00
N ALA D 343 -27.14 24.67 53.06
CA ALA D 343 -26.68 25.20 54.36
C ALA D 343 -25.42 26.08 54.32
N PHE D 344 -24.53 25.85 53.35
CA PHE D 344 -23.32 26.65 53.19
C PHE D 344 -23.63 28.12 52.97
N SER D 345 -24.86 28.45 52.53
CA SER D 345 -25.27 29.85 52.36
C SER D 345 -25.47 30.62 53.68
N SER D 346 -25.63 29.89 54.80
CA SER D 346 -25.60 30.45 56.17
C SER D 346 -24.28 30.99 56.67
N LEU D 347 -23.17 30.60 56.03
CA LEU D 347 -21.83 30.88 56.55
C LEU D 347 -21.44 32.29 56.20
N LYS D 348 -22.12 33.22 56.86
CA LYS D 348 -22.12 34.61 56.49
C LYS D 348 -20.76 35.25 56.71
N SER D 349 -20.02 34.81 57.73
CA SER D 349 -18.72 35.44 58.00
C SER D 349 -17.54 34.78 57.25
N LEU D 350 -17.82 33.68 56.53
CA LEU D 350 -16.78 32.82 55.95
C LEU D 350 -15.81 33.49 54.97
N LYS D 351 -14.52 33.31 55.29
CA LYS D 351 -13.41 33.82 54.51
C LYS D 351 -12.68 32.73 53.72
N ILE D 352 -12.53 31.55 54.32
CA ILE D 352 -11.72 30.49 53.78
C ILE D 352 -12.52 29.19 53.86
N LEU D 353 -12.73 28.58 52.69
CA LEU D 353 -13.35 27.26 52.55
C LEU D 353 -12.40 26.32 51.76
N ARG D 354 -12.09 25.16 52.33
CA ARG D 354 -11.21 24.22 51.73
C ARG D 354 -11.95 22.94 51.64
N ILE D 355 -12.07 22.41 50.41
CA ILE D 355 -12.71 21.13 50.20
C ILE D 355 -11.87 20.35 49.19
N ARG D 356 -10.64 20.10 49.58
CA ARG D 356 -9.77 19.21 48.85
C ARG D 356 -10.29 17.81 49.01
N GLY D 357 -9.96 16.93 48.08
CA GLY D 357 -10.11 15.49 48.36
C GLY D 357 -11.53 15.04 48.63
N TYR D 358 -12.50 15.65 47.98
CA TYR D 358 -13.90 15.19 47.95
C TYR D 358 -13.98 14.11 46.85
N VAL D 359 -13.29 14.36 45.73
CA VAL D 359 -13.05 13.40 44.67
C VAL D 359 -14.28 13.27 43.77
N PHE D 360 -14.30 14.09 42.71
CA PHE D 360 -15.44 14.09 41.81
C PHE D 360 -15.07 14.44 40.40
N LYS D 361 -15.88 13.98 39.43
CA LYS D 361 -15.52 14.04 38.03
C LYS D 361 -15.75 15.37 37.38
N GLU D 362 -16.91 15.96 37.64
CA GLU D 362 -17.33 17.20 36.93
C GLU D 362 -17.78 18.28 37.91
N LEU D 363 -17.28 19.49 37.73
CA LEU D 363 -17.74 20.67 38.44
C LEU D 363 -18.59 21.56 37.56
N LYS D 364 -19.90 21.55 37.81
CA LYS D 364 -20.86 22.33 37.00
C LYS D 364 -21.03 23.66 37.69
N SER D 365 -21.27 24.71 36.92
CA SER D 365 -21.32 26.11 37.47
C SER D 365 -22.19 26.31 38.71
N PHE D 366 -23.39 25.80 38.60
CA PHE D 366 -24.39 25.92 39.66
C PHE D 366 -24.09 25.14 40.93
N GLN D 367 -23.14 24.20 40.95
CA GLN D 367 -22.92 23.38 42.15
C GLN D 367 -22.25 24.12 43.31
N LEU D 368 -21.71 25.31 43.02
CA LEU D 368 -21.15 26.16 44.02
C LEU D 368 -22.07 27.36 44.33
N SER D 369 -23.31 27.30 43.85
CA SER D 369 -24.25 28.42 44.00
C SER D 369 -24.54 28.76 45.47
N PRO D 370 -24.58 27.75 46.39
CA PRO D 370 -24.68 28.13 47.82
C PRO D 370 -23.65 29.15 48.37
N LEU D 371 -22.54 29.33 47.66
CA LEU D 371 -21.49 30.25 48.06
C LEU D 371 -21.56 31.59 47.35
N HIS D 372 -22.44 31.73 46.38
CA HIS D 372 -22.42 32.92 45.56
C HIS D 372 -22.61 34.22 46.33
N ASN D 373 -23.38 34.17 47.42
CA ASN D 373 -23.69 35.38 48.18
C ASN D 373 -22.98 35.51 49.51
N LEU D 374 -21.94 34.70 49.71
CA LEU D 374 -21.05 34.88 50.86
C LEU D 374 -20.12 36.06 50.61
N GLN D 375 -20.47 37.21 51.18
CA GLN D 375 -19.83 38.48 50.85
C GLN D 375 -18.35 38.57 51.18
N ASN D 376 -17.94 37.80 52.20
CA ASN D 376 -16.57 37.89 52.73
C ASN D 376 -15.63 36.76 52.30
N LEU D 377 -16.10 35.87 51.42
CA LEU D 377 -15.31 34.73 50.99
C LEU D 377 -14.08 35.19 50.19
N GLU D 378 -12.93 34.75 50.67
CA GLU D 378 -11.65 35.13 50.07
C GLU D 378 -10.91 33.99 49.40
N VAL D 379 -11.00 32.80 49.96
CA VAL D 379 -10.30 31.63 49.45
C VAL D 379 -11.24 30.45 49.33
N LEU D 380 -11.24 29.86 48.14
CA LEU D 380 -12.01 28.68 47.82
C LEU D 380 -11.02 27.69 47.25
N ASP D 381 -10.85 26.59 47.98
CA ASP D 381 -9.85 25.63 47.66
C ASP D 381 -10.49 24.30 47.32
N LEU D 382 -10.36 23.92 46.04
CA LEU D 382 -10.94 22.68 45.49
C LEU D 382 -9.86 21.80 44.81
N GLY D 383 -8.66 21.83 45.37
CA GLY D 383 -7.57 21.05 44.87
C GLY D 383 -7.67 19.58 45.20
N THR D 384 -6.92 18.78 44.43
CA THR D 384 -6.85 17.33 44.67
C THR D 384 -8.23 16.70 44.74
N ASN D 385 -9.00 16.95 43.70
CA ASN D 385 -10.30 16.35 43.53
C ASN D 385 -10.49 15.51 42.28
N PHE D 386 -9.44 15.30 41.50
CA PHE D 386 -9.52 14.53 40.23
C PHE D 386 -10.66 14.99 39.37
N ILE D 387 -10.84 16.30 39.34
CA ILE D 387 -11.87 16.91 38.53
C ILE D 387 -11.43 16.81 37.09
N LYS D 388 -12.28 16.26 36.21
CA LYS D 388 -11.96 16.19 34.77
C LYS D 388 -12.57 17.34 33.94
N ILE D 389 -13.70 17.87 34.38
CA ILE D 389 -14.43 18.87 33.61
C ILE D 389 -14.81 20.04 34.46
N ALA D 390 -14.51 21.24 33.99
CA ALA D 390 -14.96 22.43 34.70
C ALA D 390 -14.92 23.61 33.79
N ASN D 391 -16.07 24.25 33.64
CA ASN D 391 -16.13 25.41 32.82
C ASN D 391 -15.66 26.54 33.70
N LEU D 392 -14.44 26.99 33.44
CA LEU D 392 -13.78 27.99 34.25
C LEU D 392 -14.53 29.32 34.33
N SER D 393 -15.40 29.61 33.34
CA SER D 393 -16.19 30.82 33.33
C SER D 393 -17.12 30.95 34.53
N MET D 394 -17.41 29.82 35.21
CA MET D 394 -18.18 29.85 36.44
C MET D 394 -17.61 30.76 37.52
N PHE D 395 -16.31 31.02 37.46
CA PHE D 395 -15.68 31.89 38.48
C PHE D 395 -15.90 33.38 38.25
N LYS D 396 -16.66 33.75 37.21
CA LYS D 396 -17.21 35.14 37.09
C LYS D 396 -18.12 35.50 38.29
N GLN D 397 -18.72 34.47 38.89
CA GLN D 397 -19.48 34.61 40.14
C GLN D 397 -18.62 34.68 41.40
N PHE D 398 -17.32 34.85 41.23
CA PHE D 398 -16.38 34.86 42.34
C PHE D 398 -15.24 35.91 42.12
N LYS D 399 -15.53 36.99 41.38
CA LYS D 399 -14.63 38.15 41.23
C LYS D 399 -14.09 38.68 42.56
N ARG D 400 -14.89 38.62 43.62
CA ARG D 400 -14.48 39.20 44.92
C ARG D 400 -13.41 38.34 45.66
N LEU D 401 -13.19 37.10 45.23
CA LEU D 401 -12.26 36.22 45.92
C LEU D 401 -10.82 36.64 45.66
N LYS D 402 -9.99 36.40 46.65
CA LYS D 402 -8.55 36.57 46.49
C LYS D 402 -7.86 35.41 45.72
N VAL D 403 -8.28 34.18 46.01
CA VAL D 403 -7.69 32.97 45.49
C VAL D 403 -8.75 31.88 45.19
N ILE D 404 -8.74 31.37 43.97
CA ILE D 404 -9.51 30.20 43.59
C ILE D 404 -8.49 29.16 43.23
N ASP D 405 -8.46 28.08 44.01
CA ASP D 405 -7.43 27.09 43.92
C ASP D 405 -8.01 25.77 43.39
N LEU D 406 -7.62 25.43 42.16
CA LEU D 406 -7.95 24.15 41.51
C LEU D 406 -6.70 23.30 41.20
N SER D 407 -5.68 23.55 41.98
CA SER D 407 -4.46 22.81 41.91
C SER D 407 -4.65 21.28 42.02
N VAL D 408 -3.85 20.52 41.28
CA VAL D 408 -3.86 19.06 41.35
C VAL D 408 -5.21 18.47 41.01
N ASN D 409 -5.66 18.67 39.79
CA ASN D 409 -6.86 18.01 39.32
C ASN D 409 -6.55 17.41 37.97
N LYS D 410 -7.58 16.97 37.25
CA LYS D 410 -7.37 16.31 35.97
C LYS D 410 -8.08 17.09 34.85
N ILE D 411 -8.06 18.40 34.94
CA ILE D 411 -8.88 19.23 34.07
C ILE D 411 -8.22 19.26 32.73
N SER D 412 -8.97 18.88 31.68
CA SER D 412 -8.46 18.98 30.27
C SER D 412 -9.23 20.10 29.57
N PRO D 413 -9.24 20.29 28.27
CA PRO D 413 -9.81 21.60 27.87
C PRO D 413 -11.26 21.94 28.30
N VAL D 437 -0.80 30.03 51.58
CA VAL D 437 -0.12 28.89 50.92
C VAL D 437 0.08 27.80 51.96
N LEU D 438 -0.45 26.61 51.71
CA LEU D 438 -0.22 25.46 52.60
C LEU D 438 1.02 24.69 52.18
N GLU D 439 1.64 24.07 53.18
CA GLU D 439 2.88 23.34 53.00
C GLU D 439 2.58 22.06 52.16
N GLN D 440 3.62 21.45 51.58
CA GLN D 440 3.46 20.30 50.66
C GLN D 440 2.79 19.07 51.30
N LEU D 441 3.40 18.56 52.35
CA LEU D 441 2.74 17.61 53.23
C LEU D 441 1.98 18.53 54.24
N TYR D 442 0.66 18.33 54.34
CA TYR D 442 -0.23 19.17 55.17
C TYR D 442 -1.39 18.36 55.72
N TYR D 443 -2.33 17.98 54.87
CA TYR D 443 -3.41 17.09 55.31
C TYR D 443 -2.97 15.67 55.68
N PHE D 444 -1.78 15.26 55.24
CA PHE D 444 -1.24 13.92 55.56
C PHE D 444 -0.05 13.89 56.51
N ARG D 445 0.42 15.04 56.96
CA ARG D 445 1.33 15.10 58.13
C ARG D 445 0.80 14.35 59.37
N TYR D 446 1.66 13.69 60.13
CA TYR D 446 1.31 13.15 61.45
C TYR D 446 0.97 14.27 62.42
N ASP D 447 1.86 15.26 62.58
CA ASP D 447 1.68 16.41 63.46
C ASP D 447 2.28 17.61 62.78
N LYS D 448 1.44 18.31 62.03
CA LYS D 448 1.85 19.51 61.29
C LYS D 448 2.21 20.72 62.17
N TYR D 449 1.92 20.65 63.46
CA TYR D 449 2.28 21.75 64.38
C TYR D 449 3.51 21.39 65.23
N ALA D 450 4.20 20.28 64.95
CA ALA D 450 5.36 19.86 65.76
C ALA D 450 6.51 20.81 65.64
N ARG D 451 7.23 20.92 66.74
CA ARG D 451 8.33 21.88 66.92
C ARG D 451 9.56 21.16 66.45
N SER D 452 10.44 21.85 65.73
CA SER D 452 11.81 21.30 65.40
C SER D 452 12.75 21.58 66.55
N CYS D 453 13.83 20.84 66.63
CA CYS D 453 14.90 21.12 67.60
C CYS D 453 15.51 22.52 67.37
N ARG D 454 15.61 22.91 66.12
CA ARG D 454 16.15 24.22 65.79
C ARG D 454 15.43 25.45 66.32
N PHE D 455 14.11 25.53 66.16
CA PHE D 455 13.34 26.79 66.40
C PHE D 455 12.14 26.65 67.35
N LYS D 456 11.69 27.77 67.94
CA LYS D 456 10.41 27.85 68.74
C LYS D 456 9.64 29.19 68.47
N SER D 468 5.13 33.05 45.49
CA SER D 468 3.69 33.28 45.48
C SER D 468 3.20 34.67 44.88
N CYS D 469 2.12 34.63 44.08
CA CYS D 469 1.60 35.77 43.28
C CYS D 469 0.27 36.38 43.77
N TYR D 470 -0.18 35.94 44.95
CA TYR D 470 -1.42 36.39 45.56
C TYR D 470 -1.49 37.88 45.80
N LYS D 471 -0.37 38.49 46.18
CA LYS D 471 -0.31 39.95 46.31
C LYS D 471 -0.72 40.74 45.05
N TYR D 472 -0.67 40.15 43.87
CA TYR D 472 -1.05 40.86 42.65
C TYR D 472 -2.58 41.11 42.54
N GLY D 473 -3.37 40.39 43.32
CA GLY D 473 -4.83 40.48 43.24
C GLY D 473 -5.43 39.12 42.96
N GLN D 474 -6.59 39.11 42.32
CA GLN D 474 -7.34 37.86 42.17
C GLN D 474 -6.57 36.79 41.40
N THR D 475 -6.56 35.58 41.96
CA THR D 475 -5.73 34.47 41.51
C THR D 475 -6.49 33.21 41.24
N LEU D 476 -6.26 32.67 40.04
CA LEU D 476 -6.80 31.41 39.61
C LEU D 476 -5.63 30.44 39.45
N ASP D 477 -5.61 29.46 40.35
CA ASP D 477 -4.58 28.43 40.35
C ASP D 477 -5.06 27.13 39.71
N LEU D 478 -4.60 26.91 38.48
CA LEU D 478 -4.87 25.69 37.69
C LEU D 478 -3.60 24.81 37.55
N SER D 479 -2.65 24.99 38.44
CA SER D 479 -1.45 24.25 38.37
C SER D 479 -1.69 22.77 38.54
N LYS D 480 -0.76 21.99 37.99
CA LYS D 480 -0.84 20.54 37.97
C LYS D 480 -2.20 20.04 37.53
N ASN D 481 -2.64 20.47 36.38
CA ASN D 481 -3.83 19.86 35.76
C ASN D 481 -3.40 19.19 34.45
N SER D 482 -4.35 18.80 33.60
CA SER D 482 -4.07 18.06 32.36
C SER D 482 -4.44 18.90 31.15
N ILE D 483 -4.13 20.19 31.21
CA ILE D 483 -4.47 21.11 30.13
C ILE D 483 -3.39 20.98 29.07
N PHE D 484 -3.75 20.49 27.88
CA PHE D 484 -2.78 20.36 26.78
C PHE D 484 -2.94 21.48 25.76
N PHE D 485 -4.13 22.09 25.71
CA PHE D 485 -4.43 23.12 24.70
C PHE D 485 -5.30 24.16 25.34
N ILE D 486 -4.96 25.42 25.14
CA ILE D 486 -5.73 26.54 25.65
C ILE D 486 -6.19 27.42 24.49
N LYS D 487 -7.34 28.06 24.65
CA LYS D 487 -7.82 29.06 23.69
C LYS D 487 -8.57 30.18 24.39
N SER D 488 -8.73 31.31 23.71
CA SER D 488 -9.35 32.49 24.30
C SER D 488 -10.63 32.22 25.03
N SER D 489 -11.48 31.43 24.41
CA SER D 489 -12.81 31.16 24.97
C SER D 489 -12.77 30.46 26.35
N ASP D 490 -11.67 29.78 26.65
CA ASP D 490 -11.48 29.15 27.99
C ASP D 490 -11.48 30.18 29.14
N PHE D 491 -11.06 31.41 28.84
CA PHE D 491 -10.95 32.47 29.81
C PHE D 491 -11.99 33.58 29.60
N GLN D 492 -13.08 33.24 28.90
CA GLN D 492 -14.15 34.18 28.62
C GLN D 492 -14.76 34.41 30.01
N HIS D 493 -15.02 35.67 30.32
CA HIS D 493 -15.60 36.09 31.61
C HIS D 493 -14.64 36.14 32.80
N LEU D 494 -13.33 35.94 32.55
CA LEU D 494 -12.34 35.98 33.59
C LEU D 494 -11.38 37.17 33.40
N SER D 495 -11.87 38.26 32.81
CA SER D 495 -11.03 39.42 32.54
C SER D 495 -10.54 40.11 33.81
N PHE D 496 -11.23 39.88 34.92
CA PHE D 496 -10.79 40.39 36.23
C PHE D 496 -9.50 39.79 36.84
N LEU D 497 -9.09 38.61 36.37
CA LEU D 497 -7.92 37.90 36.96
C LEU D 497 -6.66 38.73 36.93
N LYS D 498 -5.92 38.69 38.02
CA LYS D 498 -4.63 39.35 38.08
C LYS D 498 -3.44 38.37 37.99
N CYS D 499 -3.61 37.19 38.58
CA CYS D 499 -2.63 36.11 38.55
C CYS D 499 -3.24 34.79 38.06
N LEU D 500 -2.57 34.13 37.11
CA LEU D 500 -3.02 32.81 36.60
C LEU D 500 -1.84 31.87 36.73
N ASN D 501 -2.06 30.76 37.42
CA ASN D 501 -1.05 29.75 37.52
C ASN D 501 -1.43 28.54 36.70
N LEU D 502 -0.68 28.36 35.61
CA LEU D 502 -0.80 27.20 34.71
C LEU D 502 0.40 26.28 34.83
N SER D 503 1.20 26.46 35.88
CA SER D 503 2.35 25.64 36.09
C SER D 503 2.04 24.18 36.06
N GLY D 504 2.86 23.41 35.39
CA GLY D 504 2.76 21.98 35.49
C GLY D 504 1.55 21.43 34.78
N ASN D 505 1.22 21.97 33.62
CA ASN D 505 0.21 21.34 32.78
C ASN D 505 0.93 20.65 31.64
N LEU D 506 0.31 20.53 30.49
CA LEU D 506 0.86 19.75 29.39
C LEU D 506 0.92 20.61 28.12
N ILE D 507 1.17 21.90 28.27
CA ILE D 507 0.86 22.81 27.19
C ILE D 507 2.04 22.80 26.21
N SER D 508 1.76 22.37 24.97
CA SER D 508 2.79 22.03 23.95
C SER D 508 2.59 22.81 22.66
N GLN D 509 1.99 23.95 22.81
CA GLN D 509 1.34 24.70 21.79
C GLN D 509 2.28 25.81 21.34
N THR D 510 2.15 26.19 20.08
CA THR D 510 2.78 27.41 19.57
C THR D 510 1.88 28.63 19.80
N LEU D 511 2.02 29.20 20.98
CA LEU D 511 1.31 30.42 21.34
C LEU D 511 1.62 31.54 20.33
N ASN D 512 0.58 32.18 19.82
CA ASN D 512 0.71 33.25 18.82
C ASN D 512 0.07 34.59 19.19
N GLY D 513 -0.36 34.76 20.44
CA GLY D 513 -0.97 36.01 20.90
C GLY D 513 -2.50 36.05 20.86
N SER D 514 -3.13 34.90 20.73
CA SER D 514 -4.58 34.81 20.66
C SER D 514 -5.18 33.93 21.75
N GLU D 515 -4.36 33.29 22.57
CA GLU D 515 -4.82 32.29 23.51
C GLU D 515 -5.35 32.88 24.80
N PHE D 516 -4.83 34.04 25.20
CA PHE D 516 -5.22 34.69 26.47
C PHE D 516 -5.95 36.05 26.29
N GLN D 517 -6.60 36.27 25.15
CA GLN D 517 -7.14 37.61 24.79
C GLN D 517 -8.04 38.26 25.87
N PRO D 518 -8.95 37.50 26.51
CA PRO D 518 -9.76 38.06 27.57
C PRO D 518 -9.05 38.48 28.85
N LEU D 519 -7.78 38.09 29.05
CA LEU D 519 -7.12 38.40 30.31
C LEU D 519 -6.43 39.76 30.25
N ALA D 520 -7.25 40.79 30.08
CA ALA D 520 -6.77 42.18 29.88
C ALA D 520 -6.15 42.81 31.14
N GLU D 521 -6.51 42.31 32.33
CA GLU D 521 -6.02 42.84 33.59
C GLU D 521 -4.86 41.98 34.21
N LEU D 522 -4.43 40.91 33.53
CA LEU D 522 -3.48 39.94 34.13
C LEU D 522 -2.11 40.53 34.32
N ARG D 523 -1.57 40.36 35.53
CA ARG D 523 -0.26 40.90 35.92
C ARG D 523 0.84 39.86 36.11
N TYR D 524 0.44 38.66 36.50
CA TYR D 524 1.37 37.57 36.75
C TYR D 524 0.83 36.35 36.02
N LEU D 525 1.66 35.75 35.18
CA LEU D 525 1.36 34.44 34.61
C LEU D 525 2.50 33.48 34.95
N ASP D 526 2.17 32.36 35.56
CA ASP D 526 3.13 31.25 35.78
C ASP D 526 2.82 30.16 34.79
N PHE D 527 3.72 30.00 33.83
CA PHE D 527 3.60 29.00 32.75
C PHE D 527 4.77 28.02 32.87
N SER D 528 5.31 27.85 34.07
CA SER D 528 6.43 26.95 34.29
C SER D 528 5.98 25.48 34.21
N ASN D 529 6.93 24.57 34.00
CA ASN D 529 6.64 23.14 33.83
C ASN D 529 5.55 22.82 32.80
N ASN D 530 5.61 23.49 31.67
CA ASN D 530 4.84 23.10 30.46
C ASN D 530 5.83 22.71 29.35
N ARG D 531 5.43 22.80 28.11
CA ARG D 531 6.34 22.54 27.04
C ARG D 531 6.18 23.62 25.99
N LEU D 532 6.48 24.84 26.39
CA LEU D 532 6.33 25.97 25.54
C LEU D 532 7.09 25.74 24.28
N ASP D 533 6.42 26.04 23.19
CA ASP D 533 7.00 26.04 21.87
C ASP D 533 7.01 27.46 21.34
N LEU D 534 8.13 28.15 21.53
CA LEU D 534 8.27 29.54 21.13
C LEU D 534 8.55 29.73 19.66
N LEU D 535 7.70 29.20 18.80
CA LEU D 535 7.87 29.39 17.36
C LEU D 535 7.64 30.85 16.97
N HIS D 536 6.63 31.48 17.57
CA HIS D 536 6.18 32.82 17.19
C HIS D 536 6.64 33.88 18.18
N SER D 537 7.02 35.05 17.68
CA SER D 537 7.45 36.14 18.56
C SER D 537 6.29 36.98 19.04
N THR D 538 5.10 36.61 18.62
CA THR D 538 3.88 37.20 19.13
C THR D 538 3.34 36.52 20.41
N ALA D 539 4.03 35.49 20.92
CA ALA D 539 3.56 34.77 22.13
C ALA D 539 3.45 35.71 23.29
N PHE D 540 2.33 35.57 23.97
CA PHE D 540 1.98 36.37 25.16
C PHE D 540 1.65 37.86 24.91
N GLU D 541 1.71 38.36 23.66
CA GLU D 541 1.58 39.82 23.39
C GLU D 541 0.24 40.40 23.81
N GLU D 542 -0.80 39.55 23.82
CA GLU D 542 -2.15 39.91 24.23
C GLU D 542 -2.32 40.14 25.72
N LEU D 543 -1.40 39.67 26.54
CA LEU D 543 -1.44 39.97 27.96
C LEU D 543 -0.84 41.35 28.21
N ARG D 544 -1.60 42.39 27.88
CA ARG D 544 -1.03 43.76 27.79
C ARG D 544 -0.65 44.40 29.11
N LYS D 545 -1.20 43.93 30.23
CA LYS D 545 -0.79 44.44 31.54
C LYS D 545 0.22 43.53 32.27
N LEU D 546 0.80 42.55 31.57
CA LEU D 546 1.57 41.52 32.24
C LEU D 546 2.85 42.12 32.82
N GLU D 547 3.07 41.87 34.10
CA GLU D 547 4.30 42.37 34.77
C GLU D 547 5.34 41.30 35.04
N VAL D 548 4.90 40.08 35.31
CA VAL D 548 5.76 38.96 35.63
C VAL D 548 5.32 37.76 34.80
N LEU D 549 6.27 37.17 34.09
CA LEU D 549 6.06 35.96 33.30
C LEU D 549 7.09 34.92 33.70
N ASP D 550 6.61 33.74 34.10
CA ASP D 550 7.48 32.60 34.37
C ASP D 550 7.31 31.50 33.31
N ILE D 551 8.32 31.30 32.51
CA ILE D 551 8.36 30.20 31.53
C ILE D 551 9.59 29.28 31.79
N SER D 552 9.93 29.13 33.07
CA SER D 552 10.91 28.17 33.53
C SER D 552 10.44 26.72 33.37
N SER D 553 11.41 25.84 33.27
CA SER D 553 11.18 24.41 33.11
C SER D 553 10.22 24.07 31.95
N ASN D 554 10.43 24.76 30.82
CA ASN D 554 9.82 24.39 29.55
C ASN D 554 10.94 23.95 28.61
N SER D 555 11.81 23.04 29.06
CA SER D 555 12.95 22.68 28.26
C SER D 555 12.66 21.81 27.01
N HIS D 556 11.50 21.18 26.95
CA HIS D 556 11.23 20.14 25.97
C HIS D 556 11.61 20.43 24.53
N TYR D 557 11.09 21.48 23.93
CA TYR D 557 11.44 21.77 22.53
C TYR D 557 12.79 22.39 22.32
N PHE D 558 13.35 22.96 23.36
CA PHE D 558 14.73 23.42 23.30
C PHE D 558 15.79 22.30 23.25
N GLN D 559 15.40 21.06 23.55
CA GLN D 559 16.33 19.92 23.55
C GLN D 559 16.46 19.16 22.25
N SER D 560 15.73 19.53 21.20
CA SER D 560 15.79 18.83 19.94
C SER D 560 16.28 19.79 18.89
N GLU D 561 17.29 19.39 18.15
CA GLU D 561 17.90 20.26 17.15
C GLU D 561 16.96 20.61 15.97
N GLY D 562 17.27 21.74 15.34
CA GLY D 562 16.61 22.19 14.12
C GLY D 562 15.26 22.86 14.34
N ILE D 563 14.90 23.15 15.59
CA ILE D 563 13.61 23.76 15.92
C ILE D 563 13.77 25.25 16.06
N THR D 564 12.94 26.01 15.34
CA THR D 564 12.97 27.46 15.37
C THR D 564 12.38 27.91 16.69
N HIS D 565 13.13 28.77 17.39
CA HIS D 565 12.75 29.36 18.69
C HIS D 565 12.96 30.88 18.57
N MET D 566 11.98 31.66 19.01
CA MET D 566 12.06 33.11 18.94
C MET D 566 12.14 33.69 20.36
N LEU D 567 13.36 33.94 20.84
CA LEU D 567 13.55 34.57 22.13
C LEU D 567 13.20 36.07 22.12
N ASN D 568 12.90 36.63 20.94
CA ASN D 568 12.65 38.07 20.78
C ASN D 568 11.19 38.44 21.06
N PHE D 569 10.39 37.51 21.55
CA PHE D 569 9.00 37.79 21.98
C PHE D 569 8.81 38.84 23.10
N THR D 570 9.88 39.20 23.78
CA THR D 570 9.83 40.17 24.88
C THR D 570 9.47 41.60 24.46
N LYS D 571 9.81 41.98 23.22
CA LYS D 571 9.57 43.32 22.66
C LYS D 571 8.13 43.83 22.83
N ASN D 572 7.17 42.95 22.57
CA ASN D 572 5.73 43.26 22.63
C ASN D 572 5.13 43.53 24.04
N LEU D 573 5.78 43.05 25.10
CA LEU D 573 5.21 43.11 26.46
C LEU D 573 5.65 44.41 27.12
N LYS D 574 4.80 45.42 27.05
CA LYS D 574 5.21 46.82 27.28
C LYS D 574 5.32 47.20 28.72
N VAL D 575 4.76 46.40 29.64
CA VAL D 575 4.93 46.68 31.11
C VAL D 575 5.57 45.53 31.88
N LEU D 576 6.25 44.62 31.16
CA LEU D 576 6.88 43.46 31.78
C LEU D 576 8.07 43.86 32.60
N GLN D 577 8.11 43.42 33.85
CA GLN D 577 9.19 43.79 34.78
C GLN D 577 10.15 42.66 35.01
N LYS D 578 9.60 41.47 35.14
CA LYS D 578 10.38 40.32 35.52
C LYS D 578 10.08 39.17 34.59
N LEU D 579 11.12 38.55 34.05
CA LEU D 579 10.96 37.39 33.18
C LEU D 579 11.82 36.29 33.72
N MET D 580 11.21 35.15 34.02
CA MET D 580 11.98 33.98 34.50
C MET D 580 11.98 32.95 33.42
N MET D 581 13.17 32.56 32.97
CA MET D 581 13.28 31.47 31.98
C MET D 581 14.39 30.49 32.33
N ASN D 582 14.30 29.99 33.55
CA ASN D 582 15.27 29.07 34.10
C ASN D 582 15.07 27.60 33.66
N ASP D 583 16.15 26.85 33.60
CA ASP D 583 16.12 25.39 33.43
C ASP D 583 15.42 24.96 32.14
N ASN D 584 15.64 25.76 31.09
CA ASN D 584 15.08 25.53 29.78
C ASN D 584 16.06 24.91 28.81
N ASP D 585 17.31 24.74 29.24
CA ASP D 585 18.32 24.10 28.45
C ASP D 585 18.50 24.83 27.10
N ILE D 586 18.29 26.15 27.08
CA ILE D 586 18.38 26.90 25.82
C ILE D 586 19.78 26.90 25.23
N SER D 587 19.93 26.38 24.01
CA SER D 587 21.23 26.35 23.35
C SER D 587 21.18 26.85 21.92
N SER D 588 20.10 27.51 21.54
CA SER D 588 19.92 28.00 20.15
C SER D 588 18.75 28.93 20.10
N SER D 589 18.84 29.92 19.24
CA SER D 589 17.77 30.88 19.06
C SER D 589 17.81 31.42 17.64
N THR D 590 16.66 31.53 17.01
CA THR D 590 16.59 32.03 15.66
C THR D 590 16.78 33.52 15.66
N SER D 591 16.28 34.21 16.67
CA SER D 591 16.62 35.61 16.89
C SER D 591 17.85 35.77 17.78
N ARG D 592 18.57 36.86 17.58
CA ARG D 592 19.89 37.10 18.20
C ARG D 592 19.85 38.15 19.30
N THR D 593 18.67 38.75 19.51
CA THR D 593 18.51 39.82 20.45
C THR D 593 17.19 39.68 21.19
N MET D 594 17.21 39.94 22.49
CA MET D 594 16.02 40.10 23.27
C MET D 594 15.95 41.60 23.50
N GLU D 595 14.73 42.11 23.43
CA GLU D 595 14.43 43.54 23.44
C GLU D 595 13.30 43.84 24.40
N SER D 596 13.49 44.86 25.23
CA SER D 596 12.44 45.33 26.14
C SER D 596 12.77 46.75 26.56
N GLU D 597 11.77 47.62 26.50
CA GLU D 597 11.89 48.96 27.06
C GLU D 597 11.65 48.93 28.58
N SER D 598 11.09 47.84 29.13
CA SER D 598 10.60 47.80 30.53
C SER D 598 11.26 46.81 31.47
N LEU D 599 11.77 45.69 30.95
CA LEU D 599 12.17 44.56 31.79
C LEU D 599 13.29 44.99 32.73
N ARG D 600 13.15 44.68 34.02
CA ARG D 600 14.18 44.95 35.05
C ARG D 600 14.91 43.70 35.54
N THR D 601 14.25 42.55 35.55
CA THR D 601 14.86 41.31 36.01
C THR D 601 14.69 40.20 35.01
N LEU D 602 15.80 39.51 34.74
CA LEU D 602 15.81 38.34 33.88
C LEU D 602 16.56 37.22 34.57
N GLU D 603 15.84 36.16 34.91
CA GLU D 603 16.46 34.93 35.39
C GLU D 603 16.63 33.97 34.21
N PHE D 604 17.87 33.54 33.97
CA PHE D 604 18.23 32.76 32.79
C PHE D 604 19.16 31.62 33.21
N ARG D 605 18.94 31.08 34.42
CA ARG D 605 19.85 30.10 34.95
C ARG D 605 19.49 28.74 34.35
N GLY D 606 20.47 27.84 34.26
CA GLY D 606 20.19 26.50 33.77
C GLY D 606 19.91 26.43 32.31
N ASN D 607 20.60 27.25 31.53
CA ASN D 607 20.54 27.21 30.08
C ASN D 607 21.92 26.94 29.53
N HIS D 608 22.13 27.08 28.23
CA HIS D 608 23.44 26.80 27.64
C HIS D 608 24.01 27.98 26.89
N LEU D 609 24.23 29.05 27.62
CA LEU D 609 24.88 30.20 27.05
C LEU D 609 26.26 29.81 26.59
N ASP D 610 26.84 28.76 27.16
CA ASP D 610 28.16 28.31 26.71
C ASP D 610 28.20 27.95 25.24
N VAL D 611 27.08 27.41 24.75
CA VAL D 611 26.92 27.04 23.36
C VAL D 611 26.64 28.26 22.47
N LEU D 612 25.79 29.17 22.93
CA LEU D 612 25.46 30.41 22.18
C LEU D 612 26.63 31.36 22.10
N TRP D 613 27.47 31.32 23.12
CA TRP D 613 28.70 32.11 23.20
C TRP D 613 29.97 31.24 23.01
N ARG D 614 29.88 30.19 22.19
CA ARG D 614 31.04 29.37 21.76
C ARG D 614 32.14 30.35 21.29
N ASP D 615 33.39 30.13 21.68
CA ASP D 615 34.46 31.06 21.26
C ASP D 615 34.56 31.15 19.76
N GLY D 616 34.63 32.38 19.24
CA GLY D 616 34.62 32.63 17.81
C GLY D 616 33.28 32.89 17.17
N ASP D 617 32.18 32.69 17.90
CA ASP D 617 30.82 32.97 17.40
C ASP D 617 30.32 34.24 18.05
N ASN D 618 30.26 35.32 17.26
CA ASN D 618 29.84 36.66 17.70
C ASN D 618 28.35 36.89 17.74
N ARG D 619 27.59 35.98 17.19
CA ARG D 619 26.23 36.30 16.83
C ARG D 619 25.35 36.60 18.03
N TYR D 620 25.65 36.02 19.20
CA TYR D 620 24.76 36.16 20.36
C TYR D 620 25.38 36.98 21.49
N LEU D 621 26.46 37.69 21.21
CA LEU D 621 27.11 38.53 22.24
C LEU D 621 26.32 39.77 22.66
N GLN D 622 25.31 40.15 21.88
CA GLN D 622 24.40 41.26 22.19
C GLN D 622 22.99 40.73 22.57
N LEU D 623 22.91 39.48 23.03
CA LEU D 623 21.62 38.86 23.30
C LEU D 623 20.82 39.69 24.26
N PHE D 624 21.47 40.21 25.30
CA PHE D 624 20.78 40.97 26.36
C PHE D 624 20.89 42.49 26.23
N LYS D 625 21.59 43.01 25.20
CA LYS D 625 21.90 44.46 25.07
C LYS D 625 20.71 45.42 25.00
N ASN D 626 19.64 44.97 24.37
CA ASN D 626 18.48 45.82 24.13
C ASN D 626 17.38 45.61 25.19
N LEU D 627 17.73 44.99 26.32
CA LEU D 627 16.92 45.03 27.52
C LEU D 627 17.36 46.27 28.30
N LEU D 628 16.84 47.42 27.86
CA LEU D 628 17.41 48.71 28.23
C LEU D 628 17.34 49.02 29.73
N LYS D 629 16.24 48.64 30.37
CA LYS D 629 16.07 48.87 31.82
C LYS D 629 16.51 47.69 32.72
N LEU D 630 17.21 46.71 32.15
CA LEU D 630 17.58 45.54 32.92
C LEU D 630 18.57 45.93 33.98
N GLU D 631 18.24 45.59 35.21
CA GLU D 631 19.12 45.79 36.36
C GLU D 631 19.66 44.52 37.01
N GLU D 632 18.97 43.38 36.91
CA GLU D 632 19.33 42.09 37.56
C GLU D 632 19.34 40.98 36.51
N LEU D 633 20.46 40.26 36.42
CA LEU D 633 20.60 39.19 35.43
C LEU D 633 21.23 37.99 36.10
N ASP D 634 20.52 36.86 36.09
CA ASP D 634 21.04 35.61 36.62
C ASP D 634 21.37 34.68 35.46
N ILE D 635 22.66 34.56 35.17
CA ILE D 635 23.14 33.59 34.21
C ILE D 635 24.05 32.56 34.90
N SER D 636 23.68 32.17 36.12
CA SER D 636 24.33 31.07 36.82
C SER D 636 23.97 29.74 36.16
N LYS D 637 24.75 28.68 36.42
CA LYS D 637 24.40 27.32 35.97
C LYS D 637 24.20 27.26 34.43
N ASN D 638 25.10 27.91 33.71
CA ASN D 638 25.08 27.95 32.26
C ASN D 638 26.30 27.31 31.63
N SER D 639 27.12 26.65 32.45
CA SER D 639 28.20 25.85 31.98
C SER D 639 29.33 26.62 31.26
N LEU D 640 29.58 27.81 31.79
CA LEU D 640 30.55 28.77 31.28
C LEU D 640 31.90 28.63 32.00
N SER D 641 32.77 27.82 31.41
CA SER D 641 34.17 27.68 31.82
C SER D 641 34.89 28.95 31.66
N PHE D 642 34.48 29.72 30.65
CA PHE D 642 35.08 31.02 30.34
C PHE D 642 34.00 31.93 29.73
N LEU D 643 34.26 33.23 29.75
CA LEU D 643 33.42 34.22 29.10
C LEU D 643 34.20 34.76 27.93
N PRO D 644 33.68 34.59 26.69
CA PRO D 644 34.49 35.16 25.57
C PRO D 644 34.41 36.65 25.63
N SER D 645 35.33 37.34 24.95
CA SER D 645 35.26 38.80 24.98
C SER D 645 34.14 39.24 24.06
N GLY D 646 33.52 40.35 24.46
CA GLY D 646 32.28 40.81 23.89
C GLY D 646 31.12 40.71 24.84
N VAL D 647 31.18 39.79 25.80
CA VAL D 647 30.03 39.48 26.65
C VAL D 647 29.62 40.68 27.50
N PHE D 648 30.60 41.27 28.18
CA PHE D 648 30.32 42.41 29.06
C PHE D 648 30.03 43.68 28.30
N ASP D 649 30.74 43.89 27.19
CA ASP D 649 30.39 45.00 26.27
C ASP D 649 28.93 44.92 25.76
N GLY D 650 28.48 43.69 25.55
CA GLY D 650 27.12 43.41 25.15
C GLY D 650 26.06 43.42 26.21
N MET D 651 26.43 43.61 27.48
CA MET D 651 25.43 43.71 28.56
C MET D 651 24.71 45.05 28.47
N PRO D 652 23.48 45.10 28.94
CA PRO D 652 22.77 46.36 28.83
C PRO D 652 23.27 47.34 29.89
N PRO D 653 23.13 48.65 29.63
CA PRO D 653 23.85 49.71 30.34
C PRO D 653 23.53 49.87 31.83
N ASN D 654 22.33 49.49 32.26
CA ASN D 654 21.93 49.66 33.65
C ASN D 654 22.09 48.43 34.52
N LEU D 655 22.82 47.43 34.04
CA LEU D 655 22.98 46.18 34.81
C LEU D 655 23.65 46.46 36.15
N LYS D 656 22.98 46.08 37.24
CA LYS D 656 23.45 46.23 38.63
C LYS D 656 23.83 44.92 39.33
N ASN D 657 22.96 43.91 39.22
CA ASN D 657 23.08 42.63 39.91
C ASN D 657 23.36 41.57 38.84
N LEU D 658 24.57 41.01 38.82
CA LEU D 658 24.93 39.93 37.89
C LEU D 658 25.36 38.65 38.63
N SER D 659 24.67 37.54 38.42
CA SER D 659 25.12 36.23 38.98
C SER D 659 25.73 35.39 37.87
N LEU D 660 26.98 34.98 38.13
CA LEU D 660 27.69 34.03 37.32
C LEU D 660 28.02 32.78 38.13
N ALA D 661 27.20 32.46 39.12
CA ALA D 661 27.49 31.39 40.08
C ALA D 661 27.40 30.02 39.45
N LYS D 662 28.14 29.05 39.96
CA LYS D 662 27.95 27.65 39.59
C LYS D 662 28.05 27.41 38.09
N ASN D 663 29.08 28.00 37.47
CA ASN D 663 29.34 27.89 36.04
C ASN D 663 30.56 27.08 35.71
N GLY D 664 31.30 26.68 36.74
CA GLY D 664 32.61 26.08 36.53
C GLY D 664 33.64 27.03 35.95
N LEU D 665 33.43 28.35 36.07
CA LEU D 665 34.41 29.33 35.55
C LEU D 665 35.84 29.12 36.09
N LYS D 666 36.81 29.07 35.19
CA LYS D 666 38.22 28.81 35.53
C LYS D 666 39.13 29.98 35.28
N SER D 667 38.59 31.05 34.70
CA SER D 667 39.34 32.26 34.48
C SER D 667 38.33 33.34 34.26
N PHE D 668 38.77 34.56 34.44
CA PHE D 668 37.88 35.70 34.44
C PHE D 668 38.74 36.93 34.28
N ILE D 669 38.63 37.59 33.11
CA ILE D 669 39.36 38.82 32.86
C ILE D 669 38.61 39.94 33.59
N TRP D 670 39.08 40.22 34.80
CA TRP D 670 38.50 41.22 35.68
C TRP D 670 38.44 42.61 35.02
N GLU D 671 39.44 42.92 34.20
CA GLU D 671 39.57 44.21 33.50
C GLU D 671 38.33 44.50 32.68
N LYS D 672 37.68 43.46 32.17
CA LYS D 672 36.46 43.61 31.39
C LYS D 672 35.26 44.16 32.20
N LEU D 673 35.33 44.09 33.53
CA LEU D 673 34.30 44.73 34.38
C LEU D 673 34.15 46.26 34.18
N ARG D 674 35.16 46.91 33.60
CA ARG D 674 35.08 48.30 33.15
C ARG D 674 33.88 48.57 32.25
N TYR D 675 33.42 47.60 31.47
CA TYR D 675 32.22 47.78 30.62
C TYR D 675 30.90 47.90 31.43
N LEU D 676 30.82 47.31 32.60
CA LEU D 676 29.61 47.32 33.40
C LEU D 676 29.66 48.49 34.38
N LYS D 677 29.42 49.66 33.83
CA LYS D 677 29.57 50.89 34.57
C LYS D 677 28.61 51.09 35.74
N ASN D 678 27.51 50.35 35.78
CA ASN D 678 26.58 50.42 36.95
C ASN D 678 26.54 49.20 37.87
N LEU D 679 27.45 48.29 37.66
CA LEU D 679 27.46 47.06 38.42
C LEU D 679 27.68 47.35 39.91
N GLU D 680 26.83 46.75 40.74
CA GLU D 680 26.90 46.87 42.19
C GLU D 680 27.12 45.52 42.88
N THR D 681 26.47 44.46 42.39
CA THR D 681 26.62 43.10 42.91
C THR D 681 27.12 42.15 41.82
N LEU D 682 28.20 41.43 42.14
CA LEU D 682 28.75 40.43 41.24
C LEU D 682 28.84 39.14 42.01
N ASP D 683 28.04 38.13 41.65
CA ASP D 683 28.05 36.85 42.34
C ASP D 683 28.82 35.87 41.51
N LEU D 684 30.03 35.54 41.98
CA LEU D 684 30.88 34.57 41.29
C LEU D 684 31.08 33.31 42.12
N SER D 685 30.16 33.06 43.03
CA SER D 685 30.32 31.92 43.93
C SER D 685 30.28 30.57 43.22
N HIS D 686 30.97 29.57 43.76
CA HIS D 686 30.89 28.18 43.32
C HIS D 686 31.43 28.02 41.94
N ASN D 687 32.64 28.51 41.76
CA ASN D 687 33.33 28.41 40.51
C ASN D 687 34.74 27.93 40.83
N GLN D 688 35.65 28.04 39.86
CA GLN D 688 37.04 27.61 40.02
C GLN D 688 38.02 28.75 39.85
N LEU D 689 37.65 29.95 40.22
CA LEU D 689 38.54 31.07 40.04
C LEU D 689 39.69 30.86 41.00
N THR D 690 40.89 31.08 40.49
CA THR D 690 42.13 31.00 41.27
C THR D 690 42.72 32.37 41.60
N THR D 691 42.16 33.48 41.10
CA THR D 691 42.79 34.78 41.31
C THR D 691 41.75 35.85 41.53
N VAL D 692 42.17 36.92 42.18
CA VAL D 692 41.37 38.13 42.27
C VAL D 692 42.05 39.16 41.34
N PRO D 693 41.34 40.24 41.01
CA PRO D 693 42.00 41.28 40.23
C PRO D 693 43.17 41.92 40.98
N GLU D 694 44.22 42.30 40.24
CA GLU D 694 45.36 43.06 40.75
C GLU D 694 44.92 44.36 41.45
N ARG D 695 43.92 45.03 40.88
CA ARG D 695 43.39 46.25 41.45
C ARG D 695 41.90 46.32 41.18
N LEU D 696 41.09 46.05 42.20
CA LEU D 696 39.65 46.06 42.05
C LEU D 696 39.13 47.42 41.66
N SER D 697 39.84 48.49 42.04
CA SER D 697 39.33 49.85 41.78
C SER D 697 39.54 50.24 40.29
N ASN D 698 40.57 49.68 39.66
CA ASN D 698 40.87 49.83 38.23
C ASN D 698 39.97 48.92 37.33
N CYS D 699 39.14 48.08 37.97
CA CYS D 699 38.19 47.18 37.31
C CYS D 699 36.74 47.64 37.44
N SER D 700 36.36 48.08 38.62
CA SER D 700 35.01 48.50 38.85
C SER D 700 34.96 49.51 39.99
N ARG D 701 34.81 50.80 39.65
CA ARG D 701 34.55 51.86 40.63
C ARG D 701 33.21 51.71 41.34
N SER D 702 32.20 51.14 40.68
CA SER D 702 30.82 51.05 41.24
C SER D 702 30.53 49.90 42.16
N LEU D 703 31.41 48.88 42.17
CA LEU D 703 31.11 47.59 42.82
C LEU D 703 31.00 47.64 44.34
N LYS D 704 29.83 47.21 44.86
CA LYS D 704 29.51 47.25 46.29
C LYS D 704 29.59 45.87 46.93
N ASN D 705 29.06 44.83 46.28
CA ASN D 705 29.09 43.46 46.82
C ASN D 705 29.79 42.50 45.89
N LEU D 706 30.86 41.90 46.36
CA LEU D 706 31.60 40.96 45.56
C LEU D 706 31.59 39.64 46.31
N ILE D 707 31.06 38.61 45.65
CA ILE D 707 30.85 37.30 46.26
C ILE D 707 31.70 36.25 45.56
N LEU D 708 32.74 35.77 46.24
CA LEU D 708 33.70 34.85 45.63
C LEU D 708 33.75 33.54 46.37
N LYS D 709 32.74 33.26 47.17
CA LYS D 709 32.80 32.08 47.99
C LYS D 709 32.88 30.83 47.15
N ASN D 710 33.55 29.79 47.66
CA ASN D 710 33.62 28.49 47.02
C ASN D 710 34.34 28.49 45.69
N ASN D 711 35.53 29.05 45.74
CA ASN D 711 36.38 29.13 44.59
C ASN D 711 37.69 28.49 44.96
N GLN D 712 38.74 28.69 44.17
CA GLN D 712 40.05 28.07 44.44
C GLN D 712 41.14 29.11 44.62
N ILE D 713 40.79 30.24 45.20
CA ILE D 713 41.73 31.34 45.36
C ILE D 713 42.72 30.93 46.47
N ARG D 714 44.03 30.96 46.16
CA ARG D 714 45.12 30.59 47.11
C ARG D 714 45.84 31.76 47.76
N SER D 715 45.77 32.93 47.13
CA SER D 715 46.38 34.13 47.65
C SER D 715 45.71 35.32 47.03
N LEU D 716 45.68 36.42 47.75
CA LEU D 716 45.22 37.65 47.15
C LEU D 716 46.37 38.29 46.36
N THR D 717 46.03 39.34 45.61
CA THR D 717 47.03 40.14 44.90
C THR D 717 47.50 41.25 45.83
N LYS D 718 48.72 41.73 45.58
CA LYS D 718 49.39 42.64 46.52
C LYS D 718 48.58 43.89 46.88
N TYR D 719 47.95 44.53 45.90
CA TYR D 719 47.15 45.75 46.19
C TYR D 719 45.62 45.57 45.94
N PHE D 720 45.15 44.31 45.87
CA PHE D 720 43.73 43.91 45.65
C PHE D 720 42.68 45.01 45.93
N LEU D 721 42.40 45.30 47.21
CA LEU D 721 41.34 46.26 47.55
C LEU D 721 41.74 47.73 47.61
N GLN D 722 42.95 48.08 47.17
CA GLN D 722 43.42 49.46 47.27
C GLN D 722 42.49 50.45 46.59
N ASP D 723 42.11 51.46 47.34
CA ASP D 723 41.26 52.57 46.88
C ASP D 723 39.85 52.15 46.42
N ALA D 724 39.37 51.01 46.92
CA ALA D 724 38.07 50.50 46.52
C ALA D 724 37.04 51.00 47.50
N PHE D 725 36.82 52.32 47.52
CA PHE D 725 36.02 52.95 48.60
C PHE D 725 34.54 52.62 48.54
N GLN D 726 34.07 52.18 47.37
CA GLN D 726 32.67 51.90 47.16
C GLN D 726 32.21 50.52 47.74
N LEU D 727 33.18 49.63 47.96
CA LEU D 727 32.96 48.27 48.44
C LEU D 727 32.40 48.23 49.85
N ARG D 728 31.42 47.36 50.03
CA ARG D 728 30.68 47.20 51.28
C ARG D 728 30.59 45.76 51.78
N TYR D 729 30.64 44.78 50.89
CA TYR D 729 30.41 43.38 51.20
C TYR D 729 31.40 42.55 50.40
N LEU D 730 32.09 41.62 51.03
CA LEU D 730 33.08 40.83 50.35
C LEU D 730 33.15 39.44 50.95
N ASP D 731 32.83 38.43 50.14
CA ASP D 731 32.77 37.04 50.60
C ASP D 731 33.93 36.29 50.00
N LEU D 732 34.91 35.92 50.82
CA LEU D 732 36.05 35.14 50.39
C LEU D 732 36.05 33.79 51.07
N SER D 733 34.90 33.43 51.63
CA SER D 733 34.79 32.17 52.38
C SER D 733 34.94 30.94 51.46
N SER D 734 35.37 29.83 52.04
CA SER D 734 35.51 28.57 51.32
C SER D 734 36.46 28.60 50.12
N ASN D 735 37.56 29.31 50.29
CA ASN D 735 38.63 29.34 49.28
C ASN D 735 39.83 28.56 49.83
N LYS D 736 41.03 28.81 49.34
CA LYS D 736 42.21 28.12 49.82
C LYS D 736 43.29 29.14 50.25
N ILE D 737 42.83 30.28 50.75
CA ILE D 737 43.70 31.41 51.07
C ILE D 737 44.59 31.09 52.28
N GLN D 738 45.90 31.35 52.15
CA GLN D 738 46.88 31.09 53.23
C GLN D 738 47.23 32.32 54.07
N MET D 739 47.38 33.46 53.40
CA MET D 739 47.88 34.70 54.00
C MET D 739 47.16 35.86 53.44
N ILE D 740 46.90 36.84 54.27
CA ILE D 740 46.41 38.12 53.80
C ILE D 740 47.36 39.15 54.40
N GLN D 741 47.96 39.99 53.55
CA GLN D 741 48.79 41.12 53.99
C GLN D 741 48.06 42.45 53.95
N LYS D 742 48.56 43.43 54.73
CA LYS D 742 47.94 44.75 54.89
C LYS D 742 47.73 45.54 53.57
N THR D 743 48.62 45.31 52.59
CA THR D 743 48.57 46.02 51.31
C THR D 743 47.37 45.61 50.45
N SER D 744 47.01 44.33 50.52
CA SER D 744 45.79 43.80 49.96
C SER D 744 44.53 44.31 50.68
N PHE D 745 44.62 44.59 51.97
CA PHE D 745 43.45 44.85 52.82
C PHE D 745 43.59 46.19 53.57
N PRO D 746 43.68 47.28 52.84
CA PRO D 746 43.80 48.54 53.55
C PRO D 746 42.63 48.85 54.50
N GLU D 747 42.94 49.48 55.62
CA GLU D 747 41.97 49.81 56.65
C GLU D 747 40.91 50.78 56.16
N ASN D 748 41.32 51.78 55.36
CA ASN D 748 40.37 52.81 54.81
C ASN D 748 39.22 52.23 53.97
N VAL D 749 39.41 51.01 53.46
CA VAL D 749 38.37 50.21 52.79
C VAL D 749 37.63 49.32 53.79
N LEU D 750 38.39 48.51 54.53
CA LEU D 750 37.82 47.54 55.49
C LEU D 750 36.84 48.15 56.47
N ASN D 751 37.15 49.33 56.98
CA ASN D 751 36.29 49.96 57.98
C ASN D 751 34.97 50.47 57.40
N ASN D 752 34.91 50.60 56.08
CA ASN D 752 33.62 50.77 55.37
C ASN D 752 32.76 49.49 55.25
N LEU D 753 33.36 48.30 55.37
CA LEU D 753 32.67 47.03 55.06
C LEU D 753 31.57 46.65 56.04
N LYS D 754 30.36 46.51 55.54
CA LYS D 754 29.23 46.02 56.30
C LYS D 754 29.46 44.58 56.70
N MET D 755 30.16 43.81 55.86
CA MET D 755 30.47 42.41 56.16
C MET D 755 31.64 41.88 55.36
N LEU D 756 32.45 41.04 55.97
CA LEU D 756 33.61 40.43 55.32
C LEU D 756 33.70 38.98 55.74
N LEU D 757 33.61 38.03 54.80
CA LEU D 757 33.52 36.64 55.14
C LEU D 757 34.82 35.93 54.78
N LEU D 758 35.39 35.19 55.72
CA LEU D 758 36.76 34.61 55.57
C LEU D 758 36.88 33.15 56.01
N HIS D 759 35.77 32.54 56.39
CA HIS D 759 35.80 31.22 56.99
C HIS D 759 36.15 30.13 56.00
N HIS D 760 36.53 28.96 56.49
CA HIS D 760 36.92 27.77 55.68
C HIS D 760 37.98 28.05 54.62
N ASN D 761 39.03 28.73 55.03
CA ASN D 761 40.22 28.98 54.19
C ASN D 761 41.39 28.13 54.69
N ARG D 762 42.62 28.36 54.24
CA ARG D 762 43.73 27.47 54.60
C ARG D 762 44.84 28.27 55.32
N PHE D 763 44.44 29.05 56.33
CA PHE D 763 45.30 30.10 56.91
C PHE D 763 46.60 29.55 57.51
N LEU D 764 47.73 30.14 57.12
CA LEU D 764 49.02 29.81 57.70
C LEU D 764 49.35 30.83 58.80
N CYS D 765 49.66 30.32 59.99
CA CYS D 765 49.79 31.12 61.20
C CYS D 765 51.25 31.23 61.67
N THR D 766 52.05 31.84 60.82
CA THR D 766 53.48 32.06 61.04
C THR D 766 53.61 33.53 61.35
N CYS D 767 54.83 34.02 61.53
CA CYS D 767 55.04 35.42 61.86
C CYS D 767 54.72 36.35 60.67
N ASP D 768 54.84 35.83 59.44
CA ASP D 768 54.40 36.55 58.24
C ASP D 768 52.89 36.93 58.26
N ALA D 769 52.07 36.16 58.98
CA ALA D 769 50.63 36.42 59.11
C ALA D 769 50.27 37.35 60.26
N VAL D 770 51.26 37.97 60.90
CA VAL D 770 50.99 38.70 62.14
C VAL D 770 50.04 39.88 61.96
N TRP D 771 50.20 40.64 60.90
CA TRP D 771 49.25 41.74 60.65
C TRP D 771 47.78 41.26 60.69
N PHE D 772 47.51 40.21 59.93
CA PHE D 772 46.17 39.65 59.80
C PHE D 772 45.65 39.10 61.12
N VAL D 773 46.47 38.30 61.80
CA VAL D 773 46.08 37.73 63.08
C VAL D 773 45.71 38.84 64.05
N TRP D 774 46.55 39.87 64.13
CA TRP D 774 46.29 40.97 65.05
C TRP D 774 45.02 41.71 64.63
N TRP D 775 44.93 42.02 63.34
CA TRP D 775 43.79 42.78 62.84
C TRP D 775 42.46 42.05 63.09
N VAL D 776 42.45 40.76 62.80
CA VAL D 776 41.28 39.93 63.05
C VAL D 776 40.83 40.01 64.51
N GLN D 777 41.81 40.01 65.40
CA GLN D 777 41.54 40.03 66.83
C GLN D 777 40.91 41.33 67.30
N HIS D 778 41.27 42.44 66.66
CA HIS D 778 40.91 43.77 67.16
C HIS D 778 39.89 44.52 66.35
N THR D 779 39.67 44.17 65.09
CA THR D 779 38.72 44.88 64.26
C THR D 779 37.27 44.77 64.72
N GLU D 780 36.46 45.77 64.38
CA GLU D 780 35.03 45.74 64.62
C GLU D 780 34.22 45.45 63.34
N VAL D 781 34.92 45.14 62.24
CA VAL D 781 34.29 44.68 61.02
C VAL D 781 33.58 43.36 61.30
N THR D 782 32.38 43.19 60.81
CA THR D 782 31.63 41.93 61.01
C THR D 782 32.22 40.80 60.15
N ILE D 783 32.64 39.75 60.84
CA ILE D 783 33.23 38.58 60.25
C ILE D 783 32.49 37.38 60.84
N PRO D 784 31.56 36.78 60.11
CA PRO D 784 30.78 35.72 60.69
C PRO D 784 31.64 34.49 60.90
N TYR D 785 31.21 33.65 61.83
CA TYR D 785 31.89 32.40 62.19
C TYR D 785 33.33 32.60 62.67
N LEU D 786 33.60 33.76 63.24
CA LEU D 786 34.97 34.11 63.61
C LEU D 786 35.50 33.21 64.70
N ALA D 787 34.64 32.93 65.68
CA ALA D 787 35.00 32.12 66.83
C ALA D 787 35.10 30.63 66.54
N THR D 788 34.43 30.21 65.49
CA THR D 788 34.15 28.82 65.24
C THR D 788 34.93 28.24 64.05
N ASP D 789 35.10 29.01 62.97
CA ASP D 789 35.53 28.48 61.68
C ASP D 789 36.54 29.34 60.94
N VAL D 790 37.30 30.15 61.66
CA VAL D 790 38.45 30.86 61.09
C VAL D 790 39.64 30.36 61.86
N THR D 791 40.32 29.42 61.22
CA THR D 791 41.16 28.41 61.84
C THR D 791 42.45 28.24 61.08
N CYS D 792 43.56 28.05 61.80
CA CYS D 792 44.86 27.78 61.18
C CYS D 792 44.89 26.35 60.71
N VAL D 793 45.58 26.11 59.61
CA VAL D 793 45.91 24.74 59.20
C VAL D 793 47.30 24.34 59.65
N GLY D 794 48.12 25.33 60.04
CA GLY D 794 49.51 25.11 60.40
C GLY D 794 50.17 26.41 60.81
N PRO D 795 51.46 26.39 61.16
CA PRO D 795 52.27 25.16 61.24
C PRO D 795 52.19 24.40 62.58
N GLY D 796 52.78 23.20 62.60
CA GLY D 796 52.88 22.40 63.81
C GLY D 796 51.62 22.37 64.64
N ALA D 797 51.75 22.74 65.92
CA ALA D 797 50.68 22.58 66.90
C ALA D 797 49.62 23.70 66.84
N HIS D 798 49.88 24.73 66.01
CA HIS D 798 48.86 25.71 65.58
C HIS D 798 47.70 25.09 64.75
N LYS D 799 47.93 23.96 64.09
CA LYS D 799 46.87 23.27 63.36
C LYS D 799 45.60 23.15 64.23
N GLY D 800 44.46 23.56 63.65
CA GLY D 800 43.16 23.38 64.28
C GLY D 800 42.79 24.44 65.30
N GLN D 801 43.65 25.41 65.48
CA GLN D 801 43.45 26.40 66.51
C GLN D 801 42.86 27.66 65.89
N SER D 802 41.82 28.23 66.51
CA SER D 802 41.24 29.48 66.01
C SER D 802 42.25 30.63 65.95
N VAL D 803 42.23 31.42 64.88
CA VAL D 803 43.19 32.53 64.75
C VAL D 803 42.87 33.66 65.76
N ILE D 804 41.60 33.77 66.15
CA ILE D 804 41.16 34.73 67.15
C ILE D 804 41.86 34.54 68.52
N SER D 805 42.23 33.30 68.85
CA SER D 805 42.81 32.94 70.15
C SER D 805 44.36 32.88 70.15
N LEU D 806 44.95 33.16 68.99
CA LEU D 806 46.37 32.93 68.75
C LEU D 806 47.25 34.01 69.42
N ASP D 807 48.26 33.59 70.20
CA ASP D 807 49.17 34.56 70.86
C ASP D 807 50.51 34.51 70.12
N LEU D 808 50.77 35.49 69.25
CA LEU D 808 52.01 35.53 68.45
C LEU D 808 53.01 36.54 69.04
N TYR D 809 53.38 36.27 70.27
CA TYR D 809 54.15 37.23 71.09
C TYR D 809 55.58 37.50 70.57
N THR D 810 56.17 36.57 69.82
CA THR D 810 57.52 36.77 69.27
C THR D 810 57.59 37.57 67.96
N CYS D 811 56.49 38.13 67.43
CA CYS D 811 56.51 38.74 66.07
C CYS D 811 56.18 40.25 66.17
#